data_6F1U
#
_entry.id   6F1U
#
_cell.length_a   1.000
_cell.length_b   1.000
_cell.length_c   1.000
_cell.angle_alpha   90.00
_cell.angle_beta   90.00
_cell.angle_gamma   90.00
#
_symmetry.space_group_name_H-M   'P 1'
#
loop_
_entity.id
_entity.type
_entity.pdbx_description
1 polymer 'ARP1 actin related protein 1 homolog A'
2 polymer 'Capping protein (Actin filament) muscle Z-line, alpha 1'
3 polymer 'F-actin capping protein beta subunit'
4 polymer 'Dynactin subunit 2'
5 polymer 'Dynactin subunit 2'
6 polymer 'Cytoplasmic dynein 1 heavy chain 1'
7 polymer 'Cytoplasmic dynein 1 intermediate chain 2'
8 polymer 'BICD family-like cargo adapter 1'
9 non-polymer "ADENOSINE-5'-DIPHOSPHATE"
#
loop_
_entity_poly.entity_id
_entity_poly.type
_entity_poly.pdbx_seq_one_letter_code
_entity_poly.pdbx_strand_id
1 'polypeptide(L)'
;MESYDVIANQPVVIDNGSGVIKAGFAGDQIPKYCFPNYVGRPKHVRVMAGALEGDIFIGPKAEEHRGLLSIRYPMEHGIV
KDWNDMERIWQYVYSKDQLQTFSEEHPVLLTEAPLNPRKNRERAAEVFFETFNVPALFISMQAVLSLYATGRTTGVVLDS
GDGVTHAVPIYEGFAMPHSIMRIDIAGRDVSRFLRLYLRKEGYDFHSSSEFEIVKAIKERACYLSINPQKDETLETEKAQ
YYLPDGSTIEIGPSRFRAPELLFRPDLIGEESEGIHEVLVFAIQKSDMDLRRTLFSNIVLSGGSTLFKGFGDRLLSEVKK
LAPKDVKIRISAPQERLYSTWIGGSILASLDTFKKMWVSKKEYEEDGARSIHRKTF
;
B,D,F
2 'polypeptide(L)'
;MADFEDRVSDEEKVRIAAKFITHAPPGEFNEVFNDVRLLLNNDNLLREGAAHAFAQYNMDQFTPVKIEGYEDQVLITEHG
DLGNSRFLDPRNKISFKFDHLRKEASDPQPEEVDGSLKSWRESCDSALRAYVKDHYSNGFCTVYAKNIDGQQTIIACIES
HQFQPKNFWNGRWRSEWKFTITPPTAQVVGVLKIQVHYYEDGNVQLVSHKDVQDSVTVSNEAQTAKEFIKIIEHAENEYQ
TAISENYQTMSDTTFKALRRQLPVTRTKIDWNKILSYKIGKEMQNA
;
K
3 'polypeptide(L)'
;MSDQQLDCALDLMRRLPPQQIEKNLSDLIDLVPSLCEDLLSSVDQPLKIARDKVVGKDYLLCDYNRDGDSYRSPWSNKYD
PPLEDGAMPSARLRKLEVEANNAFDQYRDLYFEGGVSSVYLWDLDHGFAGVILIKKAGDGSKKIKGCWDSIHVVEVQEKS
SGRTAHYKLTSTVMLWLQTNKSGSGTMNLGGSLTRQMEKDETVSDCSPHIANIGRLVEDMENKIRSTLNEIYFGKTKDIV
NGLRSVQTFADKSKQEALKNDLVEALKRKQQ
;
L
4 'polypeptide(L)' MADPKYADLPGIARNEPDVYETSDLPEDDQAEFDALQEELTSTSVEHIIV c
5 'polypeptide(L)' MADPKYADLPGIARNEPDVYETSDLP d
6 'polypeptide(L)'
;MSEPGGGGGEDGSAGLEVSAVQNVADVSVLQKHLRKLVPLLLEDGGEAPAALEAALEEKSALEQMRKFLSDPQVHTVLVE
RSTLKEDVGDEGEEEKEFISYNINIDIHYGVKSNSLAFIKRTPVIDADKPVSSQLRVLTLSEDSPYETLHSFISNAVAPF
FKSYIRESGKADRDGDKMAPSVEKKIAELEMGLLHLQQNIEIPEISLPIHPMITNVAKQCYERGEKPKVTDFGDKVEDPT
FLNQLQSGVNRWIREIQKVTKLDRDPASGTALQEISFWLNLERALYRIQEKRESPEVLLTLDILKHGKRFHATVSFDTDT
GLKQALETVNDYNPLMKDFPLNDLLSATELDKIRQALVAIFTHLRKIRNTKYPIQRALRLVEAISRDLSSQLLKVLGTRK
LMHVAYEEFEKVMVACFEVFQTWDDEYEKLQVLLRDIVKRKREENLKMVWRINPAHRKLQARLDQMRKFRRQHEQLRAVI
VRVLRPQVTAVAQQNQGEVPEPQDMKVAEVLFDAADANAIEEVNLAYENVKEVDGLDVSKEGTEAWEAAMKRYDERIDRV
ETRITARLRDQLGTAKNANEMFRIFSRFNALFVRPHIRGAIREYQTQLIQRVKDDIESLHDKFKVQYPQSQACKMSHVRD
LPPVSGSIIWAKQIDRQLTAYMKRVEDVLGKGWENHVEGQKLKQDGDSFRMKLNTQEIFDDWARKVQQRNLGVSGRIFTI
ESTRVRGRTGNVLKLKVNFLPEIITLSKEVRNLKWLGFRVPLAIVNKAHQANQLYPFAISLIESVRTYERTCEKVEERNT
ISLLVAGLKKEVQALIAEGIALVWESYKLDPYVQRLAETVFNFQEKVDDLLIIEEKIDLEVRSLETCMYDHKTFSEILNR
VQKAVDDLNLHSYSNLPIWVNKLDMEIERILGVRLQAGLRAWTQVLLGQAEDKAEVDMDTDAPQVSHKPGGEPKIKNVVH
ELRITNQVIYLNPPIEECRYKLYQEMFAWKMVVLSLPRIQSQRYQVGVHYELTEEEKFYRNALTRMPDGPVALEESYSAV
MGIVSEVEQYVKVWLQYQCLWDMQAENIYNRLGEDLNKWQALLVQIRKARGTFDNAETKKEFGPVVIDYGKVQSKVNLKY
DSWHKEVLSKFGQMLGSNMTEFHSQISKSRQELEQHSVDTASTSDAVTFITYVQSLKRKIKQFEKQ
;
f,m,n
7 'polypeptide(L)'
;MSDKSELKAELERKKQRLAQIREEKKRKEEERKKKETDQKKEAVAPVQEESDLEKKRREAEALLQSMGLTPESPIVPPPM
SPSSKSVSTPSEAGSQDSGDGAVGSRRGPIKLGMAKITQVDFPPREIVTYTKETQTPVMAQPKEDEEEDDDVVAPKPPIE
PEEEKTLKKDEENDSKAPPHELTEEEKQQILHSEEFLSFFDHSTRIVERALSEQINIFFDYSGRDLEDKEGEIQAGAKLS
LNRQFFDERWSKHRVVSCLDWSSQYPELLVASYNNNEDAPHEPDGVALVWNMKYKKTTPEYVFHCQSAVMSATFAKFHPN
LVVGGTYSGQIVLWDNRSNKRTPVQRTPLSAAAHTHPVYCVNVVGTQNAHNLISISTDGKICSWSLDMLSHPQDSMELVH
KQSKAVAVTSMSFPVGDVNNFVVGSEEGSVYTACRHGSKAGISEMFEGHQGPITGIHCHAAVGAVDFSHLFVTSSFDWTV
KLWSTKNNKPLYSFEDNAGYVYDVMWSPTHPALFACVDGMGRLDLWNLNNDTEVPTASISVEGNPALNRVRWTHSGREIA
VGDSEGQIVIYDVGEQIAVPRNDEWARFGRTLAEINANRADAEEEAATRIPA
;
h
8 'polypeptide(L)'
;MSAFCLGLAGRASAPAEPDSACCMELPAGAGDAVRSPATAAALVSFPGGPGELELALEEELALLAAGERSSEPGEHPQAE
PESPVEGHGPPLPPPPTQDPELLSVIRQKEKDLVLAARLGKALLERNQDMSRQYEQMHKELTDKLEHLEQEKHELRRRFE
NREGEWEGRVSELETDVKQLQDELERQQLHLREADREKTRAVQELSEQNQRLLDQLSRASEVERQLSMQVHALKEDFREK
NSSTNQHIIRLESLQAEIKMLSDRKRELEHRLSATLEENDLLQGTVEELQDRVLILERQGHDKDLQLHQSQLELQEVRLS
YRQLQGKVEELTEERSLQSSAATSTSLLSEIEQSMEAEELEQEREQLRLQLWEAYCQVRYLCSHLRGNDSADSAVSTDSS
MDESSETSSAKDVPAGSLRTALNDLKRLIQSIVDGVEPTVTLLSVEMTALKEERDRLRVTSEDKEPKEQLQKAIRDRDEA
IAKKNAVELELAKCKMDMMSLNSQLLDAIQQKLNLSQQLEAWQDDMHRVIDRQLMDTHLKEQSRPAAAAFPRGHGVGRGQ
EPSTADGKRLFSFFRKI
;
X,x
#
loop_
_chem_comp.id
_chem_comp.type
_chem_comp.name
_chem_comp.formula
ADP non-polymer ADENOSINE-5'-DIPHOSPHATE 'C10 H15 N5 O10 P2'
#
# COMPACT_ATOMS: atom_id res chain seq x y z
N ILE A 7 19.31 12.17 25.93
CA ILE A 7 19.92 11.01 26.56
C ILE A 7 19.53 9.73 25.86
N ALA A 8 20.44 8.76 25.82
CA ALA A 8 20.20 7.47 25.18
C ALA A 8 21.20 6.49 25.75
N ASN A 9 21.35 5.33 25.11
CA ASN A 9 22.31 4.37 25.65
C ASN A 9 23.73 4.64 25.22
N GLN A 10 23.99 4.48 23.94
CA GLN A 10 25.33 4.60 23.42
C GLN A 10 25.25 4.90 21.95
N PRO A 11 26.15 5.70 21.42
CA PRO A 11 26.10 5.99 19.99
C PRO A 11 26.55 4.84 19.15
N VAL A 12 25.83 4.62 18.06
CA VAL A 12 26.10 3.55 17.13
C VAL A 12 26.74 4.14 15.91
N VAL A 13 27.97 3.75 15.63
CA VAL A 13 28.70 4.27 14.50
C VAL A 13 28.41 3.35 13.32
N ILE A 14 27.60 3.81 12.39
CA ILE A 14 27.25 3.05 11.21
C ILE A 14 28.03 3.64 10.06
N ASP A 15 29.08 2.98 9.66
CA ASP A 15 29.87 3.47 8.55
C ASP A 15 29.21 2.96 7.31
N ASN A 16 28.78 3.85 6.45
CA ASN A 16 28.20 3.39 5.20
C ASN A 16 29.33 3.10 4.24
N GLY A 17 28.98 2.85 3.02
CA GLY A 17 29.95 2.58 2.02
C GLY A 17 29.13 2.07 0.88
N SER A 18 29.51 2.39 -0.34
CA SER A 18 28.71 1.91 -1.44
C SER A 18 28.86 0.41 -1.61
N GLY A 19 29.96 -0.16 -1.13
CA GLY A 19 30.12 -1.58 -1.25
C GLY A 19 30.00 -2.36 0.05
N VAL A 20 30.60 -1.87 1.13
CA VAL A 20 30.56 -2.61 2.39
C VAL A 20 30.14 -1.68 3.51
N ILE A 21 29.07 -1.99 4.14
CA ILE A 21 28.60 -1.21 5.27
C ILE A 21 29.34 -1.78 6.47
N LYS A 22 29.59 -0.96 7.47
CA LYS A 22 30.33 -1.37 8.66
C LYS A 22 29.69 -0.69 9.84
N ALA A 23 29.39 -1.44 10.90
CA ALA A 23 28.74 -0.78 12.03
C ALA A 23 29.09 -1.46 13.34
N GLY A 24 28.77 -0.75 14.41
CA GLY A 24 29.00 -1.19 15.76
C GLY A 24 28.78 -0.02 16.69
N PHE A 25 28.90 -0.29 17.98
CA PHE A 25 28.71 0.76 18.95
C PHE A 25 29.97 1.58 19.09
N ALA A 26 29.80 2.82 19.57
CA ALA A 26 30.97 3.65 19.76
C ALA A 26 31.75 3.13 20.93
N GLY A 27 33.03 3.42 20.94
CA GLY A 27 33.87 2.92 21.98
C GLY A 27 34.41 1.55 21.70
N ASP A 28 33.84 0.85 20.72
CA ASP A 28 34.32 -0.47 20.35
C ASP A 28 35.69 -0.33 19.70
N GLN A 29 36.44 -1.42 19.74
CA GLN A 29 37.77 -1.35 19.19
C GLN A 29 37.79 -1.50 17.67
N ILE A 30 37.10 -2.49 17.16
CA ILE A 30 37.04 -2.84 15.74
C ILE A 30 35.56 -2.95 15.41
N PRO A 31 35.10 -2.75 14.19
CA PRO A 31 33.67 -2.92 13.94
C PRO A 31 33.33 -4.39 13.96
N LYS A 32 32.41 -4.76 14.83
CA LYS A 32 32.04 -6.15 14.98
C LYS A 32 31.11 -6.61 13.89
N TYR A 33 30.41 -5.69 13.22
CA TYR A 33 29.40 -6.03 12.23
C TYR A 33 29.74 -5.41 10.89
N CYS A 34 30.22 -6.21 9.95
CA CYS A 34 30.56 -5.69 8.64
C CYS A 34 30.04 -6.69 7.62
N PHE A 35 29.42 -6.19 6.56
CA PHE A 35 28.88 -7.05 5.52
C PHE A 35 28.70 -6.23 4.27
N PRO A 36 28.55 -6.86 3.10
CA PRO A 36 28.40 -6.07 1.87
C PRO A 36 27.12 -5.30 1.81
N ASN A 37 27.19 -4.16 1.13
CA ASN A 37 26.08 -3.24 0.99
C ASN A 37 25.25 -3.55 -0.25
N TYR A 38 24.70 -4.75 -0.29
CA TYR A 38 23.89 -5.13 -1.45
C TYR A 38 22.63 -5.77 -0.95
N VAL A 39 21.67 -5.92 -1.82
CA VAL A 39 20.42 -6.54 -1.47
C VAL A 39 20.12 -7.61 -2.50
N GLY A 40 19.97 -8.83 -2.03
CA GLY A 40 19.71 -9.95 -2.90
C GLY A 40 18.33 -10.54 -2.63
N ARG A 41 17.57 -10.65 -3.70
CA ARG A 41 16.27 -11.22 -3.74
C ARG A 41 16.32 -12.35 -4.75
N PRO A 42 15.59 -13.45 -4.52
CA PRO A 42 15.70 -14.59 -5.41
C PRO A 42 15.24 -14.33 -6.82
N LYS A 43 15.81 -15.10 -7.72
CA LYS A 43 15.61 -15.06 -9.15
C LYS A 43 14.75 -16.19 -9.66
N HIS A 44 14.90 -17.36 -9.05
CA HIS A 44 14.21 -18.56 -9.47
C HIS A 44 12.78 -18.60 -8.95
N VAL A 45 12.16 -19.77 -9.02
CA VAL A 45 10.77 -19.96 -8.63
C VAL A 45 10.67 -20.85 -7.40
N ARG A 46 9.90 -20.40 -6.42
CA ARG A 46 9.66 -21.17 -5.22
C ARG A 46 8.73 -22.30 -5.58
N VAL A 47 9.19 -23.53 -5.48
CA VAL A 47 8.37 -24.66 -5.86
C VAL A 47 8.14 -25.55 -4.67
N MET A 48 9.21 -26.13 -4.17
CA MET A 48 9.13 -27.04 -3.05
C MET A 48 8.82 -26.28 -1.78
N ALA A 49 7.96 -26.84 -0.94
CA ALA A 49 7.68 -26.18 0.31
C ALA A 49 8.85 -26.37 1.25
N GLY A 50 8.92 -25.53 2.27
CA GLY A 50 10.04 -25.65 3.18
C GLY A 50 11.28 -25.01 2.62
N ALA A 51 11.12 -24.18 1.61
CA ALA A 51 12.20 -23.48 0.96
C ALA A 51 12.69 -22.33 1.83
N LEU A 52 13.62 -21.55 1.29
CA LEU A 52 14.13 -20.41 2.02
C LEU A 52 13.04 -19.37 2.07
N GLU A 53 12.43 -19.27 3.24
CA GLU A 53 11.35 -18.36 3.47
C GLU A 53 11.86 -16.92 3.45
N GLY A 54 10.97 -16.02 3.09
CA GLY A 54 11.38 -14.63 3.02
C GLY A 54 11.98 -14.32 1.67
N ASP A 55 11.77 -13.11 1.20
CA ASP A 55 12.31 -12.75 -0.10
C ASP A 55 13.65 -12.04 -0.05
N ILE A 56 13.69 -10.86 0.53
CA ILE A 56 14.91 -10.08 0.54
C ILE A 56 15.90 -10.60 1.57
N PHE A 57 17.12 -10.86 1.12
CA PHE A 57 18.18 -11.36 1.98
C PHE A 57 19.33 -10.38 1.99
N ILE A 58 19.92 -10.15 3.17
CA ILE A 58 21.04 -9.24 3.35
C ILE A 58 22.00 -9.86 4.36
N GLY A 59 23.29 -9.65 4.19
CA GLY A 59 24.24 -10.15 5.14
C GLY A 59 24.85 -11.48 4.81
N PRO A 60 25.09 -12.30 5.83
CA PRO A 60 25.69 -13.60 5.57
C PRO A 60 24.76 -14.57 4.87
N LYS A 61 23.46 -14.48 5.11
CA LYS A 61 22.55 -15.40 4.43
C LYS A 61 22.47 -15.08 2.96
N ALA A 62 22.54 -13.81 2.62
CA ALA A 62 22.52 -13.47 1.21
C ALA A 62 23.83 -13.84 0.56
N GLU A 63 24.89 -13.88 1.33
CA GLU A 63 26.16 -14.24 0.75
C GLU A 63 26.25 -15.74 0.55
N GLU A 64 25.70 -16.50 1.50
CA GLU A 64 25.74 -17.95 1.45
C GLU A 64 25.02 -18.49 0.24
N HIS A 65 23.72 -18.27 0.18
CA HIS A 65 22.94 -18.73 -0.96
C HIS A 65 23.07 -17.68 -2.04
N ARG A 66 24.28 -17.55 -2.58
CA ARG A 66 24.51 -16.50 -3.56
C ARG A 66 23.91 -16.84 -4.92
N GLY A 67 23.81 -18.13 -5.25
CA GLY A 67 23.31 -18.50 -6.56
C GLY A 67 21.88 -18.10 -6.83
N LEU A 68 21.03 -18.13 -5.80
CA LEU A 68 19.62 -17.81 -6.02
C LEU A 68 19.37 -16.32 -6.20
N LEU A 69 20.16 -15.50 -5.56
CA LEU A 69 19.88 -14.08 -5.57
C LEU A 69 20.26 -13.37 -6.85
N SER A 70 19.71 -12.18 -6.97
CA SER A 70 19.87 -11.24 -8.07
C SER A 70 20.33 -9.93 -7.51
N ILE A 71 21.43 -10.01 -6.79
CA ILE A 71 22.14 -8.95 -6.07
C ILE A 71 22.21 -7.62 -6.79
N ARG A 72 21.76 -6.57 -6.11
CA ARG A 72 21.81 -5.22 -6.64
C ARG A 72 22.34 -4.29 -5.56
N TYR A 73 22.75 -3.16 -5.96
CA TYR A 73 23.27 -2.22 -4.99
C TYR A 73 22.35 -1.02 -4.87
N PRO A 74 22.07 -0.58 -3.69
CA PRO A 74 21.18 0.56 -3.54
C PRO A 74 21.91 1.87 -3.52
N MET A 75 23.22 1.81 -3.33
CA MET A 75 24.05 2.99 -3.26
C MET A 75 25.15 2.88 -4.29
N GLU A 76 25.37 3.93 -5.04
CA GLU A 76 26.42 3.91 -6.02
C GLU A 76 27.04 5.28 -6.06
N HIS A 77 28.37 5.32 -6.04
CA HIS A 77 29.17 6.53 -6.00
C HIS A 77 28.80 7.37 -4.79
N GLY A 78 28.61 6.71 -3.67
CA GLY A 78 28.24 7.37 -2.43
C GLY A 78 26.90 8.04 -2.44
N ILE A 79 26.06 7.72 -3.41
CA ILE A 79 24.75 8.32 -3.53
C ILE A 79 23.73 7.19 -3.52
N VAL A 80 22.72 7.32 -2.70
CA VAL A 80 21.70 6.30 -2.61
C VAL A 80 20.77 6.39 -3.82
N LYS A 81 20.61 5.28 -4.52
CA LYS A 81 19.71 5.24 -5.65
C LYS A 81 18.33 4.73 -5.24
N ASP A 82 18.27 3.73 -4.36
CA ASP A 82 17.01 3.20 -3.86
C ASP A 82 16.97 3.36 -2.37
N TRP A 83 15.95 4.00 -1.86
CA TRP A 83 15.86 4.17 -0.43
C TRP A 83 15.19 3.03 0.27
N ASN A 84 14.40 2.25 -0.44
CA ASN A 84 13.74 1.12 0.19
C ASN A 84 14.75 0.07 0.56
N ASP A 85 15.69 -0.21 -0.34
CA ASP A 85 16.69 -1.21 -0.04
C ASP A 85 17.60 -0.69 1.05
N MET A 86 17.84 0.61 1.09
CA MET A 86 18.65 1.15 2.16
C MET A 86 17.94 1.06 3.49
N GLU A 87 16.63 1.23 3.49
CA GLU A 87 15.88 1.09 4.72
C GLU A 87 15.98 -0.32 5.22
N ARG A 88 15.87 -1.27 4.30
CA ARG A 88 15.97 -2.65 4.71
C ARG A 88 17.37 -2.99 5.17
N ILE A 89 18.38 -2.35 4.60
CA ILE A 89 19.75 -2.61 5.03
C ILE A 89 19.98 -2.07 6.43
N TRP A 90 19.55 -0.83 6.66
CA TRP A 90 19.71 -0.26 7.98
C TRP A 90 18.88 -1.01 9.01
N GLN A 91 17.68 -1.41 8.59
CA GLN A 91 16.81 -2.18 9.46
C GLN A 91 17.46 -3.52 9.74
N TYR A 92 18.21 -4.04 8.78
CA TYR A 92 18.93 -5.29 9.01
C TYR A 92 20.05 -5.07 9.97
N VAL A 93 20.64 -3.87 9.97
CA VAL A 93 21.72 -3.58 10.90
C VAL A 93 21.16 -3.62 12.31
N TYR A 94 19.93 -3.15 12.47
CA TYR A 94 19.33 -3.21 13.78
C TYR A 94 18.62 -4.52 14.06
N SER A 95 18.81 -5.55 13.24
CA SER A 95 18.09 -6.79 13.49
C SER A 95 18.74 -7.59 14.61
N LYS A 96 18.25 -8.80 14.78
CA LYS A 96 18.78 -9.68 15.78
C LYS A 96 20.07 -10.33 15.31
N ASP A 97 20.37 -10.24 14.04
CA ASP A 97 21.59 -10.87 13.58
C ASP A 97 22.79 -9.96 13.74
N GLN A 98 22.59 -8.65 13.81
CA GLN A 98 23.73 -7.75 13.92
C GLN A 98 23.79 -6.99 15.22
N LEU A 99 22.77 -6.24 15.58
CA LEU A 99 22.84 -5.46 16.80
C LEU A 99 21.95 -5.91 17.92
N GLN A 100 20.77 -6.45 17.62
CA GLN A 100 19.79 -6.91 18.59
C GLN A 100 19.28 -5.76 19.46
N THR A 101 19.30 -4.55 18.95
CA THR A 101 18.86 -3.39 19.71
C THR A 101 17.66 -2.73 19.06
N PHE A 102 17.35 -1.55 19.56
CA PHE A 102 16.25 -0.76 19.07
C PHE A 102 16.84 0.55 18.57
N SER A 103 16.21 1.13 17.56
CA SER A 103 16.68 2.39 17.02
C SER A 103 16.10 3.57 17.75
N GLU A 104 15.68 3.39 18.99
CA GLU A 104 15.10 4.47 19.77
C GLU A 104 15.94 4.88 20.94
N GLU A 105 16.98 4.13 21.24
CA GLU A 105 17.83 4.42 22.39
C GLU A 105 19.28 4.60 21.99
N HIS A 106 19.52 4.94 20.75
CA HIS A 106 20.89 5.08 20.35
C HIS A 106 21.09 6.25 19.42
N PRO A 107 21.96 7.19 19.76
CA PRO A 107 22.24 8.27 18.85
C PRO A 107 23.08 7.68 17.73
N VAL A 108 23.00 8.25 16.54
CA VAL A 108 23.69 7.63 15.42
C VAL A 108 24.72 8.53 14.78
N LEU A 109 25.93 8.02 14.69
CA LEU A 109 27.01 8.67 13.97
C LEU A 109 26.94 8.06 12.59
N LEU A 110 26.97 8.90 11.57
CA LEU A 110 26.84 8.41 10.22
C LEU A 110 27.92 8.97 9.33
N THR A 111 28.74 8.10 8.77
CA THR A 111 29.77 8.54 7.88
C THR A 111 29.13 8.84 6.53
N GLU A 112 29.72 9.78 5.80
CA GLU A 112 29.17 10.14 4.51
C GLU A 112 30.27 10.82 3.71
N ALA A 113 30.32 10.55 2.42
CA ALA A 113 31.34 11.05 1.52
C ALA A 113 31.11 12.52 1.17
N PRO A 114 32.17 13.28 0.90
CA PRO A 114 32.02 14.69 0.59
C PRO A 114 31.41 14.93 -0.78
N LEU A 115 31.03 16.18 -0.97
CA LEU A 115 30.43 16.74 -2.18
C LEU A 115 29.18 16.00 -2.62
N ASN A 116 28.50 15.32 -1.73
CA ASN A 116 27.31 14.62 -2.13
C ASN A 116 26.13 15.56 -2.13
N PRO A 117 25.05 15.19 -2.81
CA PRO A 117 23.87 16.06 -2.83
C PRO A 117 23.27 16.25 -1.47
N ARG A 118 22.57 17.37 -1.32
CA ARG A 118 21.93 17.70 -0.06
C ARG A 118 20.86 16.69 0.27
N LYS A 119 20.20 16.18 -0.77
CA LYS A 119 19.11 15.23 -0.61
C LYS A 119 19.54 13.97 0.11
N ASN A 120 20.81 13.60 0.04
CA ASN A 120 21.28 12.43 0.77
C ASN A 120 21.15 12.65 2.25
N ARG A 121 21.68 13.77 2.72
CA ARG A 121 21.60 14.08 4.14
C ARG A 121 20.16 14.30 4.56
N GLU A 122 19.40 14.97 3.71
CA GLU A 122 18.01 15.27 4.04
C GLU A 122 17.16 14.01 4.14
N ARG A 123 17.12 13.21 3.08
CA ARG A 123 16.30 12.01 3.14
C ARG A 123 16.86 10.98 4.08
N ALA A 124 18.17 10.92 4.24
CA ALA A 124 18.74 9.97 5.18
C ALA A 124 18.36 10.35 6.59
N ALA A 125 18.29 11.65 6.83
CA ALA A 125 17.89 12.13 8.12
C ALA A 125 16.43 11.83 8.37
N GLU A 126 15.61 11.96 7.33
CA GLU A 126 14.21 11.63 7.47
C GLU A 126 14.04 10.17 7.81
N VAL A 127 14.81 9.32 7.13
CA VAL A 127 14.75 7.89 7.34
C VAL A 127 15.07 7.56 8.79
N PHE A 128 16.19 8.09 9.30
CA PHE A 128 16.56 7.81 10.68
C PHE A 128 15.57 8.39 11.67
N PHE A 129 15.42 9.71 11.69
CA PHE A 129 14.53 10.35 12.65
C PHE A 129 13.07 10.04 12.49
N GLU A 130 12.63 9.39 11.43
CA GLU A 130 11.22 9.11 11.28
C GLU A 130 10.93 7.63 11.33
N THR A 131 11.53 6.82 10.48
CA THR A 131 11.22 5.40 10.60
C THR A 131 11.98 4.82 11.77
N PHE A 132 13.21 5.26 11.98
CA PHE A 132 13.94 4.69 13.08
C PHE A 132 13.71 5.45 14.36
N ASN A 133 13.44 6.75 14.25
CA ASN A 133 13.23 7.66 15.38
C ASN A 133 14.40 7.60 16.34
N VAL A 134 15.59 7.84 15.80
CA VAL A 134 16.78 7.79 16.63
C VAL A 134 16.81 9.06 17.46
N PRO A 135 17.38 9.04 18.66
CA PRO A 135 17.42 10.25 19.46
C PRO A 135 18.31 11.32 18.90
N ALA A 136 19.41 10.95 18.24
CA ALA A 136 20.29 11.97 17.70
C ALA A 136 21.06 11.46 16.50
N LEU A 137 21.06 12.23 15.43
CA LEU A 137 21.78 11.84 14.24
C LEU A 137 22.92 12.81 14.01
N PHE A 138 24.02 12.31 13.47
CA PHE A 138 25.13 13.19 13.17
C PHE A 138 25.84 12.69 11.93
N ILE A 139 25.69 13.40 10.85
CA ILE A 139 26.32 13.08 9.58
C ILE A 139 27.67 13.76 9.58
N SER A 140 28.70 13.08 9.10
CA SER A 140 30.01 13.68 9.09
C SER A 140 30.75 13.27 7.84
N MET A 141 31.97 13.77 7.73
CA MET A 141 32.82 13.41 6.60
C MET A 141 33.42 12.06 6.87
N GLN A 142 34.36 11.68 6.06
CA GLN A 142 35.01 10.41 6.23
C GLN A 142 36.50 10.57 6.43
N ALA A 143 37.07 11.59 5.80
CA ALA A 143 38.48 11.85 5.94
C ALA A 143 38.82 12.31 7.33
N VAL A 144 37.95 13.13 7.92
CA VAL A 144 38.15 13.63 9.26
C VAL A 144 38.21 12.48 10.23
N LEU A 145 37.39 11.48 9.98
CA LEU A 145 37.36 10.33 10.84
C LEU A 145 38.61 9.49 10.65
N SER A 146 39.09 9.37 9.43
CA SER A 146 40.28 8.57 9.22
C SER A 146 41.50 9.19 9.88
N LEU A 147 41.62 10.52 9.81
CA LEU A 147 42.74 11.13 10.50
C LEU A 147 42.58 11.04 12.00
N TYR A 148 41.35 11.04 12.50
CA TYR A 148 41.19 10.88 13.92
C TYR A 148 41.58 9.47 14.32
N ALA A 149 41.39 8.52 13.42
CA ALA A 149 41.75 7.16 13.70
C ALA A 149 43.25 6.98 13.73
N THR A 150 43.99 7.74 12.93
CA THR A 150 45.44 7.55 13.01
C THR A 150 46.06 8.29 14.17
N GLY A 151 45.35 9.24 14.75
CA GLY A 151 45.87 9.98 15.88
C GLY A 151 46.48 11.32 15.54
N ARG A 152 47.10 11.45 14.37
CA ARG A 152 47.71 12.73 14.02
C ARG A 152 46.62 13.75 13.68
N THR A 153 47.02 14.97 13.32
CA THR A 153 45.88 15.85 13.09
C THR A 153 45.89 16.61 11.76
N THR A 154 47.03 17.07 11.27
CA THR A 154 47.02 17.77 10.01
C THR A 154 47.62 16.90 8.93
N GLY A 155 46.94 16.80 7.81
CA GLY A 155 47.40 16.01 6.70
C GLY A 155 46.27 15.72 5.76
N VAL A 156 46.62 15.30 4.55
CA VAL A 156 45.56 14.98 3.61
C VAL A 156 45.14 13.56 3.86
N VAL A 157 44.02 13.17 3.31
CA VAL A 157 43.49 11.82 3.46
C VAL A 157 43.15 11.37 2.08
N LEU A 158 43.70 10.27 1.65
CA LEU A 158 43.40 9.77 0.32
C LEU A 158 42.61 8.50 0.47
N ASP A 159 41.33 8.55 0.15
CA ASP A 159 40.56 7.33 0.26
C ASP A 159 40.00 6.94 -1.09
N SER A 160 39.68 5.67 -1.20
CA SER A 160 39.09 5.11 -2.41
C SER A 160 38.31 3.93 -1.89
N GLY A 161 37.03 4.12 -1.72
CA GLY A 161 36.24 3.03 -1.20
C GLY A 161 35.74 2.20 -2.35
N ASP A 162 34.45 1.96 -2.35
CA ASP A 162 33.88 1.17 -3.41
C ASP A 162 33.25 2.01 -4.49
N GLY A 163 32.74 3.18 -4.18
CA GLY A 163 32.14 3.96 -5.24
C GLY A 163 32.69 5.35 -5.40
N VAL A 164 33.44 5.84 -4.41
CA VAL A 164 33.99 7.17 -4.49
C VAL A 164 35.46 7.15 -4.13
N THR A 165 36.10 8.25 -4.45
CA THR A 165 37.50 8.45 -4.10
C THR A 165 37.74 9.94 -4.07
N HIS A 166 38.41 10.39 -3.03
CA HIS A 166 38.63 11.81 -2.85
C HIS A 166 39.81 12.03 -1.94
N ALA A 167 40.24 13.28 -1.91
CA ALA A 167 41.35 13.69 -1.09
C ALA A 167 40.89 14.91 -0.34
N VAL A 168 41.16 14.97 0.96
CA VAL A 168 40.74 16.09 1.78
C VAL A 168 41.92 16.62 2.57
N PRO A 169 42.34 17.80 2.38
CA PRO A 169 43.43 18.35 3.18
C PRO A 169 42.86 18.85 4.48
N ILE A 170 43.16 18.14 5.56
CA ILE A 170 42.65 18.49 6.87
C ILE A 170 43.71 19.20 7.66
N TYR A 171 43.34 20.35 8.23
CA TYR A 171 44.24 21.15 9.05
C TYR A 171 43.62 21.22 10.43
N GLU A 172 44.19 20.45 11.36
CA GLU A 172 43.78 20.39 12.75
C GLU A 172 42.32 20.06 12.97
N GLY A 173 41.66 19.43 12.02
CA GLY A 173 40.25 19.11 12.14
C GLY A 173 39.39 19.91 11.20
N PHE A 174 39.78 21.13 10.90
CA PHE A 174 39.04 21.95 9.96
C PHE A 174 39.32 21.35 8.59
N ALA A 175 38.41 20.56 8.07
CA ALA A 175 38.62 19.99 6.75
C ALA A 175 38.39 21.10 5.74
N MET A 176 39.45 21.54 5.09
CA MET A 176 39.43 22.61 4.11
C MET A 176 38.44 22.28 3.00
N PRO A 177 37.30 22.95 2.94
CA PRO A 177 36.31 22.61 1.93
C PRO A 177 36.63 23.12 0.55
N HIS A 178 37.71 23.84 0.36
CA HIS A 178 38.03 24.35 -0.95
C HIS A 178 39.17 23.60 -1.58
N SER A 179 39.46 22.40 -1.09
CA SER A 179 40.54 21.63 -1.67
C SER A 179 40.17 20.16 -1.75
N ILE A 180 38.88 19.82 -1.73
CA ILE A 180 38.44 18.44 -1.74
C ILE A 180 38.17 18.04 -3.17
N MET A 181 39.17 17.46 -3.82
CA MET A 181 38.97 16.95 -5.16
C MET A 181 38.23 15.65 -5.01
N ARG A 182 37.37 15.32 -5.96
CA ARG A 182 36.61 14.09 -5.84
C ARG A 182 36.23 13.54 -7.20
N ILE A 183 36.67 12.34 -7.49
CA ILE A 183 36.33 11.65 -8.72
C ILE A 183 35.52 10.44 -8.31
N ASP A 184 34.83 9.86 -9.26
CA ASP A 184 33.96 8.72 -8.99
C ASP A 184 34.48 7.41 -9.55
N ILE A 185 35.76 7.15 -9.43
CA ILE A 185 36.32 5.92 -9.94
C ILE A 185 36.84 5.14 -8.76
N ALA A 186 36.07 4.20 -8.25
CA ALA A 186 36.57 3.45 -7.13
C ALA A 186 36.48 1.96 -7.37
N GLY A 187 36.70 1.19 -6.32
CA GLY A 187 36.71 -0.26 -6.30
C GLY A 187 35.72 -1.01 -7.15
N ARG A 188 34.44 -0.64 -7.02
CA ARG A 188 33.42 -1.30 -7.82
C ARG A 188 33.62 -1.03 -9.29
N ASP A 189 34.01 0.18 -9.63
CA ASP A 189 34.22 0.48 -11.03
C ASP A 189 35.45 -0.22 -11.56
N VAL A 190 36.45 -0.43 -10.71
CA VAL A 190 37.63 -1.15 -11.13
C VAL A 190 37.25 -2.59 -11.40
N SER A 191 36.33 -3.12 -10.60
CA SER A 191 35.85 -4.46 -10.80
C SER A 191 35.06 -4.57 -12.09
N ARG A 192 34.32 -3.52 -12.39
CA ARG A 192 33.54 -3.48 -13.61
C ARG A 192 34.43 -3.48 -14.85
N PHE A 193 35.46 -2.67 -14.81
CA PHE A 193 36.41 -2.64 -15.90
C PHE A 193 37.17 -3.96 -15.96
N LEU A 194 37.36 -4.61 -14.81
CA LEU A 194 38.01 -5.90 -14.81
C LEU A 194 37.12 -6.91 -15.47
N ARG A 195 35.81 -6.76 -15.31
CA ARG A 195 34.87 -7.67 -15.94
C ARG A 195 34.95 -7.53 -17.44
N LEU A 196 35.10 -6.29 -17.91
CA LEU A 196 35.25 -6.06 -19.34
C LEU A 196 36.51 -6.71 -19.86
N TYR A 197 37.60 -6.57 -19.11
CA TYR A 197 38.83 -7.23 -19.54
C TYR A 197 38.74 -8.73 -19.47
N LEU A 198 37.96 -9.27 -18.54
CA LEU A 198 37.85 -10.71 -18.50
C LEU A 198 37.09 -11.20 -19.72
N ARG A 199 36.11 -10.41 -20.17
CA ARG A 199 35.41 -10.77 -21.39
C ARG A 199 36.36 -10.76 -22.56
N LYS A 200 37.22 -9.74 -22.62
CA LYS A 200 38.22 -9.70 -23.67
C LYS A 200 39.21 -10.84 -23.57
N GLU A 201 39.35 -11.43 -22.39
CA GLU A 201 40.22 -12.58 -22.28
C GLU A 201 39.54 -13.79 -22.86
N GLY A 202 38.21 -13.85 -22.76
CA GLY A 202 37.45 -14.94 -23.28
C GLY A 202 36.48 -15.49 -22.25
N TYR A 203 36.79 -15.24 -21.00
CA TYR A 203 35.97 -15.71 -19.90
C TYR A 203 34.82 -14.74 -19.71
N ASP A 204 33.59 -15.22 -19.74
CA ASP A 204 32.48 -14.30 -19.56
C ASP A 204 31.85 -14.43 -18.19
N PHE A 205 31.56 -13.29 -17.59
CA PHE A 205 30.94 -13.21 -16.29
C PHE A 205 29.98 -12.05 -16.42
N HIS A 206 28.70 -12.31 -16.45
CA HIS A 206 27.79 -11.20 -16.59
C HIS A 206 26.63 -11.26 -15.64
N SER A 207 26.47 -12.36 -14.92
CA SER A 207 25.37 -12.46 -13.99
C SER A 207 25.63 -11.54 -12.80
N SER A 208 24.54 -11.03 -12.22
CA SER A 208 24.67 -10.14 -11.09
C SER A 208 25.31 -10.83 -9.91
N SER A 209 25.08 -12.13 -9.76
CA SER A 209 25.68 -12.89 -8.70
C SER A 209 26.99 -13.49 -9.12
N GLU A 210 27.52 -13.00 -10.23
CA GLU A 210 28.79 -13.42 -10.78
C GLU A 210 29.73 -12.24 -10.83
N PHE A 211 29.15 -11.04 -10.78
CA PHE A 211 29.93 -9.82 -10.68
C PHE A 211 30.67 -9.84 -9.36
N GLU A 212 30.09 -10.51 -8.38
CA GLU A 212 30.73 -10.68 -7.09
C GLU A 212 31.95 -11.56 -7.21
N ILE A 213 31.92 -12.52 -8.14
CA ILE A 213 33.09 -13.36 -8.34
C ILE A 213 34.16 -12.51 -8.98
N VAL A 214 33.75 -11.56 -9.81
CA VAL A 214 34.72 -10.64 -10.39
C VAL A 214 35.34 -9.79 -9.29
N LYS A 215 34.55 -9.43 -8.28
CA LYS A 215 35.12 -8.68 -7.16
C LYS A 215 36.09 -9.54 -6.39
N ALA A 216 35.80 -10.83 -6.25
CA ALA A 216 36.69 -11.71 -5.54
C ALA A 216 38.01 -11.82 -6.27
N ILE A 217 37.95 -11.83 -7.60
CA ILE A 217 39.17 -11.90 -8.38
C ILE A 217 39.97 -10.63 -8.22
N LYS A 218 39.28 -9.49 -8.15
CA LYS A 218 39.97 -8.23 -7.95
C LYS A 218 40.63 -8.19 -6.59
N GLU A 219 40.00 -8.81 -5.61
CA GLU A 219 40.54 -8.79 -4.27
C GLU A 219 41.66 -9.78 -4.06
N ARG A 220 41.81 -10.80 -4.90
CA ARG A 220 42.93 -11.71 -4.61
C ARG A 220 43.78 -12.08 -5.83
N ALA A 221 43.70 -11.38 -6.93
CA ALA A 221 44.53 -11.75 -8.06
C ALA A 221 45.07 -10.57 -8.84
N CYS A 222 44.87 -9.36 -8.37
CA CYS A 222 45.36 -8.19 -9.08
C CYS A 222 46.47 -7.51 -8.31
N TYR A 223 47.29 -6.76 -9.03
CA TYR A 223 48.39 -6.05 -8.43
C TYR A 223 48.60 -4.79 -9.25
N LEU A 224 49.54 -3.96 -8.82
CA LEU A 224 49.84 -2.74 -9.55
C LEU A 224 51.26 -2.77 -10.05
N SER A 225 51.42 -2.59 -11.34
CA SER A 225 52.74 -2.61 -11.93
C SER A 225 53.45 -1.31 -11.61
N ILE A 226 54.74 -1.38 -11.31
CA ILE A 226 55.46 -0.17 -11.04
C ILE A 226 55.59 0.62 -12.33
N ASN A 227 56.20 0.01 -13.32
CA ASN A 227 56.25 0.66 -14.61
C ASN A 227 54.95 0.30 -15.32
N PRO A 228 54.15 1.28 -15.69
CA PRO A 228 52.86 0.96 -16.30
C PRO A 228 52.97 0.45 -17.72
N GLN A 229 54.01 0.79 -18.44
CA GLN A 229 54.09 0.35 -19.82
C GLN A 229 55.08 -0.75 -20.05
N LYS A 230 56.20 -0.74 -19.32
CA LYS A 230 57.23 -1.76 -19.49
C LYS A 230 56.71 -3.16 -19.17
N ASP A 231 55.76 -3.24 -18.26
CA ASP A 231 55.19 -4.52 -17.89
C ASP A 231 54.12 -4.92 -18.88
N GLU A 232 53.53 -3.95 -19.58
CA GLU A 232 52.51 -4.26 -20.56
C GLU A 232 53.14 -4.86 -21.81
N THR A 233 54.39 -4.52 -22.08
CA THR A 233 55.11 -5.03 -23.24
C THR A 233 55.77 -6.37 -22.99
N LEU A 234 55.32 -7.11 -21.99
CA LEU A 234 55.87 -8.40 -21.67
C LEU A 234 54.73 -9.37 -21.41
N GLU A 235 55.03 -10.64 -21.51
CA GLU A 235 54.06 -11.70 -21.28
C GLU A 235 54.34 -12.25 -19.88
N THR A 236 53.38 -12.07 -18.98
CA THR A 236 53.51 -12.51 -17.61
C THR A 236 53.39 -14.03 -17.50
N GLU A 237 53.52 -14.52 -16.28
CA GLU A 237 53.44 -15.96 -16.05
C GLU A 237 52.02 -16.51 -16.20
N LYS A 238 51.00 -15.64 -16.22
CA LYS A 238 49.58 -15.98 -16.40
C LYS A 238 49.11 -16.98 -15.34
N ALA A 239 49.06 -16.52 -14.11
CA ALA A 239 48.63 -17.39 -13.04
C ALA A 239 47.16 -17.74 -13.16
N GLN A 240 46.80 -18.91 -12.65
CA GLN A 240 45.46 -19.43 -12.71
C GLN A 240 44.59 -18.87 -11.60
N TYR A 241 43.33 -19.27 -11.61
CA TYR A 241 42.40 -18.87 -10.57
C TYR A 241 41.33 -19.93 -10.46
N TYR A 242 40.99 -20.31 -9.25
CA TYR A 242 39.96 -21.32 -9.02
C TYR A 242 38.64 -20.65 -8.67
N LEU A 243 37.64 -20.90 -9.47
CA LEU A 243 36.33 -20.37 -9.27
C LEU A 243 35.63 -21.10 -8.14
N PRO A 244 34.47 -20.62 -7.67
CA PRO A 244 33.77 -21.39 -6.64
C PRO A 244 33.21 -22.64 -7.23
N ASP A 245 32.94 -22.59 -8.51
CA ASP A 245 32.46 -23.70 -9.30
C ASP A 245 33.49 -24.80 -9.40
N GLY A 246 34.76 -24.45 -9.41
CA GLY A 246 35.83 -25.41 -9.52
C GLY A 246 36.56 -25.36 -10.83
N SER A 247 36.27 -24.38 -11.68
CA SER A 247 36.91 -24.24 -12.97
C SER A 247 38.28 -23.64 -12.82
N THR A 248 38.86 -23.14 -13.91
CA THR A 248 40.17 -22.54 -13.84
C THR A 248 40.22 -21.41 -14.85
N ILE A 249 40.71 -20.25 -14.43
CA ILE A 249 40.82 -19.10 -15.30
C ILE A 249 42.25 -18.62 -15.30
N GLU A 250 42.86 -18.53 -16.47
CA GLU A 250 44.19 -17.95 -16.56
C GLU A 250 43.95 -16.51 -16.96
N ILE A 251 44.47 -15.59 -16.16
CA ILE A 251 44.21 -14.17 -16.34
C ILE A 251 45.16 -13.54 -17.33
N GLY A 252 46.43 -13.50 -17.03
CA GLY A 252 47.37 -12.89 -17.94
C GLY A 252 47.55 -11.41 -17.75
N PRO A 253 47.37 -10.63 -18.81
CA PRO A 253 47.55 -9.17 -18.69
C PRO A 253 46.37 -8.48 -18.07
N SER A 254 45.29 -9.17 -17.86
CA SER A 254 44.09 -8.59 -17.30
C SER A 254 44.11 -8.49 -15.81
N ARG A 255 45.28 -8.46 -15.19
CA ARG A 255 45.36 -8.37 -13.76
C ARG A 255 46.09 -7.13 -13.31
N PHE A 256 46.93 -6.54 -14.15
CA PHE A 256 47.59 -5.33 -13.75
C PHE A 256 46.98 -4.13 -14.44
N ARG A 257 46.45 -4.33 -15.63
CA ARG A 257 45.77 -3.25 -16.31
C ARG A 257 44.42 -2.99 -15.69
N ALA A 258 43.89 -3.95 -14.94
CA ALA A 258 42.59 -3.73 -14.32
C ALA A 258 42.65 -2.67 -13.24
N PRO A 259 43.57 -2.68 -12.28
CA PRO A 259 43.57 -1.57 -11.33
C PRO A 259 44.40 -0.39 -11.83
N GLU A 260 44.75 -0.38 -13.10
CA GLU A 260 45.47 0.73 -13.68
C GLU A 260 44.50 1.88 -13.90
N LEU A 261 43.22 1.56 -13.95
CA LEU A 261 42.14 2.51 -14.14
C LEU A 261 42.19 3.65 -13.14
N LEU A 262 42.58 3.36 -11.91
CA LEU A 262 42.64 4.38 -10.88
C LEU A 262 43.65 5.44 -11.18
N PHE A 263 44.67 5.16 -11.95
CA PHE A 263 45.66 6.16 -12.26
C PHE A 263 45.47 6.73 -13.63
N ARG A 264 44.53 6.24 -14.37
CA ARG A 264 44.31 6.79 -15.70
C ARG A 264 42.88 6.47 -16.09
N PRO A 265 41.93 7.33 -15.90
CA PRO A 265 40.58 6.99 -16.31
C PRO A 265 40.30 7.29 -17.76
N ASP A 266 41.29 7.05 -18.59
CA ASP A 266 41.15 7.20 -20.01
C ASP A 266 40.77 5.87 -20.56
N LEU A 267 41.13 4.84 -19.83
CA LEU A 267 40.80 3.48 -20.21
C LEU A 267 39.31 3.29 -20.14
N ILE A 268 38.64 3.93 -19.20
CA ILE A 268 37.20 3.84 -19.15
C ILE A 268 36.63 4.93 -20.05
N GLY A 269 37.46 5.81 -20.56
CA GLY A 269 36.99 6.87 -21.42
C GLY A 269 36.36 7.99 -20.62
N GLU A 270 37.16 8.69 -19.83
CA GLU A 270 36.64 9.76 -19.00
C GLU A 270 37.70 10.83 -18.79
N GLU A 271 37.27 12.09 -18.80
CA GLU A 271 38.20 13.20 -18.60
C GLU A 271 38.56 13.44 -17.16
N SER A 272 38.34 12.49 -16.26
CA SER A 272 38.70 12.68 -14.86
C SER A 272 40.21 12.52 -14.70
N GLU A 273 40.67 12.45 -13.46
CA GLU A 273 42.08 12.33 -13.22
C GLU A 273 42.39 11.08 -12.44
N GLY A 274 43.67 10.78 -12.31
CA GLY A 274 44.08 9.62 -11.55
C GLY A 274 44.03 9.93 -10.09
N ILE A 275 44.48 8.98 -9.28
CA ILE A 275 44.49 9.21 -7.86
C ILE A 275 45.59 10.21 -7.52
N HIS A 276 46.74 10.05 -8.15
CA HIS A 276 47.88 10.93 -7.92
C HIS A 276 47.55 12.36 -8.26
N GLU A 277 46.76 12.58 -9.30
CA GLU A 277 46.40 13.93 -9.63
C GLU A 277 45.37 14.46 -8.66
N VAL A 278 44.59 13.59 -8.04
CA VAL A 278 43.65 14.07 -7.05
C VAL A 278 44.41 14.54 -5.83
N LEU A 279 45.47 13.83 -5.46
CA LEU A 279 46.27 14.26 -4.32
C LEU A 279 47.02 15.54 -4.60
N VAL A 280 47.70 15.60 -5.74
CA VAL A 280 48.45 16.78 -6.06
C VAL A 280 47.55 17.99 -6.26
N PHE A 281 46.36 17.80 -6.81
CA PHE A 281 45.51 18.96 -6.96
C PHE A 281 44.91 19.36 -5.63
N ALA A 282 44.67 18.38 -4.76
CA ALA A 282 44.13 18.71 -3.47
C ALA A 282 45.14 19.44 -2.62
N ILE A 283 46.40 19.12 -2.81
CA ILE A 283 47.41 19.80 -2.05
C ILE A 283 47.69 21.17 -2.63
N GLN A 284 47.80 21.26 -3.95
CA GLN A 284 48.10 22.54 -4.57
C GLN A 284 46.95 23.53 -4.51
N LYS A 285 45.73 23.08 -4.31
CA LYS A 285 44.64 24.05 -4.19
C LYS A 285 44.43 24.40 -2.73
N SER A 286 45.52 24.70 -2.04
CA SER A 286 45.48 25.02 -0.64
C SER A 286 46.48 26.12 -0.39
N ASP A 287 46.61 26.51 0.86
CA ASP A 287 47.55 27.56 1.19
C ASP A 287 48.97 27.07 1.03
N MET A 288 49.75 27.85 0.28
CA MET A 288 51.13 27.58 -0.05
C MET A 288 52.00 27.35 1.19
N ASP A 289 51.58 27.87 2.34
CA ASP A 289 52.28 27.71 3.60
C ASP A 289 52.04 26.35 4.24
N LEU A 290 51.19 25.52 3.67
CA LEU A 290 50.92 24.20 4.23
C LEU A 290 51.28 23.06 3.34
N ARG A 291 51.81 23.32 2.15
CA ARG A 291 52.11 22.25 1.21
C ARG A 291 53.14 21.28 1.74
N ARG A 292 54.19 21.75 2.39
CA ARG A 292 55.19 20.83 2.88
C ARG A 292 54.64 19.97 3.99
N THR A 293 53.79 20.55 4.83
CA THR A 293 53.20 19.78 5.92
C THR A 293 52.24 18.74 5.37
N LEU A 294 51.53 19.07 4.29
CA LEU A 294 50.63 18.10 3.71
C LEU A 294 51.39 17.01 2.98
N PHE A 295 52.52 17.35 2.35
CA PHE A 295 53.27 16.31 1.69
C PHE A 295 53.96 15.42 2.67
N SER A 296 54.17 15.90 3.88
CA SER A 296 54.79 15.02 4.85
C SER A 296 53.77 14.20 5.59
N ASN A 297 52.49 14.34 5.30
CA ASN A 297 51.45 13.57 5.99
C ASN A 297 50.32 13.17 5.05
N ILE A 298 50.44 11.99 4.45
CA ILE A 298 49.41 11.45 3.59
C ILE A 298 48.94 10.16 4.20
N VAL A 299 47.64 10.00 4.36
CA VAL A 299 47.07 8.81 4.96
C VAL A 299 46.15 8.15 3.94
N LEU A 300 46.27 6.84 3.80
CA LEU A 300 45.43 6.11 2.87
C LEU A 300 44.36 5.39 3.66
N SER A 301 43.20 5.20 3.04
CA SER A 301 42.12 4.50 3.68
C SER A 301 41.21 3.98 2.59
N GLY A 302 40.26 3.16 2.97
CA GLY A 302 39.41 2.63 1.92
C GLY A 302 40.00 1.35 1.37
N GLY A 303 39.11 0.44 1.01
CA GLY A 303 39.55 -0.85 0.54
C GLY A 303 40.28 -0.86 -0.77
N SER A 304 40.10 0.15 -1.62
CA SER A 304 40.81 0.09 -2.89
C SER A 304 42.27 0.39 -2.75
N THR A 305 42.74 0.77 -1.57
CA THR A 305 44.15 1.03 -1.36
C THR A 305 44.85 -0.18 -0.84
N LEU A 306 44.36 -1.36 -1.17
CA LEU A 306 44.91 -2.59 -0.69
C LEU A 306 45.59 -3.40 -1.77
N PHE A 307 45.67 -2.88 -2.99
CA PHE A 307 46.32 -3.62 -4.05
C PHE A 307 47.81 -3.73 -3.79
N LYS A 308 48.42 -4.75 -4.38
CA LYS A 308 49.85 -4.90 -4.22
C LYS A 308 50.54 -3.85 -5.04
N GLY A 309 51.55 -3.23 -4.45
CA GLY A 309 52.26 -2.20 -5.16
C GLY A 309 51.47 -0.93 -5.31
N PHE A 310 50.48 -0.71 -4.46
CA PHE A 310 49.69 0.51 -4.56
C PHE A 310 50.45 1.70 -4.02
N GLY A 311 50.89 1.60 -2.78
CA GLY A 311 51.61 2.70 -2.15
C GLY A 311 52.89 3.06 -2.86
N ASP A 312 53.60 2.06 -3.35
CA ASP A 312 54.85 2.33 -4.04
C ASP A 312 54.61 3.06 -5.34
N ARG A 313 53.57 2.67 -6.06
CA ARG A 313 53.28 3.36 -7.31
C ARG A 313 52.76 4.75 -7.02
N LEU A 314 52.05 4.92 -5.91
CA LEU A 314 51.55 6.23 -5.56
C LEU A 314 52.70 7.16 -5.25
N LEU A 315 53.73 6.64 -4.59
CA LEU A 315 54.91 7.45 -4.29
C LEU A 315 55.61 7.86 -5.56
N SER A 316 55.74 6.94 -6.51
CA SER A 316 56.39 7.28 -7.76
C SER A 316 55.62 8.35 -8.51
N GLU A 317 54.30 8.20 -8.57
CA GLU A 317 53.47 9.17 -9.26
C GLU A 317 53.51 10.54 -8.61
N VAL A 318 53.42 10.58 -7.29
CA VAL A 318 53.44 11.87 -6.60
C VAL A 318 54.79 12.53 -6.76
N LYS A 319 55.89 11.75 -6.74
CA LYS A 319 57.20 12.34 -6.96
C LYS A 319 57.30 12.94 -8.33
N LYS A 320 56.60 12.33 -9.29
CA LYS A 320 56.63 12.92 -10.62
C LYS A 320 55.82 14.21 -10.64
N LEU A 321 54.84 14.35 -9.75
CA LEU A 321 54.07 15.59 -9.76
C LEU A 321 54.43 16.60 -8.69
N ALA A 322 55.05 16.22 -7.61
CA ALA A 322 55.39 17.19 -6.59
C ALA A 322 56.63 17.97 -6.99
N PRO A 323 56.85 19.16 -6.40
CA PRO A 323 58.07 19.90 -6.74
C PRO A 323 59.28 19.18 -6.19
N LYS A 324 60.43 19.48 -6.78
CA LYS A 324 61.66 18.81 -6.41
C LYS A 324 62.12 19.12 -4.99
N ASP A 325 62.60 18.06 -4.35
CA ASP A 325 63.14 18.04 -3.00
C ASP A 325 62.19 18.64 -1.97
N VAL A 326 61.11 17.88 -1.82
CA VAL A 326 60.03 18.09 -0.87
C VAL A 326 59.77 16.70 -0.33
N LYS A 327 59.90 16.50 0.96
CA LYS A 327 59.71 15.16 1.50
C LYS A 327 58.28 14.70 1.38
N ILE A 328 58.07 13.69 0.59
CA ILE A 328 56.76 13.11 0.41
C ILE A 328 56.67 11.95 1.36
N ARG A 329 55.54 11.82 2.04
CA ARG A 329 55.39 10.72 2.99
C ARG A 329 53.98 10.19 2.97
N ILE A 330 53.84 8.95 2.56
CA ILE A 330 52.53 8.30 2.48
C ILE A 330 52.44 7.26 3.56
N SER A 331 51.51 7.44 4.47
CA SER A 331 51.33 6.43 5.49
C SER A 331 50.28 5.48 4.98
N ALA A 332 50.23 4.29 5.55
CA ALA A 332 49.26 3.27 5.15
C ALA A 332 49.01 2.34 6.30
N PRO A 333 48.12 2.71 7.20
CA PRO A 333 47.85 1.87 8.36
C PRO A 333 47.20 0.55 7.99
N GLN A 334 47.18 -0.34 8.96
CA GLN A 334 46.62 -1.66 8.76
C GLN A 334 45.14 -1.73 8.91
N GLU A 335 44.47 -0.61 9.03
CA GLU A 335 43.03 -0.63 9.20
C GLU A 335 42.38 0.28 8.20
N ARG A 336 42.83 0.21 6.96
CA ARG A 336 42.27 1.04 5.92
C ARG A 336 40.82 0.70 5.64
N LEU A 337 40.42 -0.53 5.94
CA LEU A 337 39.04 -0.90 5.77
C LEU A 337 38.23 -0.40 6.93
N TYR A 338 38.86 -0.22 8.07
CA TYR A 338 38.19 0.17 9.29
C TYR A 338 38.60 1.55 9.76
N SER A 339 39.24 2.33 8.89
CA SER A 339 39.69 3.65 9.30
C SER A 339 38.54 4.56 9.66
N THR A 340 37.56 4.68 8.77
CA THR A 340 36.44 5.56 9.07
C THR A 340 35.62 5.06 10.23
N TRP A 341 35.55 3.75 10.42
CA TRP A 341 34.77 3.28 11.55
C TRP A 341 35.50 3.52 12.86
N ILE A 342 36.80 3.28 12.89
CA ILE A 342 37.54 3.49 14.12
C ILE A 342 37.57 4.96 14.46
N GLY A 343 37.61 5.81 13.44
CA GLY A 343 37.55 7.22 13.70
C GLY A 343 36.20 7.61 14.23
N GLY A 344 35.16 6.90 13.80
CA GLY A 344 33.87 7.19 14.35
C GLY A 344 33.78 6.74 15.78
N SER A 345 34.47 5.66 16.11
CA SER A 345 34.45 5.18 17.49
C SER A 345 35.18 6.14 18.39
N ILE A 346 36.22 6.79 17.89
CA ILE A 346 36.93 7.73 18.74
C ILE A 346 36.14 9.02 18.88
N LEU A 347 35.57 9.50 17.77
CA LEU A 347 34.84 10.76 17.80
C LEU A 347 33.58 10.68 18.62
N ALA A 348 32.74 9.69 18.37
CA ALA A 348 31.49 9.60 19.11
C ALA A 348 31.65 9.22 20.56
N SER A 349 32.80 8.72 20.97
CA SER A 349 32.94 8.37 22.37
C SER A 349 33.38 9.52 23.23
N LEU A 350 33.32 10.74 22.74
CA LEU A 350 33.75 11.89 23.52
C LEU A 350 32.58 12.64 24.08
N ASP A 351 32.85 13.40 25.12
CA ASP A 351 31.81 14.17 25.78
C ASP A 351 31.34 15.34 24.95
N THR A 352 32.13 15.79 24.00
CA THR A 352 31.72 16.88 23.15
C THR A 352 30.74 16.41 22.09
N PHE A 353 30.60 15.10 21.92
CA PHE A 353 29.67 14.60 20.93
C PHE A 353 28.23 14.92 21.30
N LYS A 354 27.97 15.10 22.59
CA LYS A 354 26.65 15.48 23.05
C LYS A 354 26.24 16.81 22.46
N LYS A 355 27.19 17.72 22.36
CA LYS A 355 26.95 19.02 21.77
C LYS A 355 27.20 19.02 20.29
N MET A 356 27.74 17.94 19.78
CA MET A 356 28.03 17.93 18.37
C MET A 356 26.90 17.33 17.53
N TRP A 357 26.02 16.53 18.12
CA TRP A 357 24.96 15.93 17.31
C TRP A 357 23.82 16.91 17.08
N VAL A 358 22.75 16.37 16.53
CA VAL A 358 21.51 17.09 16.27
C VAL A 358 20.46 16.33 17.05
N SER A 359 19.74 17.01 17.92
CA SER A 359 18.76 16.27 18.67
C SER A 359 17.52 16.04 17.83
N LYS A 360 16.71 15.09 18.27
CA LYS A 360 15.46 14.79 17.56
C LYS A 360 14.51 15.97 17.66
N LYS A 361 14.47 16.59 18.83
CA LYS A 361 13.63 17.74 19.06
C LYS A 361 14.00 18.86 18.12
N GLU A 362 15.29 19.09 17.95
CA GLU A 362 15.77 20.12 17.05
C GLU A 362 15.37 19.84 15.62
N TYR A 363 15.44 18.58 15.23
CA TYR A 363 15.05 18.21 13.88
C TYR A 363 13.57 18.41 13.68
N GLU A 364 12.78 18.18 14.71
CA GLU A 364 11.35 18.40 14.57
C GLU A 364 11.04 19.89 14.56
N GLU A 365 11.90 20.70 15.17
CA GLU A 365 11.65 22.13 15.19
C GLU A 365 12.03 22.78 13.87
N ASP A 366 13.30 22.74 13.51
CA ASP A 366 13.74 23.42 12.30
C ASP A 366 13.49 22.57 11.06
N GLY A 367 14.07 21.38 11.03
CA GLY A 367 13.95 20.50 9.90
C GLY A 367 15.31 20.16 9.33
N ALA A 368 15.35 19.97 8.01
CA ALA A 368 16.59 19.62 7.33
C ALA A 368 17.60 20.76 7.36
N ARG A 369 17.10 21.99 7.48
CA ARG A 369 17.98 23.15 7.53
C ARG A 369 18.84 23.12 8.76
N SER A 370 18.34 22.49 9.83
CA SER A 370 19.12 22.36 11.05
C SER A 370 20.30 21.45 10.83
N ILE A 371 20.13 20.45 9.96
CA ILE A 371 21.21 19.53 9.66
C ILE A 371 22.25 20.23 8.82
N HIS A 372 21.81 20.98 7.80
CA HIS A 372 22.79 21.69 6.99
C HIS A 372 23.47 22.79 7.78
N ARG A 373 22.79 23.29 8.80
CA ARG A 373 23.35 24.32 9.64
C ARG A 373 24.47 23.75 10.49
N LYS A 374 24.18 22.65 11.16
CA LYS A 374 25.13 21.98 12.04
C LYS A 374 25.74 20.79 11.33
N THR A 375 26.04 20.93 10.04
CA THR A 375 26.63 19.81 9.31
C THR A 375 28.05 19.49 9.71
N PHE A 376 28.69 20.34 10.51
CA PHE A 376 30.03 20.10 11.01
C PHE A 376 30.13 20.66 12.42
N ILE B 7 -15.93 -31.04 0.57
CA ILE B 7 -15.80 -32.48 0.50
C ILE B 7 -14.38 -32.94 0.14
N ALA B 8 -13.74 -33.59 1.11
CA ALA B 8 -12.38 -34.11 1.00
C ALA B 8 -12.09 -34.98 2.20
N ASN B 9 -11.37 -36.06 1.96
CA ASN B 9 -10.95 -36.96 3.03
C ASN B 9 -9.85 -37.81 2.40
N GLN B 10 -8.61 -37.67 2.88
CA GLN B 10 -7.45 -38.42 2.40
C GLN B 10 -7.26 -38.34 0.90
N PRO B 11 -6.63 -37.28 0.38
CA PRO B 11 -6.42 -37.13 -1.06
C PRO B 11 -5.78 -38.33 -1.75
N VAL B 12 -6.16 -38.52 -3.00
CA VAL B 12 -5.68 -39.66 -3.78
C VAL B 12 -4.49 -39.24 -4.61
N VAL B 13 -3.34 -39.79 -4.28
CA VAL B 13 -2.10 -39.52 -4.97
C VAL B 13 -2.01 -40.49 -6.13
N ILE B 14 -1.70 -39.98 -7.31
CA ILE B 14 -1.58 -40.83 -8.49
C ILE B 14 -0.26 -40.52 -9.18
N ASP B 15 0.56 -41.54 -9.36
CA ASP B 15 1.84 -41.36 -10.03
C ASP B 15 1.60 -41.82 -11.45
N ASN B 16 1.14 -40.90 -12.28
CA ASN B 16 0.83 -41.21 -13.67
C ASN B 16 2.11 -41.41 -14.45
N GLY B 17 2.70 -42.59 -14.31
CA GLY B 17 3.93 -42.93 -15.00
C GLY B 17 3.63 -43.81 -16.19
N SER B 18 4.33 -43.55 -17.29
CA SER B 18 4.16 -44.30 -18.53
C SER B 18 4.56 -45.77 -18.45
N GLY B 19 5.15 -46.22 -17.35
CA GLY B 19 5.52 -47.60 -17.29
C GLY B 19 4.72 -48.39 -16.29
N VAL B 20 4.39 -47.74 -15.20
CA VAL B 20 3.60 -48.35 -14.15
C VAL B 20 2.95 -47.23 -13.38
N ILE B 21 1.68 -47.37 -13.09
CA ILE B 21 0.94 -46.36 -12.38
C ILE B 21 0.85 -46.77 -10.93
N LYS B 22 1.27 -45.86 -10.06
CA LYS B 22 1.34 -46.08 -8.62
C LYS B 22 0.36 -45.14 -7.96
N ALA B 23 -0.58 -45.69 -7.20
CA ALA B 23 -1.56 -44.83 -6.57
C ALA B 23 -2.00 -45.37 -5.23
N GLY B 24 -2.51 -44.45 -4.41
CA GLY B 24 -2.98 -44.75 -3.07
C GLY B 24 -3.47 -43.46 -2.46
N PHE B 25 -3.84 -43.53 -1.19
CA PHE B 25 -4.33 -42.34 -0.54
C PHE B 25 -3.19 -41.53 0.03
N ALA B 26 -3.50 -40.33 0.50
CA ALA B 26 -2.49 -39.48 1.10
C ALA B 26 -2.19 -39.99 2.48
N GLY B 27 -0.98 -39.75 2.93
CA GLY B 27 -0.59 -40.18 4.24
C GLY B 27 -0.11 -41.60 4.29
N ASP B 28 -0.38 -42.38 3.26
CA ASP B 28 0.07 -43.76 3.22
C ASP B 28 1.57 -43.76 3.00
N GLN B 29 2.30 -44.49 3.84
CA GLN B 29 3.75 -44.51 3.71
C GLN B 29 4.20 -45.27 2.48
N ILE B 30 3.36 -46.15 1.96
CA ILE B 30 3.70 -46.99 0.81
C ILE B 30 2.55 -47.01 -0.18
N PRO B 31 2.80 -46.99 -1.49
CA PRO B 31 1.68 -47.02 -2.43
C PRO B 31 1.08 -48.41 -2.39
N LYS B 32 -0.22 -48.47 -2.18
CA LYS B 32 -0.84 -49.77 -2.05
C LYS B 32 -1.07 -50.47 -3.36
N TYR B 33 -1.26 -49.74 -4.45
CA TYR B 33 -1.56 -50.34 -5.72
C TYR B 33 -0.59 -49.87 -6.77
N CYS B 34 0.22 -50.79 -7.28
CA CYS B 34 1.20 -50.48 -8.31
C CYS B 34 1.01 -51.48 -9.43
N PHE B 35 0.10 -51.21 -10.29
CA PHE B 35 -0.16 -52.10 -11.40
C PHE B 35 0.37 -51.48 -12.67
N PRO B 36 0.77 -52.26 -13.66
CA PRO B 36 1.33 -51.68 -14.88
C PRO B 36 0.32 -50.89 -15.67
N ASN B 37 0.84 -49.96 -16.45
CA ASN B 37 0.07 -49.01 -17.23
C ASN B 37 -0.15 -49.48 -18.67
N TYR B 38 -1.10 -50.39 -18.84
CA TYR B 38 -1.46 -50.87 -20.17
C TYR B 38 -2.89 -51.41 -20.16
N VAL B 39 -3.53 -51.42 -21.32
CA VAL B 39 -4.88 -51.93 -21.47
C VAL B 39 -4.80 -53.23 -22.24
N GLY B 40 -5.21 -54.31 -21.61
CA GLY B 40 -5.18 -55.61 -22.21
C GLY B 40 -6.52 -56.02 -22.79
N ARG B 41 -6.55 -56.22 -24.08
CA ARG B 41 -7.70 -56.66 -24.81
C ARG B 41 -7.44 -58.05 -25.33
N PRO B 42 -8.46 -58.90 -25.44
CA PRO B 42 -8.22 -60.25 -25.90
C PRO B 42 -7.96 -60.33 -27.39
N LYS B 43 -7.31 -61.42 -27.76
CA LYS B 43 -6.94 -61.72 -29.14
C LYS B 43 -7.68 -62.90 -29.71
N HIS B 44 -8.06 -63.84 -28.87
CA HIS B 44 -8.72 -65.06 -29.29
C HIS B 44 -10.19 -65.01 -28.91
N VAL B 45 -11.02 -65.43 -29.86
CA VAL B 45 -12.47 -65.41 -29.68
C VAL B 45 -12.95 -66.26 -28.53
N ARG B 46 -14.03 -65.83 -27.89
CA ARG B 46 -14.58 -66.61 -26.80
C ARG B 46 -15.61 -67.54 -27.41
N VAL B 47 -15.52 -68.80 -27.05
CA VAL B 47 -16.42 -69.78 -27.59
C VAL B 47 -17.17 -70.38 -26.44
N MET B 48 -16.40 -70.91 -25.51
CA MET B 48 -16.95 -71.54 -24.34
C MET B 48 -17.61 -70.54 -23.41
N ALA B 49 -18.85 -70.81 -23.02
CA ALA B 49 -19.54 -69.93 -22.09
C ALA B 49 -18.91 -70.07 -20.71
N GLY B 50 -19.03 -69.02 -19.91
CA GLY B 50 -18.43 -69.08 -18.60
C GLY B 50 -16.96 -68.78 -18.63
N ALA B 51 -16.51 -68.13 -19.69
CA ALA B 51 -15.12 -67.77 -19.89
C ALA B 51 -14.82 -66.51 -19.11
N LEU B 52 -13.69 -65.86 -19.40
CA LEU B 52 -13.41 -64.62 -18.71
C LEU B 52 -14.37 -63.56 -19.18
N GLU B 53 -14.69 -62.65 -18.28
CA GLU B 53 -15.65 -61.62 -18.56
C GLU B 53 -14.96 -60.32 -18.94
N GLY B 54 -15.69 -59.48 -19.63
CA GLY B 54 -15.19 -58.18 -20.05
C GLY B 54 -14.19 -58.20 -21.19
N ASP B 55 -14.01 -57.04 -21.82
CA ASP B 55 -13.10 -56.88 -22.93
C ASP B 55 -11.91 -56.02 -22.59
N ILE B 56 -11.75 -55.63 -21.33
CA ILE B 56 -10.65 -54.79 -20.91
C ILE B 56 -10.06 -55.38 -19.65
N PHE B 57 -8.78 -55.70 -19.70
CA PHE B 57 -8.08 -56.27 -18.58
C PHE B 57 -7.00 -55.31 -18.13
N ILE B 58 -7.01 -54.95 -16.86
CA ILE B 58 -6.06 -53.98 -16.30
C ILE B 58 -5.40 -54.54 -15.06
N GLY B 59 -4.10 -54.34 -14.95
CA GLY B 59 -3.33 -54.73 -13.80
C GLY B 59 -3.15 -56.19 -13.50
N PRO B 60 -3.59 -56.61 -12.32
CA PRO B 60 -3.43 -58.01 -11.88
C PRO B 60 -4.08 -59.02 -12.78
N LYS B 61 -5.21 -58.68 -13.39
CA LYS B 61 -5.79 -59.66 -14.28
C LYS B 61 -5.03 -59.65 -15.59
N ALA B 62 -4.62 -58.49 -16.05
CA ALA B 62 -3.83 -58.46 -17.28
C ALA B 62 -2.37 -58.68 -17.00
N GLU B 63 -2.06 -59.61 -16.14
CA GLU B 63 -0.69 -59.96 -15.82
C GLU B 63 -0.56 -61.44 -15.61
N GLU B 64 -1.67 -62.10 -15.42
CA GLU B 64 -1.80 -63.53 -15.21
C GLU B 64 -2.28 -64.21 -16.48
N HIS B 65 -3.13 -63.52 -17.22
CA HIS B 65 -3.67 -63.97 -18.47
C HIS B 65 -3.01 -63.18 -19.59
N ARG B 66 -1.72 -62.90 -19.40
CA ARG B 66 -0.95 -62.10 -20.36
C ARG B 66 -0.96 -62.69 -21.75
N GLY B 67 -0.79 -64.00 -21.87
CA GLY B 67 -0.75 -64.64 -23.17
C GLY B 67 -2.01 -64.47 -23.97
N LEU B 68 -3.13 -64.38 -23.31
CA LEU B 68 -4.38 -64.21 -24.02
C LEU B 68 -4.53 -62.80 -24.54
N LEU B 69 -3.77 -61.87 -24.02
CA LEU B 69 -3.96 -60.47 -24.35
C LEU B 69 -3.00 -59.88 -25.37
N SER B 70 -3.40 -58.71 -25.83
CA SER B 70 -2.66 -57.84 -26.72
C SER B 70 -2.56 -56.57 -25.92
N ILE B 71 -1.37 -56.07 -25.73
CA ILE B 71 -1.14 -54.94 -24.87
C ILE B 71 -0.96 -53.66 -25.65
N ARG B 72 -1.70 -52.63 -25.25
CA ARG B 72 -1.65 -51.32 -25.84
C ARG B 72 -1.27 -50.32 -24.75
N TYR B 73 -0.07 -49.77 -24.83
CA TYR B 73 0.30 -48.80 -23.83
C TYR B 73 -0.40 -47.48 -24.13
N PRO B 74 -1.06 -46.90 -23.19
CA PRO B 74 -1.78 -45.66 -23.45
C PRO B 74 -0.88 -44.47 -23.54
N MET B 75 0.02 -44.42 -22.58
CA MET B 75 0.94 -43.32 -22.44
C MET B 75 2.29 -43.73 -22.99
N GLU B 76 2.88 -42.88 -23.80
CA GLU B 76 4.20 -43.16 -24.34
C GLU B 76 4.99 -41.88 -24.28
N HIS B 77 6.18 -41.95 -23.67
CA HIS B 77 7.09 -40.82 -23.47
C HIS B 77 6.39 -39.71 -22.71
N GLY B 78 5.68 -40.07 -21.67
CA GLY B 78 4.97 -39.13 -20.83
C GLY B 78 3.90 -38.34 -21.53
N ILE B 79 3.40 -38.83 -22.66
CA ILE B 79 2.36 -38.15 -23.42
C ILE B 79 1.28 -39.15 -23.73
N VAL B 80 0.06 -38.83 -23.35
CA VAL B 80 -1.06 -39.72 -23.55
C VAL B 80 -1.45 -39.79 -25.02
N LYS B 81 -1.65 -40.99 -25.53
CA LYS B 81 -2.08 -41.20 -26.90
C LYS B 81 -3.58 -41.47 -26.97
N ASP B 82 -4.05 -42.53 -26.31
CA ASP B 82 -5.47 -42.84 -26.28
C ASP B 82 -6.01 -42.36 -24.97
N TRP B 83 -6.89 -41.37 -25.01
CA TRP B 83 -7.43 -40.89 -23.76
C TRP B 83 -8.39 -41.89 -23.16
N ASN B 84 -9.03 -42.68 -24.01
CA ASN B 84 -9.96 -43.71 -23.58
C ASN B 84 -9.30 -44.69 -22.65
N ASP B 85 -8.09 -45.11 -23.01
CA ASP B 85 -7.36 -46.06 -22.20
C ASP B 85 -6.95 -45.47 -20.87
N MET B 86 -6.53 -44.20 -20.84
CA MET B 86 -6.15 -43.61 -19.58
C MET B 86 -7.35 -43.43 -18.68
N GLU B 87 -8.49 -43.13 -19.29
CA GLU B 87 -9.72 -43.00 -18.53
C GLU B 87 -10.08 -44.32 -17.90
N ARG B 88 -9.94 -45.39 -18.66
CA ARG B 88 -10.24 -46.71 -18.15
C ARG B 88 -9.29 -47.12 -17.04
N ILE B 89 -8.03 -46.71 -17.15
CA ILE B 89 -7.08 -47.05 -16.10
C ILE B 89 -7.40 -46.29 -14.84
N TRP B 90 -7.79 -45.04 -14.98
CA TRP B 90 -8.13 -44.25 -13.82
C TRP B 90 -9.42 -44.78 -13.19
N GLN B 91 -10.33 -45.26 -14.03
CA GLN B 91 -11.55 -45.86 -13.52
C GLN B 91 -11.22 -47.15 -12.80
N TYR B 92 -10.18 -47.82 -13.26
CA TYR B 92 -9.75 -49.03 -12.59
C TYR B 92 -9.20 -48.70 -11.24
N VAL B 93 -8.54 -47.55 -11.14
CA VAL B 93 -7.98 -47.11 -9.86
C VAL B 93 -9.09 -46.86 -8.88
N TYR B 94 -10.16 -46.21 -9.33
CA TYR B 94 -11.26 -46.01 -8.39
C TYR B 94 -12.20 -47.20 -8.31
N SER B 95 -11.90 -48.30 -8.96
CA SER B 95 -12.84 -49.42 -8.93
C SER B 95 -12.83 -50.13 -7.58
N LYS B 96 -13.68 -51.16 -7.50
CA LYS B 96 -13.83 -51.92 -6.27
C LYS B 96 -12.58 -52.69 -5.92
N ASP B 97 -11.95 -53.30 -6.91
CA ASP B 97 -10.75 -54.08 -6.65
C ASP B 97 -9.55 -53.23 -6.28
N GLN B 98 -9.62 -51.91 -6.47
CA GLN B 98 -8.48 -51.08 -6.13
C GLN B 98 -8.77 -50.10 -5.00
N LEU B 99 -9.73 -49.21 -5.12
CA LEU B 99 -9.92 -48.28 -4.03
C LEU B 99 -11.30 -48.20 -3.42
N GLN B 100 -12.35 -48.61 -4.12
CA GLN B 100 -13.74 -48.55 -3.65
C GLN B 100 -14.17 -47.14 -3.32
N THR B 101 -13.58 -46.13 -3.93
CA THR B 101 -13.97 -44.78 -3.61
C THR B 101 -14.72 -44.18 -4.77
N PHE B 102 -15.20 -42.98 -4.54
CA PHE B 102 -15.91 -42.26 -5.57
C PHE B 102 -14.96 -41.20 -6.07
N SER B 103 -15.20 -40.75 -7.28
CA SER B 103 -14.34 -39.73 -7.86
C SER B 103 -14.81 -38.35 -7.52
N GLU B 104 -15.49 -38.18 -6.40
CA GLU B 104 -15.99 -36.91 -5.97
C GLU B 104 -15.69 -36.63 -4.52
N GLU B 105 -15.12 -37.58 -3.80
CA GLU B 105 -14.88 -37.39 -2.40
C GLU B 105 -13.43 -37.22 -2.02
N HIS B 106 -12.51 -37.19 -2.97
CA HIS B 106 -11.14 -37.07 -2.53
C HIS B 106 -10.37 -36.15 -3.47
N PRO B 107 -9.42 -35.39 -2.93
CA PRO B 107 -8.60 -34.54 -3.79
C PRO B 107 -7.64 -35.44 -4.53
N VAL B 108 -7.19 -35.00 -5.71
CA VAL B 108 -6.32 -35.85 -6.52
C VAL B 108 -5.02 -35.16 -6.87
N LEU B 109 -3.92 -35.80 -6.51
CA LEU B 109 -2.59 -35.34 -6.85
C LEU B 109 -2.11 -36.26 -7.93
N LEU B 110 -2.01 -35.75 -9.13
CA LEU B 110 -1.54 -36.54 -10.26
C LEU B 110 -0.25 -35.92 -10.76
N THR B 111 0.80 -36.70 -10.75
CA THR B 111 2.11 -36.25 -11.17
C THR B 111 2.20 -36.18 -12.68
N GLU B 112 3.25 -35.53 -13.14
CA GLU B 112 3.49 -35.36 -14.56
C GLU B 112 4.97 -35.12 -14.76
N ALA B 113 5.49 -35.55 -15.89
CA ALA B 113 6.89 -35.30 -16.20
C ALA B 113 7.03 -33.82 -16.54
N PRO B 114 8.23 -33.25 -16.41
CA PRO B 114 8.37 -31.84 -16.76
C PRO B 114 8.43 -31.69 -18.26
N LEU B 115 8.22 -30.47 -18.71
CA LEU B 115 8.23 -30.10 -20.12
C LEU B 115 7.22 -30.86 -20.97
N ASN B 116 6.11 -31.25 -20.39
CA ASN B 116 5.14 -31.91 -21.22
C ASN B 116 4.33 -30.84 -21.91
N PRO B 117 3.69 -31.14 -23.02
CA PRO B 117 2.88 -30.13 -23.70
C PRO B 117 1.71 -29.70 -22.85
N ARG B 118 1.21 -28.51 -23.16
CA ARG B 118 0.09 -27.96 -22.41
C ARG B 118 -1.17 -28.80 -22.53
N LYS B 119 -1.36 -29.42 -23.69
CA LYS B 119 -2.54 -30.23 -23.93
C LYS B 119 -2.68 -31.40 -22.98
N ASN B 120 -1.56 -31.94 -22.49
CA ASN B 120 -1.67 -33.02 -21.53
C ASN B 120 -2.25 -32.52 -20.24
N ARG B 121 -1.84 -31.35 -19.82
CA ARG B 121 -2.36 -30.78 -18.60
C ARG B 121 -3.83 -30.45 -18.76
N GLU B 122 -4.17 -29.86 -19.91
CA GLU B 122 -5.56 -29.48 -20.20
C GLU B 122 -6.47 -30.69 -20.22
N ARG B 123 -6.15 -31.68 -21.06
CA ARG B 123 -6.99 -32.85 -21.17
C ARG B 123 -6.98 -33.69 -19.92
N ALA B 124 -5.88 -33.70 -19.16
CA ALA B 124 -5.86 -34.47 -17.92
C ALA B 124 -6.82 -33.86 -16.94
N ALA B 125 -6.86 -32.54 -16.88
CA ALA B 125 -7.80 -31.92 -15.97
C ALA B 125 -9.21 -32.03 -16.50
N GLU B 126 -9.37 -32.07 -17.82
CA GLU B 126 -10.72 -32.21 -18.37
C GLU B 126 -11.27 -33.56 -18.00
N VAL B 127 -10.43 -34.58 -18.00
CA VAL B 127 -10.90 -35.90 -17.61
C VAL B 127 -11.23 -35.90 -16.14
N PHE B 128 -10.32 -35.37 -15.32
CA PHE B 128 -10.58 -35.36 -13.88
C PHE B 128 -11.61 -34.36 -13.43
N PHE B 129 -12.12 -33.51 -14.30
CA PHE B 129 -13.15 -32.57 -13.89
C PHE B 129 -14.44 -32.76 -14.64
N GLU B 130 -14.45 -33.59 -15.68
CA GLU B 130 -15.65 -33.87 -16.44
C GLU B 130 -16.07 -35.32 -16.26
N THR B 131 -15.20 -36.27 -16.56
CA THR B 131 -15.61 -37.66 -16.37
C THR B 131 -15.63 -37.99 -14.91
N PHE B 132 -14.63 -37.54 -14.19
CA PHE B 132 -14.58 -37.69 -12.76
C PHE B 132 -14.94 -36.32 -12.23
N ASN B 133 -15.76 -36.26 -11.20
CA ASN B 133 -16.10 -34.95 -10.64
C ASN B 133 -15.27 -34.73 -9.40
N VAL B 134 -13.96 -34.72 -9.61
CA VAL B 134 -12.98 -34.59 -8.53
C VAL B 134 -13.09 -33.23 -7.87
N PRO B 135 -13.13 -33.16 -6.54
CA PRO B 135 -13.23 -31.87 -5.88
C PRO B 135 -11.97 -31.04 -6.02
N ALA B 136 -10.81 -31.67 -6.01
CA ALA B 136 -9.57 -30.92 -6.08
C ALA B 136 -8.50 -31.66 -6.86
N LEU B 137 -7.86 -30.95 -7.77
CA LEU B 137 -6.81 -31.50 -8.61
C LEU B 137 -5.57 -30.64 -8.57
N PHE B 138 -4.42 -31.28 -8.40
CA PHE B 138 -3.17 -30.56 -8.41
C PHE B 138 -2.16 -31.36 -9.21
N ILE B 139 -1.54 -30.72 -10.16
CA ILE B 139 -0.55 -31.35 -11.00
C ILE B 139 0.80 -30.90 -10.52
N SER B 140 1.74 -31.83 -10.41
CA SER B 140 3.05 -31.51 -9.89
C SER B 140 4.18 -31.88 -10.83
N MET B 141 5.39 -31.85 -10.31
CA MET B 141 6.59 -32.23 -11.02
C MET B 141 7.06 -33.54 -10.44
N GLN B 142 7.70 -34.37 -11.25
CA GLN B 142 8.17 -35.64 -10.74
C GLN B 142 9.60 -35.55 -10.24
N ALA B 143 9.99 -34.38 -9.76
CA ALA B 143 11.32 -34.15 -9.22
C ALA B 143 11.25 -33.70 -7.78
N VAL B 144 10.40 -32.72 -7.50
CA VAL B 144 10.21 -32.18 -6.17
C VAL B 144 9.80 -33.27 -5.20
N LEU B 145 8.95 -34.16 -5.68
CA LEU B 145 8.42 -35.23 -4.86
C LEU B 145 9.50 -36.19 -4.41
N SER B 146 10.52 -36.40 -5.23
CA SER B 146 11.57 -37.29 -4.77
C SER B 146 12.38 -36.65 -3.68
N LEU B 147 12.54 -35.34 -3.76
CA LEU B 147 13.26 -34.62 -2.72
C LEU B 147 12.50 -34.67 -1.43
N TYR B 148 11.17 -34.57 -1.50
CA TYR B 148 10.33 -34.70 -0.34
C TYR B 148 10.51 -36.05 0.30
N ALA B 149 10.35 -37.09 -0.49
CA ALA B 149 10.49 -38.44 0.02
C ALA B 149 11.91 -38.84 0.32
N THR B 150 12.90 -37.96 0.16
CA THR B 150 14.26 -38.31 0.51
C THR B 150 14.82 -37.39 1.57
N GLY B 151 14.03 -36.45 2.07
CA GLY B 151 14.44 -35.54 3.10
C GLY B 151 15.09 -34.26 2.66
N ARG B 152 15.91 -34.35 1.62
CA ARG B 152 16.65 -33.21 1.09
C ARG B 152 15.73 -32.14 0.54
N THR B 153 16.29 -30.95 0.38
CA THR B 153 15.59 -29.83 -0.22
C THR B 153 16.43 -29.22 -1.31
N THR B 154 17.71 -29.59 -1.40
CA THR B 154 18.60 -29.09 -2.42
C THR B 154 19.13 -30.30 -3.16
N GLY B 155 19.02 -30.32 -4.47
CA GLY B 155 19.54 -31.48 -5.16
C GLY B 155 19.20 -31.49 -6.63
N VAL B 156 19.74 -32.48 -7.31
CA VAL B 156 19.53 -32.70 -8.72
C VAL B 156 18.77 -33.99 -8.84
N VAL B 157 17.52 -33.91 -9.23
CA VAL B 157 16.72 -35.10 -9.37
C VAL B 157 16.93 -35.64 -10.76
N LEU B 158 17.52 -36.82 -10.83
CA LEU B 158 17.81 -37.49 -12.08
C LEU B 158 16.94 -38.73 -12.04
N ASP B 159 15.78 -38.64 -12.64
CA ASP B 159 14.91 -39.79 -12.68
C ASP B 159 14.92 -40.37 -14.07
N SER B 160 14.63 -41.64 -14.16
CA SER B 160 14.58 -42.31 -15.44
C SER B 160 13.43 -43.28 -15.31
N GLY B 161 12.27 -42.83 -15.70
CA GLY B 161 11.08 -43.65 -15.65
C GLY B 161 11.13 -44.63 -16.80
N ASP B 162 9.97 -45.19 -17.12
CA ASP B 162 10.06 -46.10 -18.22
C ASP B 162 10.02 -45.37 -19.54
N GLY B 163 9.52 -44.14 -19.55
CA GLY B 163 9.47 -43.41 -20.79
C GLY B 163 10.26 -42.13 -20.96
N VAL B 164 10.46 -41.31 -19.91
CA VAL B 164 11.16 -40.05 -20.06
C VAL B 164 12.10 -39.80 -18.90
N THR B 165 13.36 -39.52 -19.20
CA THR B 165 14.33 -39.19 -18.18
C THR B 165 14.62 -37.72 -18.29
N HIS B 166 14.95 -37.11 -17.16
CA HIS B 166 15.23 -35.70 -17.14
C HIS B 166 16.06 -35.40 -15.91
N ALA B 167 16.47 -34.15 -15.79
CA ALA B 167 17.26 -33.72 -14.67
C ALA B 167 16.76 -32.36 -14.24
N VAL B 168 16.41 -32.24 -12.97
CA VAL B 168 15.91 -30.97 -12.46
C VAL B 168 16.75 -30.54 -11.28
N PRO B 169 17.44 -29.45 -11.37
CA PRO B 169 18.26 -29.01 -10.27
C PRO B 169 17.43 -28.16 -9.33
N ILE B 170 17.21 -28.60 -8.11
CA ILE B 170 16.44 -27.81 -7.16
C ILE B 170 17.36 -27.43 -6.03
N TYR B 171 17.41 -26.15 -5.70
CA TYR B 171 18.29 -25.68 -4.64
C TYR B 171 17.50 -24.91 -3.63
N GLU B 172 17.51 -25.42 -2.40
CA GLU B 172 16.83 -24.85 -1.25
C GLU B 172 15.37 -24.61 -1.54
N GLY B 173 14.75 -25.57 -2.17
CA GLY B 173 13.36 -25.45 -2.49
C GLY B 173 13.06 -24.62 -3.71
N PHE B 174 14.07 -24.08 -4.37
CA PHE B 174 13.83 -23.29 -5.56
C PHE B 174 14.29 -24.09 -6.76
N ALA B 175 13.41 -24.24 -7.72
CA ALA B 175 13.72 -24.97 -8.93
C ALA B 175 14.18 -23.94 -9.94
N MET B 176 15.17 -24.31 -10.73
CA MET B 176 15.74 -23.44 -11.75
C MET B 176 15.25 -24.01 -13.06
N PRO B 177 14.06 -23.63 -13.52
CA PRO B 177 13.46 -24.23 -14.71
C PRO B 177 14.24 -24.13 -15.98
N HIS B 178 15.09 -23.14 -16.15
CA HIS B 178 15.81 -23.11 -17.40
C HIS B 178 16.92 -24.12 -17.46
N SER B 179 17.31 -24.72 -16.34
CA SER B 179 18.34 -25.72 -16.37
C SER B 179 17.77 -27.11 -16.49
N ILE B 180 16.49 -27.25 -16.81
CA ILE B 180 15.92 -28.58 -16.93
C ILE B 180 16.28 -29.15 -18.28
N MET B 181 16.92 -30.30 -18.28
CA MET B 181 17.28 -31.02 -19.48
C MET B 181 16.36 -32.22 -19.54
N ARG B 182 15.93 -32.62 -20.73
CA ARG B 182 15.01 -33.73 -20.81
C ARG B 182 15.12 -34.45 -22.13
N ILE B 183 15.42 -35.73 -22.07
CA ILE B 183 15.50 -36.54 -23.27
C ILE B 183 14.43 -37.59 -23.17
N ASP B 184 13.89 -38.00 -24.30
CA ASP B 184 12.81 -38.99 -24.29
C ASP B 184 13.35 -40.36 -24.65
N ILE B 185 14.28 -40.87 -23.84
CA ILE B 185 14.90 -42.16 -24.07
C ILE B 185 15.04 -42.83 -22.71
N ALA B 186 14.24 -43.86 -22.47
CA ALA B 186 14.28 -44.50 -21.17
C ALA B 186 13.95 -45.98 -21.33
N GLY B 187 13.49 -46.60 -20.25
CA GLY B 187 13.15 -48.01 -20.12
C GLY B 187 12.46 -48.67 -21.29
N ARG B 188 11.55 -47.95 -21.96
CA ARG B 188 10.90 -48.50 -23.13
C ARG B 188 11.91 -48.74 -24.22
N ASP B 189 12.74 -47.74 -24.48
CA ASP B 189 13.74 -47.86 -25.51
C ASP B 189 14.77 -48.90 -25.16
N VAL B 190 15.04 -49.08 -23.87
CA VAL B 190 15.99 -50.09 -23.49
C VAL B 190 15.41 -51.46 -23.74
N SER B 191 14.13 -51.65 -23.44
CA SER B 191 13.50 -52.93 -23.68
C SER B 191 13.40 -53.21 -25.17
N ARG B 192 13.02 -52.20 -25.93
CA ARG B 192 12.88 -52.34 -27.37
C ARG B 192 14.21 -52.63 -28.02
N PHE B 193 15.25 -51.98 -27.54
CA PHE B 193 16.56 -52.21 -28.09
C PHE B 193 17.07 -53.55 -27.65
N LEU B 194 16.61 -54.04 -26.51
CA LEU B 194 17.00 -55.36 -26.08
C LEU B 194 16.35 -56.36 -27.00
N ARG B 195 15.14 -56.05 -27.46
CA ARG B 195 14.43 -56.91 -28.38
C ARG B 195 15.19 -57.02 -29.68
N LEU B 196 15.72 -55.90 -30.17
CA LEU B 196 16.52 -55.94 -31.37
C LEU B 196 17.80 -56.71 -31.16
N TYR B 197 18.34 -56.68 -29.95
CA TYR B 197 19.54 -57.48 -29.74
C TYR B 197 19.22 -58.96 -29.70
N LEU B 198 18.04 -59.30 -29.23
CA LEU B 198 17.69 -60.72 -29.23
C LEU B 198 17.46 -61.18 -30.65
N ARG B 199 16.96 -60.30 -31.50
CA ARG B 199 16.78 -60.68 -32.89
C ARG B 199 18.12 -60.84 -33.55
N LYS B 200 19.10 -60.07 -33.12
CA LYS B 200 20.42 -60.31 -33.69
C LYS B 200 21.05 -61.53 -33.07
N GLU B 201 20.53 -61.99 -31.95
CA GLU B 201 21.03 -63.20 -31.33
C GLU B 201 20.11 -64.37 -31.65
N GLY B 202 19.19 -64.17 -32.58
CA GLY B 202 18.31 -65.21 -33.06
C GLY B 202 17.03 -65.46 -32.32
N TYR B 203 16.62 -64.60 -31.42
CA TYR B 203 15.40 -64.83 -30.68
C TYR B 203 14.44 -63.70 -31.00
N ASP B 204 13.40 -63.97 -31.77
CA ASP B 204 12.51 -62.87 -32.08
C ASP B 204 11.37 -62.78 -31.10
N PHE B 205 10.79 -61.60 -31.04
CA PHE B 205 9.65 -61.30 -30.21
C PHE B 205 8.94 -60.21 -30.96
N HIS B 206 7.68 -60.41 -31.26
CA HIS B 206 6.97 -59.40 -32.01
C HIS B 206 5.63 -59.09 -31.40
N SER B 207 5.07 -60.05 -30.68
CA SER B 207 3.77 -59.82 -30.07
C SER B 207 3.86 -58.82 -28.94
N SER B 208 2.73 -58.21 -28.61
CA SER B 208 2.80 -57.27 -27.52
C SER B 208 2.85 -58.00 -26.20
N SER B 209 2.26 -59.18 -26.13
CA SER B 209 2.28 -59.91 -24.88
C SER B 209 3.66 -60.45 -24.59
N GLU B 210 4.44 -60.73 -25.61
CA GLU B 210 5.79 -61.21 -25.37
C GLU B 210 6.77 -60.07 -25.16
N PHE B 211 6.31 -58.83 -25.32
CA PHE B 211 7.18 -57.69 -25.08
C PHE B 211 7.48 -57.57 -23.60
N GLU B 212 6.54 -57.97 -22.75
CA GLU B 212 6.82 -57.92 -21.34
C GLU B 212 7.79 -58.99 -20.95
N ILE B 213 7.96 -60.02 -21.77
CA ILE B 213 8.97 -61.01 -21.44
C ILE B 213 10.33 -60.39 -21.72
N VAL B 214 10.39 -59.47 -22.67
CA VAL B 214 11.63 -58.75 -22.92
C VAL B 214 11.93 -57.86 -21.73
N LYS B 215 10.89 -57.23 -21.18
CA LYS B 215 11.06 -56.43 -19.98
C LYS B 215 11.54 -57.29 -18.83
N ALA B 216 11.01 -58.49 -18.73
CA ALA B 216 11.40 -59.41 -17.69
C ALA B 216 12.85 -59.78 -17.81
N ILE B 217 13.33 -59.94 -19.04
CA ILE B 217 14.73 -60.25 -19.26
C ILE B 217 15.59 -59.09 -18.79
N LYS B 218 15.17 -57.89 -19.17
CA LYS B 218 15.89 -56.67 -18.81
C LYS B 218 16.03 -56.51 -17.32
N GLU B 219 14.93 -56.64 -16.60
CA GLU B 219 14.97 -56.48 -15.16
C GLU B 219 15.69 -57.63 -14.47
N ARG B 220 15.64 -58.83 -15.02
CA ARG B 220 16.31 -59.93 -14.33
C ARG B 220 17.69 -60.25 -14.84
N ALA B 221 18.13 -59.72 -15.97
CA ALA B 221 19.45 -60.11 -16.41
C ALA B 221 20.34 -59.01 -16.95
N CYS B 222 19.90 -57.78 -17.02
CA CYS B 222 20.73 -56.73 -17.57
C CYS B 222 21.47 -55.93 -16.52
N TYR B 223 22.75 -55.67 -16.81
CA TYR B 223 23.63 -54.92 -15.96
C TYR B 223 24.34 -53.89 -16.82
N LEU B 224 25.21 -53.09 -16.20
CA LEU B 224 25.96 -52.07 -16.90
C LEU B 224 27.43 -52.23 -16.58
N SER B 225 28.24 -52.38 -17.61
CA SER B 225 29.66 -52.54 -17.39
C SER B 225 30.25 -51.21 -17.05
N ILE B 226 31.31 -51.22 -16.23
CA ILE B 226 31.95 -49.96 -15.84
C ILE B 226 32.68 -49.36 -17.02
N ASN B 227 33.06 -50.18 -17.99
CA ASN B 227 33.73 -49.67 -19.16
C ASN B 227 33.02 -50.20 -20.39
N PRO B 228 32.91 -49.39 -21.44
CA PRO B 228 32.21 -49.85 -22.63
C PRO B 228 33.02 -50.77 -23.52
N GLN B 229 34.33 -50.83 -23.37
CA GLN B 229 35.14 -51.68 -24.21
C GLN B 229 35.86 -52.80 -23.46
N LYS B 230 35.85 -52.80 -22.13
CA LYS B 230 36.52 -53.89 -21.43
C LYS B 230 35.71 -55.18 -21.47
N ASP B 231 34.46 -55.12 -21.90
CA ASP B 231 33.60 -56.28 -22.04
C ASP B 231 33.12 -56.45 -23.47
N GLU B 232 33.28 -55.41 -24.29
CA GLU B 232 32.86 -55.42 -25.68
C GLU B 232 33.59 -56.48 -26.50
N THR B 233 34.91 -56.32 -26.64
CA THR B 233 35.70 -57.26 -27.41
C THR B 233 36.06 -58.51 -26.63
N LEU B 234 35.73 -58.57 -25.34
CA LEU B 234 36.04 -59.77 -24.57
C LEU B 234 35.19 -60.94 -25.04
N GLU B 235 33.95 -60.67 -25.46
CA GLU B 235 32.97 -61.64 -25.94
C GLU B 235 32.77 -62.72 -24.87
N THR B 236 32.22 -62.26 -23.75
CA THR B 236 32.00 -63.03 -22.54
C THR B 236 31.10 -64.23 -22.70
N GLU B 237 30.90 -64.93 -21.57
CA GLU B 237 30.06 -66.10 -21.46
C GLU B 237 28.61 -65.79 -21.83
N LYS B 238 27.86 -66.85 -22.03
CA LYS B 238 26.46 -66.72 -22.39
C LYS B 238 25.65 -67.28 -21.24
N ALA B 239 25.24 -66.41 -20.33
CA ALA B 239 24.45 -66.84 -19.20
C ALA B 239 23.06 -67.19 -19.66
N GLN B 240 22.57 -68.35 -19.27
CA GLN B 240 21.24 -68.74 -19.67
C GLN B 240 20.20 -68.02 -18.84
N TYR B 241 18.99 -68.03 -19.36
CA TYR B 241 17.87 -67.40 -18.67
C TYR B 241 16.61 -68.11 -19.11
N TYR B 242 15.81 -68.55 -18.16
CA TYR B 242 14.61 -69.30 -18.51
C TYR B 242 13.43 -68.40 -18.84
N LEU B 243 12.63 -68.87 -19.76
CA LEU B 243 11.44 -68.21 -20.24
C LEU B 243 10.25 -68.69 -19.43
N PRO B 244 9.08 -68.05 -19.54
CA PRO B 244 7.93 -68.51 -18.77
C PRO B 244 7.41 -69.87 -19.17
N ASP B 245 7.79 -70.40 -20.33
CA ASP B 245 7.27 -71.71 -20.67
C ASP B 245 8.18 -72.84 -20.20
N GLY B 246 9.49 -72.64 -20.28
CA GLY B 246 10.43 -73.67 -19.92
C GLY B 246 11.50 -73.75 -20.97
N SER B 247 11.56 -72.75 -21.84
CA SER B 247 12.56 -72.71 -22.88
C SER B 247 13.88 -72.21 -22.30
N THR B 248 14.84 -71.85 -23.14
CA THR B 248 16.12 -71.38 -22.64
C THR B 248 16.72 -70.35 -23.57
N ILE B 249 17.15 -69.23 -23.00
CA ILE B 249 17.75 -68.13 -23.74
C ILE B 249 19.12 -67.85 -23.15
N GLU B 250 20.15 -67.92 -23.97
CA GLU B 250 21.49 -67.56 -23.55
C GLU B 250 21.68 -66.21 -24.19
N ILE B 251 22.31 -65.28 -23.47
CA ILE B 251 22.39 -63.95 -24.06
C ILE B 251 23.80 -63.48 -24.40
N GLY B 252 24.64 -63.27 -23.42
CA GLY B 252 25.98 -62.82 -23.68
C GLY B 252 26.12 -61.34 -23.92
N PRO B 253 26.41 -60.96 -25.14
CA PRO B 253 26.60 -59.54 -25.43
C PRO B 253 25.36 -58.70 -25.62
N SER B 254 24.36 -58.88 -24.78
CA SER B 254 23.19 -58.04 -24.89
C SER B 254 22.69 -57.65 -23.53
N ARG B 255 23.17 -58.30 -22.49
CA ARG B 255 22.76 -57.94 -21.15
C ARG B 255 23.52 -56.75 -20.63
N PHE B 256 24.45 -56.23 -21.41
CA PHE B 256 25.17 -55.02 -21.10
C PHE B 256 25.19 -54.08 -22.27
N ARG B 257 24.99 -54.57 -23.48
CA ARG B 257 24.96 -53.73 -24.64
C ARG B 257 23.61 -53.03 -24.76
N ALA B 258 22.58 -53.63 -24.24
CA ALA B 258 21.28 -52.99 -24.31
C ALA B 258 21.14 -51.84 -23.31
N PRO B 259 21.64 -51.89 -22.07
CA PRO B 259 21.48 -50.71 -21.23
C PRO B 259 22.47 -49.60 -21.53
N GLU B 260 23.37 -49.73 -22.50
CA GLU B 260 24.23 -48.59 -22.75
C GLU B 260 23.58 -47.60 -23.66
N LEU B 261 22.34 -47.86 -23.97
CA LEU B 261 21.54 -46.97 -24.77
C LEU B 261 21.24 -45.71 -23.99
N LEU B 262 21.22 -45.80 -22.66
CA LEU B 262 20.96 -44.62 -21.87
C LEU B 262 22.16 -43.70 -21.88
N PHE B 263 23.35 -44.27 -21.83
CA PHE B 263 24.54 -43.44 -21.80
C PHE B 263 24.96 -42.96 -23.16
N ARG B 264 24.48 -43.55 -24.21
CA ARG B 264 24.81 -43.10 -25.56
C ARG B 264 23.67 -43.51 -26.48
N PRO B 265 22.81 -42.59 -26.80
CA PRO B 265 21.68 -42.89 -27.67
C PRO B 265 22.03 -42.81 -29.13
N ASP B 266 23.31 -42.87 -29.44
CA ASP B 266 23.70 -42.89 -30.84
C ASP B 266 23.47 -44.28 -31.39
N LEU B 267 23.40 -45.27 -30.49
CA LEU B 267 23.13 -46.64 -30.86
C LEU B 267 21.73 -46.79 -31.41
N ILE B 268 20.80 -45.96 -30.96
CA ILE B 268 19.45 -46.06 -31.45
C ILE B 268 19.31 -45.22 -32.70
N GLY B 269 20.34 -44.49 -33.07
CA GLY B 269 20.26 -43.68 -34.25
C GLY B 269 19.59 -42.36 -33.99
N GLU B 270 19.88 -41.73 -32.87
CA GLU B 270 19.28 -40.46 -32.54
C GLU B 270 20.31 -39.58 -31.86
N GLU B 271 20.65 -38.46 -32.46
CA GLU B 271 21.61 -37.60 -31.79
C GLU B 271 20.87 -36.91 -30.67
N SER B 272 21.43 -37.02 -29.49
CA SER B 272 20.90 -36.48 -28.26
C SER B 272 22.03 -36.53 -27.28
N GLU B 273 21.70 -36.45 -26.01
CA GLU B 273 22.71 -36.53 -24.99
C GLU B 273 22.44 -37.74 -24.14
N GLY B 274 23.48 -38.33 -23.61
CA GLY B 274 23.30 -39.45 -22.74
C GLY B 274 22.79 -38.97 -21.40
N ILE B 275 22.38 -39.92 -20.56
CA ILE B 275 21.85 -39.60 -19.24
C ILE B 275 22.88 -38.84 -18.41
N HIS B 276 24.15 -39.16 -18.60
CA HIS B 276 25.18 -38.46 -17.88
C HIS B 276 25.29 -37.05 -18.40
N GLU B 277 25.14 -36.86 -19.70
CA GLU B 277 25.21 -35.52 -20.25
C GLU B 277 23.98 -34.74 -19.89
N VAL B 278 22.87 -35.44 -19.64
CA VAL B 278 21.65 -34.77 -19.23
C VAL B 278 21.88 -34.14 -17.88
N LEU B 279 22.42 -34.92 -16.96
CA LEU B 279 22.65 -34.41 -15.61
C LEU B 279 23.75 -33.36 -15.59
N VAL B 280 24.87 -33.62 -16.25
CA VAL B 280 25.97 -32.66 -16.24
C VAL B 280 25.57 -31.37 -16.94
N PHE B 281 24.79 -31.45 -18.00
CA PHE B 281 24.39 -30.22 -18.63
C PHE B 281 23.36 -29.50 -17.80
N ALA B 282 22.57 -30.25 -17.02
CA ALA B 282 21.61 -29.58 -16.18
C ALA B 282 22.29 -28.90 -15.02
N ILE B 283 23.42 -29.43 -14.60
CA ILE B 283 24.14 -28.76 -13.53
C ILE B 283 24.89 -27.57 -14.09
N GLN B 284 25.61 -27.77 -15.19
CA GLN B 284 26.38 -26.68 -15.78
C GLN B 284 25.52 -25.55 -16.30
N LYS B 285 24.25 -25.79 -16.59
CA LYS B 285 23.44 -24.66 -17.02
C LYS B 285 23.01 -23.79 -15.86
N SER B 286 23.15 -24.28 -14.65
CA SER B 286 22.75 -23.50 -13.48
C SER B 286 23.82 -22.47 -13.15
N ASP B 287 23.56 -21.72 -12.08
CA ASP B 287 24.45 -20.64 -11.68
C ASP B 287 25.81 -21.13 -11.22
N MET B 288 26.79 -20.23 -11.37
CA MET B 288 28.19 -20.51 -11.05
C MET B 288 28.42 -20.88 -9.61
N ASP B 289 27.71 -20.24 -8.69
CA ASP B 289 27.93 -20.55 -7.29
C ASP B 289 27.30 -21.87 -6.88
N LEU B 290 26.29 -22.32 -7.59
CA LEU B 290 25.59 -23.52 -7.21
C LEU B 290 26.15 -24.77 -7.81
N ARG B 291 27.42 -24.85 -8.12
CA ARG B 291 27.76 -26.13 -8.70
C ARG B 291 28.12 -27.18 -7.68
N ARG B 292 28.93 -26.85 -6.69
CA ARG B 292 29.35 -27.86 -5.71
C ARG B 292 28.20 -28.46 -4.93
N THR B 293 27.19 -27.66 -4.61
CA THR B 293 26.07 -28.22 -3.89
C THR B 293 25.25 -29.12 -4.79
N LEU B 294 25.24 -28.86 -6.08
CA LEU B 294 24.48 -29.76 -6.93
C LEU B 294 25.28 -31.00 -7.22
N PHE B 295 26.60 -30.92 -7.25
CA PHE B 295 27.37 -32.12 -7.50
C PHE B 295 27.38 -33.01 -6.28
N SER B 296 27.22 -32.43 -5.10
CA SER B 296 27.20 -33.28 -3.93
C SER B 296 25.80 -33.71 -3.55
N ASN B 297 24.80 -33.31 -4.28
CA ASN B 297 23.43 -33.69 -3.96
C ASN B 297 22.77 -34.20 -5.23
N ILE B 298 23.00 -35.45 -5.57
CA ILE B 298 22.38 -36.03 -6.75
C ILE B 298 21.45 -37.13 -6.27
N VAL B 299 20.19 -37.01 -6.66
CA VAL B 299 19.15 -37.95 -6.27
C VAL B 299 18.75 -38.77 -7.48
N LEU B 300 18.53 -40.05 -7.28
CA LEU B 300 18.13 -40.95 -8.35
C LEU B 300 16.70 -41.37 -8.13
N SER B 301 16.00 -41.62 -9.22
CA SER B 301 14.61 -42.02 -9.14
C SER B 301 14.28 -42.72 -10.44
N GLY B 302 13.09 -43.29 -10.50
CA GLY B 302 12.73 -44.00 -11.71
C GLY B 302 13.27 -45.40 -11.74
N GLY B 303 12.54 -46.31 -12.38
CA GLY B 303 12.96 -47.68 -12.39
C GLY B 303 14.18 -47.98 -13.22
N SER B 304 14.52 -47.13 -14.17
CA SER B 304 15.69 -47.43 -14.99
C SER B 304 16.98 -47.21 -14.25
N THR B 305 16.92 -46.63 -13.06
CA THR B 305 18.08 -46.37 -12.23
C THR B 305 18.29 -47.48 -11.23
N LEU B 306 17.94 -48.69 -11.63
CA LEU B 306 18.07 -49.86 -10.80
C LEU B 306 18.97 -50.90 -11.43
N PHE B 307 19.54 -50.63 -12.60
CA PHE B 307 20.43 -51.56 -13.27
C PHE B 307 21.66 -51.83 -12.41
N LYS B 308 22.26 -52.98 -12.60
CA LYS B 308 23.44 -53.29 -11.83
C LYS B 308 24.61 -52.50 -12.37
N GLY B 309 25.38 -51.92 -11.47
CA GLY B 309 26.49 -51.11 -11.89
C GLY B 309 26.08 -49.76 -12.40
N PHE B 310 24.84 -49.35 -12.16
CA PHE B 310 24.39 -48.06 -12.65
C PHE B 310 25.01 -46.93 -11.87
N GLY B 311 25.17 -47.11 -10.56
CA GLY B 311 25.75 -46.07 -9.76
C GLY B 311 27.20 -45.84 -10.08
N ASP B 312 27.95 -46.91 -10.30
CA ASP B 312 29.35 -46.77 -10.63
C ASP B 312 29.54 -46.11 -11.98
N ARG B 313 28.69 -46.46 -12.95
CA ARG B 313 28.81 -45.83 -14.26
C ARG B 313 28.44 -44.38 -14.21
N LEU B 314 27.37 -44.05 -13.49
CA LEU B 314 26.96 -42.67 -13.39
C LEU B 314 28.03 -41.84 -12.70
N LEU B 315 28.65 -42.39 -11.65
CA LEU B 315 29.73 -41.69 -10.96
C LEU B 315 30.90 -41.44 -11.88
N SER B 316 31.35 -42.47 -12.58
CA SER B 316 32.51 -42.29 -13.43
C SER B 316 32.25 -41.34 -14.59
N GLU B 317 31.03 -41.34 -15.12
CA GLU B 317 30.76 -40.42 -16.22
C GLU B 317 30.71 -38.98 -15.74
N VAL B 318 30.06 -38.75 -14.61
CA VAL B 318 30.01 -37.39 -14.07
C VAL B 318 31.41 -36.95 -13.67
N LYS B 319 32.18 -37.86 -13.09
CA LYS B 319 33.54 -37.57 -12.68
C LYS B 319 34.41 -37.21 -13.87
N LYS B 320 34.11 -37.78 -15.04
CA LYS B 320 34.85 -37.36 -16.21
C LYS B 320 34.41 -35.99 -16.66
N LEU B 321 33.12 -35.71 -16.57
CA LEU B 321 32.62 -34.42 -17.02
C LEU B 321 32.72 -33.31 -15.99
N ALA B 322 32.73 -33.61 -14.71
CA ALA B 322 32.82 -32.55 -13.73
C ALA B 322 34.25 -32.04 -13.64
N PRO B 323 34.47 -30.81 -13.18
CA PRO B 323 35.84 -30.32 -13.02
C PRO B 323 36.51 -31.09 -11.91
N LYS B 324 37.85 -31.12 -11.98
CA LYS B 324 38.67 -31.89 -11.08
C LYS B 324 38.40 -31.62 -9.62
N ASP B 325 38.55 -32.69 -8.84
CA ASP B 325 38.45 -32.74 -7.40
C ASP B 325 37.12 -32.31 -6.81
N VAL B 326 36.10 -32.11 -7.62
CA VAL B 326 34.81 -31.72 -7.07
C VAL B 326 34.16 -32.96 -6.49
N LYS B 327 33.70 -32.86 -5.25
CA LYS B 327 33.10 -34.03 -4.61
C LYS B 327 31.74 -34.31 -5.22
N ILE B 328 31.56 -35.54 -5.68
CA ILE B 328 30.31 -35.96 -6.31
C ILE B 328 29.65 -37.03 -5.47
N ARG B 329 28.51 -36.71 -4.90
CA ARG B 329 27.75 -37.65 -4.10
C ARG B 329 26.44 -37.91 -4.81
N ILE B 330 26.08 -39.18 -4.96
CA ILE B 330 24.85 -39.56 -5.63
C ILE B 330 24.02 -40.33 -4.63
N SER B 331 23.01 -39.68 -4.08
CA SER B 331 22.13 -40.34 -3.12
C SER B 331 21.22 -41.26 -3.89
N ALA B 332 21.26 -42.54 -3.59
CA ALA B 332 20.46 -43.52 -4.30
C ALA B 332 19.61 -44.32 -3.32
N PRO B 333 18.42 -43.85 -3.00
CA PRO B 333 17.57 -44.56 -2.04
C PRO B 333 17.06 -45.86 -2.60
N GLN B 334 16.52 -46.67 -1.70
CA GLN B 334 15.98 -47.96 -2.07
C GLN B 334 14.58 -47.87 -2.61
N GLU B 335 13.97 -46.71 -2.58
CA GLU B 335 12.61 -46.53 -3.05
C GLU B 335 12.56 -45.77 -4.36
N ARG B 336 13.53 -46.01 -5.23
CA ARG B 336 13.60 -45.31 -6.51
C ARG B 336 12.35 -45.49 -7.35
N LEU B 337 11.61 -46.56 -7.14
CA LEU B 337 10.38 -46.71 -7.88
C LEU B 337 9.25 -45.99 -7.23
N TYR B 338 9.26 -45.87 -5.92
CA TYR B 338 8.15 -45.27 -5.24
C TYR B 338 8.50 -43.94 -4.60
N SER B 339 9.65 -43.36 -4.94
CA SER B 339 10.04 -42.09 -4.35
C SER B 339 9.07 -40.99 -4.71
N THR B 340 8.73 -40.90 -5.99
CA THR B 340 7.81 -39.86 -6.42
C THR B 340 6.45 -40.06 -5.79
N TRP B 341 6.03 -41.30 -5.61
CA TRP B 341 4.73 -41.49 -4.99
C TRP B 341 4.77 -41.13 -3.52
N ILE B 342 5.82 -41.55 -2.80
CA ILE B 342 5.90 -41.25 -1.39
C ILE B 342 5.96 -39.75 -1.17
N GLY B 343 6.64 -39.05 -2.08
CA GLY B 343 6.66 -37.61 -1.99
C GLY B 343 5.29 -37.05 -2.23
N GLY B 344 4.51 -37.71 -3.07
CA GLY B 344 3.16 -37.26 -3.28
C GLY B 344 2.32 -37.50 -2.05
N SER B 345 2.58 -38.58 -1.34
CA SER B 345 1.81 -38.86 -0.14
C SER B 345 2.17 -37.91 0.96
N ILE B 346 3.37 -37.37 0.89
CA ILE B 346 3.79 -36.39 1.88
C ILE B 346 3.16 -35.06 1.58
N LEU B 347 3.27 -34.61 0.33
CA LEU B 347 2.73 -33.33 -0.08
C LEU B 347 1.23 -33.27 0.09
N ALA B 348 0.52 -34.32 -0.28
CA ALA B 348 -0.92 -34.25 -0.11
C ALA B 348 -1.33 -34.36 1.35
N SER B 349 -0.45 -34.80 2.22
CA SER B 349 -0.79 -34.90 3.63
C SER B 349 -0.57 -33.59 4.35
N LEU B 350 -0.03 -32.58 3.67
CA LEU B 350 0.18 -31.30 4.28
C LEU B 350 -1.07 -30.46 4.13
N ASP B 351 -1.05 -29.25 4.66
CA ASP B 351 -2.21 -28.39 4.52
C ASP B 351 -1.96 -27.28 3.53
N THR B 352 -0.72 -27.08 3.12
CA THR B 352 -0.44 -26.06 2.12
C THR B 352 -0.98 -26.52 0.79
N PHE B 353 -1.13 -27.83 0.66
CA PHE B 353 -1.69 -28.46 -0.53
C PHE B 353 -3.11 -27.99 -0.77
N LYS B 354 -3.81 -27.62 0.31
CA LYS B 354 -5.17 -27.10 0.19
C LYS B 354 -5.16 -25.81 -0.58
N LYS B 355 -4.14 -25.00 -0.36
CA LYS B 355 -4.02 -23.75 -1.07
C LYS B 355 -3.46 -23.99 -2.45
N MET B 356 -2.71 -25.06 -2.61
CA MET B 356 -2.11 -25.29 -3.91
C MET B 356 -3.02 -25.93 -4.94
N TRP B 357 -4.08 -26.63 -4.57
CA TRP B 357 -4.90 -27.24 -5.61
C TRP B 357 -5.76 -26.21 -6.33
N VAL B 358 -6.65 -26.73 -7.17
CA VAL B 358 -7.58 -25.97 -7.96
C VAL B 358 -8.96 -26.48 -7.66
N SER B 359 -9.87 -25.58 -7.31
CA SER B 359 -11.22 -26.05 -7.02
C SER B 359 -11.95 -26.33 -8.32
N LYS B 360 -13.11 -26.95 -8.20
CA LYS B 360 -13.88 -27.26 -9.39
C LYS B 360 -14.42 -26.01 -10.03
N LYS B 361 -14.97 -25.10 -9.21
CA LYS B 361 -15.50 -23.86 -9.75
C LYS B 361 -14.41 -22.99 -10.33
N GLU B 362 -13.17 -23.14 -9.82
CA GLU B 362 -12.04 -22.40 -10.34
C GLU B 362 -11.83 -22.78 -11.79
N TYR B 363 -11.87 -24.08 -12.05
CA TYR B 363 -11.71 -24.58 -13.39
C TYR B 363 -12.90 -24.23 -14.25
N GLU B 364 -14.10 -24.22 -13.67
CA GLU B 364 -15.28 -23.93 -14.46
C GLU B 364 -15.33 -22.47 -14.88
N GLU B 365 -14.89 -21.58 -14.02
CA GLU B 365 -14.88 -20.19 -14.35
C GLU B 365 -13.68 -19.82 -15.18
N ASP B 366 -12.61 -20.60 -15.12
CA ASP B 366 -11.41 -20.27 -15.88
C ASP B 366 -11.05 -21.30 -16.94
N GLY B 367 -10.79 -22.54 -16.56
CA GLY B 367 -10.41 -23.52 -17.55
C GLY B 367 -8.95 -23.88 -17.44
N ALA B 368 -8.35 -24.13 -18.59
CA ALA B 368 -6.94 -24.51 -18.69
C ALA B 368 -6.01 -23.48 -18.09
N ARG B 369 -6.42 -22.21 -18.16
CA ARG B 369 -5.62 -21.11 -17.65
C ARG B 369 -5.28 -21.29 -16.19
N SER B 370 -6.24 -21.78 -15.40
CA SER B 370 -6.02 -22.01 -13.99
C SER B 370 -4.97 -23.07 -13.74
N ILE B 371 -4.83 -24.03 -14.64
CA ILE B 371 -3.85 -25.08 -14.46
C ILE B 371 -2.48 -24.59 -14.84
N HIS B 372 -2.40 -23.79 -15.90
CA HIS B 372 -1.09 -23.27 -16.26
C HIS B 372 -0.63 -22.23 -15.26
N ARG B 373 -1.57 -21.64 -14.51
CA ARG B 373 -1.20 -20.68 -13.49
C ARG B 373 -0.56 -21.36 -12.30
N LYS B 374 -1.12 -22.48 -11.87
CA LYS B 374 -0.59 -23.22 -10.73
C LYS B 374 0.25 -24.40 -11.17
N THR B 375 0.99 -24.25 -12.27
CA THR B 375 1.83 -25.35 -12.73
C THR B 375 3.03 -25.55 -11.81
N PHE B 376 3.51 -24.49 -11.18
CA PHE B 376 4.63 -24.55 -10.24
C PHE B 376 4.16 -23.95 -8.91
N ILE C 7 -40.54 -72.88 -31.69
CA ILE C 7 -40.70 -72.76 -30.24
C ILE C 7 -39.50 -73.50 -29.65
N ALA C 8 -39.36 -73.52 -28.33
CA ALA C 8 -38.22 -74.17 -27.68
C ALA C 8 -38.64 -75.31 -26.76
N ASN C 9 -38.65 -76.52 -27.29
CA ASN C 9 -38.93 -77.70 -26.50
C ASN C 9 -37.57 -78.20 -26.01
N GLN C 10 -37.47 -79.41 -25.53
CA GLN C 10 -36.16 -79.88 -25.06
C GLN C 10 -35.27 -80.10 -26.26
N PRO C 11 -34.15 -79.41 -26.39
CA PRO C 11 -33.31 -79.56 -27.56
C PRO C 11 -32.60 -80.89 -27.66
N VAL C 12 -32.21 -81.22 -28.91
CA VAL C 12 -31.59 -82.48 -29.27
C VAL C 12 -30.13 -82.27 -29.62
N VAL C 13 -29.25 -83.13 -29.09
CA VAL C 13 -27.82 -83.09 -29.35
C VAL C 13 -27.48 -84.29 -30.22
N ILE C 14 -26.76 -84.05 -31.31
CA ILE C 14 -26.37 -85.10 -32.25
C ILE C 14 -24.89 -84.94 -32.56
N ASP C 15 -24.10 -85.94 -32.25
CA ASP C 15 -22.67 -85.89 -32.54
C ASP C 15 -22.41 -86.72 -33.80
N ASN C 16 -22.08 -86.06 -34.89
CA ASN C 16 -21.79 -86.79 -36.12
C ASN C 16 -20.41 -87.40 -36.08
N GLY C 17 -20.29 -88.46 -35.29
CA GLY C 17 -19.03 -89.15 -35.20
C GLY C 17 -18.83 -89.92 -36.47
N SER C 18 -17.70 -89.72 -37.13
CA SER C 18 -17.46 -90.36 -38.40
C SER C 18 -17.24 -91.85 -38.26
N GLY C 19 -18.25 -92.56 -37.80
CA GLY C 19 -18.16 -93.98 -37.57
C GLY C 19 -19.12 -94.41 -36.49
N VAL C 20 -19.45 -93.53 -35.55
CA VAL C 20 -20.43 -93.83 -34.51
C VAL C 20 -21.15 -92.53 -34.19
N ILE C 21 -22.43 -92.46 -34.44
CA ILE C 21 -23.17 -91.25 -34.17
C ILE C 21 -23.81 -91.39 -32.80
N LYS C 22 -23.68 -90.35 -32.01
CA LYS C 22 -24.14 -90.31 -30.63
C LYS C 22 -25.22 -89.27 -30.54
N ALA C 23 -26.33 -89.60 -29.89
CA ALA C 23 -27.40 -88.63 -29.81
C ALA C 23 -28.25 -88.80 -28.56
N GLY C 24 -29.14 -87.84 -28.38
CA GLY C 24 -30.04 -87.79 -27.25
C GLY C 24 -30.51 -86.38 -27.03
N PHE C 25 -31.42 -86.23 -26.08
CA PHE C 25 -31.94 -84.91 -25.78
C PHE C 25 -31.02 -84.15 -24.87
N ALA C 26 -31.24 -82.86 -24.79
CA ALA C 26 -30.43 -82.07 -23.89
C ALA C 26 -30.96 -82.25 -22.49
N GLY C 27 -30.16 -81.87 -21.52
CA GLY C 27 -30.60 -82.06 -20.17
C GLY C 27 -30.49 -83.48 -19.70
N ASP C 28 -30.07 -84.38 -20.57
CA ASP C 28 -29.92 -85.78 -20.21
C ASP C 28 -28.57 -85.92 -19.55
N GLN C 29 -28.11 -87.13 -19.40
CA GLN C 29 -26.84 -87.31 -18.75
C GLN C 29 -25.98 -88.36 -19.44
N ILE C 30 -26.50 -88.98 -20.49
CA ILE C 30 -25.80 -90.04 -21.17
C ILE C 30 -26.45 -90.13 -22.54
N PRO C 31 -25.77 -90.53 -23.57
CA PRO C 31 -26.45 -90.62 -24.85
C PRO C 31 -27.12 -91.98 -24.92
N LYS C 32 -28.43 -92.06 -24.87
CA LYS C 32 -29.01 -93.38 -24.96
C LYS C 32 -29.10 -93.88 -26.38
N TYR C 33 -28.77 -93.04 -27.35
CA TYR C 33 -28.88 -93.38 -28.76
C TYR C 33 -27.50 -93.34 -29.38
N CYS C 34 -26.85 -94.49 -29.33
CA CYS C 34 -25.53 -94.67 -29.88
C CYS C 34 -25.62 -95.84 -30.85
N PHE C 35 -25.31 -95.58 -32.11
CA PHE C 35 -25.36 -96.59 -33.14
C PHE C 35 -24.36 -96.19 -34.19
N PRO C 36 -23.70 -97.13 -34.84
CA PRO C 36 -22.69 -96.77 -35.82
C PRO C 36 -23.28 -96.05 -37.02
N ASN C 37 -22.44 -95.23 -37.62
CA ASN C 37 -22.78 -94.37 -38.73
C ASN C 37 -22.45 -95.03 -40.06
N TYR C 38 -23.49 -95.51 -40.75
CA TYR C 38 -23.47 -96.09 -42.09
C TYR C 38 -24.87 -96.45 -42.50
N VAL C 39 -24.99 -96.94 -43.72
CA VAL C 39 -26.24 -97.38 -44.30
C VAL C 39 -25.97 -98.73 -44.94
N GLY C 40 -26.62 -99.76 -44.46
CA GLY C 40 -26.38 -101.07 -45.03
C GLY C 40 -27.48 -101.60 -45.91
N ARG C 41 -27.22 -101.71 -47.09
CA ARG C 41 -28.22 -102.24 -47.99
C ARG C 41 -27.90 -103.69 -48.32
N PRO C 42 -28.92 -104.51 -48.56
CA PRO C 42 -28.65 -105.91 -48.84
C PRO C 42 -28.07 -106.10 -50.21
N LYS C 43 -27.19 -107.07 -50.31
CA LYS C 43 -26.54 -107.39 -51.56
C LYS C 43 -26.90 -108.77 -52.07
N HIS C 44 -27.95 -109.36 -51.54
CA HIS C 44 -28.32 -110.69 -51.99
C HIS C 44 -29.68 -110.67 -52.65
N VAL C 45 -30.20 -111.84 -52.98
CA VAL C 45 -31.46 -111.98 -53.69
C VAL C 45 -32.60 -112.40 -52.76
N ARG C 46 -33.74 -111.72 -52.89
CA ARG C 46 -34.93 -111.97 -52.09
C ARG C 46 -35.82 -113.01 -52.74
N VAL C 47 -36.13 -114.07 -52.02
CA VAL C 47 -37.02 -115.06 -52.58
C VAL C 47 -38.14 -115.39 -51.60
N MET C 48 -37.79 -115.69 -50.35
CA MET C 48 -38.81 -116.08 -49.39
C MET C 48 -39.58 -114.88 -48.90
N ALA C 49 -40.89 -114.88 -49.11
CA ALA C 49 -41.72 -113.79 -48.65
C ALA C 49 -41.81 -113.90 -47.12
N GLY C 50 -41.71 -112.76 -46.47
CA GLY C 50 -41.70 -112.70 -45.04
C GLY C 50 -40.30 -112.52 -44.52
N ALA C 51 -39.44 -111.91 -45.31
CA ALA C 51 -38.03 -111.66 -45.04
C ALA C 51 -37.84 -110.46 -44.12
N LEU C 52 -36.63 -109.90 -44.07
CA LEU C 52 -36.38 -108.71 -43.27
C LEU C 52 -37.17 -107.53 -43.84
N GLU C 53 -37.16 -106.43 -43.12
CA GLU C 53 -37.93 -105.30 -43.57
C GLU C 53 -37.10 -104.12 -44.04
N GLY C 54 -37.60 -103.44 -45.08
CA GLY C 54 -36.96 -102.28 -45.64
C GLY C 54 -35.71 -102.54 -46.42
N ASP C 55 -35.24 -101.52 -47.13
CA ASP C 55 -34.04 -101.65 -47.91
C ASP C 55 -32.83 -101.24 -47.09
N ILE C 56 -32.81 -100.00 -46.62
CA ILE C 56 -31.69 -99.56 -45.82
C ILE C 56 -31.78 -100.17 -44.42
N PHE C 57 -30.64 -100.31 -43.77
CA PHE C 57 -30.57 -100.94 -42.46
C PHE C 57 -29.74 -100.17 -41.48
N ILE C 58 -30.05 -98.90 -41.30
CA ILE C 58 -29.33 -98.11 -40.34
C ILE C 58 -29.74 -98.55 -38.94
N GLY C 59 -28.83 -98.49 -38.00
CA GLY C 59 -29.18 -98.85 -36.65
C GLY C 59 -28.65 -100.16 -36.15
N PRO C 60 -29.23 -100.64 -35.04
CA PRO C 60 -28.77 -101.90 -34.47
C PRO C 60 -29.12 -103.10 -35.32
N LYS C 61 -30.10 -102.97 -36.22
CA LYS C 61 -30.44 -104.07 -37.08
C LYS C 61 -29.29 -104.41 -38.00
N ALA C 62 -28.42 -103.44 -38.26
CA ALA C 62 -27.25 -103.68 -39.09
C ALA C 62 -26.33 -104.66 -38.41
N GLU C 63 -26.01 -104.41 -37.15
CA GLU C 63 -25.14 -105.35 -36.44
C GLU C 63 -25.83 -106.67 -36.22
N GLU C 64 -27.16 -106.65 -36.17
CA GLU C 64 -27.87 -107.90 -35.98
C GLU C 64 -27.84 -108.75 -37.23
N HIS C 65 -27.81 -108.14 -38.40
CA HIS C 65 -27.81 -108.88 -39.64
C HIS C 65 -26.70 -108.41 -40.54
N ARG C 66 -25.50 -108.33 -40.01
CA ARG C 66 -24.39 -107.83 -40.81
C ARG C 66 -23.96 -108.79 -41.89
N GLY C 67 -24.34 -110.05 -41.82
CA GLY C 67 -23.91 -110.95 -42.87
C GLY C 67 -24.72 -110.88 -44.15
N LEU C 68 -25.47 -109.84 -44.31
CA LEU C 68 -26.30 -109.65 -45.48
C LEU C 68 -26.03 -108.34 -46.18
N LEU C 69 -25.79 -107.31 -45.41
CA LEU C 69 -25.61 -105.96 -45.84
C LEU C 69 -24.35 -105.74 -46.66
N SER C 70 -24.28 -104.52 -47.19
CA SER C 70 -23.17 -103.98 -47.96
C SER C 70 -23.09 -102.57 -47.40
N ILE C 71 -22.33 -102.44 -46.33
CA ILE C 71 -22.17 -101.19 -45.60
C ILE C 71 -21.47 -100.13 -46.42
N ARG C 72 -21.94 -98.89 -46.30
CA ARG C 72 -21.35 -97.74 -46.95
C ARG C 72 -21.26 -96.62 -45.95
N TYR C 73 -20.11 -96.06 -45.80
CA TYR C 73 -19.92 -94.98 -44.84
C TYR C 73 -20.24 -93.65 -45.47
N PRO C 74 -21.03 -92.83 -44.83
CA PRO C 74 -21.40 -91.55 -45.42
C PRO C 74 -20.38 -90.48 -45.19
N MET C 75 -19.79 -90.52 -44.04
CA MET C 75 -18.84 -89.52 -43.61
C MET C 75 -17.43 -90.07 -43.60
N GLU C 76 -16.59 -89.57 -44.46
CA GLU C 76 -15.19 -89.95 -44.53
C GLU C 76 -14.40 -88.73 -44.13
N HIS C 77 -13.59 -88.88 -43.10
CA HIS C 77 -12.74 -87.81 -42.57
C HIS C 77 -13.56 -86.59 -42.22
N GLY C 78 -14.65 -86.81 -41.50
CA GLY C 78 -15.52 -85.74 -41.09
C GLY C 78 -16.29 -85.04 -42.18
N ILE C 79 -15.98 -85.26 -43.43
CA ILE C 79 -16.64 -84.61 -44.54
C ILE C 79 -17.63 -85.58 -45.13
N VAL C 80 -18.86 -85.14 -45.31
CA VAL C 80 -19.90 -86.01 -45.83
C VAL C 80 -19.76 -86.17 -47.33
N LYS C 81 -19.75 -87.40 -47.79
CA LYS C 81 -19.69 -87.69 -49.22
C LYS C 81 -21.07 -88.02 -49.78
N ASP C 82 -21.76 -88.96 -49.16
CA ASP C 82 -23.07 -89.39 -49.61
C ASP C 82 -24.12 -88.68 -48.75
N TRP C 83 -24.53 -87.50 -49.18
CA TRP C 83 -25.48 -86.71 -48.40
C TRP C 83 -26.81 -87.39 -48.19
N ASN C 84 -27.24 -88.20 -49.15
CA ASN C 84 -28.51 -88.89 -49.01
C ASN C 84 -28.45 -89.89 -47.87
N ASP C 85 -27.28 -90.49 -47.65
CA ASP C 85 -27.15 -91.39 -46.54
C ASP C 85 -27.21 -90.65 -45.23
N MET C 86 -26.63 -89.46 -45.15
CA MET C 86 -26.72 -88.73 -43.89
C MET C 86 -28.13 -88.26 -43.65
N GLU C 87 -28.90 -88.00 -44.71
CA GLU C 87 -30.27 -87.63 -44.50
C GLU C 87 -31.06 -88.82 -43.99
N ARG C 88 -30.74 -90.00 -44.49
CA ARG C 88 -31.43 -91.19 -44.02
C ARG C 88 -31.05 -91.49 -42.59
N ILE C 89 -29.80 -91.24 -42.23
CA ILE C 89 -29.37 -91.50 -40.87
C ILE C 89 -30.00 -90.52 -39.92
N TRP C 90 -30.07 -89.26 -40.31
CA TRP C 90 -30.68 -88.25 -39.45
C TRP C 90 -32.17 -88.54 -39.27
N GLN C 91 -32.85 -88.99 -40.34
CA GLN C 91 -34.24 -89.36 -40.19
C GLN C 91 -34.36 -90.58 -39.31
N TYR C 92 -33.36 -91.44 -39.34
CA TYR C 92 -33.38 -92.58 -38.47
C TYR C 92 -33.16 -92.15 -37.03
N VAL C 93 -32.47 -91.03 -36.83
CA VAL C 93 -32.31 -90.55 -35.47
C VAL C 93 -33.65 -90.07 -34.98
N TYR C 94 -34.42 -89.46 -35.86
CA TYR C 94 -35.76 -89.08 -35.46
C TYR C 94 -36.75 -90.21 -35.68
N SER C 95 -36.30 -91.43 -35.92
CA SER C 95 -37.24 -92.50 -36.15
C SER C 95 -37.91 -92.94 -34.87
N LYS C 96 -38.89 -93.82 -35.06
CA LYS C 96 -39.69 -94.37 -33.98
C LYS C 96 -38.88 -95.28 -33.07
N ASP C 97 -37.73 -95.73 -33.50
CA ASP C 97 -36.89 -96.57 -32.67
C ASP C 97 -35.86 -95.77 -31.93
N GLN C 98 -35.58 -94.54 -32.33
CA GLN C 98 -34.55 -93.77 -31.65
C GLN C 98 -35.10 -92.59 -30.86
N LEU C 99 -35.80 -91.67 -31.45
CA LEU C 99 -36.24 -90.57 -30.62
C LEU C 99 -37.72 -90.35 -30.58
N GLN C 100 -38.43 -90.67 -31.66
CA GLN C 100 -39.86 -90.53 -31.86
C GLN C 100 -40.33 -89.09 -31.93
N THR C 101 -39.45 -88.10 -31.78
CA THR C 101 -39.96 -86.75 -31.90
C THR C 101 -40.08 -86.38 -33.35
N PHE C 102 -40.60 -85.21 -33.59
CA PHE C 102 -40.77 -84.78 -34.96
C PHE C 102 -39.67 -83.76 -35.20
N SER C 103 -39.26 -83.66 -36.46
CA SER C 103 -38.17 -82.76 -36.79
C SER C 103 -38.51 -81.29 -36.59
N GLU C 104 -39.78 -80.96 -36.44
CA GLU C 104 -40.20 -79.58 -36.25
C GLU C 104 -40.48 -79.30 -34.79
N GLU C 105 -39.72 -79.90 -33.91
CA GLU C 105 -39.98 -79.72 -32.51
C GLU C 105 -38.79 -79.44 -31.64
N HIS C 106 -37.56 -79.57 -32.11
CA HIS C 106 -36.51 -79.32 -31.15
C HIS C 106 -35.32 -78.59 -31.73
N PRO C 107 -34.63 -77.81 -30.91
CA PRO C 107 -33.43 -77.15 -31.39
C PRO C 107 -32.36 -78.23 -31.51
N VAL C 108 -31.63 -78.20 -32.60
CA VAL C 108 -30.64 -79.23 -32.85
C VAL C 108 -29.25 -78.70 -32.61
N LEU C 109 -28.46 -79.45 -31.84
CA LEU C 109 -27.09 -79.09 -31.54
C LEU C 109 -26.22 -80.09 -32.28
N LEU C 110 -25.83 -79.72 -33.47
CA LEU C 110 -25.01 -80.58 -34.28
C LEU C 110 -23.55 -80.27 -34.04
N THR C 111 -22.72 -81.29 -33.97
CA THR C 111 -21.30 -81.08 -33.77
C THR C 111 -20.60 -81.18 -35.11
N GLU C 112 -19.32 -80.87 -35.11
CA GLU C 112 -18.57 -80.92 -36.35
C GLU C 112 -17.09 -80.97 -36.03
N ALA C 113 -16.35 -81.68 -36.85
CA ALA C 113 -14.91 -81.72 -36.67
C ALA C 113 -14.39 -80.36 -37.08
N PRO C 114 -13.35 -79.85 -36.43
CA PRO C 114 -12.85 -78.52 -36.76
C PRO C 114 -12.22 -78.45 -38.13
N LEU C 115 -12.23 -77.24 -38.67
CA LEU C 115 -11.69 -76.89 -39.98
C LEU C 115 -12.31 -77.69 -41.11
N ASN C 116 -13.56 -78.10 -40.99
CA ASN C 116 -14.18 -78.82 -42.08
C ASN C 116 -14.53 -77.83 -43.17
N PRO C 117 -14.67 -78.29 -44.41
CA PRO C 117 -14.99 -77.38 -45.50
C PRO C 117 -16.30 -76.64 -45.29
N ARG C 118 -16.32 -75.43 -45.83
CA ARG C 118 -17.46 -74.52 -45.70
C ARG C 118 -18.73 -75.15 -46.22
N LYS C 119 -18.57 -75.85 -47.34
CA LYS C 119 -19.66 -76.53 -48.01
C LYS C 119 -20.35 -77.53 -47.11
N ASN C 120 -19.61 -78.16 -46.20
CA ASN C 120 -20.20 -79.14 -45.30
C ASN C 120 -21.22 -78.48 -44.38
N ARG C 121 -20.85 -77.33 -43.80
CA ARG C 121 -21.77 -76.62 -42.93
C ARG C 121 -22.99 -76.13 -43.69
N GLU C 122 -22.74 -75.56 -44.87
CA GLU C 122 -23.81 -75.04 -45.70
C GLU C 122 -24.84 -76.11 -46.04
N ARG C 123 -24.35 -77.24 -46.51
CA ARG C 123 -25.22 -78.33 -46.90
C ARG C 123 -25.94 -78.93 -45.69
N ALA C 124 -25.28 -78.96 -44.54
CA ALA C 124 -25.95 -79.46 -43.35
C ALA C 124 -27.08 -78.54 -42.94
N ALA C 125 -26.88 -77.24 -43.17
CA ALA C 125 -27.90 -76.27 -42.87
C ALA C 125 -29.09 -76.46 -43.79
N GLU C 126 -28.81 -76.72 -45.05
CA GLU C 126 -29.88 -76.96 -46.02
C GLU C 126 -30.70 -78.16 -45.62
N VAL C 127 -30.03 -79.23 -45.17
CA VAL C 127 -30.73 -80.43 -44.79
C VAL C 127 -31.60 -80.18 -43.58
N PHE C 128 -31.02 -79.62 -42.53
CA PHE C 128 -31.79 -79.38 -41.32
C PHE C 128 -32.82 -78.28 -41.41
N PHE C 129 -32.80 -77.45 -42.43
CA PHE C 129 -33.84 -76.44 -42.52
C PHE C 129 -34.77 -76.62 -43.69
N GLU C 130 -34.52 -77.61 -44.54
CA GLU C 130 -35.37 -77.88 -45.68
C GLU C 130 -36.02 -79.24 -45.57
N THR C 131 -35.24 -80.29 -45.36
CA THR C 131 -35.86 -81.59 -45.17
C THR C 131 -36.49 -81.61 -43.81
N PHE C 132 -35.68 -81.45 -42.79
CA PHE C 132 -36.19 -81.32 -41.46
C PHE C 132 -36.53 -79.84 -41.36
N ASN C 133 -37.51 -79.50 -40.56
CA ASN C 133 -37.81 -78.09 -40.45
C ASN C 133 -37.63 -77.81 -38.98
N VAL C 134 -36.38 -77.73 -38.55
CA VAL C 134 -36.08 -77.54 -37.15
C VAL C 134 -36.36 -76.11 -36.73
N PRO C 135 -36.66 -75.86 -35.48
CA PRO C 135 -36.91 -74.49 -35.06
C PRO C 135 -35.60 -73.73 -34.91
N ALA C 136 -34.55 -74.44 -34.52
CA ALA C 136 -33.26 -73.81 -34.31
C ALA C 136 -32.15 -74.80 -34.59
N LEU C 137 -30.95 -74.27 -34.81
CA LEU C 137 -29.79 -75.09 -35.11
C LEU C 137 -28.52 -74.38 -34.72
N PHE C 138 -27.57 -75.12 -34.15
CA PHE C 138 -26.28 -74.57 -33.78
C PHE C 138 -25.22 -75.61 -34.06
N ILE C 139 -24.13 -75.20 -34.68
CA ILE C 139 -23.02 -76.08 -35.00
C ILE C 139 -21.79 -75.60 -34.28
N SER C 140 -21.14 -76.48 -33.52
CA SER C 140 -19.97 -76.07 -32.77
C SER C 140 -18.84 -77.07 -32.88
N MET C 141 -17.72 -76.68 -32.30
CA MET C 141 -16.54 -77.52 -32.26
C MET C 141 -16.79 -78.66 -31.32
N GLN C 142 -16.04 -79.73 -31.51
CA GLN C 142 -16.20 -80.85 -30.62
C GLN C 142 -15.38 -80.69 -29.36
N ALA C 143 -14.41 -79.81 -29.39
CA ALA C 143 -13.52 -79.61 -28.26
C ALA C 143 -14.19 -78.94 -27.09
N VAL C 144 -14.92 -77.86 -27.37
CA VAL C 144 -15.59 -77.06 -26.35
C VAL C 144 -16.53 -77.91 -25.54
N LEU C 145 -17.21 -78.82 -26.22
CA LEU C 145 -18.13 -79.70 -25.57
C LEU C 145 -17.40 -80.62 -24.62
N SER C 146 -16.25 -81.13 -25.03
CA SER C 146 -15.50 -82.00 -24.12
C SER C 146 -15.01 -81.23 -22.92
N LEU C 147 -14.77 -79.94 -23.08
CA LEU C 147 -14.36 -79.20 -21.89
C LEU C 147 -15.53 -79.03 -20.97
N TYR C 148 -16.74 -78.90 -21.52
CA TYR C 148 -17.91 -78.81 -20.68
C TYR C 148 -18.12 -80.10 -19.92
N ALA C 149 -17.97 -81.21 -20.61
CA ALA C 149 -18.18 -82.50 -19.98
C ALA C 149 -17.06 -82.88 -19.05
N THR C 150 -15.92 -82.23 -19.12
CA THR C 150 -14.85 -82.56 -18.20
C THR C 150 -14.72 -81.57 -17.07
N GLY C 151 -15.64 -80.61 -17.00
CA GLY C 151 -15.67 -79.61 -15.95
C GLY C 151 -14.43 -78.77 -15.88
N ARG C 152 -14.09 -78.09 -16.95
CA ARG C 152 -12.91 -77.27 -16.99
C ARG C 152 -13.19 -76.06 -17.85
N THR C 153 -12.18 -75.24 -18.02
CA THR C 153 -12.25 -74.08 -18.88
C THR C 153 -10.99 -73.89 -19.70
N THR C 154 -9.84 -74.40 -19.25
CA THR C 154 -8.59 -74.28 -19.97
C THR C 154 -8.10 -75.67 -20.29
N GLY C 155 -7.57 -75.86 -21.50
CA GLY C 155 -7.05 -77.16 -21.86
C GLY C 155 -6.83 -77.29 -23.34
N VAL C 156 -6.29 -78.44 -23.72
CA VAL C 156 -6.02 -78.74 -25.11
C VAL C 156 -6.76 -80.03 -25.38
N VAL C 157 -7.87 -79.94 -26.08
CA VAL C 157 -8.63 -81.14 -26.34
C VAL C 157 -7.98 -81.85 -27.51
N LEU C 158 -7.38 -82.97 -27.25
CA LEU C 158 -6.75 -83.77 -28.29
C LEU C 158 -7.62 -84.99 -28.43
N ASP C 159 -8.46 -85.02 -29.43
CA ASP C 159 -9.33 -86.17 -29.61
C ASP C 159 -8.95 -86.98 -30.82
N SER C 160 -9.61 -88.12 -30.91
CA SER C 160 -9.40 -89.02 -32.02
C SER C 160 -10.71 -89.73 -32.24
N GLY C 161 -11.49 -89.22 -33.17
CA GLY C 161 -12.76 -89.82 -33.50
C GLY C 161 -12.49 -91.05 -34.35
N ASP C 162 -13.45 -91.41 -35.13
CA ASP C 162 -13.17 -92.57 -35.94
C ASP C 162 -12.45 -92.18 -37.22
N GLY C 163 -12.54 -90.92 -37.61
CA GLY C 163 -11.87 -90.50 -38.81
C GLY C 163 -11.05 -89.22 -38.77
N VAL C 164 -11.14 -88.40 -37.73
CA VAL C 164 -10.40 -87.13 -37.67
C VAL C 164 -9.82 -86.92 -36.29
N THR C 165 -8.52 -86.73 -36.19
CA THR C 165 -7.90 -86.42 -34.91
C THR C 165 -7.44 -84.99 -34.99
N HIS C 166 -7.60 -84.26 -33.91
CA HIS C 166 -7.19 -82.87 -33.93
C HIS C 166 -6.92 -82.42 -32.52
N ALA C 167 -6.28 -81.28 -32.40
CA ALA C 167 -5.96 -80.73 -31.10
C ALA C 167 -6.37 -79.28 -31.08
N VAL C 168 -7.28 -78.94 -30.20
CA VAL C 168 -7.75 -77.57 -30.10
C VAL C 168 -7.35 -76.99 -28.75
N PRO C 169 -6.45 -76.06 -28.69
CA PRO C 169 -6.07 -75.51 -27.41
C PRO C 169 -6.97 -74.37 -26.98
N ILE C 170 -7.75 -74.56 -25.95
CA ILE C 170 -8.66 -73.54 -25.47
C ILE C 170 -8.15 -73.05 -24.13
N TYR C 171 -7.93 -71.75 -24.02
CA TYR C 171 -7.44 -71.13 -22.81
C TYR C 171 -8.52 -70.25 -22.22
N GLU C 172 -8.97 -70.61 -21.03
CA GLU C 172 -10.00 -69.89 -20.28
C GLU C 172 -11.22 -69.60 -21.10
N GLY C 173 -11.69 -70.60 -21.81
CA GLY C 173 -12.84 -70.43 -22.62
C GLY C 173 -12.60 -69.73 -23.92
N PHE C 174 -11.41 -69.21 -24.15
CA PHE C 174 -11.14 -68.52 -25.40
C PHE C 174 -10.39 -69.52 -26.25
N ALA C 175 -10.92 -69.80 -27.42
CA ALA C 175 -10.29 -70.75 -28.31
C ALA C 175 -9.32 -70.02 -29.21
N MET C 176 -8.19 -70.64 -29.44
CA MET C 176 -7.17 -70.04 -30.28
C MET C 176 -7.22 -70.71 -31.64
N PRO C 177 -7.89 -70.11 -32.62
CA PRO C 177 -8.04 -70.77 -33.93
C PRO C 177 -6.77 -71.01 -34.69
N HIS C 178 -5.80 -70.13 -34.62
CA HIS C 178 -4.61 -70.37 -35.39
C HIS C 178 -3.71 -71.43 -34.83
N SER C 179 -4.05 -71.98 -33.67
CA SER C 179 -3.25 -73.03 -33.08
C SER C 179 -3.92 -74.36 -33.24
N ILE C 180 -4.95 -74.45 -34.06
CA ILE C 180 -5.67 -75.69 -34.25
C ILE C 180 -4.93 -76.54 -35.27
N MET C 181 -4.66 -77.77 -34.92
CA MET C 181 -3.97 -78.69 -35.79
C MET C 181 -4.90 -79.84 -36.05
N ARG C 182 -5.12 -80.16 -37.31
CA ARG C 182 -6.03 -81.24 -37.69
C ARG C 182 -5.31 -82.19 -38.62
N ILE C 183 -5.46 -83.47 -38.39
CA ILE C 183 -4.89 -84.48 -39.26
C ILE C 183 -5.93 -85.58 -39.42
N ASP C 184 -6.13 -86.02 -40.66
CA ASP C 184 -7.15 -87.00 -40.98
C ASP C 184 -6.72 -88.45 -40.84
N ILE C 185 -6.17 -88.87 -39.72
CA ILE C 185 -5.72 -90.24 -39.54
C ILE C 185 -6.20 -90.72 -38.17
N ALA C 186 -7.29 -91.47 -38.14
CA ALA C 186 -7.87 -91.92 -36.89
C ALA C 186 -8.28 -93.38 -37.03
N GLY C 187 -9.19 -93.80 -36.17
CA GLY C 187 -9.75 -95.15 -36.08
C GLY C 187 -9.97 -95.93 -37.35
N ARG C 188 -10.46 -95.29 -38.40
CA ARG C 188 -10.64 -96.03 -39.64
C ARG C 188 -9.31 -96.33 -40.26
N ASP C 189 -8.34 -95.45 -40.10
CA ASP C 189 -7.07 -95.78 -40.70
C ASP C 189 -6.35 -96.82 -39.89
N VAL C 190 -6.60 -96.85 -38.58
CA VAL C 190 -5.98 -97.87 -37.77
C VAL C 190 -6.58 -99.21 -38.13
N SER C 191 -7.88 -99.23 -38.33
CA SER C 191 -8.55 -100.47 -38.70
C SER C 191 -8.18 -100.89 -40.11
N ARG C 192 -8.05 -99.94 -41.02
CA ARG C 192 -7.70 -100.25 -42.40
C ARG C 192 -6.29 -100.81 -42.49
N PHE C 193 -5.38 -100.23 -41.73
CA PHE C 193 -4.02 -100.71 -41.70
C PHE C 193 -3.99 -102.10 -41.07
N LEU C 194 -4.83 -102.33 -40.08
CA LEU C 194 -4.88 -103.65 -39.48
C LEU C 194 -5.44 -104.67 -40.44
N ARG C 195 -6.37 -104.24 -41.28
CA ARG C 195 -6.94 -105.14 -42.27
C ARG C 195 -5.88 -105.56 -43.27
N LEU C 196 -5.02 -104.61 -43.65
CA LEU C 196 -3.94 -104.95 -44.57
C LEU C 196 -2.97 -105.92 -43.92
N TYR C 197 -2.72 -105.75 -42.63
CA TYR C 197 -1.85 -106.68 -41.95
C TYR C 197 -2.47 -108.06 -41.87
N LEU C 198 -3.79 -108.15 -41.73
CA LEU C 198 -4.36 -109.48 -41.70
C LEU C 198 -4.37 -110.09 -43.08
N ARG C 199 -4.33 -109.26 -44.13
CA ARG C 199 -4.21 -109.86 -45.45
C ARG C 199 -2.83 -110.46 -45.59
N LYS C 200 -1.85 -109.82 -44.98
CA LYS C 200 -0.52 -110.39 -45.04
C LYS C 200 -0.36 -111.53 -44.05
N GLU C 201 -1.29 -111.68 -43.12
CA GLU C 201 -1.24 -112.81 -42.21
C GLU C 201 -2.05 -113.97 -42.72
N GLY C 202 -2.65 -113.81 -43.89
CA GLY C 202 -3.45 -114.84 -44.52
C GLY C 202 -4.87 -114.95 -44.01
N TYR C 203 -5.65 -113.90 -44.09
CA TYR C 203 -7.01 -113.95 -43.65
C TYR C 203 -7.97 -113.31 -44.62
N ASP C 204 -7.46 -112.47 -45.50
CA ASP C 204 -8.14 -111.75 -46.59
C ASP C 204 -9.52 -111.23 -46.24
N PHE C 205 -9.55 -110.33 -45.28
CA PHE C 205 -10.80 -109.69 -44.94
C PHE C 205 -10.94 -108.57 -45.95
N HIS C 206 -11.93 -108.65 -46.82
CA HIS C 206 -12.08 -107.58 -47.79
C HIS C 206 -13.50 -107.13 -47.94
N SER C 207 -14.46 -107.87 -47.42
CA SER C 207 -15.84 -107.47 -47.54
C SER C 207 -16.14 -106.33 -46.57
N SER C 208 -17.38 -105.86 -46.59
CA SER C 208 -17.76 -104.78 -45.69
C SER C 208 -17.96 -105.29 -44.28
N SER C 209 -18.69 -106.40 -44.14
CA SER C 209 -18.91 -106.97 -42.83
C SER C 209 -17.61 -107.45 -42.23
N GLU C 210 -16.70 -107.90 -43.09
CA GLU C 210 -15.39 -108.28 -42.62
C GLU C 210 -14.66 -107.06 -42.08
N PHE C 211 -14.89 -105.89 -42.70
CA PHE C 211 -14.26 -104.68 -42.22
C PHE C 211 -14.78 -104.31 -40.85
N GLU C 212 -16.06 -104.52 -40.59
CA GLU C 212 -16.45 -104.22 -39.22
C GLU C 212 -15.98 -105.26 -38.24
N ILE C 213 -15.65 -106.45 -38.71
CA ILE C 213 -15.07 -107.42 -37.80
C ILE C 213 -13.67 -106.94 -37.44
N VAL C 214 -12.98 -106.32 -38.42
CA VAL C 214 -11.66 -105.75 -38.17
C VAL C 214 -11.77 -104.64 -37.14
N LYS C 215 -12.86 -103.88 -37.20
CA LYS C 215 -13.07 -102.82 -36.22
C LYS C 215 -13.24 -103.42 -34.84
N ALA C 216 -13.90 -104.57 -34.76
CA ALA C 216 -14.07 -105.21 -33.46
C ALA C 216 -12.73 -105.71 -32.93
N ILE C 217 -11.88 -106.17 -33.83
CA ILE C 217 -10.55 -106.64 -33.44
C ILE C 217 -9.72 -105.48 -32.92
N LYS C 218 -9.73 -104.37 -33.66
CA LYS C 218 -8.99 -103.17 -33.29
C LYS C 218 -9.43 -102.68 -31.93
N GLU C 219 -10.72 -102.70 -31.68
CA GLU C 219 -11.17 -102.26 -30.37
C GLU C 219 -10.86 -103.28 -29.30
N ARG C 220 -10.60 -104.52 -29.63
CA ARG C 220 -10.38 -105.46 -28.55
C ARG C 220 -8.98 -106.02 -28.45
N ALA C 221 -8.33 -106.40 -29.54
CA ALA C 221 -7.03 -107.02 -29.37
C ALA C 221 -5.82 -106.13 -29.49
N CYS C 222 -5.91 -104.99 -30.15
CA CYS C 222 -4.73 -104.15 -30.25
C CYS C 222 -4.42 -103.46 -28.93
N TYR C 223 -3.18 -102.98 -28.83
CA TYR C 223 -2.72 -102.27 -27.65
C TYR C 223 -1.52 -101.50 -28.12
N LEU C 224 -1.24 -100.39 -27.47
CA LEU C 224 -0.12 -99.59 -27.94
C LEU C 224 1.21 -99.99 -27.36
N SER C 225 2.24 -99.55 -28.06
CA SER C 225 3.60 -99.81 -27.69
C SER C 225 4.09 -98.85 -26.64
N ILE C 226 5.31 -99.11 -26.19
CA ILE C 226 6.04 -98.26 -25.28
C ILE C 226 7.34 -97.84 -25.91
N ASN C 227 7.96 -98.77 -26.58
CA ASN C 227 9.19 -98.59 -27.34
C ASN C 227 8.97 -99.68 -28.35
N PRO C 228 8.60 -99.33 -29.58
CA PRO C 228 8.33 -100.38 -30.57
C PRO C 228 9.53 -101.19 -30.96
N GLN C 229 10.73 -100.79 -30.60
CA GLN C 229 11.85 -101.63 -30.95
C GLN C 229 12.14 -102.64 -29.88
N LYS C 230 11.93 -102.25 -28.63
CA LYS C 230 12.07 -103.17 -27.52
C LYS C 230 11.08 -104.30 -27.68
N ASP C 231 9.89 -103.98 -28.14
CA ASP C 231 8.85 -104.95 -28.37
C ASP C 231 8.91 -105.52 -29.78
N GLU C 232 9.64 -104.89 -30.69
CA GLU C 232 9.70 -105.46 -32.02
C GLU C 232 10.72 -106.59 -32.06
N THR C 233 11.80 -106.47 -31.30
CA THR C 233 12.79 -107.54 -31.31
C THR C 233 12.34 -108.78 -30.58
N LEU C 234 11.29 -108.70 -29.78
CA LEU C 234 10.80 -109.84 -29.03
C LEU C 234 9.43 -110.26 -29.52
N GLU C 235 9.17 -111.56 -29.52
CA GLU C 235 7.86 -112.03 -29.95
C GLU C 235 6.85 -111.74 -28.85
N THR C 236 5.58 -111.70 -29.24
CA THR C 236 4.55 -111.34 -28.28
C THR C 236 3.51 -112.43 -28.02
N GLU C 237 2.46 -112.01 -27.31
CA GLU C 237 1.36 -112.87 -26.87
C GLU C 237 0.72 -113.70 -27.97
N LYS C 238 0.46 -113.07 -29.12
CA LYS C 238 -0.23 -113.68 -30.26
C LYS C 238 -1.64 -114.12 -29.82
N ALA C 239 -2.46 -113.10 -29.60
CA ALA C 239 -3.83 -113.28 -29.13
C ALA C 239 -4.65 -114.11 -30.10
N GLN C 240 -5.58 -114.88 -29.55
CA GLN C 240 -6.43 -115.77 -30.30
C GLN C 240 -7.84 -115.22 -30.29
N TYR C 241 -8.19 -114.47 -31.32
CA TYR C 241 -9.53 -113.93 -31.37
C TYR C 241 -10.40 -114.88 -32.16
N TYR C 242 -11.64 -115.03 -31.71
CA TYR C 242 -12.60 -115.92 -32.35
C TYR C 242 -13.61 -115.16 -33.18
N LEU C 243 -13.68 -115.50 -34.45
CA LEU C 243 -14.63 -114.90 -35.36
C LEU C 243 -16.04 -115.33 -34.98
N PRO C 244 -17.08 -114.60 -35.43
CA PRO C 244 -18.44 -115.04 -35.10
C PRO C 244 -18.78 -116.35 -35.75
N ASP C 245 -18.16 -116.65 -36.87
CA ASP C 245 -18.33 -117.92 -37.53
C ASP C 245 -17.83 -119.07 -36.67
N GLY C 246 -16.80 -118.83 -35.88
CA GLY C 246 -16.21 -119.84 -35.05
C GLY C 246 -14.78 -120.11 -35.41
N SER C 247 -14.25 -119.39 -36.40
CA SER C 247 -12.89 -119.52 -36.85
C SER C 247 -11.95 -118.99 -35.79
N THR C 248 -10.65 -119.08 -36.04
CA THR C 248 -9.69 -118.60 -35.07
C THR C 248 -8.63 -117.78 -35.77
N ILE C 249 -8.40 -116.58 -35.28
CA ILE C 249 -7.39 -115.76 -35.90
C ILE C 249 -6.32 -115.41 -34.88
N GLU C 250 -5.10 -115.29 -35.37
CA GLU C 250 -3.95 -114.91 -34.58
C GLU C 250 -3.49 -113.61 -35.15
N ILE C 251 -2.94 -112.73 -34.31
CA ILE C 251 -2.55 -111.41 -34.75
C ILE C 251 -1.04 -111.20 -34.70
N GLY C 252 -0.37 -111.69 -33.68
CA GLY C 252 1.06 -111.55 -33.61
C GLY C 252 1.52 -110.15 -33.29
N PRO C 253 2.69 -109.77 -33.77
CA PRO C 253 3.22 -108.43 -33.49
C PRO C 253 2.43 -107.30 -34.07
N SER C 254 1.52 -107.59 -35.00
CA SER C 254 0.70 -106.52 -35.55
C SER C 254 -0.31 -106.02 -34.54
N ARG C 255 -0.48 -106.69 -33.40
CA ARG C 255 -1.41 -106.21 -32.40
C ARG C 255 -0.87 -104.95 -31.78
N PHE C 256 0.42 -104.73 -31.84
CA PHE C 256 0.95 -103.46 -31.40
C PHE C 256 1.45 -102.65 -32.58
N ARG C 257 1.60 -103.27 -33.76
CA ARG C 257 2.02 -102.48 -34.90
C ARG C 257 0.86 -101.78 -35.56
N ALA C 258 -0.35 -102.23 -35.31
CA ALA C 258 -1.48 -101.59 -35.95
C ALA C 258 -1.75 -100.19 -35.42
N PRO C 259 -1.82 -99.93 -34.10
CA PRO C 259 -2.07 -98.54 -33.73
C PRO C 259 -0.82 -97.70 -33.66
N GLU C 260 0.14 -97.97 -34.50
CA GLU C 260 1.34 -97.17 -34.51
C GLU C 260 1.20 -96.11 -35.55
N LEU C 261 0.21 -96.30 -36.40
CA LEU C 261 -0.11 -95.38 -37.46
C LEU C 261 -0.45 -94.01 -36.93
N LEU C 262 -1.06 -93.95 -35.75
CA LEU C 262 -1.41 -92.67 -35.16
C LEU C 262 -0.17 -91.87 -34.82
N PHE C 263 0.78 -92.48 -34.15
CA PHE C 263 1.98 -91.77 -33.79
C PHE C 263 2.93 -91.64 -34.94
N ARG C 264 2.70 -92.34 -36.02
CA ARG C 264 3.61 -92.28 -37.16
C ARG C 264 2.87 -92.62 -38.42
N PRO C 265 2.49 -91.62 -39.23
CA PRO C 265 1.85 -91.89 -40.50
C PRO C 265 2.81 -92.26 -41.62
N ASP C 266 4.08 -92.51 -41.30
CA ASP C 266 5.01 -92.92 -42.32
C ASP C 266 4.76 -94.36 -42.71
N LEU C 267 4.23 -95.14 -41.79
CA LEU C 267 3.93 -96.53 -42.02
C LEU C 267 2.90 -96.67 -43.12
N ILE C 268 1.89 -95.81 -43.11
CA ILE C 268 0.90 -95.91 -44.17
C ILE C 268 1.35 -95.17 -45.41
N GLY C 269 2.54 -94.61 -45.38
CA GLY C 269 3.04 -93.90 -46.54
C GLY C 269 2.34 -92.58 -46.67
N GLU C 270 2.52 -91.72 -45.67
CA GLU C 270 1.86 -90.43 -45.71
C GLU C 270 2.68 -89.41 -44.93
N GLU C 271 3.13 -88.37 -45.61
CA GLU C 271 3.89 -87.34 -44.93
C GLU C 271 2.91 -86.48 -44.16
N SER C 272 2.92 -86.64 -42.85
CA SER C 272 2.03 -85.92 -41.97
C SER C 272 2.70 -85.93 -40.62
N GLU C 273 1.96 -85.63 -39.58
CA GLU C 273 2.55 -85.61 -38.27
C GLU C 273 1.96 -86.69 -37.40
N GLY C 274 2.62 -87.00 -36.30
CA GLY C 274 2.09 -87.97 -35.39
C GLY C 274 1.04 -87.30 -34.56
N ILE C 275 0.38 -88.08 -33.69
CA ILE C 275 -0.62 -87.43 -32.86
C ILE C 275 0.11 -86.63 -31.79
N HIS C 276 1.31 -87.05 -31.45
CA HIS C 276 2.10 -86.36 -30.47
C HIS C 276 2.58 -85.05 -31.06
N GLU C 277 2.92 -85.06 -32.34
CA GLU C 277 3.34 -83.84 -32.99
C GLU C 277 2.19 -82.88 -33.14
N VAL C 278 0.98 -83.40 -33.30
CA VAL C 278 -0.19 -82.54 -33.40
C VAL C 278 -0.43 -81.83 -32.08
N LEU C 279 -0.37 -82.59 -30.98
CA LEU C 279 -0.56 -82.00 -29.67
C LEU C 279 0.52 -80.98 -29.34
N VAL C 280 1.79 -81.36 -29.55
CA VAL C 280 2.89 -80.47 -29.25
C VAL C 280 2.88 -79.24 -30.15
N PHE C 281 2.58 -79.40 -31.44
CA PHE C 281 2.55 -78.23 -32.31
C PHE C 281 1.40 -77.33 -31.94
N ALA C 282 0.23 -77.92 -31.67
CA ALA C 282 -0.93 -77.14 -31.28
C ALA C 282 -0.66 -76.32 -30.05
N ILE C 283 0.17 -76.81 -29.16
CA ILE C 283 0.54 -76.02 -28.01
C ILE C 283 1.48 -74.92 -28.44
N GLN C 284 2.54 -75.28 -29.14
CA GLN C 284 3.55 -74.33 -29.55
C GLN C 284 3.09 -73.36 -30.63
N LYS C 285 1.95 -73.59 -31.26
CA LYS C 285 1.53 -72.59 -32.22
C LYS C 285 0.94 -71.39 -31.49
N SER C 286 0.55 -71.57 -30.24
CA SER C 286 -0.03 -70.52 -29.43
C SER C 286 1.06 -69.65 -28.83
N ASP C 287 0.67 -68.81 -27.90
CA ASP C 287 1.52 -67.83 -27.27
C ASP C 287 2.54 -68.50 -26.34
N MET C 288 3.30 -67.68 -25.62
CA MET C 288 4.32 -68.19 -24.73
C MET C 288 3.89 -68.23 -23.28
N ASP C 289 3.02 -67.33 -22.86
CA ASP C 289 2.60 -67.35 -21.48
C ASP C 289 1.66 -68.49 -21.18
N LEU C 290 1.10 -69.10 -22.20
CA LEU C 290 0.12 -70.14 -22.03
C LEU C 290 0.66 -71.53 -22.21
N ARG C 291 1.87 -71.70 -22.74
CA ARG C 291 2.38 -73.03 -23.02
C ARG C 291 2.44 -73.92 -21.78
N ARG C 292 2.91 -73.38 -20.66
CA ARG C 292 3.03 -74.18 -19.45
C ARG C 292 1.67 -74.62 -18.94
N THR C 293 0.67 -73.73 -19.00
CA THR C 293 -0.64 -74.13 -18.53
C THR C 293 -1.29 -75.11 -19.49
N LEU C 294 -1.01 -75.01 -20.78
CA LEU C 294 -1.59 -75.97 -21.69
C LEU C 294 -0.94 -77.32 -21.53
N PHE C 295 0.33 -77.34 -21.18
CA PHE C 295 0.95 -78.63 -20.95
C PHE C 295 0.39 -79.26 -19.70
N SER C 296 0.05 -78.45 -18.72
CA SER C 296 -0.51 -79.03 -17.52
C SER C 296 -1.96 -79.44 -17.67
N ASN C 297 -2.61 -79.15 -18.79
CA ASN C 297 -4.01 -79.54 -18.92
C ASN C 297 -4.26 -80.10 -20.32
N ILE C 298 -4.06 -81.39 -20.49
CA ILE C 298 -4.29 -82.06 -21.76
C ILE C 298 -5.49 -82.96 -21.55
N VAL C 299 -6.55 -82.70 -22.30
CA VAL C 299 -7.76 -83.46 -22.15
C VAL C 299 -8.00 -84.30 -23.37
N LEU C 300 -8.11 -85.59 -23.19
CA LEU C 300 -8.37 -86.45 -24.31
C LEU C 300 -9.86 -86.66 -24.41
N SER C 301 -10.27 -87.18 -25.54
CA SER C 301 -11.64 -87.57 -25.85
C SER C 301 -11.52 -88.33 -27.14
N GLY C 302 -12.64 -88.76 -27.69
CA GLY C 302 -12.55 -89.51 -28.91
C GLY C 302 -12.29 -90.97 -28.65
N GLY C 303 -13.00 -91.84 -29.37
CA GLY C 303 -12.85 -93.26 -29.17
C GLY C 303 -11.51 -93.80 -29.54
N SER C 304 -10.78 -93.15 -30.43
CA SER C 304 -9.49 -93.74 -30.74
C SER C 304 -8.37 -93.27 -29.84
N THR C 305 -8.63 -93.23 -28.55
CA THR C 305 -7.66 -92.91 -27.52
C THR C 305 -7.89 -93.91 -26.42
N LEU C 306 -8.75 -94.88 -26.67
CA LEU C 306 -9.08 -95.93 -25.75
C LEU C 306 -8.20 -97.12 -25.90
N PHE C 307 -7.17 -97.02 -26.73
CA PHE C 307 -6.23 -98.12 -26.91
C PHE C 307 -5.56 -98.38 -25.59
N LYS C 308 -5.33 -99.63 -25.28
CA LYS C 308 -4.71 -99.91 -24.01
C LYS C 308 -3.25 -99.56 -24.10
N GLY C 309 -2.75 -98.87 -23.08
CA GLY C 309 -1.36 -98.48 -23.09
C GLY C 309 -1.11 -97.32 -24.02
N PHE C 310 -2.10 -96.46 -24.21
CA PHE C 310 -1.96 -95.31 -25.08
C PHE C 310 -1.38 -94.08 -24.41
N GLY C 311 -2.06 -93.62 -23.37
CA GLY C 311 -1.62 -92.41 -22.70
C GLY C 311 -0.22 -92.49 -22.13
N ASP C 312 0.24 -93.67 -21.77
CA ASP C 312 1.58 -93.78 -21.23
C ASP C 312 2.59 -93.51 -22.33
N ARG C 313 2.29 -94.01 -23.52
CA ARG C 313 3.19 -93.72 -24.63
C ARG C 313 3.06 -92.26 -25.01
N LEU C 314 1.87 -91.69 -24.84
CA LEU C 314 1.71 -90.28 -25.14
C LEU C 314 2.53 -89.43 -24.20
N LEU C 315 2.62 -89.84 -22.93
CA LEU C 315 3.45 -89.09 -22.00
C LEU C 315 4.90 -89.21 -22.37
N SER C 316 5.36 -90.40 -22.72
CA SER C 316 6.75 -90.55 -23.10
C SER C 316 7.07 -89.74 -24.34
N GLU C 317 6.14 -89.70 -25.28
CA GLU C 317 6.36 -88.95 -26.51
C GLU C 317 6.39 -87.46 -26.28
N VAL C 318 5.36 -86.92 -25.63
CA VAL C 318 5.31 -85.48 -25.42
C VAL C 318 6.44 -85.05 -24.49
N LYS C 319 6.75 -85.88 -23.49
CA LYS C 319 7.84 -85.59 -22.58
C LYS C 319 9.15 -85.57 -23.33
N LYS C 320 9.26 -86.41 -24.34
CA LYS C 320 10.43 -86.41 -25.17
C LYS C 320 10.49 -85.16 -26.03
N LEU C 321 9.35 -84.57 -26.33
CA LEU C 321 9.31 -83.36 -27.16
C LEU C 321 9.21 -82.06 -26.38
N ALA C 322 8.41 -82.01 -25.33
CA ALA C 322 8.21 -80.80 -24.56
C ALA C 322 9.50 -80.37 -23.86
N PRO C 323 9.61 -79.11 -23.43
CA PRO C 323 10.82 -78.66 -22.73
C PRO C 323 11.10 -79.42 -21.45
N LYS C 324 12.29 -79.19 -20.92
CA LYS C 324 12.74 -79.87 -19.73
C LYS C 324 11.92 -79.59 -18.49
N ASP C 325 11.55 -80.67 -17.82
CA ASP C 325 10.85 -80.70 -16.55
C ASP C 325 9.51 -79.97 -16.53
N VAL C 326 8.88 -79.76 -17.66
CA VAL C 326 7.59 -79.10 -17.63
C VAL C 326 6.57 -80.13 -17.20
N LYS C 327 5.63 -79.76 -16.34
CA LYS C 327 4.67 -80.76 -15.90
C LYS C 327 3.61 -80.98 -16.95
N ILE C 328 3.66 -82.13 -17.59
CA ILE C 328 2.69 -82.52 -18.59
C ILE C 328 1.65 -83.31 -17.83
N ARG C 329 0.40 -82.92 -17.93
CA ARG C 329 -0.64 -83.62 -17.19
C ARG C 329 -1.83 -83.90 -18.10
N ILE C 330 -2.02 -85.18 -18.42
CA ILE C 330 -3.08 -85.64 -19.30
C ILE C 330 -4.21 -86.20 -18.49
N SER C 331 -5.40 -85.65 -18.67
CA SER C 331 -6.58 -86.15 -17.98
C SER C 331 -7.38 -86.92 -19.01
N ALA C 332 -7.67 -88.17 -18.73
CA ALA C 332 -8.42 -89.03 -19.63
C ALA C 332 -9.54 -89.66 -18.84
N PRO C 333 -10.73 -89.14 -18.95
CA PRO C 333 -11.84 -89.70 -18.19
C PRO C 333 -12.38 -91.01 -18.73
N GLN C 334 -13.36 -91.57 -18.06
CA GLN C 334 -13.92 -92.84 -18.51
C GLN C 334 -14.92 -92.66 -19.62
N GLU C 335 -15.57 -91.50 -19.67
CA GLU C 335 -16.61 -91.23 -20.65
C GLU C 335 -16.08 -90.48 -21.85
N ARG C 336 -14.85 -90.82 -22.26
CA ARG C 336 -14.23 -90.19 -23.40
C ARG C 336 -15.07 -90.35 -24.64
N LEU C 337 -15.70 -91.52 -24.78
CA LEU C 337 -16.52 -91.76 -25.95
C LEU C 337 -17.71 -90.85 -26.03
N TYR C 338 -18.19 -90.33 -24.91
CA TYR C 338 -19.37 -89.50 -24.97
C TYR C 338 -19.13 -88.08 -24.49
N SER C 339 -17.87 -87.67 -24.39
CA SER C 339 -17.56 -86.33 -23.92
C SER C 339 -18.16 -85.27 -24.81
N THR C 340 -18.10 -85.46 -26.11
CA THR C 340 -18.70 -84.49 -27.00
C THR C 340 -20.21 -84.52 -26.86
N TRP C 341 -20.79 -85.68 -26.62
CA TRP C 341 -22.23 -85.69 -26.45
C TRP C 341 -22.62 -85.05 -25.14
N ILE C 342 -21.97 -85.45 -24.05
CA ILE C 342 -22.30 -84.92 -22.73
C ILE C 342 -22.12 -83.42 -22.72
N GLY C 343 -21.09 -82.94 -23.38
CA GLY C 343 -20.88 -81.52 -23.44
C GLY C 343 -21.90 -80.84 -24.29
N GLY C 344 -22.41 -81.54 -25.29
CA GLY C 344 -23.45 -80.95 -26.10
C GLY C 344 -24.70 -80.81 -25.26
N SER C 345 -24.92 -81.78 -24.39
CA SER C 345 -26.08 -81.72 -23.51
C SER C 345 -25.93 -80.59 -22.51
N ILE C 346 -24.71 -80.37 -22.03
CA ILE C 346 -24.47 -79.30 -21.07
C ILE C 346 -24.69 -77.95 -21.71
N LEU C 347 -24.10 -77.72 -22.89
CA LEU C 347 -24.32 -76.42 -23.51
C LEU C 347 -25.74 -76.27 -23.98
N ALA C 348 -26.39 -77.36 -24.38
CA ALA C 348 -27.74 -77.19 -24.84
C ALA C 348 -28.73 -77.09 -23.70
N SER C 349 -28.31 -77.31 -22.47
CA SER C 349 -29.20 -77.18 -21.32
C SER C 349 -29.04 -75.83 -20.65
N LEU C 350 -28.82 -74.78 -21.43
CA LEU C 350 -28.61 -73.43 -20.93
C LEU C 350 -29.45 -72.44 -21.68
N ASP C 351 -29.56 -71.24 -21.11
CA ASP C 351 -30.31 -70.18 -21.77
C ASP C 351 -29.43 -69.42 -22.72
N THR C 352 -28.11 -69.54 -22.52
CA THR C 352 -27.17 -68.93 -23.43
C THR C 352 -27.25 -69.65 -24.76
N PHE C 353 -27.69 -70.90 -24.70
CA PHE C 353 -27.90 -71.67 -25.91
C PHE C 353 -29.04 -71.06 -26.69
N LYS C 354 -30.07 -70.56 -25.99
CA LYS C 354 -31.16 -69.86 -26.64
C LYS C 354 -30.63 -68.58 -27.23
N LYS C 355 -29.66 -67.97 -26.57
CA LYS C 355 -29.01 -66.79 -27.08
C LYS C 355 -27.84 -67.13 -27.94
N MET C 356 -27.75 -68.37 -28.41
CA MET C 356 -26.60 -68.80 -29.17
C MET C 356 -26.91 -69.52 -30.46
N TRP C 357 -28.09 -70.11 -30.64
CA TRP C 357 -28.34 -70.83 -31.88
C TRP C 357 -28.63 -69.90 -33.04
N VAL C 358 -29.14 -70.48 -34.12
CA VAL C 358 -29.49 -69.74 -35.32
C VAL C 358 -30.97 -69.90 -35.56
N SER C 359 -31.66 -68.77 -35.70
CA SER C 359 -33.09 -68.78 -35.96
C SER C 359 -33.41 -69.32 -37.33
N LYS C 360 -34.52 -70.04 -37.41
CA LYS C 360 -34.98 -70.60 -38.67
C LYS C 360 -35.36 -69.48 -39.62
N LYS C 361 -35.99 -68.43 -39.08
CA LYS C 361 -36.37 -67.30 -39.89
C LYS C 361 -35.14 -66.60 -40.40
N GLU C 362 -34.17 -66.39 -39.52
CA GLU C 362 -32.93 -65.74 -39.87
C GLU C 362 -32.17 -66.56 -40.89
N TYR C 363 -32.30 -67.88 -40.82
CA TYR C 363 -31.64 -68.72 -41.82
C TYR C 363 -32.31 -68.56 -43.16
N GLU C 364 -33.65 -68.47 -43.17
CA GLU C 364 -34.35 -68.29 -44.42
C GLU C 364 -34.03 -66.94 -45.03
N GLU C 365 -33.84 -65.94 -44.18
CA GLU C 365 -33.52 -64.61 -44.64
C GLU C 365 -32.09 -64.50 -45.14
N ASP C 366 -31.18 -65.28 -44.57
CA ASP C 366 -29.78 -65.15 -44.93
C ASP C 366 -29.19 -66.37 -45.63
N GLY C 367 -29.23 -67.53 -45.02
CA GLY C 367 -28.67 -68.72 -45.62
C GLY C 367 -27.33 -69.11 -45.01
N ALA C 368 -26.35 -69.38 -45.87
CA ALA C 368 -25.04 -69.82 -45.44
C ALA C 368 -24.31 -68.78 -44.60
N ARG C 369 -24.41 -67.50 -44.97
CA ARG C 369 -23.73 -66.43 -44.26
C ARG C 369 -24.11 -66.38 -42.79
N SER C 370 -25.34 -66.77 -42.47
CA SER C 370 -25.80 -66.76 -41.09
C SER C 370 -25.00 -67.72 -40.24
N ILE C 371 -24.87 -68.97 -40.70
CA ILE C 371 -24.12 -69.94 -39.93
C ILE C 371 -22.64 -69.63 -39.96
N HIS C 372 -22.13 -69.05 -41.05
CA HIS C 372 -20.71 -68.75 -41.01
C HIS C 372 -20.42 -67.56 -40.12
N ARG C 373 -21.42 -66.76 -39.79
CA ARG C 373 -21.17 -65.68 -38.85
C ARG C 373 -21.25 -66.23 -37.44
N LYS C 374 -22.29 -67.00 -37.16
CA LYS C 374 -22.48 -67.58 -35.84
C LYS C 374 -21.78 -68.91 -35.69
N THR C 375 -20.71 -69.15 -36.43
CA THR C 375 -19.96 -70.40 -36.32
C THR C 375 -19.25 -70.53 -34.99
N PHE C 376 -19.02 -69.43 -34.29
CA PHE C 376 -18.36 -69.45 -32.99
C PHE C 376 -19.14 -68.54 -32.05
N ARG D 7 57.47 68.23 38.20
CA ARG D 7 57.83 69.45 37.51
C ARG D 7 59.11 69.21 36.71
N VAL D 8 59.16 69.78 35.51
CA VAL D 8 60.29 69.65 34.59
C VAL D 8 60.98 70.99 34.45
N SER D 9 62.31 70.98 34.44
CA SER D 9 63.09 72.19 34.30
C SER D 9 62.96 72.79 32.89
N ASP D 10 63.65 73.90 32.70
CA ASP D 10 63.63 74.63 31.45
C ASP D 10 64.66 74.14 30.46
N GLU D 11 65.80 73.66 30.93
CA GLU D 11 66.84 73.16 30.05
C GLU D 11 66.46 71.84 29.40
N GLU D 12 65.51 71.10 29.96
CA GLU D 12 65.06 69.88 29.33
C GLU D 12 64.10 70.19 28.19
N LYS D 13 63.48 71.37 28.23
CA LYS D 13 62.56 71.79 27.18
C LYS D 13 63.28 72.00 25.88
N VAL D 14 64.56 72.33 25.94
CA VAL D 14 65.36 72.49 24.74
C VAL D 14 65.51 71.14 24.05
N ARG D 15 65.81 70.09 24.83
CA ARG D 15 65.91 68.75 24.26
C ARG D 15 64.55 68.27 23.75
N ILE D 16 63.47 68.69 24.43
CA ILE D 16 62.13 68.30 24.00
C ILE D 16 61.78 68.94 22.66
N ALA D 17 61.97 70.26 22.54
CA ALA D 17 61.66 70.95 21.30
C ALA D 17 62.58 70.49 20.19
N ALA D 18 63.83 70.17 20.52
CA ALA D 18 64.76 69.64 19.52
C ALA D 18 64.28 68.30 19.02
N LYS D 19 63.72 67.51 19.92
CA LYS D 19 63.19 66.22 19.54
C LYS D 19 61.94 66.38 18.70
N PHE D 20 61.17 67.43 18.91
CA PHE D 20 59.98 67.57 18.11
C PHE D 20 60.26 68.21 16.77
N ILE D 21 61.36 68.94 16.63
CA ILE D 21 61.65 69.54 15.34
C ILE D 21 62.46 68.62 14.48
N THR D 22 63.39 67.89 15.08
CA THR D 22 64.21 66.95 14.31
C THR D 22 63.43 65.75 13.78
N HIS D 23 62.16 65.59 14.14
CA HIS D 23 61.35 64.52 13.62
C HIS D 23 60.12 65.05 12.91
N ALA D 24 60.16 66.29 12.51
CA ALA D 24 59.01 66.86 11.82
C ALA D 24 59.03 66.39 10.37
N PRO D 25 57.90 65.94 9.84
CA PRO D 25 57.86 65.46 8.48
C PRO D 25 58.01 66.60 7.49
N PRO D 26 58.45 66.32 6.27
CA PRO D 26 58.63 67.39 5.28
C PRO D 26 57.31 68.04 4.90
N GLY D 27 57.39 69.34 4.69
CA GLY D 27 56.21 70.10 4.37
C GLY D 27 55.31 70.36 5.55
N GLU D 28 55.66 69.87 6.73
CA GLU D 28 54.85 70.06 7.92
C GLU D 28 55.66 70.66 9.06
N PHE D 29 56.72 71.39 8.72
CA PHE D 29 57.54 72.00 9.76
C PHE D 29 56.83 73.17 10.42
N ASN D 30 56.14 73.99 9.64
CA ASN D 30 55.44 75.14 10.19
C ASN D 30 54.35 74.73 11.16
N GLU D 31 53.71 73.60 10.89
CA GLU D 31 52.64 73.15 11.75
C GLU D 31 53.19 72.62 13.04
N VAL D 32 54.38 72.00 12.98
CA VAL D 32 55.04 71.55 14.20
C VAL D 32 55.46 72.78 14.98
N PHE D 33 55.83 73.84 14.26
CA PHE D 33 56.21 75.08 14.91
C PHE D 33 55.03 75.73 15.59
N ASN D 34 53.86 75.68 14.96
CA ASN D 34 52.69 76.28 15.60
C ASN D 34 52.29 75.46 16.81
N ASP D 35 52.31 74.15 16.69
CA ASP D 35 51.94 73.29 17.80
C ASP D 35 53.02 73.22 18.86
N VAL D 36 54.18 73.82 18.64
CA VAL D 36 55.21 73.88 19.67
C VAL D 36 55.33 75.29 20.21
N ARG D 37 54.90 76.29 19.44
CA ARG D 37 54.90 77.67 19.87
C ARG D 37 53.74 77.91 20.79
N LEU D 38 52.57 77.38 20.43
CA LEU D 38 51.40 77.51 21.27
C LEU D 38 51.42 76.56 22.45
N LEU D 39 52.51 75.79 22.62
CA LEU D 39 52.63 74.82 23.68
C LEU D 39 53.79 75.05 24.64
N LEU D 40 55.01 75.27 24.14
CA LEU D 40 56.12 75.45 25.06
C LEU D 40 56.03 76.75 25.86
N ASN D 41 55.25 77.71 25.38
CA ASN D 41 54.93 78.99 26.02
C ASN D 41 56.10 79.93 26.31
N ASN D 42 57.34 79.56 26.00
CA ASN D 42 58.45 80.45 26.21
C ASN D 42 59.23 80.48 24.90
N ASP D 43 59.10 81.58 24.18
CA ASP D 43 59.77 81.72 22.90
C ASP D 43 61.26 81.95 23.05
N ASN D 44 61.75 82.20 24.25
CA ASN D 44 63.17 82.41 24.44
C ASN D 44 63.90 81.08 24.55
N LEU D 45 63.30 80.15 25.29
CA LEU D 45 63.85 78.82 25.43
C LEU D 45 63.88 78.12 24.09
N LEU D 46 62.73 78.07 23.41
CA LEU D 46 62.72 77.45 22.11
C LEU D 46 63.41 78.34 21.10
N ARG D 47 63.59 79.64 21.38
CA ARG D 47 64.33 80.50 20.48
C ARG D 47 65.75 79.98 20.33
N GLU D 48 66.49 79.86 21.43
CA GLU D 48 67.86 79.34 21.33
C GLU D 48 67.89 77.85 20.98
N GLY D 49 67.25 77.00 21.80
CA GLY D 49 67.28 75.57 21.57
C GLY D 49 66.70 75.17 20.23
N ALA D 50 65.47 75.62 19.96
CA ALA D 50 64.84 75.35 18.69
C ALA D 50 65.55 76.04 17.55
N ALA D 51 66.30 77.12 17.78
CA ALA D 51 67.04 77.73 16.69
C ALA D 51 68.14 76.80 16.24
N HIS D 52 68.81 76.16 17.20
CA HIS D 52 69.80 75.18 16.82
C HIS D 52 69.14 73.98 16.16
N ALA D 53 67.96 73.61 16.67
CA ALA D 53 67.21 72.51 16.07
C ALA D 53 66.76 72.85 14.65
N PHE D 54 66.44 74.14 14.39
CA PHE D 54 66.05 74.59 13.07
C PHE D 54 67.23 74.49 12.15
N ALA D 55 68.40 74.87 12.66
CA ALA D 55 69.62 74.79 11.88
C ALA D 55 69.89 73.35 11.50
N GLN D 56 69.67 72.42 12.43
CA GLN D 56 69.88 71.02 12.12
C GLN D 56 68.87 70.55 11.08
N TYR D 57 67.58 70.73 11.38
CA TYR D 57 66.48 70.31 10.51
C TYR D 57 66.52 70.94 9.15
N ASN D 58 67.19 72.05 8.98
CA ASN D 58 67.27 72.66 7.68
C ASN D 58 68.61 72.45 7.00
N MET D 59 69.60 71.97 7.73
CA MET D 59 70.88 71.67 7.13
C MET D 59 70.95 70.22 6.68
N ASP D 60 70.22 69.35 7.36
CA ASP D 60 70.27 67.93 7.05
C ASP D 60 69.33 67.49 5.94
N GLN D 61 68.11 68.00 5.93
CA GLN D 61 67.14 67.56 4.94
C GLN D 61 67.25 68.24 3.61
N PHE D 62 68.35 68.91 3.29
CA PHE D 62 68.58 69.59 1.99
C PHE D 62 67.44 70.55 1.70
N THR D 63 67.29 71.53 2.57
CA THR D 63 66.19 72.48 2.49
C THR D 63 66.24 73.35 1.25
N PRO D 64 65.13 73.46 0.53
CA PRO D 64 65.10 74.29 -0.67
C PRO D 64 65.11 75.76 -0.33
N VAL D 65 66.21 76.45 -0.60
CA VAL D 65 66.31 77.88 -0.31
C VAL D 65 66.32 78.65 -1.62
N LYS D 66 65.54 79.71 -1.66
CA LYS D 66 65.41 80.53 -2.85
C LYS D 66 66.49 81.60 -2.93
N ILE D 67 67.15 81.69 -4.09
CA ILE D 67 68.13 82.73 -4.37
C ILE D 67 67.41 83.68 -5.32
N GLU D 68 67.14 84.88 -4.83
CA GLU D 68 66.38 85.85 -5.60
C GLU D 68 67.18 86.44 -6.75
N GLY D 69 68.49 86.37 -6.72
CA GLY D 69 69.23 86.95 -7.80
C GLY D 69 69.31 86.20 -9.12
N TYR D 70 69.51 84.89 -9.08
CA TYR D 70 69.70 84.13 -10.31
C TYR D 70 68.66 83.09 -10.64
N GLU D 71 67.59 82.96 -9.83
CA GLU D 71 66.49 82.03 -10.03
C GLU D 71 66.98 80.59 -10.18
N ASP D 72 67.54 80.09 -9.09
CA ASP D 72 68.09 78.75 -9.07
C ASP D 72 67.49 77.84 -8.02
N GLN D 73 67.11 78.38 -6.85
CA GLN D 73 66.54 77.65 -5.72
C GLN D 73 67.52 76.56 -5.26
N VAL D 74 68.64 77.03 -4.71
CA VAL D 74 69.69 76.13 -4.27
C VAL D 74 69.28 75.43 -2.97
N LEU D 75 70.05 74.43 -2.56
CA LEU D 75 69.77 73.64 -1.37
C LEU D 75 70.81 73.89 -0.30
N ILE D 76 70.37 73.96 0.93
CA ILE D 76 71.28 74.14 2.05
C ILE D 76 71.69 72.76 2.54
N THR D 77 72.94 72.42 2.33
CA THR D 77 73.48 71.15 2.73
C THR D 77 74.41 71.42 3.90
N GLU D 78 74.42 70.48 4.85
CA GLU D 78 75.24 70.52 6.04
C GLU D 78 76.72 70.77 5.77
N HIS D 79 77.19 70.33 4.63
CA HIS D 79 78.60 70.42 4.27
C HIS D 79 79.07 71.80 3.84
N GLY D 80 78.36 72.88 4.10
CA GLY D 80 78.91 74.17 3.72
C GLY D 80 78.33 75.25 4.58
N ASP D 81 79.17 75.98 5.31
CA ASP D 81 78.71 77.04 6.22
C ASP D 81 79.90 77.85 6.71
N LEU D 82 79.59 79.05 7.23
CA LEU D 82 80.54 79.96 7.86
C LEU D 82 79.92 80.59 9.10
N GLY D 83 79.19 79.77 9.86
CA GLY D 83 78.58 80.17 11.12
C GLY D 83 77.18 80.74 11.27
N ASN D 84 76.97 82.02 10.98
CA ASN D 84 75.66 82.64 11.17
C ASN D 84 74.81 82.43 9.92
N SER D 85 74.43 81.16 9.70
CA SER D 85 73.64 80.70 8.57
C SER D 85 74.30 81.07 7.25
N ARG D 86 75.63 81.17 7.28
CA ARG D 86 76.44 81.59 6.16
C ARG D 86 76.90 80.41 5.33
N PHE D 87 75.93 79.75 4.73
CA PHE D 87 76.22 78.64 3.85
C PHE D 87 76.77 79.24 2.57
N LEU D 88 77.75 78.59 1.98
CA LEU D 88 78.37 79.11 0.79
C LEU D 88 77.69 78.49 -0.42
N ASP D 89 76.94 79.29 -1.15
CA ASP D 89 76.26 78.82 -2.35
C ASP D 89 77.32 78.53 -3.40
N PRO D 90 77.44 77.30 -3.88
CA PRO D 90 78.45 77.00 -4.89
C PRO D 90 78.08 77.57 -6.25
N ARG D 91 76.82 77.51 -6.61
CA ARG D 91 76.39 78.10 -7.86
C ARG D 91 76.39 79.60 -7.65
N ASN D 92 76.92 80.34 -8.63
CA ASN D 92 77.05 81.80 -8.73
C ASN D 92 78.09 82.38 -7.78
N LYS D 93 78.72 81.56 -6.92
CA LYS D 93 79.76 81.93 -5.94
C LYS D 93 79.32 83.11 -5.07
N ILE D 94 78.22 82.90 -4.36
CA ILE D 94 77.64 83.94 -3.52
C ILE D 94 77.42 83.45 -2.11
N SER D 95 77.75 84.28 -1.13
CA SER D 95 77.53 83.85 0.24
C SER D 95 76.14 84.30 0.60
N PHE D 96 75.56 83.69 1.62
CA PHE D 96 74.22 84.11 1.97
C PHE D 96 73.90 83.76 3.40
N LYS D 97 73.03 84.56 3.98
CA LYS D 97 72.45 84.37 5.30
C LYS D 97 71.08 83.81 5.03
N PHE D 98 70.48 83.16 6.02
CA PHE D 98 69.17 82.57 5.82
C PHE D 98 68.41 82.43 7.12
N ASP D 99 67.19 82.90 7.12
CA ASP D 99 66.35 82.78 8.30
C ASP D 99 65.68 81.43 8.19
N HIS D 100 66.00 80.55 9.15
CA HIS D 100 65.45 79.21 9.15
C HIS D 100 63.94 79.22 9.29
N LEU D 101 63.38 80.23 9.96
CA LEU D 101 61.94 80.31 10.16
C LEU D 101 61.23 81.03 9.03
N ARG D 102 61.71 82.22 8.65
CA ARG D 102 61.12 82.99 7.58
C ARG D 102 61.20 82.27 6.24
N LYS D 103 62.17 81.37 6.12
CA LYS D 103 62.42 80.56 4.93
C LYS D 103 62.76 81.45 3.74
N GLU D 104 63.51 82.50 4.02
CA GLU D 104 63.96 83.49 3.07
C GLU D 104 65.42 83.75 3.34
N ALA D 105 66.25 83.69 2.30
CA ALA D 105 67.67 83.91 2.47
C ALA D 105 67.96 85.39 2.66
N SER D 106 69.23 85.72 2.89
CA SER D 106 69.62 87.10 3.07
C SER D 106 71.08 87.27 2.69
N ASP D 107 71.44 88.52 2.40
CA ASP D 107 72.79 88.97 2.04
C ASP D 107 73.43 88.16 0.93
N PRO D 108 73.09 88.38 -0.33
CA PRO D 108 73.72 87.64 -1.44
C PRO D 108 75.11 88.16 -1.79
N GLN D 109 75.97 88.23 -0.79
CA GLN D 109 77.33 88.73 -0.95
C GLN D 109 78.11 87.78 -1.84
N PRO D 110 78.84 88.28 -2.79
CA PRO D 110 79.57 87.41 -3.72
C PRO D 110 80.72 86.69 -3.07
N GLU D 111 80.43 85.50 -2.53
CA GLU D 111 81.38 84.65 -1.83
C GLU D 111 82.71 84.49 -2.52
N GLU D 112 83.72 84.90 -1.78
CA GLU D 112 85.10 84.84 -2.18
C GLU D 112 85.58 83.48 -1.71
N VAL D 113 85.14 82.45 -2.45
CA VAL D 113 85.50 81.08 -2.13
C VAL D 113 87.00 80.90 -2.33
N ASP D 114 87.59 80.08 -1.47
CA ASP D 114 89.02 79.84 -1.52
C ASP D 114 89.41 79.04 -2.73
N GLY D 115 88.47 78.28 -3.28
CA GLY D 115 88.73 77.49 -4.46
C GLY D 115 89.11 76.11 -4.01
N SER D 116 88.17 75.18 -4.06
CA SER D 116 88.46 73.82 -3.64
C SER D 116 88.35 72.87 -4.83
N LEU D 117 87.16 72.69 -5.38
CA LEU D 117 86.93 71.80 -6.51
C LEU D 117 85.85 72.43 -7.37
N LYS D 118 85.96 73.75 -7.58
CA LYS D 118 84.94 74.52 -8.32
C LYS D 118 84.72 74.00 -9.73
N SER D 119 85.78 73.46 -10.35
CA SER D 119 85.63 72.85 -11.66
C SER D 119 84.75 71.62 -11.55
N TRP D 120 85.02 70.79 -10.55
CA TRP D 120 84.23 69.61 -10.29
C TRP D 120 82.84 69.99 -9.84
N ARG D 121 82.77 71.07 -9.08
CA ARG D 121 81.50 71.60 -8.58
C ARG D 121 80.53 71.86 -9.71
N GLU D 122 80.89 72.77 -10.62
CA GLU D 122 79.95 73.00 -11.69
C GLU D 122 79.96 71.89 -12.75
N SER D 123 81.02 71.08 -12.84
CA SER D 123 81.04 70.00 -13.83
C SER D 123 80.04 68.91 -13.46
N CYS D 124 80.26 68.30 -12.29
CA CYS D 124 79.34 67.28 -11.82
C CYS D 124 78.00 67.90 -11.50
N ASP D 125 77.97 69.21 -11.20
CA ASP D 125 76.72 69.87 -10.98
C ASP D 125 75.94 69.93 -12.27
N SER D 126 76.62 70.27 -13.36
CA SER D 126 76.00 70.37 -14.67
C SER D 126 75.44 69.03 -15.10
N ALA D 127 76.24 67.99 -14.93
CA ALA D 127 75.80 66.66 -15.29
C ALA D 127 74.64 66.23 -14.42
N LEU D 128 74.65 66.67 -13.17
CA LEU D 128 73.53 66.34 -12.30
C LEU D 128 72.33 67.23 -12.59
N ARG D 129 72.54 68.39 -13.20
CA ARG D 129 71.40 69.23 -13.58
C ARG D 129 70.67 68.54 -14.71
N ALA D 130 71.45 67.94 -15.62
CA ALA D 130 70.87 67.18 -16.72
C ALA D 130 70.14 65.96 -16.18
N TYR D 131 70.76 65.30 -15.21
CA TYR D 131 70.13 64.13 -14.60
C TYR D 131 68.84 64.50 -13.90
N VAL D 132 68.85 65.60 -13.14
CA VAL D 132 67.65 66.04 -12.43
C VAL D 132 66.58 66.40 -13.42
N LYS D 133 66.97 67.08 -14.50
CA LYS D 133 65.98 67.41 -15.52
C LYS D 133 65.52 66.19 -16.29
N ASP D 134 66.15 65.03 -16.08
CA ASP D 134 65.75 63.80 -16.72
C ASP D 134 64.83 62.95 -15.87
N HIS D 135 65.19 62.71 -14.63
CA HIS D 135 64.39 61.83 -13.80
C HIS D 135 63.65 62.50 -12.68
N TYR D 136 63.99 63.72 -12.33
CA TYR D 136 63.33 64.41 -11.23
C TYR D 136 62.36 65.45 -11.76
N SER D 137 61.13 65.39 -11.30
CA SER D 137 60.16 66.36 -11.78
C SER D 137 60.44 67.73 -11.17
N ASN D 138 60.41 67.81 -9.86
CA ASN D 138 60.67 69.06 -9.14
C ASN D 138 61.98 68.95 -8.37
N GLY D 139 62.96 68.35 -8.99
CA GLY D 139 64.24 68.17 -8.35
C GLY D 139 65.02 69.45 -8.22
N PHE D 140 66.11 69.36 -7.46
CA PHE D 140 67.01 70.47 -7.21
C PHE D 140 68.39 69.90 -6.98
N CYS D 141 69.38 70.44 -7.67
CA CYS D 141 70.73 69.96 -7.48
C CYS D 141 71.55 71.04 -6.80
N THR D 142 72.60 70.60 -6.12
CA THR D 142 73.52 71.45 -5.38
C THR D 142 74.75 70.61 -5.17
N VAL D 143 75.91 71.15 -5.50
CA VAL D 143 77.15 70.39 -5.39
C VAL D 143 78.14 71.16 -4.54
N TYR D 144 78.52 70.59 -3.41
CA TYR D 144 79.49 71.19 -2.52
C TYR D 144 80.88 70.65 -2.82
N ALA D 145 81.79 71.56 -3.11
CA ALA D 145 83.17 71.23 -3.40
C ALA D 145 83.99 71.57 -2.15
N LYS D 146 84.70 70.60 -1.60
CA LYS D 146 85.45 70.89 -0.40
C LYS D 146 86.71 70.05 -0.27
N ASN D 147 87.77 70.69 0.21
CA ASN D 147 89.06 70.08 0.51
C ASN D 147 89.03 69.56 1.94
N ILE D 148 88.01 68.74 2.23
CA ILE D 148 87.79 68.19 3.57
C ILE D 148 88.97 67.35 4.00
N ASP D 149 89.50 67.66 5.19
CA ASP D 149 90.63 67.08 5.93
C ASP D 149 91.76 66.57 5.05
N GLY D 150 92.16 67.38 4.07
CA GLY D 150 93.21 66.98 3.16
C GLY D 150 92.74 66.04 2.08
N GLN D 151 91.46 66.11 1.70
CA GLN D 151 90.89 65.27 0.67
C GLN D 151 89.92 66.11 -0.14
N GLN D 152 90.04 66.03 -1.45
CA GLN D 152 89.14 66.75 -2.32
C GLN D 152 87.87 65.94 -2.50
N THR D 153 86.71 66.52 -2.24
CA THR D 153 85.49 65.77 -2.41
C THR D 153 84.42 66.66 -2.97
N ILE D 154 83.43 66.01 -3.57
CA ILE D 154 82.26 66.64 -4.14
C ILE D 154 81.08 66.06 -3.41
N ILE D 155 80.25 66.92 -2.85
CA ILE D 155 79.10 66.38 -2.16
C ILE D 155 77.90 66.81 -2.98
N ALA D 156 77.59 66.01 -3.98
CA ALA D 156 76.45 66.28 -4.84
C ALA D 156 75.22 65.86 -4.09
N CYS D 157 74.21 66.71 -4.09
CA CYS D 157 72.99 66.42 -3.38
C CYS D 157 71.82 66.58 -4.32
N ILE D 158 70.80 65.75 -4.12
CA ILE D 158 69.62 65.77 -4.94
C ILE D 158 68.41 65.84 -4.01
N GLU D 159 67.45 66.68 -4.35
CA GLU D 159 66.27 66.77 -3.51
C GLU D 159 65.08 67.07 -4.39
N SER D 160 63.99 66.37 -4.12
CA SER D 160 62.72 66.58 -4.79
C SER D 160 61.66 66.44 -3.72
N HIS D 161 60.57 67.18 -3.87
CA HIS D 161 59.53 67.08 -2.87
C HIS D 161 58.22 67.53 -3.47
N GLN D 162 57.15 67.20 -2.76
CA GLN D 162 55.80 67.59 -3.15
C GLN D 162 55.10 67.88 -1.85
N PHE D 163 54.70 69.10 -1.63
CA PHE D 163 54.01 69.47 -0.41
C PHE D 163 52.59 69.79 -0.84
N GLN D 164 51.69 68.81 -0.73
CA GLN D 164 50.30 69.01 -1.11
C GLN D 164 49.40 68.83 0.11
N PRO D 165 49.19 69.88 0.89
CA PRO D 165 48.35 69.75 2.08
C PRO D 165 46.88 69.59 1.76
N LYS D 166 46.42 70.05 0.60
CA LYS D 166 45.01 69.88 0.28
C LYS D 166 44.68 68.43 -0.01
N ASN D 167 45.68 67.64 -0.38
CA ASN D 167 45.48 66.24 -0.68
C ASN D 167 45.98 65.37 0.47
N PHE D 168 46.30 65.99 1.60
CA PHE D 168 46.73 65.35 2.83
C PHE D 168 47.98 64.49 2.69
N TRP D 169 48.93 64.94 1.89
CA TRP D 169 50.15 64.15 1.80
C TRP D 169 51.34 65.03 1.52
N ASN D 170 52.51 64.43 1.67
CA ASN D 170 53.79 65.07 1.47
C ASN D 170 54.75 64.02 0.95
N GLY D 171 56.03 64.33 1.01
CA GLY D 171 57.02 63.40 0.53
C GLY D 171 58.19 64.20 0.06
N ARG D 172 59.39 63.78 0.40
CA ARG D 172 60.58 64.53 0.03
C ARG D 172 61.71 63.58 -0.30
N TRP D 173 61.91 63.33 -1.58
CA TRP D 173 63.00 62.49 -2.01
C TRP D 173 64.27 63.26 -1.73
N ARG D 174 65.11 62.75 -0.87
CA ARG D 174 66.37 63.39 -0.56
C ARG D 174 67.45 62.45 -1.01
N SER D 175 68.52 62.99 -1.56
CA SER D 175 69.57 62.12 -2.03
C SER D 175 70.90 62.83 -1.93
N GLU D 176 71.89 62.14 -1.37
CA GLU D 176 73.23 62.66 -1.22
C GLU D 176 74.20 61.67 -1.84
N TRP D 177 75.23 62.19 -2.47
CA TRP D 177 76.24 61.37 -3.11
C TRP D 177 77.59 62.00 -2.84
N LYS D 178 78.31 61.45 -1.85
CA LYS D 178 79.63 61.95 -1.55
C LYS D 178 80.53 61.52 -2.68
N PHE D 179 80.73 62.38 -3.64
CA PHE D 179 81.62 62.01 -4.73
C PHE D 179 83.00 62.26 -4.18
N THR D 180 83.51 61.25 -3.50
CA THR D 180 84.80 61.29 -2.87
C THR D 180 85.82 61.39 -3.99
N ILE D 181 86.41 62.56 -4.20
CA ILE D 181 87.40 62.67 -5.28
C ILE D 181 88.72 62.25 -4.66
N THR D 182 88.87 60.94 -4.57
CA THR D 182 90.01 60.16 -4.15
C THR D 182 90.29 59.65 -5.55
N PRO D 183 91.10 60.38 -6.34
CA PRO D 183 91.33 60.09 -7.78
C PRO D 183 91.61 58.64 -8.19
N PRO D 184 92.41 57.85 -7.47
CA PRO D 184 92.60 56.48 -7.96
C PRO D 184 91.39 55.58 -7.77
N THR D 185 90.53 55.86 -6.79
CA THR D 185 89.36 55.02 -6.55
C THR D 185 88.32 55.90 -5.87
N ALA D 186 87.40 56.44 -6.65
CA ALA D 186 86.38 57.31 -6.05
C ALA D 186 85.32 56.40 -5.49
N GLN D 187 85.46 56.04 -4.22
CA GLN D 187 84.45 55.19 -3.57
C GLN D 187 83.26 56.09 -3.29
N VAL D 188 82.42 56.22 -4.31
CA VAL D 188 81.26 57.08 -4.23
C VAL D 188 80.26 56.39 -3.35
N VAL D 189 80.25 56.76 -2.08
CA VAL D 189 79.35 56.18 -1.11
C VAL D 189 78.50 57.32 -0.60
N GLY D 190 77.18 57.19 -0.76
CA GLY D 190 76.28 58.21 -0.31
C GLY D 190 75.02 57.59 0.27
N VAL D 191 73.98 58.39 0.43
CA VAL D 191 72.74 57.89 0.98
C VAL D 191 71.58 58.59 0.27
N LEU D 192 70.48 57.85 0.11
CA LEU D 192 69.28 58.31 -0.55
C LEU D 192 68.14 58.08 0.43
N LYS D 193 67.97 59.00 1.36
CA LYS D 193 66.93 58.87 2.37
C LYS D 193 65.61 59.39 1.83
N ILE D 194 64.51 58.72 2.16
CA ILE D 194 63.19 59.12 1.69
C ILE D 194 62.23 59.15 2.86
N GLN D 195 61.43 60.19 2.95
CA GLN D 195 60.42 60.31 3.99
C GLN D 195 59.13 60.72 3.32
N VAL D 196 58.10 59.90 3.44
CA VAL D 196 56.82 60.17 2.82
C VAL D 196 55.72 60.08 3.86
N HIS D 197 54.88 61.09 3.93
CA HIS D 197 53.79 61.12 4.88
C HIS D 197 52.48 61.21 4.13
N TYR D 198 51.47 60.60 4.68
CA TYR D 198 50.13 60.60 4.10
C TYR D 198 49.19 60.46 5.27
N TYR D 199 48.18 61.32 5.32
CA TYR D 199 47.30 61.25 6.46
C TYR D 199 45.82 61.46 6.14
N GLU D 200 45.40 61.17 4.93
CA GLU D 200 43.99 61.32 4.61
C GLU D 200 43.20 60.24 5.32
N ASP D 201 42.40 60.66 6.30
CA ASP D 201 41.55 59.78 7.12
C ASP D 201 42.38 58.71 7.82
N GLY D 202 43.61 59.03 8.16
CA GLY D 202 44.45 58.05 8.82
C GLY D 202 45.83 58.60 8.99
N ASN D 203 46.84 57.74 8.99
CA ASN D 203 48.21 58.20 9.15
C ASN D 203 49.11 57.10 8.65
N VAL D 204 49.99 57.41 7.72
CA VAL D 204 50.92 56.44 7.14
C VAL D 204 52.25 57.12 6.89
N GLN D 205 53.34 56.53 7.34
CA GLN D 205 54.64 57.13 7.10
C GLN D 205 55.63 56.15 6.53
N LEU D 206 56.24 56.52 5.45
CA LEU D 206 57.25 55.73 4.77
C LEU D 206 58.58 56.37 5.03
N VAL D 207 59.50 55.62 5.62
CA VAL D 207 60.84 56.11 5.89
C VAL D 207 61.80 55.08 5.37
N SER D 208 62.67 55.49 4.46
CA SER D 208 63.62 54.54 3.93
C SER D 208 64.88 55.25 3.52
N HIS D 209 65.88 54.43 3.20
CA HIS D 209 67.18 54.87 2.75
C HIS D 209 67.96 53.65 2.29
N LYS D 210 68.80 53.84 1.30
CA LYS D 210 69.66 52.79 0.81
C LYS D 210 71.08 53.29 0.96
N ASP D 211 71.91 52.49 1.61
CA ASP D 211 73.29 52.87 1.79
C ASP D 211 74.03 52.46 0.52
N VAL D 212 73.95 53.31 -0.49
CA VAL D 212 74.59 53.01 -1.76
C VAL D 212 76.09 53.04 -1.57
N GLN D 213 76.74 52.07 -2.18
CA GLN D 213 78.18 51.94 -2.10
C GLN D 213 78.64 51.55 -3.49
N ASP D 214 79.47 52.37 -4.09
CA ASP D 214 79.96 52.07 -5.41
C ASP D 214 81.25 52.82 -5.59
N SER D 215 82.05 52.37 -6.55
CA SER D 215 83.28 53.06 -6.79
C SER D 215 83.62 53.02 -8.26
N VAL D 216 84.55 53.89 -8.62
CA VAL D 216 85.05 54.09 -9.96
C VAL D 216 86.33 54.91 -9.82
N THR D 217 87.29 54.72 -10.71
CA THR D 217 88.49 55.52 -10.65
C THR D 217 88.15 56.88 -11.26
N VAL D 218 88.67 57.95 -10.66
CA VAL D 218 88.42 59.26 -11.25
C VAL D 218 89.29 59.29 -12.50
N SER D 219 88.68 58.92 -13.63
CA SER D 219 89.40 58.88 -14.90
C SER D 219 89.63 60.28 -15.42
N ASN D 220 88.55 61.01 -15.69
CA ASN D 220 88.63 62.38 -16.17
C ASN D 220 87.56 63.16 -15.44
N GLU D 221 87.26 64.36 -15.94
CA GLU D 221 86.22 65.12 -15.24
C GLU D 221 84.87 64.88 -15.90
N ALA D 222 84.76 65.17 -17.20
CA ALA D 222 83.50 64.97 -17.92
C ALA D 222 83.11 63.50 -17.93
N GLN D 223 84.11 62.61 -18.06
CA GLN D 223 83.86 61.18 -18.03
C GLN D 223 83.32 60.76 -16.67
N THR D 224 83.97 61.21 -15.60
CA THR D 224 83.44 60.86 -14.30
C THR D 224 82.24 61.70 -13.94
N ALA D 225 82.00 62.83 -14.62
CA ALA D 225 80.79 63.57 -14.36
C ALA D 225 79.60 62.77 -14.86
N LYS D 226 79.59 62.46 -16.16
CA LYS D 226 78.51 61.65 -16.69
C LYS D 226 78.58 60.22 -16.18
N GLU D 227 79.74 59.73 -15.71
CA GLU D 227 79.88 58.39 -15.19
C GLU D 227 79.36 58.35 -13.77
N PHE D 228 79.49 59.48 -13.09
CA PHE D 228 78.93 59.67 -11.78
C PHE D 228 77.44 59.65 -11.94
N ILE D 229 76.98 60.24 -13.03
CA ILE D 229 75.57 60.19 -13.37
C ILE D 229 75.19 58.76 -13.73
N LYS D 230 76.11 57.99 -14.32
CA LYS D 230 75.81 56.60 -14.67
C LYS D 230 75.58 55.78 -13.42
N ILE D 231 76.44 55.95 -12.42
CA ILE D 231 76.26 55.25 -11.17
C ILE D 231 74.99 55.74 -10.48
N ILE D 232 74.73 57.04 -10.60
CA ILE D 232 73.55 57.62 -9.97
C ILE D 232 72.28 57.12 -10.61
N GLU D 233 72.21 57.13 -11.94
CA GLU D 233 71.03 56.67 -12.64
C GLU D 233 70.82 55.19 -12.40
N HIS D 234 71.92 54.45 -12.27
CA HIS D 234 71.84 53.03 -11.98
C HIS D 234 71.20 52.81 -10.62
N ALA D 235 71.81 53.36 -9.58
CA ALA D 235 71.33 53.18 -8.23
C ALA D 235 69.95 53.76 -8.02
N GLU D 236 69.64 54.89 -8.65
CA GLU D 236 68.33 55.49 -8.42
C GLU D 236 67.22 54.76 -9.14
N ASN D 237 67.45 54.33 -10.39
CA ASN D 237 66.42 53.58 -11.08
C ASN D 237 66.19 52.27 -10.37
N GLU D 238 67.30 51.67 -9.94
CA GLU D 238 67.29 50.43 -9.19
C GLU D 238 66.51 50.56 -7.90
N TYR D 239 66.82 51.60 -7.15
CA TYR D 239 66.21 51.82 -5.86
C TYR D 239 64.73 52.15 -5.95
N GLN D 240 64.34 53.03 -6.87
CA GLN D 240 62.93 53.36 -6.98
C GLN D 240 62.12 52.16 -7.45
N THR D 241 62.66 51.45 -8.44
CA THR D 241 61.97 50.27 -8.94
C THR D 241 61.82 49.23 -7.87
N ALA D 242 62.91 48.95 -7.16
CA ALA D 242 62.90 47.96 -6.10
C ALA D 242 61.92 48.32 -5.00
N ILE D 243 61.83 49.61 -4.67
CA ILE D 243 60.87 50.06 -3.67
C ILE D 243 59.46 49.78 -4.14
N SER D 244 59.19 50.06 -5.42
CA SER D 244 57.87 49.80 -5.96
C SER D 244 57.54 48.31 -5.90
N GLU D 245 58.51 47.47 -6.19
CA GLU D 245 58.19 46.05 -6.10
C GLU D 245 58.15 45.57 -4.67
N ASN D 246 58.72 46.32 -3.72
CA ASN D 246 58.55 45.91 -2.34
C ASN D 246 57.12 46.18 -1.96
N TYR D 247 56.57 47.24 -2.54
CA TYR D 247 55.16 47.53 -2.32
C TYR D 247 54.31 46.51 -3.03
N GLN D 248 54.84 45.92 -4.09
CA GLN D 248 54.07 44.92 -4.81
C GLN D 248 53.95 43.63 -4.02
N THR D 249 55.05 43.16 -3.45
CA THR D 249 55.06 41.91 -2.68
C THR D 249 54.83 42.17 -1.21
N MET D 250 53.77 42.88 -0.85
CA MET D 250 53.56 43.15 0.55
C MET D 250 52.29 42.53 1.09
N SER D 251 51.31 42.25 0.25
CA SER D 251 50.08 41.64 0.70
C SER D 251 50.29 40.22 1.19
N ASP D 252 51.25 39.53 0.60
CA ASP D 252 51.51 38.15 0.91
C ASP D 252 52.78 37.86 1.69
N THR D 253 53.65 38.82 1.92
CA THR D 253 54.85 38.46 2.63
C THR D 253 55.03 39.21 3.93
N THR D 254 55.06 40.52 3.86
CA THR D 254 55.26 41.31 5.05
C THR D 254 54.04 41.24 5.94
N PHE D 255 52.88 41.50 5.36
CA PHE D 255 51.65 41.42 6.12
C PHE D 255 51.40 40.02 6.61
N LYS D 256 51.79 39.01 5.82
CA LYS D 256 51.62 37.66 6.31
C LYS D 256 52.56 37.38 7.46
N ALA D 257 53.62 38.17 7.60
CA ALA D 257 54.42 38.02 8.80
C ALA D 257 53.63 38.60 9.95
N LEU D 258 52.89 39.69 9.71
CA LEU D 258 52.06 40.25 10.77
C LEU D 258 50.67 39.62 10.86
N ARG D 259 49.84 39.83 9.85
CA ARG D 259 48.49 39.30 9.87
C ARG D 259 48.08 38.85 8.49
N ARG D 260 47.70 37.59 8.37
CA ARG D 260 47.28 37.02 7.12
C ARG D 260 45.97 37.65 6.66
N GLN D 261 45.73 37.57 5.36
CA GLN D 261 44.49 38.11 4.83
C GLN D 261 43.36 37.17 5.12
N LEU D 262 43.61 35.88 4.95
CA LEU D 262 42.70 34.78 5.19
C LEU D 262 43.46 33.74 5.98
N PRO D 263 42.78 32.92 6.76
CA PRO D 263 43.49 31.91 7.54
C PRO D 263 44.14 30.85 6.70
N VAL D 264 44.86 29.90 7.31
CA VAL D 264 45.49 28.88 6.49
C VAL D 264 44.49 27.90 5.95
N THR D 265 43.26 27.95 6.40
CA THR D 265 42.25 27.06 5.89
C THR D 265 41.49 27.67 4.74
N ARG D 266 41.81 28.91 4.40
CA ARG D 266 41.19 29.67 3.31
C ARG D 266 39.68 29.70 3.38
N THR D 267 39.17 30.01 4.55
CA THR D 267 37.74 30.13 4.73
C THR D 267 37.53 31.09 5.88
N LYS D 268 36.28 31.48 6.07
CA LYS D 268 35.98 32.38 7.17
C LYS D 268 35.90 31.58 8.46
N ILE D 269 35.40 32.20 9.50
CA ILE D 269 35.31 31.55 10.79
C ILE D 269 33.89 31.18 11.08
N ASP D 270 33.67 29.90 11.37
CA ASP D 270 32.35 29.46 11.76
C ASP D 270 32.34 29.69 13.25
N TRP D 271 31.92 30.90 13.65
CA TRP D 271 31.86 31.25 15.05
C TRP D 271 30.89 30.34 15.78
N ASN D 272 29.82 29.95 15.09
CA ASN D 272 28.84 29.04 15.62
C ASN D 272 29.49 27.70 15.94
N LYS D 273 30.48 27.29 15.14
CA LYS D 273 31.17 26.04 15.37
C LYS D 273 32.10 26.11 16.55
N ILE D 274 32.95 27.14 16.60
CA ILE D 274 33.92 27.26 17.70
C ILE D 274 33.22 27.41 19.03
N LEU D 275 32.21 28.28 19.07
CA LEU D 275 31.50 28.50 20.32
C LEU D 275 30.64 27.30 20.70
N SER D 276 29.99 26.69 19.71
CA SER D 276 29.10 25.57 19.98
C SER D 276 29.84 24.38 20.53
N TYR D 277 31.01 24.06 19.98
CA TYR D 277 31.75 22.93 20.49
C TYR D 277 33.22 23.09 20.21
N LYS D 278 34.02 22.36 20.95
CA LYS D 278 35.45 22.41 20.74
C LYS D 278 35.77 21.55 19.53
N ILE D 279 36.49 22.13 18.58
CA ILE D 279 36.88 21.56 17.29
C ILE D 279 37.58 20.20 17.34
N GLY D 280 37.95 19.74 18.52
CA GLY D 280 38.65 18.51 18.66
C GLY D 280 40.05 18.79 19.08
N LYS D 281 40.30 20.03 19.49
CA LYS D 281 41.61 20.49 19.93
C LYS D 281 42.06 19.72 21.16
N GLU D 282 41.11 19.22 21.95
CA GLU D 282 41.39 18.42 23.13
C GLU D 282 41.96 17.07 22.73
N MET D 283 41.69 16.62 21.50
CA MET D 283 42.16 15.35 20.98
C MET D 283 43.35 15.56 20.07
N GLN D 284 44.40 14.77 20.27
CA GLN D 284 45.60 14.85 19.47
C GLN D 284 46.14 13.44 19.24
N SER E 2 43.68 76.82 28.11
CA SER E 2 44.68 75.93 27.55
C SER E 2 44.04 74.90 26.66
N ASP E 3 42.87 75.22 26.13
CA ASP E 3 42.16 74.26 25.29
C ASP E 3 42.76 74.24 23.89
N GLN E 4 43.21 75.40 23.40
CA GLN E 4 43.87 75.45 22.10
C GLN E 4 45.20 74.70 22.17
N GLN E 5 45.79 74.71 23.36
CA GLN E 5 47.04 74.02 23.61
C GLN E 5 46.80 72.53 23.49
N LEU E 6 45.61 72.07 23.92
CA LEU E 6 45.26 70.66 23.79
C LEU E 6 45.01 70.30 22.35
N ASP E 7 44.36 71.19 21.59
CA ASP E 7 44.11 70.91 20.19
C ASP E 7 45.41 70.80 19.40
N CYS E 8 46.34 71.71 19.66
CA CYS E 8 47.62 71.64 18.98
C CYS E 8 48.42 70.43 19.46
N ALA E 9 48.22 70.01 20.70
CA ALA E 9 48.91 68.84 21.21
C ALA E 9 48.44 67.58 20.49
N LEU E 10 47.13 67.46 20.27
CA LEU E 10 46.61 66.30 19.56
C LEU E 10 47.08 66.31 18.13
N ASP E 11 47.16 67.50 17.51
CA ASP E 11 47.66 67.55 16.15
C ASP E 11 49.15 67.21 16.10
N LEU E 12 49.86 67.50 17.18
CA LEU E 12 51.27 67.18 17.23
C LEU E 12 51.46 65.67 17.31
N MET E 13 50.58 65.00 18.06
CA MET E 13 50.66 63.55 18.11
C MET E 13 50.22 62.96 16.78
N ARG E 14 49.31 63.67 16.11
CA ARG E 14 48.82 63.26 14.80
C ARG E 14 49.95 63.25 13.79
N ARG E 15 50.85 64.20 13.88
CA ARG E 15 51.97 64.28 12.97
C ARG E 15 53.23 63.70 13.54
N LEU E 16 53.16 63.11 14.72
CA LEU E 16 54.33 62.55 15.35
C LEU E 16 54.73 61.23 14.69
N PRO E 17 56.02 60.92 14.66
CA PRO E 17 56.48 59.68 14.05
C PRO E 17 56.04 58.46 14.83
N PRO E 18 55.37 57.50 14.19
CA PRO E 18 54.87 56.30 14.87
C PRO E 18 55.94 55.23 15.08
N GLN E 19 57.01 55.61 15.76
CA GLN E 19 58.10 54.70 16.05
C GLN E 19 58.43 54.85 17.52
N GLN E 20 58.21 56.06 18.03
CA GLN E 20 58.48 56.47 19.40
C GLN E 20 57.24 57.06 19.98
N ILE E 21 56.11 56.38 19.84
CA ILE E 21 54.84 56.92 20.31
C ILE E 21 54.82 57.02 21.83
N GLU E 22 55.32 55.98 22.49
CA GLU E 22 55.31 55.93 23.95
C GLU E 22 56.22 57.00 24.55
N LYS E 23 57.47 57.05 24.09
CA LYS E 23 58.42 58.02 24.61
C LYS E 23 57.99 59.45 24.35
N ASN E 24 57.56 59.74 23.13
CA ASN E 24 57.17 61.11 22.83
C ASN E 24 55.87 61.47 23.52
N LEU E 25 55.00 60.49 23.78
CA LEU E 25 53.78 60.79 24.50
C LEU E 25 54.12 61.15 25.93
N SER E 26 55.10 60.45 26.50
CA SER E 26 55.55 60.76 27.83
C SER E 26 56.20 62.14 27.87
N ASP E 27 56.89 62.51 26.81
CA ASP E 27 57.52 63.82 26.74
C ASP E 27 56.47 64.93 26.69
N LEU E 28 55.46 64.72 25.85
CA LEU E 28 54.38 65.70 25.72
C LEU E 28 53.62 65.84 27.04
N ILE E 29 53.52 64.73 27.78
CA ILE E 29 52.89 64.81 29.08
C ILE E 29 53.82 65.53 30.03
N ASP E 30 55.14 65.36 29.85
CA ASP E 30 56.12 66.04 30.69
C ASP E 30 56.10 67.54 30.44
N LEU E 31 55.47 68.01 29.37
CA LEU E 31 55.34 69.45 29.21
C LEU E 31 54.29 69.98 30.17
N VAL E 32 53.05 69.53 29.98
CA VAL E 32 51.97 69.99 30.84
C VAL E 32 51.41 68.75 31.52
N PRO E 33 51.95 68.34 32.66
CA PRO E 33 51.43 67.15 33.34
C PRO E 33 50.06 67.33 33.92
N SER E 34 49.52 68.54 33.96
CA SER E 34 48.17 68.72 34.44
C SER E 34 47.16 68.30 33.38
N LEU E 35 47.62 68.12 32.15
CA LEU E 35 46.81 67.69 31.02
C LEU E 35 47.15 66.26 30.63
N CYS E 36 47.90 65.55 31.48
CA CYS E 36 48.35 64.18 31.26
C CYS E 36 47.26 63.16 31.00
N GLU E 37 46.45 62.86 32.00
CA GLU E 37 45.40 61.87 31.84
C GLU E 37 44.11 62.48 31.29
N ASP E 38 44.33 63.22 30.20
CA ASP E 38 43.35 63.91 29.40
C ASP E 38 43.72 63.51 27.98
N LEU E 39 45.03 63.28 27.81
CA LEU E 39 45.61 62.82 26.55
C LEU E 39 45.61 61.31 26.47
N LEU E 40 45.67 60.62 27.61
CA LEU E 40 45.67 59.17 27.58
C LEU E 40 44.27 58.60 27.43
N SER E 41 43.52 59.16 26.50
CA SER E 41 42.17 58.75 26.16
C SER E 41 41.94 58.81 24.67
N SER E 42 42.71 59.60 23.94
CA SER E 42 42.55 59.72 22.50
C SER E 42 43.90 59.69 21.79
N VAL E 43 44.98 59.37 22.47
CA VAL E 43 46.28 59.27 21.84
C VAL E 43 46.59 57.79 21.74
N ASP E 44 46.60 57.27 20.53
CA ASP E 44 46.85 55.87 20.32
C ASP E 44 48.33 55.56 20.44
N GLN E 45 48.65 54.55 21.24
CA GLN E 45 50.01 54.08 21.52
C GLN E 45 49.97 52.56 21.53
N PRO E 46 51.12 51.85 21.51
CA PRO E 46 51.08 50.38 21.56
C PRO E 46 50.54 49.83 22.87
N LEU E 47 50.51 48.53 22.99
CA LEU E 47 49.97 47.91 24.18
C LEU E 47 51.08 47.49 25.13
N LYS E 48 50.66 47.03 26.30
CA LYS E 48 51.54 46.58 27.35
C LYS E 48 51.22 45.12 27.64
N ILE E 49 52.23 44.27 27.61
CA ILE E 49 52.03 42.86 27.86
C ILE E 49 52.19 42.59 29.33
N ALA E 50 51.21 41.95 29.95
CA ALA E 50 51.33 41.62 31.34
C ALA E 50 51.67 40.14 31.44
N ARG E 51 51.59 39.58 32.63
CA ARG E 51 51.95 38.18 32.79
C ARG E 51 51.12 37.58 33.90
N ASP E 52 50.16 36.72 33.55
CA ASP E 52 49.37 36.06 34.58
C ASP E 52 50.24 34.98 35.19
N LYS E 53 50.59 35.17 36.45
CA LYS E 53 51.49 34.26 37.13
C LYS E 53 50.86 32.91 37.42
N VAL E 54 49.63 32.91 37.91
CA VAL E 54 49.00 31.65 38.29
C VAL E 54 48.60 30.79 37.11
N VAL E 55 48.30 31.38 35.96
CA VAL E 55 47.85 30.59 34.84
C VAL E 55 48.97 30.28 33.86
N GLY E 56 49.87 31.22 33.63
CA GLY E 56 50.94 30.98 32.68
C GLY E 56 50.58 31.44 31.29
N LYS E 57 49.76 32.47 31.18
CA LYS E 57 49.29 33.07 29.94
C LYS E 57 49.76 34.51 29.89
N ASP E 58 49.22 35.24 28.94
CA ASP E 58 49.51 36.65 28.76
C ASP E 58 48.20 37.39 28.63
N TYR E 59 48.24 38.67 28.96
CA TYR E 59 47.05 39.48 28.86
C TYR E 59 47.49 40.91 28.66
N LEU E 60 46.82 41.60 27.75
CA LEU E 60 47.23 42.95 27.45
C LEU E 60 46.64 43.95 28.43
N LEU E 61 47.16 45.17 28.37
CA LEU E 61 46.79 46.25 29.29
C LEU E 61 46.27 47.48 28.56
N CYS E 62 45.17 48.01 29.06
CA CYS E 62 44.56 49.22 28.54
C CYS E 62 43.84 49.90 29.69
N ASP E 63 42.88 50.75 29.39
CA ASP E 63 42.14 51.39 30.45
C ASP E 63 40.98 50.55 30.92
N TYR E 64 40.43 49.71 30.05
CA TYR E 64 39.29 48.91 30.45
C TYR E 64 39.67 47.83 31.45
N ASN E 65 40.89 47.30 31.36
CA ASN E 65 41.27 46.37 32.39
C ASN E 65 41.94 47.09 33.53
N ARG E 66 42.21 48.38 33.35
CA ARG E 66 42.85 49.15 34.40
C ARG E 66 41.85 49.40 35.51
N ASP E 67 41.74 48.44 36.41
CA ASP E 67 40.82 48.52 37.54
C ASP E 67 41.58 49.21 38.67
N GLY E 68 41.23 50.47 38.91
CA GLY E 68 41.92 51.25 39.91
C GLY E 68 43.23 51.52 39.24
N ASP E 69 44.27 50.87 39.71
CA ASP E 69 45.59 50.95 39.11
C ASP E 69 46.14 49.55 38.90
N SER E 70 45.26 48.56 38.93
CA SER E 70 45.57 47.16 38.71
C SER E 70 44.98 46.72 37.39
N TYR E 71 45.25 45.47 37.05
CA TYR E 71 44.77 44.93 35.79
C TYR E 71 44.11 43.59 36.01
N ARG E 72 42.90 43.45 35.49
CA ARG E 72 42.14 42.23 35.66
C ARG E 72 42.59 41.21 34.64
N SER E 73 43.35 40.24 35.07
CA SER E 73 43.82 39.19 34.18
C SER E 73 42.68 38.27 33.82
N PRO E 74 42.17 38.29 32.59
CA PRO E 74 41.04 37.44 32.23
C PRO E 74 41.33 35.98 32.30
N TRP E 75 42.59 35.58 32.37
CA TRP E 75 42.85 34.17 32.51
C TRP E 75 42.70 33.73 33.95
N SER E 76 42.64 34.68 34.88
CA SER E 76 42.50 34.38 36.29
C SER E 76 41.51 35.25 37.04
N ASN E 77 41.06 36.36 36.46
CA ASN E 77 40.13 37.31 37.09
C ASN E 77 40.72 37.85 38.39
N LYS E 78 42.01 38.15 38.37
CA LYS E 78 42.72 38.67 39.52
C LYS E 78 43.33 40.01 39.14
N TYR E 79 43.65 40.82 40.14
CA TYR E 79 44.20 42.15 39.89
C TYR E 79 45.69 42.20 40.17
N ASP E 80 46.42 42.84 39.27
CA ASP E 80 47.84 42.93 39.47
C ASP E 80 48.26 44.36 39.11
N PRO E 81 48.75 45.18 40.06
CA PRO E 81 49.06 45.07 41.50
C PRO E 81 47.95 44.49 42.40
N PRO E 82 48.34 43.85 43.50
CA PRO E 82 47.35 43.18 44.36
C PRO E 82 46.30 44.06 45.00
N LEU E 83 45.28 44.39 44.23
CA LEU E 83 44.16 45.17 44.72
C LEU E 83 42.98 44.22 44.88
N GLU E 84 42.65 43.92 46.13
CA GLU E 84 41.51 43.06 46.41
C GLU E 84 40.23 43.87 46.56
N ASP E 85 40.20 45.07 46.00
CA ASP E 85 39.06 45.96 46.08
C ASP E 85 38.59 46.40 44.71
N GLY E 86 39.06 45.77 43.64
CA GLY E 86 38.70 46.13 42.30
C GLY E 86 37.24 45.88 41.95
N ALA E 87 36.91 46.24 40.72
CA ALA E 87 35.57 46.09 40.18
C ALA E 87 35.53 44.81 39.37
N MET E 88 35.11 43.74 40.03
CA MET E 88 34.97 42.46 39.36
C MET E 88 33.82 42.56 38.36
N PRO E 89 33.89 41.86 37.26
CA PRO E 89 32.78 41.92 36.31
C PRO E 89 31.68 41.02 36.83
N SER E 90 30.59 40.97 36.08
CA SER E 90 29.49 40.10 36.45
C SER E 90 29.95 38.67 36.30
N ALA E 91 29.48 37.79 37.19
CA ALA E 91 29.83 36.38 37.09
C ALA E 91 29.32 35.81 35.79
N ARG E 92 28.14 36.31 35.39
CA ARG E 92 27.56 36.01 34.11
C ARG E 92 28.50 36.47 33.01
N LEU E 93 28.92 37.72 33.13
CA LEU E 93 29.86 38.27 32.17
C LEU E 93 31.23 37.66 32.35
N ARG E 94 31.55 37.10 33.51
CA ARG E 94 32.85 36.45 33.64
C ARG E 94 32.88 35.18 32.83
N LYS E 95 31.77 34.45 32.81
CA LYS E 95 31.69 33.25 31.98
C LYS E 95 31.66 33.65 30.51
N LEU E 96 30.92 34.72 30.20
CA LEU E 96 30.87 35.20 28.83
C LEU E 96 32.23 35.71 28.38
N GLU E 97 33.00 36.24 29.32
CA GLU E 97 34.32 36.75 29.05
C GLU E 97 35.33 35.64 28.86
N VAL E 98 35.23 34.56 29.64
CA VAL E 98 36.20 33.49 29.45
C VAL E 98 35.95 32.81 28.12
N GLU E 99 34.68 32.70 27.72
CA GLU E 99 34.47 32.13 26.40
C GLU E 99 34.82 33.13 25.33
N ALA E 100 34.76 34.43 25.64
CA ALA E 100 35.17 35.43 24.69
C ALA E 100 36.66 35.35 24.45
N ASN E 101 37.43 35.20 25.52
CA ASN E 101 38.87 35.07 25.41
C ASN E 101 39.23 33.81 24.65
N ASN E 102 38.44 32.76 24.84
CA ASN E 102 38.68 31.52 24.14
C ASN E 102 38.47 31.69 22.64
N ALA E 103 37.32 32.25 22.25
CA ALA E 103 37.01 32.45 20.85
C ALA E 103 37.99 33.38 20.18
N PHE E 104 38.45 34.40 20.89
CA PHE E 104 39.40 35.27 20.24
C PHE E 104 40.78 34.67 20.23
N ASP E 105 41.06 33.67 21.09
CA ASP E 105 42.34 33.00 20.94
C ASP E 105 42.30 32.17 19.68
N GLN E 106 41.12 31.62 19.38
CA GLN E 106 40.98 30.89 18.13
C GLN E 106 41.13 31.83 16.95
N TYR E 107 40.51 33.00 17.04
CA TYR E 107 40.59 34.02 16.00
C TYR E 107 42.02 34.44 15.74
N ARG E 108 42.71 34.76 16.81
CA ARG E 108 44.09 35.19 16.77
C ARG E 108 44.98 34.10 16.20
N ASP E 109 44.72 32.86 16.56
CA ASP E 109 45.54 31.79 16.05
C ASP E 109 45.27 31.56 14.57
N LEU E 110 44.04 31.80 14.12
CA LEU E 110 43.75 31.59 12.70
C LEU E 110 44.37 32.66 11.82
N TYR E 111 44.32 33.92 12.24
CA TYR E 111 44.88 34.93 11.35
C TYR E 111 46.31 35.30 11.63
N PHE E 112 46.65 35.41 12.90
CA PHE E 112 47.95 35.87 13.32
C PHE E 112 48.97 34.78 13.52
N GLU E 113 48.52 33.53 13.68
CA GLU E 113 49.38 32.36 13.87
C GLU E 113 50.31 32.48 15.07
N GLY E 114 49.93 33.27 16.05
CA GLY E 114 50.73 33.49 17.24
C GLY E 114 50.21 34.75 17.91
N GLY E 115 51.06 35.54 18.52
CA GLY E 115 50.56 36.76 19.13
C GLY E 115 49.80 36.62 20.42
N VAL E 116 49.49 37.74 21.04
CA VAL E 116 48.81 37.83 22.31
C VAL E 116 47.46 38.49 22.12
N SER E 117 46.45 38.03 22.86
CA SER E 117 45.13 38.62 22.76
C SER E 117 44.47 38.69 24.12
N SER E 118 43.43 39.51 24.21
CA SER E 118 42.67 39.69 25.43
C SER E 118 41.33 40.30 25.11
N VAL E 119 40.30 39.90 25.85
CA VAL E 119 38.97 40.45 25.67
C VAL E 119 38.40 40.72 27.05
N TYR E 120 38.19 41.97 27.40
CA TYR E 120 37.61 42.31 28.68
C TYR E 120 36.16 42.68 28.45
N LEU E 121 35.41 42.80 29.54
CA LEU E 121 34.00 43.13 29.40
C LEU E 121 33.53 43.99 30.56
N TRP E 122 32.41 44.65 30.34
CA TRP E 122 31.77 45.47 31.35
C TRP E 122 30.31 45.61 30.93
N ASP E 123 29.51 46.18 31.80
CA ASP E 123 28.08 46.30 31.61
C ASP E 123 27.62 47.42 30.67
N LEU E 124 26.31 47.61 30.74
CA LEU E 124 25.44 48.57 30.07
C LEU E 124 24.08 48.26 30.66
N ASP E 125 23.17 49.22 30.67
CA ASP E 125 21.84 49.03 31.24
C ASP E 125 21.07 47.98 30.45
N HIS E 126 21.07 48.10 29.14
CA HIS E 126 20.38 47.20 28.25
C HIS E 126 21.37 46.48 27.35
N GLY E 127 22.40 45.93 27.95
CA GLY E 127 23.40 45.21 27.19
C GLY E 127 24.69 45.11 27.96
N PHE E 128 25.80 45.18 27.23
CA PHE E 128 27.12 45.12 27.82
C PHE E 128 28.09 45.68 26.80
N ALA E 129 29.35 45.76 27.20
CA ALA E 129 30.34 46.29 26.29
C ALA E 129 31.69 45.70 26.64
N GLY E 130 32.52 45.54 25.61
CA GLY E 130 33.82 44.95 25.79
C GLY E 130 34.87 45.59 24.91
N VAL E 131 36.09 45.17 25.14
CA VAL E 131 37.24 45.64 24.39
C VAL E 131 37.98 44.39 23.95
N ILE E 132 38.65 44.46 22.81
CA ILE E 132 39.38 43.32 22.28
C ILE E 132 40.77 43.80 21.95
N LEU E 133 41.75 43.29 22.64
CA LEU E 133 43.12 43.67 22.41
C LEU E 133 43.81 42.53 21.69
N ILE E 134 44.60 42.87 20.67
CA ILE E 134 45.35 41.90 19.89
C ILE E 134 46.69 42.53 19.58
N LYS E 135 47.77 41.90 19.96
CA LYS E 135 49.09 42.44 19.71
C LYS E 135 49.97 41.36 19.13
N LYS E 136 50.30 41.50 17.87
CA LYS E 136 51.15 40.56 17.17
C LYS E 136 52.46 41.24 16.81
N ALA E 137 53.53 40.81 17.44
CA ALA E 137 54.82 41.34 17.11
C ALA E 137 55.35 40.47 16.00
N GLY E 138 56.25 41.01 15.20
CA GLY E 138 56.80 40.27 14.09
C GLY E 138 57.63 39.10 14.55
N ASP E 139 57.93 38.23 13.59
CA ASP E 139 58.74 37.05 13.86
C ASP E 139 60.13 37.52 14.22
N GLY E 140 60.47 37.40 15.52
CA GLY E 140 61.77 37.82 16.01
C GLY E 140 62.91 37.13 15.32
N SER E 141 62.70 35.89 14.89
CA SER E 141 63.72 35.16 14.16
C SER E 141 63.87 35.74 12.76
N LYS E 142 62.75 36.12 12.15
CA LYS E 142 62.82 36.72 10.83
C LYS E 142 63.31 38.14 10.90
N LYS E 143 63.68 38.67 9.76
CA LYS E 143 64.16 40.05 9.71
C LYS E 143 63.02 41.05 9.65
N ILE E 144 61.81 40.61 9.35
CA ILE E 144 60.67 41.52 9.27
C ILE E 144 60.30 41.92 10.68
N LYS E 145 60.69 43.11 11.08
CA LYS E 145 60.39 43.60 12.42
C LYS E 145 59.06 44.30 12.34
N GLY E 146 57.98 43.55 12.55
CA GLY E 146 56.66 44.12 12.50
C GLY E 146 56.00 44.09 13.86
N CYS E 147 54.91 44.83 13.99
CA CYS E 147 54.19 44.84 15.25
C CYS E 147 52.74 45.23 14.99
N TRP E 148 51.89 44.23 14.83
CA TRP E 148 50.48 44.51 14.63
C TRP E 148 49.88 44.77 15.98
N ASP E 149 49.04 45.77 16.06
CA ASP E 149 48.41 46.17 17.30
C ASP E 149 46.96 46.45 17.00
N SER E 150 46.05 45.85 17.74
CA SER E 150 44.64 46.06 17.47
C SER E 150 43.85 46.23 18.73
N ILE E 151 42.93 47.19 18.71
CA ILE E 151 42.05 47.49 19.81
C ILE E 151 40.65 47.60 19.25
N HIS E 152 39.71 46.88 19.81
CA HIS E 152 38.36 46.91 19.28
C HIS E 152 37.36 47.23 20.37
N VAL E 153 36.90 48.47 20.38
CA VAL E 153 35.91 48.92 21.35
C VAL E 153 34.54 48.49 20.82
N VAL E 154 33.90 47.57 21.50
CA VAL E 154 32.59 47.09 21.08
C VAL E 154 31.61 47.36 22.19
N GLU E 155 30.39 47.74 21.80
CA GLU E 155 29.34 48.05 22.76
C GLU E 155 28.06 47.37 22.28
N VAL E 156 27.63 46.36 23.01
CA VAL E 156 26.43 45.61 22.68
C VAL E 156 25.23 46.32 23.27
N GLN E 157 24.44 46.95 22.42
CA GLN E 157 23.25 47.65 22.84
C GLN E 157 22.08 46.72 22.55
N GLU E 158 21.88 45.77 23.46
CA GLU E 158 20.82 44.78 23.30
C GLU E 158 19.45 45.44 23.38
N LYS E 159 18.55 45.02 22.49
CA LYS E 159 17.20 45.57 22.50
C LYS E 159 16.41 44.95 23.65
N SER E 160 15.12 45.28 23.70
CA SER E 160 14.16 44.86 24.72
C SER E 160 14.14 43.37 25.02
N SER E 161 13.76 42.58 24.03
CA SER E 161 13.68 41.13 24.13
C SER E 161 13.69 40.61 22.70
N GLY E 162 13.30 39.35 22.51
CA GLY E 162 13.27 38.76 21.19
C GLY E 162 14.62 38.38 20.65
N ARG E 163 15.69 38.78 21.32
CA ARG E 163 17.07 38.50 20.99
C ARG E 163 17.46 39.02 19.60
N THR E 164 17.48 40.33 19.55
CA THR E 164 17.92 41.12 18.43
C THR E 164 18.71 42.21 19.13
N ALA E 165 19.84 42.58 18.57
CA ALA E 165 20.62 43.57 19.28
C ALA E 165 21.06 44.69 18.39
N HIS E 166 21.95 45.51 18.91
CA HIS E 166 22.49 46.64 18.18
C HIS E 166 23.95 46.66 18.61
N TYR E 167 24.80 46.15 17.73
CA TYR E 167 26.22 46.00 18.01
C TYR E 167 27.00 47.18 17.51
N LYS E 168 27.44 48.05 18.41
CA LYS E 168 28.25 49.18 18.03
C LYS E 168 29.71 48.80 18.21
N LEU E 169 30.52 49.06 17.21
CA LEU E 169 31.94 48.70 17.25
C LEU E 169 32.84 49.80 16.73
N THR E 170 33.94 50.01 17.44
CA THR E 170 34.96 50.97 17.06
C THR E 170 36.28 50.25 17.14
N SER E 171 37.07 50.33 16.08
CA SER E 171 38.32 49.62 16.03
C SER E 171 39.49 50.56 15.84
N THR E 172 40.68 49.98 15.90
CA THR E 172 41.93 50.73 15.75
C THR E 172 43.03 49.73 15.45
N VAL E 173 43.84 50.03 14.45
CA VAL E 173 44.98 49.19 14.08
C VAL E 173 46.19 50.10 14.09
N MET E 174 47.24 49.69 14.76
CA MET E 174 48.46 50.49 14.83
C MET E 174 49.55 49.62 14.24
N LEU E 175 49.75 49.75 12.95
CA LEU E 175 50.69 48.95 12.20
C LEU E 175 52.12 49.38 12.49
N TRP E 176 53.06 48.55 12.04
CA TRP E 176 54.49 48.71 12.21
C TRP E 176 55.19 47.75 11.28
N LEU E 177 56.14 48.20 10.48
CA LEU E 177 56.81 47.30 9.55
C LEU E 177 58.23 47.72 9.24
N GLN E 178 59.05 46.75 8.86
CA GLN E 178 60.43 46.94 8.44
C GLN E 178 60.93 45.73 7.68
N THR E 179 61.77 45.99 6.70
CA THR E 179 62.41 44.95 5.93
C THR E 179 63.81 45.45 5.68
N ASN E 180 64.80 44.59 5.85
CA ASN E 180 66.18 44.96 5.63
C ASN E 180 66.65 44.40 4.30
N LYS E 181 65.76 44.46 3.31
CA LYS E 181 66.02 43.91 1.99
C LYS E 181 67.10 44.67 1.23
N SER E 182 67.90 43.93 0.48
CA SER E 182 69.00 44.48 -0.31
C SER E 182 68.53 45.47 -1.36
N GLY E 183 67.35 45.25 -1.93
CA GLY E 183 66.86 46.17 -2.93
C GLY E 183 66.37 47.47 -2.36
N SER E 184 66.04 47.49 -1.08
CA SER E 184 65.54 48.68 -0.45
C SER E 184 66.40 49.18 0.70
N GLY E 185 67.41 48.44 1.11
CA GLY E 185 68.21 48.88 2.23
C GLY E 185 67.35 48.57 3.42
N THR E 186 66.79 49.60 4.03
CA THR E 186 65.86 49.47 5.15
C THR E 186 64.63 50.23 4.72
N MET E 187 63.48 49.61 4.85
CA MET E 187 62.24 50.23 4.42
C MET E 187 61.28 50.23 5.61
N ASN E 188 61.38 51.26 6.44
CA ASN E 188 60.51 51.35 7.59
C ASN E 188 59.13 51.76 7.11
N LEU E 189 58.11 51.39 7.88
CA LEU E 189 56.75 51.70 7.47
C LEU E 189 55.82 51.73 8.67
N GLY E 190 55.46 52.91 9.11
CA GLY E 190 54.56 53.08 10.23
C GLY E 190 53.14 53.07 9.75
N GLY E 191 52.25 53.59 10.56
CA GLY E 191 50.84 53.65 10.18
C GLY E 191 49.79 53.32 11.22
N SER E 192 48.60 53.92 11.06
CA SER E 192 47.53 53.66 12.01
C SER E 192 46.18 53.97 11.41
N LEU E 193 45.18 53.18 11.78
CA LEU E 193 43.80 53.34 11.31
C LEU E 193 42.84 53.29 12.47
N THR E 194 41.58 53.57 12.15
CA THR E 194 40.45 53.58 13.07
C THR E 194 39.16 53.65 12.28
N ARG E 195 38.19 52.80 12.59
CA ARG E 195 36.91 52.81 11.91
C ARG E 195 35.81 52.54 12.91
N GLN E 196 34.58 52.60 12.43
CA GLN E 196 33.39 52.34 13.21
C GLN E 196 32.38 51.63 12.33
N MET E 197 31.62 50.74 12.94
CA MET E 197 30.61 50.00 12.20
C MET E 197 29.56 49.55 13.19
N GLU E 198 28.34 49.44 12.71
CA GLU E 198 27.27 49.05 13.59
C GLU E 198 26.24 48.26 12.80
N LYS E 199 25.84 47.11 13.35
CA LYS E 199 24.89 46.26 12.69
C LYS E 199 23.96 45.70 13.75
N ASP E 200 22.80 45.22 13.31
CA ASP E 200 21.77 44.72 14.21
C ASP E 200 21.43 43.26 13.98
N GLU E 201 22.45 42.41 13.96
CA GLU E 201 22.26 40.99 13.71
C GLU E 201 21.43 40.32 14.79
N THR E 202 20.52 39.46 14.37
CA THR E 202 19.62 38.75 15.26
C THR E 202 20.36 37.78 16.16
N VAL E 203 20.04 37.80 17.44
CA VAL E 203 20.67 36.92 18.40
C VAL E 203 19.85 35.64 18.46
N SER E 204 20.52 34.51 18.64
CA SER E 204 19.81 33.23 18.73
C SER E 204 20.66 32.27 19.53
N ASP E 205 20.19 31.03 19.64
CA ASP E 205 20.98 30.05 20.36
C ASP E 205 22.14 29.58 19.51
N CYS E 206 21.99 29.68 18.19
CA CYS E 206 23.07 29.37 17.28
C CYS E 206 23.88 30.61 16.98
N SER E 207 23.28 31.79 17.18
CA SER E 207 23.94 33.07 16.94
C SER E 207 23.96 33.88 18.23
N PRO E 208 24.91 33.64 19.10
CA PRO E 208 25.00 34.42 20.33
C PRO E 208 25.61 35.78 20.01
N HIS E 209 25.71 36.62 21.05
CA HIS E 209 26.27 37.95 20.87
C HIS E 209 27.71 37.87 20.46
N ILE E 210 28.46 37.02 21.15
CA ILE E 210 29.87 36.81 20.91
C ILE E 210 30.15 36.39 19.48
N ALA E 211 29.26 35.62 18.87
CA ALA E 211 29.47 35.23 17.49
C ALA E 211 29.27 36.42 16.57
N ASN E 212 28.31 37.29 16.92
CA ASN E 212 28.07 38.47 16.12
C ASN E 212 29.27 39.41 16.20
N ILE E 213 29.84 39.50 17.39
CA ILE E 213 31.01 40.32 17.62
C ILE E 213 32.19 39.73 16.87
N GLY E 214 32.26 38.40 16.81
CA GLY E 214 33.35 37.76 16.11
C GLY E 214 33.28 38.04 14.61
N ARG E 215 32.07 38.03 14.06
CA ARG E 215 31.94 38.33 12.65
C ARG E 215 32.26 39.79 12.38
N LEU E 216 31.90 40.67 13.30
CA LEU E 216 32.19 42.08 13.10
C LEU E 216 33.67 42.38 13.20
N VAL E 217 34.34 41.76 14.16
CA VAL E 217 35.77 42.00 14.32
C VAL E 217 36.51 41.43 13.14
N GLU E 218 36.06 40.28 12.65
CA GLU E 218 36.68 39.65 11.50
C GLU E 218 36.55 40.53 10.27
N ASP E 219 35.32 40.96 9.98
CA ASP E 219 35.08 41.81 8.81
C ASP E 219 35.81 43.12 8.93
N MET E 220 35.85 43.69 10.13
CA MET E 220 36.50 44.96 10.35
C MET E 220 37.99 44.85 10.10
N GLU E 221 38.61 43.83 10.64
CA GLU E 221 40.04 43.73 10.43
C GLU E 221 40.36 43.39 9.00
N ASN E 222 39.47 42.67 8.31
CA ASN E 222 39.74 42.38 6.92
C ASN E 222 39.69 43.66 6.11
N LYS E 223 38.71 44.51 6.42
CA LYS E 223 38.60 45.78 5.75
C LYS E 223 39.77 46.68 6.05
N ILE E 224 40.22 46.70 7.31
CA ILE E 224 41.32 47.59 7.65
C ILE E 224 42.61 47.12 7.02
N ARG E 225 42.93 45.83 7.10
CA ARG E 225 44.15 45.32 6.49
C ARG E 225 44.13 45.53 4.99
N SER E 226 42.98 45.26 4.37
CA SER E 226 42.81 45.44 2.94
C SER E 226 43.02 46.89 2.60
N THR E 227 42.11 47.74 3.11
CA THR E 227 42.09 49.19 2.94
C THR E 227 43.45 49.81 3.08
N LEU E 228 44.19 49.40 4.10
CA LEU E 228 45.54 49.82 4.33
C LEU E 228 46.41 49.51 3.15
N ASN E 229 46.57 48.20 2.91
CA ASN E 229 47.41 47.68 1.84
C ASN E 229 47.17 48.33 0.50
N GLU E 230 45.91 48.42 0.09
CA GLU E 230 45.72 49.01 -1.22
C GLU E 230 45.73 50.52 -1.17
N ILE E 231 44.77 51.13 -0.49
CA ILE E 231 44.61 52.58 -0.49
C ILE E 231 45.83 53.30 0.03
N TYR E 232 46.17 53.09 1.29
CA TYR E 232 47.23 53.88 1.88
C TYR E 232 48.61 53.49 1.39
N PHE E 233 48.91 52.22 1.33
CA PHE E 233 50.25 51.85 0.90
C PHE E 233 50.43 52.07 -0.58
N GLY E 234 49.38 51.89 -1.38
CA GLY E 234 49.51 52.18 -2.78
C GLY E 234 49.64 53.67 -2.98
N LYS E 235 49.02 54.45 -2.09
CA LYS E 235 49.14 55.88 -2.15
C LYS E 235 50.57 56.30 -1.91
N THR E 236 51.23 55.63 -0.98
CA THR E 236 52.63 55.96 -0.73
C THR E 236 53.50 55.56 -1.90
N LYS E 237 53.18 54.44 -2.54
CA LYS E 237 53.94 54.04 -3.72
C LYS E 237 53.73 55.05 -4.83
N ASP E 238 52.51 55.58 -4.92
CA ASP E 238 52.19 56.58 -5.93
C ASP E 238 52.94 57.85 -5.65
N ILE E 239 53.15 58.17 -4.38
CA ILE E 239 53.86 59.40 -4.05
C ILE E 239 55.33 59.27 -4.40
N VAL E 240 55.92 58.12 -4.13
CA VAL E 240 57.31 57.95 -4.49
C VAL E 240 57.48 57.92 -6.00
N ASN E 241 56.52 57.35 -6.71
CA ASN E 241 56.63 57.34 -8.15
C ASN E 241 56.35 58.71 -8.73
N GLY E 242 55.48 59.49 -8.09
CA GLY E 242 55.20 60.80 -8.59
C GLY E 242 56.30 61.79 -8.32
N LEU E 243 57.09 61.54 -7.29
CA LEU E 243 58.21 62.44 -7.00
C LEU E 243 59.25 62.32 -8.08
N ARG E 244 59.85 61.14 -8.16
CA ARG E 244 60.87 60.86 -9.14
C ARG E 244 60.35 59.79 -10.07
N SER E 245 60.52 60.00 -11.37
CA SER E 245 60.10 59.04 -12.36
C SER E 245 61.33 58.28 -12.82
N VAL E 246 61.12 57.05 -13.28
CA VAL E 246 62.25 56.25 -13.74
C VAL E 246 62.58 56.58 -15.17
N GLN E 247 61.56 56.80 -15.99
CA GLN E 247 61.76 57.12 -17.39
C GLN E 247 62.42 58.48 -17.53
N THR E 248 63.33 58.58 -18.48
CA THR E 248 64.05 59.81 -18.73
C THR E 248 63.09 60.88 -19.22
N PHE E 249 63.31 62.12 -18.83
CA PHE E 249 62.44 63.14 -19.35
C PHE E 249 62.90 63.39 -20.79
N ALA E 250 62.00 63.99 -21.57
CA ALA E 250 61.93 64.28 -23.00
C ALA E 250 61.44 63.03 -23.70
N ASP E 251 61.39 61.90 -23.03
CA ASP E 251 60.80 60.66 -23.48
C ASP E 251 59.40 60.66 -22.93
N LYS E 252 59.32 61.15 -21.70
CA LYS E 252 58.05 61.35 -21.08
C LYS E 252 57.38 62.51 -21.75
N SER E 253 58.16 63.41 -22.35
CA SER E 253 57.54 64.50 -23.08
C SER E 253 56.93 63.95 -24.35
N LYS E 254 57.53 62.89 -24.90
CA LYS E 254 56.96 62.28 -26.10
C LYS E 254 55.67 61.55 -25.76
N GLN E 255 55.70 60.75 -24.71
CA GLN E 255 54.51 60.00 -24.34
C GLN E 255 53.44 60.94 -23.81
N GLU E 256 53.84 61.97 -23.09
CA GLU E 256 52.86 62.94 -22.62
C GLU E 256 52.45 63.84 -23.76
N ALA E 257 53.28 63.94 -24.78
CA ALA E 257 52.93 64.72 -25.95
C ALA E 257 51.80 64.03 -26.69
N LEU E 258 52.00 62.75 -27.00
CA LEU E 258 50.95 61.95 -27.63
C LEU E 258 49.78 61.78 -26.68
N LYS E 259 50.03 61.84 -25.39
CA LYS E 259 48.95 61.74 -24.42
C LYS E 259 48.08 62.97 -24.52
N ASN E 260 48.70 64.14 -24.64
CA ASN E 260 47.92 65.36 -24.81
C ASN E 260 47.28 65.39 -26.17
N ASP E 261 47.91 64.73 -27.16
CA ASP E 261 47.34 64.63 -28.49
C ASP E 261 46.06 63.82 -28.45
N LEU E 262 46.08 62.71 -27.72
CA LEU E 262 44.90 61.89 -27.58
C LEU E 262 43.90 62.55 -26.63
N VAL E 263 44.38 63.45 -25.76
CA VAL E 263 43.48 64.22 -24.92
C VAL E 263 42.66 65.11 -25.81
N GLU E 264 43.32 65.71 -26.79
CA GLU E 264 42.65 66.52 -27.79
C GLU E 264 41.78 65.67 -28.69
N ALA E 265 42.18 64.41 -28.91
CA ALA E 265 41.39 63.51 -29.75
C ALA E 265 40.12 63.07 -29.06
N LEU E 266 40.21 62.76 -27.76
CA LEU E 266 39.05 62.35 -27.00
C LEU E 266 38.13 63.53 -26.77
N LYS E 267 38.68 64.70 -26.49
CA LYS E 267 37.87 65.89 -26.29
C LYS E 267 37.68 66.65 -27.60
N ARG E 268 37.92 65.98 -28.73
CA ARG E 268 37.76 66.51 -30.08
C ARG E 268 36.44 66.10 -30.70
N LYS E 269 36.00 64.86 -30.46
CA LYS E 269 34.76 64.34 -31.00
C LYS E 269 33.61 64.44 -30.00
N GLN E 270 33.62 65.47 -29.16
CA GLN E 270 32.58 65.68 -28.15
C GLN E 270 31.29 66.12 -28.82
N MET F 1 12.32 -46.04 7.22
CA MET F 1 12.81 -47.40 7.03
C MET F 1 11.74 -48.27 6.42
N ALA F 2 10.92 -48.87 7.28
CA ALA F 2 9.80 -49.74 6.92
C ALA F 2 10.25 -50.93 6.08
N ASP F 3 10.98 -51.82 6.74
CA ASP F 3 11.47 -53.04 6.10
C ASP F 3 10.37 -53.96 5.57
N PRO F 4 9.27 -54.28 6.31
CA PRO F 4 8.26 -55.15 5.69
C PRO F 4 7.55 -54.47 4.53
N LYS F 5 7.53 -53.13 4.54
CA LYS F 5 6.95 -52.38 3.43
C LYS F 5 7.75 -52.65 2.18
N TYR F 6 9.07 -52.74 2.33
CA TYR F 6 9.91 -53.02 1.20
C TYR F 6 9.80 -54.49 0.81
N ALA F 7 9.40 -55.34 1.76
CA ALA F 7 9.20 -56.75 1.44
C ALA F 7 7.95 -56.87 0.57
N ASP F 8 6.97 -55.99 0.78
CA ASP F 8 5.74 -55.98 -0.01
C ASP F 8 5.96 -55.71 -1.48
N LEU F 9 6.44 -54.51 -1.80
CA LEU F 9 6.65 -54.11 -3.17
C LEU F 9 7.87 -54.83 -3.77
N PRO F 10 7.94 -54.95 -5.08
CA PRO F 10 9.04 -55.72 -5.67
C PRO F 10 10.22 -54.96 -6.22
N GLY F 11 10.16 -53.65 -6.33
CA GLY F 11 11.31 -53.00 -6.92
C GLY F 11 12.46 -52.62 -6.02
N ILE F 12 12.21 -52.51 -4.72
CA ILE F 12 13.22 -52.11 -3.75
C ILE F 12 14.40 -53.06 -3.81
N ALA F 13 15.55 -52.53 -4.18
CA ALA F 13 16.74 -53.35 -4.30
C ALA F 13 17.50 -53.35 -2.99
N ARG F 14 17.73 -54.54 -2.47
CA ARG F 14 18.51 -54.70 -1.25
C ARG F 14 19.87 -55.23 -1.66
N ASN F 15 20.84 -55.01 -0.77
CA ASN F 15 22.24 -55.41 -0.93
C ASN F 15 22.83 -54.79 -2.20
N GLU F 16 22.85 -53.47 -2.19
CA GLU F 16 23.39 -52.60 -3.20
C GLU F 16 23.78 -51.40 -2.38
N PRO F 17 24.91 -50.76 -2.68
CA PRO F 17 25.32 -49.59 -1.91
C PRO F 17 24.35 -48.45 -2.17
N ASP F 18 23.74 -47.96 -1.11
CA ASP F 18 22.74 -46.91 -1.25
C ASP F 18 23.30 -45.55 -1.60
N VAL F 19 24.59 -45.30 -1.42
CA VAL F 19 25.10 -43.98 -1.75
C VAL F 19 26.43 -44.14 -2.47
N TYR F 20 26.52 -43.61 -3.68
CA TYR F 20 27.73 -43.66 -4.47
C TYR F 20 28.44 -42.34 -4.27
N GLU F 21 29.74 -42.38 -3.95
CA GLU F 21 30.46 -41.14 -3.70
C GLU F 21 31.87 -41.15 -4.24
N THR F 22 32.35 -39.95 -4.55
CA THR F 22 33.72 -39.78 -4.99
C THR F 22 34.59 -39.80 -3.75
N SER F 23 35.79 -40.33 -3.89
CA SER F 23 36.74 -40.41 -2.79
C SER F 23 37.11 -39.01 -2.31
N ASP F 24 37.49 -38.92 -1.04
CA ASP F 24 37.85 -37.64 -0.47
C ASP F 24 39.35 -37.49 -0.35
N LEU F 25 39.77 -36.31 0.07
CA LEU F 25 41.16 -35.95 0.27
C LEU F 25 41.28 -35.35 1.66
N PRO F 26 42.46 -35.40 2.28
CA PRO F 26 42.56 -34.80 3.62
C PRO F 26 42.68 -33.28 3.62
N LEU F 40 46.02 -6.02 2.98
CA LEU F 40 47.13 -6.23 3.90
C LEU F 40 48.45 -5.81 3.28
N THR F 41 48.96 -4.66 3.69
CA THR F 41 50.22 -4.15 3.18
C THR F 41 50.93 -3.40 4.31
N SER F 42 52.13 -2.91 4.02
CA SER F 42 52.94 -2.23 5.01
C SER F 42 52.43 -0.81 5.30
N THR F 43 53.19 -0.11 6.13
CA THR F 43 52.89 1.24 6.53
C THR F 43 54.10 2.13 6.39
N SER F 44 53.82 3.43 6.36
CA SER F 44 54.82 4.49 6.26
C SER F 44 55.74 4.34 5.07
N VAL F 45 55.17 4.09 3.91
CA VAL F 45 55.98 4.00 2.72
C VAL F 45 56.38 5.43 2.39
N GLU F 46 57.48 5.89 2.97
CA GLU F 46 57.94 7.27 2.81
C GLU F 46 59.09 7.37 1.82
N HIS F 47 59.42 8.61 1.45
CA HIS F 47 60.50 8.86 0.50
C HIS F 47 61.00 10.29 0.67
N ILE F 48 62.09 10.46 1.40
CA ILE F 48 62.64 11.79 1.63
C ILE F 48 63.31 12.31 0.36
N ILE F 49 63.54 13.61 0.33
CA ILE F 49 64.16 14.23 -0.83
C ILE F 49 64.85 15.52 -0.40
N VAL F 50 66.18 15.54 -0.48
CA VAL F 50 66.96 16.72 -0.08
C VAL F 50 67.87 17.18 -1.20
N ASP G 3 -19.30 -97.57 -11.45
CA ASP G 3 -20.60 -96.95 -11.40
C ASP G 3 -21.50 -97.42 -12.55
N PRO G 4 -22.81 -97.63 -12.27
CA PRO G 4 -23.74 -98.13 -13.31
C PRO G 4 -23.84 -97.28 -14.55
N LYS G 5 -23.76 -95.94 -14.39
CA LYS G 5 -23.83 -95.04 -15.52
C LYS G 5 -22.67 -95.25 -16.46
N TYR G 6 -21.56 -95.74 -15.95
CA TYR G 6 -20.41 -96.01 -16.78
C TYR G 6 -20.22 -97.51 -16.98
N ALA G 7 -21.33 -98.24 -17.01
CA ALA G 7 -21.36 -99.68 -17.26
C ALA G 7 -22.34 -99.90 -18.40
N ASP G 8 -23.49 -99.21 -18.32
CA ASP G 8 -24.58 -99.33 -19.29
C ASP G 8 -24.20 -98.97 -20.73
N LEU G 9 -23.17 -98.38 -20.94
CA LEU G 9 -22.68 -97.96 -22.24
C LEU G 9 -21.77 -99.04 -22.82
N PRO G 10 -21.64 -99.12 -24.15
CA PRO G 10 -20.79 -100.16 -24.74
C PRO G 10 -19.31 -100.08 -24.44
N GLY G 11 -18.64 -98.99 -24.78
CA GLY G 11 -17.23 -98.92 -24.52
C GLY G 11 -16.82 -97.87 -23.53
N ILE G 12 -16.17 -98.27 -22.44
CA ILE G 12 -15.72 -97.37 -21.38
C ILE G 12 -14.40 -97.89 -20.85
N ALA G 13 -13.47 -96.97 -20.56
CA ALA G 13 -12.19 -97.35 -20.02
C ALA G 13 -12.35 -97.87 -18.61
N ARG G 14 -12.51 -99.17 -18.48
CA ARG G 14 -12.66 -99.83 -17.20
C ARG G 14 -11.28 -100.22 -16.71
N ASN G 15 -10.96 -99.90 -15.46
CA ASN G 15 -9.68 -100.19 -14.80
C ASN G 15 -8.48 -99.58 -15.53
N GLU G 16 -8.50 -98.26 -15.62
CA GLU G 16 -7.42 -97.54 -16.25
C GLU G 16 -7.18 -96.27 -15.45
N PRO G 17 -5.93 -95.87 -15.27
CA PRO G 17 -5.64 -94.64 -14.54
C PRO G 17 -6.11 -93.45 -15.33
N ASP G 18 -6.76 -92.51 -14.65
CA ASP G 18 -7.35 -91.36 -15.32
C ASP G 18 -6.40 -90.19 -15.51
N VAL G 19 -5.37 -90.06 -14.71
CA VAL G 19 -4.50 -88.91 -14.83
C VAL G 19 -3.12 -89.40 -15.19
N TYR G 20 -2.59 -88.89 -16.28
CA TYR G 20 -1.26 -89.21 -16.73
C TYR G 20 -0.47 -87.96 -16.46
N GLU G 21 0.65 -88.11 -15.78
CA GLU G 21 1.42 -86.94 -15.39
C GLU G 21 2.85 -87.36 -15.15
N THR G 22 3.78 -86.46 -15.43
CA THR G 22 5.17 -86.76 -15.14
C THR G 22 5.35 -86.79 -13.64
N SER G 23 6.46 -87.38 -13.22
CA SER G 23 6.74 -87.49 -11.81
C SER G 23 7.18 -86.14 -11.24
N ASP G 24 7.62 -86.17 -10.01
CA ASP G 24 8.14 -85.00 -9.33
C ASP G 24 9.62 -84.94 -9.65
N LEU G 25 10.41 -84.26 -8.82
CA LEU G 25 11.85 -84.01 -8.93
C LEU G 25 12.03 -83.18 -10.19
N PRO G 26 11.60 -81.90 -10.18
CA PRO G 26 11.70 -81.03 -11.35
C PRO G 26 13.13 -80.70 -11.77
N GLU H 201 -44.15 -56.97 -5.88
CA GLU H 201 -43.63 -58.28 -6.32
C GLU H 201 -42.10 -58.32 -6.30
N ILE H 202 -41.56 -58.25 -5.10
CA ILE H 202 -40.11 -58.38 -4.95
C ILE H 202 -39.97 -59.59 -4.04
N PRO H 203 -39.98 -60.79 -4.57
CA PRO H 203 -39.90 -61.96 -3.72
C PRO H 203 -38.49 -62.29 -3.32
N GLU H 204 -38.37 -62.85 -2.12
CA GLU H 204 -37.08 -63.31 -1.65
C GLU H 204 -37.18 -64.82 -1.64
N ILE H 205 -36.04 -65.48 -1.80
CA ILE H 205 -36.02 -66.92 -1.94
C ILE H 205 -35.42 -67.57 -0.71
N SER H 206 -35.59 -68.89 -0.64
CA SER H 206 -35.05 -69.78 0.35
C SER H 206 -34.52 -70.94 -0.45
N LEU H 207 -33.22 -71.22 -0.32
CA LEU H 207 -32.60 -72.28 -1.08
C LEU H 207 -32.26 -73.42 -0.13
N PRO H 208 -33.09 -74.44 -0.06
CA PRO H 208 -32.86 -75.53 0.88
C PRO H 208 -31.71 -76.41 0.47
N ILE H 209 -31.23 -77.16 1.44
CA ILE H 209 -30.13 -78.10 1.27
C ILE H 209 -30.67 -79.46 1.64
N HIS H 210 -29.97 -80.51 1.21
CA HIS H 210 -30.31 -81.87 1.54
C HIS H 210 -30.20 -82.02 3.06
N PRO H 211 -31.09 -82.76 3.68
CA PRO H 211 -31.07 -82.89 5.15
C PRO H 211 -29.77 -83.45 5.70
N MET H 212 -29.15 -84.38 4.98
CA MET H 212 -27.88 -84.91 5.47
C MET H 212 -26.78 -83.87 5.32
N ILE H 213 -26.90 -82.98 4.34
CA ILE H 213 -25.87 -81.95 4.23
C ILE H 213 -26.04 -80.98 5.37
N THR H 214 -27.28 -80.75 5.80
CA THR H 214 -27.48 -79.86 6.95
C THR H 214 -26.96 -80.54 8.21
N ASN H 215 -27.13 -81.86 8.30
CA ASN H 215 -26.63 -82.62 9.44
C ASN H 215 -25.12 -82.55 9.51
N VAL H 216 -24.48 -82.79 8.36
CA VAL H 216 -23.03 -82.75 8.28
C VAL H 216 -22.56 -81.32 8.47
N ALA H 217 -23.39 -80.33 8.10
CA ALA H 217 -23.02 -78.94 8.31
C ALA H 217 -22.98 -78.62 9.80
N LYS H 218 -23.89 -79.23 10.55
CA LYS H 218 -23.89 -79.08 12.01
C LYS H 218 -22.67 -79.75 12.58
N GLN H 219 -22.52 -81.03 12.26
CA GLN H 219 -21.45 -81.91 12.70
C GLN H 219 -20.08 -81.54 12.14
N CYS H 220 -20.01 -80.53 11.27
CA CYS H 220 -18.76 -80.05 10.72
C CYS H 220 -18.35 -78.76 11.39
N TYR H 221 -18.61 -78.72 12.67
CA TYR H 221 -18.23 -77.67 13.59
C TYR H 221 -17.56 -78.28 14.80
N GLU H 222 -18.09 -79.41 15.27
CA GLU H 222 -17.54 -80.09 16.43
C GLU H 222 -16.14 -80.65 16.15
N ARG H 223 -16.03 -81.50 15.13
CA ARG H 223 -14.74 -82.09 14.78
C ARG H 223 -14.11 -81.42 13.56
N GLY H 224 -14.74 -81.53 12.39
CA GLY H 224 -14.21 -80.95 11.19
C GLY H 224 -14.80 -79.58 10.99
N GLU H 225 -14.40 -78.61 11.84
CA GLU H 225 -14.82 -77.21 11.89
C GLU H 225 -14.96 -76.60 10.50
N LYS H 226 -14.02 -76.97 9.63
CA LYS H 226 -14.06 -76.63 8.23
C LYS H 226 -14.58 -77.89 7.56
N PRO H 227 -15.74 -77.85 6.89
CA PRO H 227 -16.25 -79.07 6.26
C PRO H 227 -15.35 -79.48 5.10
N LYS H 228 -14.99 -80.75 5.07
CA LYS H 228 -14.09 -81.26 4.05
C LYS H 228 -14.85 -81.85 2.87
N VAL H 229 -14.11 -82.50 1.98
CA VAL H 229 -14.66 -83.08 0.77
C VAL H 229 -15.21 -84.47 1.02
N THR H 230 -14.34 -85.39 1.42
CA THR H 230 -14.76 -86.77 1.61
C THR H 230 -15.26 -87.08 3.02
N ASP H 231 -16.19 -86.28 3.53
CA ASP H 231 -16.75 -86.60 4.83
C ASP H 231 -18.01 -87.41 4.69
N PHE H 232 -18.18 -88.07 3.55
CA PHE H 232 -19.34 -88.91 3.30
C PHE H 232 -18.97 -90.30 2.84
N GLY H 233 -17.77 -90.51 2.32
CA GLY H 233 -17.37 -91.84 1.90
C GLY H 233 -18.16 -92.30 0.70
N ASP H 234 -18.76 -93.49 0.81
CA ASP H 234 -19.57 -94.02 -0.26
C ASP H 234 -20.93 -93.36 -0.38
N LYS H 235 -21.26 -92.43 0.51
CA LYS H 235 -22.50 -91.70 0.43
C LYS H 235 -22.44 -90.64 -0.65
N VAL H 236 -21.23 -90.31 -1.10
CA VAL H 236 -21.00 -89.30 -2.13
C VAL H 236 -21.63 -89.71 -3.44
N GLU H 237 -21.43 -90.97 -3.80
CA GLU H 237 -21.84 -91.52 -5.08
C GLU H 237 -23.11 -92.33 -4.98
N ASP H 238 -24.22 -91.72 -5.39
CA ASP H 238 -25.58 -92.24 -5.43
C ASP H 238 -26.38 -91.40 -6.40
N PRO H 239 -27.08 -92.04 -7.34
CA PRO H 239 -27.90 -91.27 -8.29
C PRO H 239 -29.05 -90.59 -7.60
N THR H 240 -29.54 -91.15 -6.49
CA THR H 240 -30.60 -90.50 -5.75
C THR H 240 -30.07 -89.29 -5.04
N PHE H 241 -28.96 -89.46 -4.31
CA PHE H 241 -28.31 -88.38 -3.58
C PHE H 241 -27.88 -87.26 -4.51
N LEU H 242 -27.05 -87.59 -5.50
CA LEU H 242 -26.59 -86.60 -6.45
C LEU H 242 -27.74 -86.07 -7.29
N ASN H 243 -28.78 -86.86 -7.53
CA ASN H 243 -29.87 -86.36 -8.35
C ASN H 243 -30.73 -85.42 -7.55
N GLN H 244 -30.92 -85.67 -6.26
CA GLN H 244 -31.70 -84.76 -5.45
C GLN H 244 -30.96 -83.45 -5.32
N LEU H 245 -29.65 -83.56 -5.20
CA LEU H 245 -28.80 -82.39 -5.12
C LEU H 245 -28.93 -81.57 -6.39
N GLN H 246 -28.80 -82.24 -7.54
CA GLN H 246 -28.89 -81.60 -8.83
C GLN H 246 -30.25 -80.99 -9.07
N SER H 247 -31.30 -81.69 -8.63
CA SER H 247 -32.66 -81.19 -8.80
C SER H 247 -32.87 -79.93 -7.99
N GLY H 248 -32.37 -79.95 -6.75
CA GLY H 248 -32.51 -78.78 -5.92
C GLY H 248 -31.75 -77.59 -6.47
N VAL H 249 -30.53 -77.83 -6.94
CA VAL H 249 -29.73 -76.76 -7.52
C VAL H 249 -30.38 -76.23 -8.78
N ASN H 250 -31.02 -77.13 -9.53
CA ASN H 250 -31.70 -76.72 -10.74
C ASN H 250 -32.89 -75.82 -10.41
N ARG H 251 -33.61 -76.16 -9.35
CA ARG H 251 -34.72 -75.32 -8.93
C ARG H 251 -34.21 -73.99 -8.41
N TRP H 252 -33.04 -74.01 -7.74
CA TRP H 252 -32.42 -72.78 -7.26
C TRP H 252 -32.16 -71.87 -8.43
N ILE H 253 -31.69 -72.44 -9.52
CA ILE H 253 -31.40 -71.68 -10.74
C ILE H 253 -32.67 -71.04 -11.26
N ARG H 254 -33.79 -71.77 -11.21
CA ARG H 254 -35.06 -71.21 -11.66
C ARG H 254 -35.47 -70.04 -10.79
N GLU H 255 -35.33 -70.23 -9.48
CA GLU H 255 -35.70 -69.21 -8.51
C GLU H 255 -34.85 -67.96 -8.67
N ILE H 256 -33.56 -68.14 -8.93
CA ILE H 256 -32.69 -67.00 -9.11
C ILE H 256 -33.02 -66.30 -10.41
N GLN H 257 -33.38 -67.09 -11.45
CA GLN H 257 -33.77 -66.50 -12.73
C GLN H 257 -34.98 -65.61 -12.58
N LYS H 258 -35.86 -65.97 -11.66
CA LYS H 258 -37.05 -65.15 -11.39
C LYS H 258 -36.65 -63.76 -10.96
N VAL H 259 -35.61 -63.65 -10.16
CA VAL H 259 -35.16 -62.37 -9.67
C VAL H 259 -34.25 -61.67 -10.66
N THR H 260 -33.46 -62.39 -11.43
CA THR H 260 -32.57 -61.72 -12.36
C THR H 260 -33.31 -61.14 -13.56
N LYS H 261 -34.31 -61.84 -14.07
CA LYS H 261 -35.05 -61.28 -15.18
C LYS H 261 -36.06 -60.24 -14.73
N LEU H 262 -36.25 -60.12 -13.42
CA LEU H 262 -37.22 -59.22 -12.83
C LEU H 262 -36.87 -57.77 -13.13
N ASP H 263 -37.59 -57.17 -14.08
CA ASP H 263 -37.38 -55.78 -14.46
C ASP H 263 -38.63 -55.32 -15.18
N ARG H 264 -38.87 -54.01 -15.13
CA ARG H 264 -40.03 -53.39 -15.73
C ARG H 264 -39.61 -52.24 -16.63
N ASP H 265 -40.62 -51.54 -17.16
CA ASP H 265 -40.43 -50.38 -18.02
C ASP H 265 -40.82 -49.16 -17.23
N PRO H 266 -39.95 -48.18 -17.08
CA PRO H 266 -40.34 -46.99 -16.33
C PRO H 266 -41.08 -45.95 -17.15
N ALA H 267 -41.93 -46.40 -18.05
CA ALA H 267 -42.76 -45.51 -18.84
C ALA H 267 -44.06 -45.27 -18.12
N SER H 268 -44.43 -46.21 -17.27
CA SER H 268 -45.61 -46.22 -16.44
C SER H 268 -45.17 -46.05 -14.99
N GLY H 269 -46.15 -45.98 -14.10
CA GLY H 269 -45.91 -45.85 -12.68
C GLY H 269 -45.24 -44.54 -12.28
N THR H 270 -44.82 -44.50 -11.02
CA THR H 270 -44.16 -43.33 -10.49
C THR H 270 -42.69 -43.60 -10.38
N ALA H 271 -41.93 -42.54 -10.11
CA ALA H 271 -40.51 -42.71 -9.96
C ALA H 271 -40.21 -43.40 -8.65
N LEU H 272 -41.12 -43.28 -7.67
CA LEU H 272 -40.94 -43.91 -6.37
C LEU H 272 -40.93 -45.42 -6.48
N GLN H 273 -41.81 -45.96 -7.33
CA GLN H 273 -41.88 -47.38 -7.54
C GLN H 273 -40.59 -47.87 -8.18
N GLU H 274 -40.02 -47.05 -9.05
CA GLU H 274 -38.78 -47.38 -9.73
C GLU H 274 -37.63 -47.39 -8.76
N ILE H 275 -37.47 -46.32 -8.00
CA ILE H 275 -36.41 -46.21 -6.99
C ILE H 275 -36.53 -47.35 -5.99
N SER H 276 -37.76 -47.65 -5.59
CA SER H 276 -37.98 -48.71 -4.63
C SER H 276 -37.64 -50.06 -5.22
N PHE H 277 -37.98 -50.33 -6.48
CA PHE H 277 -37.63 -51.66 -6.94
C PHE H 277 -36.15 -51.75 -7.28
N TRP H 278 -35.49 -50.66 -7.62
CA TRP H 278 -34.06 -50.76 -7.85
C TRP H 278 -33.38 -51.05 -6.51
N LEU H 279 -33.86 -50.40 -5.45
CA LEU H 279 -33.33 -50.65 -4.12
C LEU H 279 -33.65 -52.06 -3.69
N ASN H 280 -34.85 -52.53 -4.05
CA ASN H 280 -35.25 -53.87 -3.70
C ASN H 280 -34.42 -54.88 -4.44
N LEU H 281 -34.02 -54.57 -5.67
CA LEU H 281 -33.15 -55.45 -6.42
C LEU H 281 -31.79 -55.51 -5.73
N GLU H 282 -31.35 -54.37 -5.20
CA GLU H 282 -30.07 -54.31 -4.50
C GLU H 282 -30.09 -55.21 -3.28
N ARG H 283 -31.02 -54.97 -2.36
CA ARG H 283 -31.08 -55.76 -1.15
C ARG H 283 -31.48 -57.21 -1.43
N ALA H 284 -32.30 -57.45 -2.45
CA ALA H 284 -32.73 -58.80 -2.78
C ALA H 284 -31.58 -59.62 -3.30
N LEU H 285 -30.92 -59.13 -4.36
CA LEU H 285 -29.78 -59.82 -4.92
C LEU H 285 -28.64 -59.85 -3.95
N TYR H 286 -28.60 -58.88 -3.05
CA TYR H 286 -27.60 -58.82 -2.00
C TYR H 286 -27.77 -60.00 -1.07
N ARG H 287 -28.99 -60.23 -0.61
CA ARG H 287 -29.24 -61.37 0.26
C ARG H 287 -29.09 -62.68 -0.50
N ILE H 288 -29.43 -62.68 -1.79
CA ILE H 288 -29.28 -63.87 -2.62
C ILE H 288 -27.80 -64.23 -2.71
N GLN H 289 -26.96 -63.21 -2.82
CA GLN H 289 -25.55 -63.45 -2.86
C GLN H 289 -25.08 -63.95 -1.51
N GLU H 290 -25.71 -63.48 -0.42
CA GLU H 290 -25.34 -63.97 0.90
C GLU H 290 -25.68 -65.46 1.00
N LYS H 291 -26.80 -65.85 0.38
CA LYS H 291 -27.23 -67.25 0.38
C LYS H 291 -26.21 -68.10 -0.36
N ARG H 292 -25.85 -67.65 -1.57
CA ARG H 292 -24.91 -68.37 -2.40
C ARG H 292 -23.52 -68.47 -1.77
N GLU H 293 -23.06 -67.38 -1.17
CA GLU H 293 -21.75 -67.31 -0.54
C GLU H 293 -21.58 -68.21 0.68
N SER H 294 -22.67 -68.75 1.21
CA SER H 294 -22.57 -69.63 2.36
C SER H 294 -21.81 -70.88 1.95
N PRO H 295 -21.01 -71.45 2.84
CA PRO H 295 -20.19 -72.61 2.46
C PRO H 295 -20.97 -73.86 2.18
N GLU H 296 -22.18 -74.01 2.70
CA GLU H 296 -22.94 -75.23 2.44
C GLU H 296 -23.51 -75.22 1.04
N VAL H 297 -24.01 -74.06 0.61
CA VAL H 297 -24.55 -73.92 -0.73
C VAL H 297 -23.47 -74.16 -1.75
N LEU H 298 -22.27 -73.67 -1.46
CA LEU H 298 -21.15 -73.91 -2.36
C LEU H 298 -20.70 -75.35 -2.26
N LEU H 299 -20.80 -75.92 -1.06
CA LEU H 299 -20.41 -77.31 -0.83
C LEU H 299 -21.25 -78.26 -1.65
N THR H 300 -22.52 -77.93 -1.86
CA THR H 300 -23.36 -78.77 -2.69
C THR H 300 -22.84 -78.79 -4.10
N LEU H 301 -22.45 -77.63 -4.61
CA LEU H 301 -21.89 -77.56 -5.95
C LEU H 301 -20.56 -78.28 -6.00
N ASP H 302 -19.84 -78.29 -4.88
CA ASP H 302 -18.56 -78.99 -4.82
C ASP H 302 -18.78 -80.49 -4.91
N ILE H 303 -19.83 -80.97 -4.25
CA ILE H 303 -20.16 -82.38 -4.30
C ILE H 303 -20.57 -82.76 -5.70
N LEU H 304 -21.35 -81.90 -6.36
CA LEU H 304 -21.78 -82.15 -7.73
C LEU H 304 -20.60 -82.18 -8.67
N LYS H 305 -19.64 -81.29 -8.44
CA LYS H 305 -18.43 -81.25 -9.24
C LYS H 305 -17.60 -82.49 -9.00
N HIS H 306 -17.69 -83.03 -7.78
CA HIS H 306 -16.96 -84.24 -7.50
C HIS H 306 -17.65 -85.44 -8.14
N GLY H 307 -18.96 -85.38 -8.26
CA GLY H 307 -19.72 -86.43 -8.88
C GLY H 307 -19.85 -86.24 -10.35
N LYS H 308 -19.15 -85.22 -10.84
CA LYS H 308 -19.07 -84.82 -12.22
C LYS H 308 -20.42 -84.50 -12.85
N ARG H 309 -21.44 -84.15 -12.07
CA ARG H 309 -22.72 -83.81 -12.68
C ARG H 309 -22.69 -82.33 -13.05
N PHE H 310 -21.85 -82.05 -14.04
CA PHE H 310 -21.52 -80.73 -14.53
C PHE H 310 -22.70 -79.94 -15.07
N HIS H 311 -23.85 -80.57 -15.32
CA HIS H 311 -25.02 -79.84 -15.79
C HIS H 311 -25.44 -78.79 -14.79
N ALA H 312 -25.59 -79.21 -13.55
CA ALA H 312 -26.02 -78.30 -12.49
C ALA H 312 -24.98 -77.23 -12.21
N THR H 313 -23.71 -77.61 -12.07
CA THR H 313 -22.67 -76.64 -11.75
C THR H 313 -22.49 -75.60 -12.84
N VAL H 314 -22.40 -76.03 -14.09
CA VAL H 314 -22.22 -75.08 -15.18
C VAL H 314 -23.46 -74.23 -15.37
N SER H 315 -24.64 -74.82 -15.19
CA SER H 315 -25.85 -74.04 -15.34
C SER H 315 -26.00 -73.04 -14.21
N PHE H 316 -25.47 -73.38 -13.04
CA PHE H 316 -25.54 -72.48 -11.92
C PHE H 316 -24.51 -71.39 -12.03
N ASP H 317 -23.40 -71.65 -12.72
CA ASP H 317 -22.42 -70.59 -12.83
C ASP H 317 -22.65 -69.68 -14.01
N THR H 318 -23.36 -70.12 -15.02
CA THR H 318 -23.56 -69.23 -16.15
C THR H 318 -25.00 -68.83 -16.38
N ASP H 319 -25.96 -69.70 -16.08
CA ASP H 319 -27.33 -69.35 -16.37
C ASP H 319 -27.92 -68.41 -15.35
N THR H 320 -27.42 -68.42 -14.12
CA THR H 320 -27.94 -67.49 -13.13
C THR H 320 -27.48 -66.11 -13.52
N GLY H 321 -28.42 -65.23 -13.84
CA GLY H 321 -28.07 -63.89 -14.26
C GLY H 321 -27.59 -62.96 -13.15
N LEU H 322 -27.31 -63.56 -11.99
CA LEU H 322 -26.85 -62.89 -10.78
C LEU H 322 -25.64 -62.01 -11.02
N LYS H 323 -24.74 -62.42 -11.90
CA LYS H 323 -23.54 -61.63 -12.15
C LYS H 323 -23.88 -60.30 -12.80
N GLN H 324 -24.54 -60.33 -13.94
CA GLN H 324 -24.91 -59.08 -14.60
C GLN H 324 -25.93 -58.32 -13.79
N ALA H 325 -26.73 -59.04 -13.02
CA ALA H 325 -27.73 -58.41 -12.19
C ALA H 325 -27.06 -57.59 -11.09
N LEU H 326 -26.10 -58.18 -10.39
CA LEU H 326 -25.38 -57.45 -9.36
C LEU H 326 -24.60 -56.31 -9.96
N GLU H 327 -24.03 -56.51 -11.16
CA GLU H 327 -23.27 -55.45 -11.81
C GLU H 327 -24.14 -54.25 -12.10
N THR H 328 -25.21 -54.47 -12.87
CA THR H 328 -26.10 -53.40 -13.28
C THR H 328 -26.82 -52.78 -12.09
N VAL H 329 -27.13 -53.59 -11.07
CA VAL H 329 -27.80 -53.07 -9.89
C VAL H 329 -26.87 -52.14 -9.12
N ASN H 330 -25.63 -52.59 -8.87
CA ASN H 330 -24.69 -51.74 -8.16
C ASN H 330 -24.30 -50.55 -9.00
N ASP H 331 -24.44 -50.68 -10.32
CA ASP H 331 -24.16 -49.59 -11.22
C ASP H 331 -25.20 -48.51 -11.02
N TYR H 332 -26.47 -48.89 -10.94
CA TYR H 332 -27.48 -47.87 -10.71
C TYR H 332 -27.69 -47.56 -9.26
N ASN H 333 -26.96 -48.20 -8.35
CA ASN H 333 -27.17 -47.98 -6.93
C ASN H 333 -27.00 -46.53 -6.48
N PRO H 334 -25.93 -45.79 -6.81
CA PRO H 334 -25.88 -44.41 -6.30
C PRO H 334 -26.90 -43.47 -6.92
N LEU H 335 -27.36 -43.71 -8.14
CA LEU H 335 -28.36 -42.80 -8.69
C LEU H 335 -29.73 -43.06 -8.09
N MET H 336 -30.10 -44.32 -7.90
CA MET H 336 -31.39 -44.66 -7.34
C MET H 336 -31.37 -44.65 -5.83
N LYS H 337 -30.45 -43.93 -5.23
CA LYS H 337 -30.30 -43.86 -3.79
C LYS H 337 -30.55 -42.46 -3.29
N ASP H 338 -31.37 -42.34 -2.26
CA ASP H 338 -31.71 -41.10 -1.58
C ASP H 338 -32.26 -40.07 -2.55
N PHE H 339 -33.20 -40.49 -3.36
CA PHE H 339 -33.76 -39.57 -4.32
C PHE H 339 -34.75 -38.65 -3.61
N PRO H 340 -34.65 -37.34 -3.77
CA PRO H 340 -35.57 -36.44 -3.07
C PRO H 340 -36.89 -36.21 -3.76
N LEU H 341 -37.50 -37.26 -4.31
CA LEU H 341 -38.78 -37.10 -4.97
C LEU H 341 -39.91 -37.00 -3.98
N ASN H 342 -39.66 -37.39 -2.73
CA ASN H 342 -40.67 -37.32 -1.68
C ASN H 342 -41.02 -35.88 -1.38
N ASP H 343 -40.09 -34.96 -1.66
CA ASP H 343 -40.31 -33.55 -1.42
C ASP H 343 -41.41 -33.00 -2.31
N LEU H 344 -41.50 -33.47 -3.56
CA LEU H 344 -42.58 -33.00 -4.43
C LEU H 344 -43.93 -33.47 -3.93
N LEU H 345 -44.05 -34.78 -3.71
CA LEU H 345 -45.29 -35.36 -3.24
C LEU H 345 -45.62 -34.98 -1.80
N SER H 346 -44.70 -34.31 -1.09
CA SER H 346 -44.92 -33.85 0.26
C SER H 346 -44.87 -32.32 0.32
N ALA H 347 -44.94 -31.64 -0.83
CA ALA H 347 -44.92 -30.20 -0.88
C ALA H 347 -46.34 -29.67 -0.89
N THR H 348 -46.52 -28.50 -0.31
CA THR H 348 -47.80 -27.82 -0.25
C THR H 348 -47.75 -26.43 -0.85
N GLU H 349 -46.60 -25.79 -0.79
CA GLU H 349 -46.35 -24.45 -1.29
C GLU H 349 -45.61 -24.52 -2.61
N LEU H 350 -45.83 -23.50 -3.44
CA LEU H 350 -45.18 -23.43 -4.74
C LEU H 350 -43.67 -23.31 -4.60
N ASP H 351 -43.23 -22.68 -3.50
CA ASP H 351 -41.80 -22.59 -3.20
C ASP H 351 -41.23 -23.96 -3.04
N LYS H 352 -41.93 -24.80 -2.26
CA LYS H 352 -41.49 -26.16 -2.03
C LYS H 352 -41.54 -26.99 -3.30
N ILE H 353 -42.47 -26.67 -4.21
CA ILE H 353 -42.52 -27.37 -5.49
C ILE H 353 -41.25 -27.12 -6.27
N ARG H 354 -40.90 -25.84 -6.38
CA ARG H 354 -39.68 -25.47 -7.09
C ARG H 354 -38.44 -25.98 -6.39
N GLN H 355 -38.39 -25.89 -5.05
CA GLN H 355 -37.25 -26.37 -4.28
C GLN H 355 -37.08 -27.87 -4.46
N ALA H 356 -38.18 -28.60 -4.51
CA ALA H 356 -38.13 -30.02 -4.72
C ALA H 356 -37.58 -30.32 -6.10
N LEU H 357 -38.02 -29.56 -7.10
CA LEU H 357 -37.51 -29.75 -8.46
C LEU H 357 -36.03 -29.48 -8.53
N VAL H 358 -35.58 -28.44 -7.82
CA VAL H 358 -34.16 -28.09 -7.80
C VAL H 358 -33.33 -29.20 -7.19
N ALA H 359 -33.73 -29.67 -6.00
CA ALA H 359 -32.99 -30.74 -5.32
C ALA H 359 -32.99 -32.03 -6.13
N ILE H 360 -34.13 -32.36 -6.76
CA ILE H 360 -34.24 -33.56 -7.56
C ILE H 360 -33.32 -33.50 -8.77
N PHE H 361 -33.32 -32.35 -9.45
CA PHE H 361 -32.49 -32.23 -10.65
C PHE H 361 -31.02 -32.21 -10.31
N THR H 362 -30.66 -31.73 -9.11
CA THR H 362 -29.27 -31.80 -8.73
C THR H 362 -28.90 -33.22 -8.36
N HIS H 363 -29.87 -33.97 -7.83
CA HIS H 363 -29.62 -35.36 -7.48
C HIS H 363 -29.47 -36.21 -8.72
N LEU H 364 -30.16 -35.82 -9.79
CA LEU H 364 -30.11 -36.53 -11.06
C LEU H 364 -28.80 -36.38 -11.79
N ARG H 365 -27.84 -35.60 -11.31
CA ARG H 365 -26.62 -35.42 -12.08
C ARG H 365 -25.72 -36.65 -12.07
N LYS H 366 -25.92 -37.57 -11.14
CA LYS H 366 -25.10 -38.77 -11.06
C LYS H 366 -25.56 -39.73 -12.15
N ILE H 367 -25.03 -39.52 -13.35
CA ILE H 367 -25.41 -40.33 -14.51
C ILE H 367 -24.21 -41.07 -15.10
N ARG H 368 -23.10 -40.37 -15.32
CA ARG H 368 -21.89 -40.95 -15.89
C ARG H 368 -21.38 -42.12 -15.08
N ASN H 369 -21.47 -41.98 -13.76
CA ASN H 369 -21.06 -42.98 -12.79
C ASN H 369 -22.09 -44.08 -12.59
N THR H 370 -23.21 -44.04 -13.30
CA THR H 370 -24.24 -45.06 -13.13
C THR H 370 -24.69 -45.77 -14.39
N LYS H 371 -24.35 -45.26 -15.58
CA LYS H 371 -24.68 -45.85 -16.88
C LYS H 371 -26.19 -46.11 -17.03
N TYR H 372 -26.97 -45.07 -16.75
CA TYR H 372 -28.38 -45.41 -16.92
C TYR H 372 -28.77 -45.18 -18.37
N PRO H 373 -29.64 -46.03 -18.92
CA PRO H 373 -30.05 -45.87 -20.33
C PRO H 373 -30.69 -44.53 -20.61
N ILE H 374 -30.35 -44.02 -21.79
CA ILE H 374 -30.78 -42.72 -22.26
C ILE H 374 -32.29 -42.63 -22.33
N GLN H 375 -32.90 -43.51 -23.13
CA GLN H 375 -34.34 -43.51 -23.32
C GLN H 375 -35.05 -43.81 -22.02
N ARG H 376 -34.49 -44.70 -21.21
CA ARG H 376 -35.11 -45.02 -19.93
C ARG H 376 -35.02 -43.83 -18.99
N ALA H 377 -33.97 -43.02 -19.13
CA ALA H 377 -33.87 -41.82 -18.32
C ALA H 377 -34.95 -40.84 -18.73
N LEU H 378 -35.25 -40.79 -20.04
CA LEU H 378 -36.33 -39.94 -20.51
C LEU H 378 -37.67 -40.43 -19.96
N ARG H 379 -37.80 -41.75 -19.82
CA ARG H 379 -39.02 -42.33 -19.27
C ARG H 379 -39.19 -41.87 -17.83
N LEU H 380 -38.11 -41.92 -17.06
CA LEU H 380 -38.20 -41.48 -15.66
C LEU H 380 -38.47 -39.98 -15.60
N VAL H 381 -37.95 -39.22 -16.57
CA VAL H 381 -38.19 -37.79 -16.63
C VAL H 381 -39.66 -37.51 -16.85
N GLU H 382 -40.28 -38.27 -17.72
CA GLU H 382 -41.70 -38.07 -17.97
C GLU H 382 -42.50 -38.47 -16.73
N ALA H 383 -42.00 -39.45 -15.97
CA ALA H 383 -42.67 -39.82 -14.73
C ALA H 383 -42.53 -38.70 -13.70
N ILE H 384 -41.39 -38.01 -13.73
CA ILE H 384 -41.14 -36.88 -12.84
C ILE H 384 -42.15 -35.79 -13.11
N SER H 385 -42.36 -35.48 -14.39
CA SER H 385 -43.32 -34.46 -14.77
C SER H 385 -44.74 -34.85 -14.44
N ARG H 386 -45.03 -36.15 -14.44
CA ARG H 386 -46.38 -36.53 -14.06
C ARG H 386 -46.55 -36.34 -12.57
N ASP H 387 -45.47 -36.53 -11.81
CA ASP H 387 -45.54 -36.25 -10.38
C ASP H 387 -45.69 -34.75 -10.18
N LEU H 388 -45.03 -33.98 -11.04
CA LEU H 388 -45.10 -32.53 -11.03
C LEU H 388 -46.52 -32.06 -11.27
N SER H 389 -47.10 -32.51 -12.38
CA SER H 389 -48.47 -32.16 -12.75
C SER H 389 -49.47 -32.63 -11.71
N SER H 390 -49.19 -33.76 -11.06
CA SER H 390 -50.07 -34.24 -10.00
C SER H 390 -50.04 -33.27 -8.84
N GLN H 391 -48.84 -32.85 -8.44
CA GLN H 391 -48.76 -31.87 -7.37
C GLN H 391 -49.23 -30.50 -7.80
N LEU H 392 -49.18 -30.23 -9.11
CA LEU H 392 -49.68 -28.97 -9.62
C LEU H 392 -51.17 -28.88 -9.45
N LEU H 393 -51.89 -29.94 -9.84
CA LEU H 393 -53.32 -29.94 -9.62
C LEU H 393 -53.64 -30.06 -8.15
N LYS H 394 -52.73 -30.66 -7.38
CA LYS H 394 -52.94 -30.79 -5.94
C LYS H 394 -52.93 -29.42 -5.27
N VAL H 395 -51.92 -28.61 -5.58
CA VAL H 395 -51.86 -27.27 -5.00
C VAL H 395 -52.91 -26.40 -5.66
N LEU H 396 -53.19 -26.66 -6.93
CA LEU H 396 -54.18 -25.92 -7.70
C LEU H 396 -55.59 -26.08 -7.15
N GLY H 397 -55.85 -27.19 -6.48
CA GLY H 397 -57.15 -27.50 -5.89
C GLY H 397 -57.75 -26.42 -5.02
N THR H 398 -57.02 -25.98 -4.00
CA THR H 398 -57.53 -24.94 -3.12
C THR H 398 -57.30 -23.53 -3.63
N ARG H 399 -56.65 -23.35 -4.80
CA ARG H 399 -56.39 -22.01 -5.31
C ARG H 399 -57.69 -21.30 -5.63
N LYS H 400 -58.47 -21.89 -6.53
CA LYS H 400 -59.80 -21.41 -6.92
C LYS H 400 -59.74 -19.96 -7.37
N LEU H 401 -58.77 -19.69 -8.25
CA LEU H 401 -58.57 -18.34 -8.77
C LEU H 401 -59.76 -17.87 -9.61
N MET H 402 -60.57 -18.80 -10.10
CA MET H 402 -61.75 -18.46 -10.87
C MET H 402 -62.74 -17.68 -10.03
N HIS H 403 -62.78 -17.98 -8.75
CA HIS H 403 -63.69 -17.36 -7.79
C HIS H 403 -63.11 -16.12 -7.14
N VAL H 404 -61.82 -16.14 -6.79
CA VAL H 404 -61.18 -14.99 -6.16
C VAL H 404 -60.85 -14.00 -7.28
N ALA H 405 -60.46 -12.79 -6.91
CA ALA H 405 -60.13 -11.76 -7.87
C ALA H 405 -58.79 -12.07 -8.54
N TYR H 406 -58.35 -11.14 -9.35
CA TYR H 406 -57.12 -11.22 -10.11
C TYR H 406 -55.87 -11.19 -9.23
N GLU H 407 -56.02 -10.87 -7.94
CA GLU H 407 -54.92 -10.76 -6.98
C GLU H 407 -54.21 -12.09 -6.74
N GLU H 408 -54.96 -13.06 -6.20
CA GLU H 408 -54.38 -14.38 -5.98
C GLU H 408 -54.00 -14.99 -7.31
N PHE H 409 -54.72 -14.61 -8.36
CA PHE H 409 -54.40 -15.07 -9.70
C PHE H 409 -53.01 -14.60 -10.11
N GLU H 410 -52.66 -13.37 -9.77
CA GLU H 410 -51.34 -12.85 -10.07
C GLU H 410 -50.27 -13.62 -9.34
N LYS H 411 -50.43 -13.72 -8.02
CA LYS H 411 -49.44 -14.42 -7.19
C LYS H 411 -49.27 -15.87 -7.62
N VAL H 412 -50.38 -16.58 -7.75
CA VAL H 412 -50.39 -17.99 -8.13
C VAL H 412 -49.87 -18.18 -9.54
N MET H 413 -50.38 -17.41 -10.50
CA MET H 413 -49.98 -17.53 -11.90
C MET H 413 -48.48 -17.28 -12.10
N VAL H 414 -47.97 -16.20 -11.53
CA VAL H 414 -46.55 -15.91 -11.69
C VAL H 414 -45.69 -16.92 -10.96
N ALA H 415 -46.11 -17.36 -9.77
CA ALA H 415 -45.32 -18.35 -9.02
C ALA H 415 -45.31 -19.69 -9.74
N CYS H 416 -46.43 -20.06 -10.35
CA CYS H 416 -46.49 -21.31 -11.09
C CYS H 416 -45.63 -21.20 -12.33
N PHE H 417 -45.59 -20.03 -12.97
CA PHE H 417 -44.72 -19.90 -14.12
C PHE H 417 -43.27 -19.87 -13.71
N GLU H 418 -43.00 -19.45 -12.46
CA GLU H 418 -41.64 -19.50 -11.95
C GLU H 418 -41.22 -20.96 -11.87
N VAL H 419 -42.14 -21.78 -11.35
CA VAL H 419 -41.90 -23.21 -11.23
C VAL H 419 -41.72 -23.82 -12.60
N PHE H 420 -42.55 -23.42 -13.56
CA PHE H 420 -42.44 -23.94 -14.92
C PHE H 420 -41.13 -23.55 -15.56
N GLN H 421 -40.68 -22.33 -15.30
CA GLN H 421 -39.42 -21.93 -15.90
C GLN H 421 -38.26 -22.64 -15.23
N THR H 422 -38.36 -22.90 -13.92
CA THR H 422 -37.29 -23.63 -13.24
C THR H 422 -37.25 -25.04 -13.77
N TRP H 423 -38.43 -25.58 -14.09
CA TRP H 423 -38.52 -26.88 -14.72
C TRP H 423 -37.80 -26.85 -16.05
N ASP H 424 -38.14 -25.84 -16.84
CA ASP H 424 -37.64 -25.67 -18.19
C ASP H 424 -36.13 -25.55 -18.25
N ASP H 425 -35.56 -24.59 -17.53
CA ASP H 425 -34.12 -24.40 -17.62
C ASP H 425 -33.33 -25.47 -16.87
N GLU H 426 -33.81 -25.93 -15.71
CA GLU H 426 -33.04 -26.95 -15.01
C GLU H 426 -33.13 -28.27 -15.76
N TYR H 427 -34.25 -28.51 -16.43
CA TYR H 427 -34.34 -29.70 -17.26
C TYR H 427 -33.48 -29.51 -18.50
N GLU H 428 -33.31 -28.27 -18.96
CA GLU H 428 -32.43 -28.01 -20.08
C GLU H 428 -31.00 -28.34 -19.68
N LYS H 429 -30.66 -28.10 -18.41
CA LYS H 429 -29.34 -28.46 -17.92
C LYS H 429 -29.20 -29.98 -17.89
N LEU H 430 -30.30 -30.66 -17.60
CA LEU H 430 -30.26 -32.12 -17.63
C LEU H 430 -30.06 -32.60 -19.06
N GLN H 431 -30.58 -31.83 -20.01
CA GLN H 431 -30.36 -32.14 -21.42
C GLN H 431 -28.91 -31.92 -21.77
N VAL H 432 -28.28 -30.94 -21.12
CA VAL H 432 -26.85 -30.69 -21.34
C VAL H 432 -26.05 -31.89 -20.84
N LEU H 433 -26.50 -32.47 -19.73
CA LEU H 433 -25.82 -33.67 -19.25
C LEU H 433 -26.11 -34.82 -20.22
N LEU H 434 -27.27 -34.75 -20.90
CA LEU H 434 -27.53 -35.78 -21.89
C LEU H 434 -26.62 -35.56 -23.10
N ARG H 435 -26.23 -34.31 -23.35
CA ARG H 435 -25.29 -34.04 -24.43
C ARG H 435 -23.95 -34.66 -24.08
N ASP H 436 -23.64 -34.70 -22.77
CA ASP H 436 -22.42 -35.36 -22.32
C ASP H 436 -22.50 -36.85 -22.59
N ILE H 437 -23.67 -37.43 -22.32
CA ILE H 437 -23.91 -38.85 -22.58
C ILE H 437 -23.74 -39.14 -24.06
N VAL H 438 -24.25 -38.23 -24.89
CA VAL H 438 -24.15 -38.33 -26.33
C VAL H 438 -22.69 -38.28 -26.76
N LYS H 439 -21.92 -37.42 -26.09
CA LYS H 439 -20.50 -37.29 -26.41
C LYS H 439 -19.75 -38.58 -26.10
N ARG H 440 -20.02 -39.18 -24.94
CA ARG H 440 -19.29 -40.39 -24.56
C ARG H 440 -19.88 -41.68 -25.14
N LYS H 441 -21.19 -41.72 -25.36
CA LYS H 441 -21.81 -42.93 -25.88
C LYS H 441 -22.53 -42.71 -27.20
N ARG H 442 -21.91 -42.02 -28.15
CA ARG H 442 -22.56 -41.80 -29.43
C ARG H 442 -22.63 -43.09 -30.22
N GLU H 443 -21.54 -43.85 -30.27
CA GLU H 443 -21.48 -45.08 -31.03
C GLU H 443 -22.13 -46.27 -30.33
N GLU H 444 -22.59 -46.12 -29.09
CA GLU H 444 -23.20 -47.26 -28.43
C GLU H 444 -24.72 -47.28 -28.63
N ASN H 445 -25.41 -46.29 -28.10
CA ASN H 445 -26.86 -46.22 -28.24
C ASN H 445 -27.20 -45.16 -29.27
N LEU H 446 -27.78 -45.61 -30.38
CA LEU H 446 -28.20 -44.73 -31.46
C LEU H 446 -29.65 -44.28 -31.29
N LYS H 447 -30.12 -44.24 -30.05
CA LYS H 447 -31.50 -43.84 -29.77
C LYS H 447 -31.52 -42.36 -29.40
N MET H 448 -31.25 -41.56 -30.43
CA MET H 448 -31.23 -40.11 -30.34
C MET H 448 -32.63 -39.56 -30.62
N VAL H 449 -33.55 -39.99 -29.78
CA VAL H 449 -34.95 -39.59 -29.86
C VAL H 449 -35.37 -39.17 -28.46
N TRP H 450 -36.17 -38.13 -28.38
CA TRP H 450 -36.62 -37.61 -27.09
C TRP H 450 -38.12 -37.46 -27.10
N ARG H 451 -38.77 -38.09 -26.14
CA ARG H 451 -40.21 -38.05 -26.04
C ARG H 451 -40.55 -37.26 -24.80
N ILE H 452 -39.90 -36.12 -24.68
CA ILE H 452 -40.10 -35.25 -23.54
C ILE H 452 -41.24 -34.32 -23.93
N ASN H 453 -42.45 -34.85 -23.78
CA ASN H 453 -43.68 -34.12 -24.03
C ASN H 453 -44.72 -34.57 -23.00
N PRO H 454 -44.50 -34.25 -21.71
CA PRO H 454 -45.45 -34.72 -20.69
C PRO H 454 -46.59 -33.78 -20.34
N ALA H 455 -47.30 -34.22 -19.30
CA ALA H 455 -48.51 -33.59 -18.78
C ALA H 455 -48.37 -32.12 -18.42
N HIS H 456 -47.28 -31.75 -17.72
CA HIS H 456 -47.13 -30.36 -17.26
C HIS H 456 -47.10 -29.35 -18.40
N ARG H 457 -46.67 -29.75 -19.60
CA ARG H 457 -46.64 -28.82 -20.72
C ARG H 457 -48.05 -28.49 -21.16
N LYS H 458 -48.88 -29.52 -21.25
CA LYS H 458 -50.28 -29.33 -21.61
C LYS H 458 -50.99 -28.52 -20.53
N LEU H 459 -50.65 -28.80 -19.28
CA LEU H 459 -51.20 -28.08 -18.14
C LEU H 459 -50.78 -26.62 -18.19
N GLN H 460 -49.53 -26.40 -18.61
CA GLN H 460 -48.96 -25.07 -18.73
C GLN H 460 -49.69 -24.29 -19.79
N ALA H 461 -50.05 -24.96 -20.89
CA ALA H 461 -50.80 -24.29 -21.95
C ALA H 461 -52.20 -23.94 -21.45
N ARG H 462 -52.77 -24.81 -20.60
CA ARG H 462 -54.07 -24.51 -20.04
C ARG H 462 -53.99 -23.29 -19.13
N LEU H 463 -52.90 -23.19 -18.39
CA LEU H 463 -52.71 -22.03 -17.54
C LEU H 463 -52.42 -20.78 -18.36
N ASP H 464 -51.83 -20.95 -19.56
CA ASP H 464 -51.61 -19.82 -20.45
C ASP H 464 -52.94 -19.27 -20.89
N GLN H 465 -53.89 -20.18 -21.10
CA GLN H 465 -55.25 -19.81 -21.42
C GLN H 465 -55.89 -19.08 -20.25
N MET H 466 -55.61 -19.54 -19.02
CA MET H 466 -56.17 -18.86 -17.84
C MET H 466 -55.59 -17.47 -17.71
N ARG H 467 -54.31 -17.32 -18.07
CA ARG H 467 -53.65 -16.03 -18.03
C ARG H 467 -54.33 -15.06 -18.97
N LYS H 468 -54.44 -15.44 -20.24
CA LYS H 468 -55.10 -14.59 -21.24
C LYS H 468 -56.54 -14.34 -20.87
N PHE H 469 -57.18 -15.33 -20.27
CA PHE H 469 -58.57 -15.23 -19.86
C PHE H 469 -58.77 -14.14 -18.82
N ARG H 470 -58.14 -14.28 -17.66
CA ARG H 470 -58.35 -13.28 -16.61
C ARG H 470 -57.73 -11.94 -16.96
N ARG H 471 -56.67 -11.92 -17.79
CA ARG H 471 -56.10 -10.64 -18.20
C ARG H 471 -57.05 -9.90 -19.09
N GLN H 472 -57.60 -10.60 -20.08
CA GLN H 472 -58.55 -9.99 -20.97
C GLN H 472 -59.80 -9.60 -20.22
N HIS H 473 -60.18 -10.42 -19.23
CA HIS H 473 -61.34 -10.18 -18.39
C HIS H 473 -61.20 -8.86 -17.62
N GLU H 474 -60.07 -8.69 -16.94
CA GLU H 474 -59.88 -7.45 -16.19
C GLU H 474 -59.68 -6.27 -17.11
N GLN H 475 -59.13 -6.48 -18.31
CA GLN H 475 -58.99 -5.34 -19.22
C GLN H 475 -60.34 -4.91 -19.75
N LEU H 476 -61.26 -5.87 -19.91
CA LEU H 476 -62.61 -5.55 -20.32
C LEU H 476 -63.29 -4.72 -19.25
N ARG H 477 -63.08 -5.11 -17.98
CA ARG H 477 -63.65 -4.34 -16.87
C ARG H 477 -63.05 -2.96 -16.84
N ALA H 478 -61.74 -2.87 -17.04
CA ALA H 478 -60.99 -1.62 -17.04
C ALA H 478 -61.51 -0.64 -18.09
N VAL H 479 -61.99 -1.14 -19.21
CA VAL H 479 -62.48 -0.24 -20.23
C VAL H 479 -63.96 0.05 -20.07
N ILE H 480 -64.79 -0.97 -19.84
CA ILE H 480 -66.24 -0.78 -19.72
C ILE H 480 -66.59 0.11 -18.53
N VAL H 481 -65.85 -0.01 -17.42
CA VAL H 481 -66.11 0.81 -16.24
C VAL H 481 -65.83 2.28 -16.54
N ARG H 482 -64.79 2.57 -17.32
CA ARG H 482 -64.51 3.97 -17.65
C ARG H 482 -65.30 4.46 -18.86
N VAL H 483 -65.96 3.57 -19.58
CA VAL H 483 -66.75 3.98 -20.74
C VAL H 483 -68.12 4.45 -20.27
N ALA H 517 -74.25 -1.07 -14.89
CA ALA H 517 -75.56 -0.55 -15.26
C ALA H 517 -76.29 -1.50 -16.20
N ASN H 518 -75.76 -1.62 -17.41
CA ASN H 518 -76.32 -2.46 -18.47
C ASN H 518 -75.32 -3.48 -18.99
N ALA H 519 -74.05 -3.10 -19.12
CA ALA H 519 -73.04 -4.00 -19.63
C ALA H 519 -72.29 -4.77 -18.56
N ILE H 520 -72.21 -4.22 -17.34
CA ILE H 520 -71.51 -4.87 -16.23
C ILE H 520 -72.16 -6.20 -15.87
N GLU H 521 -73.49 -6.17 -15.71
CA GLU H 521 -74.26 -7.35 -15.38
C GLU H 521 -74.12 -8.40 -16.46
N GLU H 522 -74.14 -7.95 -17.71
CA GLU H 522 -73.99 -8.79 -18.89
C GLU H 522 -72.67 -9.55 -18.87
N VAL H 523 -71.57 -8.81 -18.71
CA VAL H 523 -70.23 -9.38 -18.66
C VAL H 523 -70.10 -10.34 -17.48
N ASN H 524 -70.71 -9.99 -16.34
CA ASN H 524 -70.62 -10.85 -15.17
C ASN H 524 -71.45 -12.12 -15.33
N LEU H 525 -72.56 -12.06 -16.07
CA LEU H 525 -73.33 -13.27 -16.32
C LEU H 525 -72.52 -14.20 -17.18
N ALA H 526 -71.85 -13.64 -18.19
CA ALA H 526 -70.98 -14.43 -19.05
C ALA H 526 -69.84 -15.03 -18.25
N TYR H 527 -69.23 -14.23 -17.37
CA TYR H 527 -68.11 -14.71 -16.57
C TYR H 527 -68.53 -15.79 -15.60
N GLU H 528 -69.62 -15.59 -14.88
CA GLU H 528 -69.99 -16.61 -13.91
C GLU H 528 -70.43 -17.91 -14.59
N ASN H 529 -71.09 -17.84 -15.74
CA ASN H 529 -71.39 -19.10 -16.39
C ASN H 529 -70.12 -19.71 -16.96
N VAL H 530 -69.15 -18.89 -17.36
CA VAL H 530 -67.89 -19.41 -17.87
C VAL H 530 -67.04 -19.97 -16.74
N LYS H 531 -67.10 -19.36 -15.55
CA LYS H 531 -66.36 -19.84 -14.39
C LYS H 531 -66.90 -21.18 -13.94
N GLU H 532 -68.17 -21.45 -14.26
CA GLU H 532 -68.64 -22.77 -13.93
C GLU H 532 -68.32 -23.75 -15.05
N VAL H 533 -68.36 -23.32 -16.32
CA VAL H 533 -68.04 -24.25 -17.42
C VAL H 533 -66.57 -24.57 -17.53
N ASP H 534 -65.69 -23.88 -16.80
CA ASP H 534 -64.28 -24.26 -16.87
C ASP H 534 -64.01 -25.56 -16.14
N GLY H 535 -64.96 -26.06 -15.35
CA GLY H 535 -64.85 -27.30 -14.63
C GLY H 535 -63.73 -27.35 -13.63
N LEU H 536 -63.25 -26.18 -13.19
CA LEU H 536 -62.16 -26.03 -12.24
C LEU H 536 -60.89 -26.73 -12.72
N ASP H 537 -60.46 -26.31 -13.91
CA ASP H 537 -59.26 -26.76 -14.60
C ASP H 537 -59.24 -28.26 -14.92
N VAL H 538 -60.10 -28.61 -15.88
CA VAL H 538 -60.16 -29.97 -16.41
C VAL H 538 -59.28 -29.93 -17.66
N SER H 539 -57.99 -30.23 -17.47
CA SER H 539 -57.04 -30.21 -18.59
C SER H 539 -57.36 -31.31 -19.59
N LYS H 540 -57.86 -32.45 -19.10
CA LYS H 540 -58.26 -33.56 -19.93
C LYS H 540 -59.50 -33.22 -20.74
N GLU H 541 -60.23 -32.20 -20.30
CA GLU H 541 -61.42 -31.69 -20.95
C GLU H 541 -61.18 -30.24 -21.32
N GLY H 542 -59.92 -29.94 -21.64
CA GLY H 542 -59.53 -28.59 -22.03
C GLY H 542 -60.30 -28.15 -23.24
N THR H 543 -60.59 -29.11 -24.13
CA THR H 543 -61.43 -28.84 -25.28
C THR H 543 -62.81 -28.46 -24.79
N GLU H 544 -63.39 -29.31 -23.94
CA GLU H 544 -64.70 -29.08 -23.35
C GLU H 544 -64.76 -27.75 -22.60
N ALA H 545 -63.97 -27.61 -21.54
CA ALA H 545 -63.98 -26.42 -20.71
C ALA H 545 -63.59 -25.16 -21.47
N TRP H 546 -62.36 -25.12 -21.97
CA TRP H 546 -61.87 -23.92 -22.65
C TRP H 546 -62.61 -23.63 -23.94
N GLU H 547 -62.77 -24.62 -24.81
CA GLU H 547 -63.47 -24.38 -26.06
C GLU H 547 -64.91 -23.98 -25.81
N ALA H 548 -65.60 -24.60 -24.83
CA ALA H 548 -66.96 -24.21 -24.52
C ALA H 548 -67.01 -22.83 -23.90
N ALA H 549 -65.99 -22.51 -23.11
CA ALA H 549 -65.88 -21.19 -22.50
C ALA H 549 -65.76 -20.16 -23.59
N MET H 550 -65.03 -20.48 -24.64
CA MET H 550 -64.91 -19.57 -25.76
C MET H 550 -66.18 -19.58 -26.58
N LYS H 551 -66.87 -20.73 -26.69
CA LYS H 551 -68.13 -20.84 -27.43
C LYS H 551 -69.16 -19.86 -26.92
N ARG H 552 -69.22 -19.69 -25.60
CA ARG H 552 -70.19 -18.78 -25.03
C ARG H 552 -69.62 -17.39 -24.82
N TYR H 553 -68.42 -17.34 -24.23
CA TYR H 553 -67.74 -16.11 -23.88
C TYR H 553 -67.41 -15.26 -25.10
N ASP H 554 -67.01 -15.88 -26.20
CA ASP H 554 -66.68 -15.14 -27.42
C ASP H 554 -67.88 -14.38 -27.92
N GLU H 555 -69.00 -15.07 -28.11
CA GLU H 555 -70.19 -14.43 -28.65
C GLU H 555 -70.75 -13.39 -27.70
N ARG H 556 -70.82 -13.70 -26.40
CA ARG H 556 -71.37 -12.72 -25.46
C ARG H 556 -70.47 -11.49 -25.33
N ILE H 557 -69.15 -11.68 -25.32
CA ILE H 557 -68.28 -10.53 -25.21
C ILE H 557 -68.23 -9.80 -26.54
N ASP H 558 -68.52 -10.45 -27.66
CA ASP H 558 -68.56 -9.70 -28.90
C ASP H 558 -69.87 -8.95 -28.99
N ARG H 559 -70.87 -9.41 -28.23
CA ARG H 559 -72.08 -8.63 -28.13
C ARG H 559 -71.79 -7.38 -27.30
N VAL H 560 -70.82 -7.50 -26.40
CA VAL H 560 -70.40 -6.30 -25.65
C VAL H 560 -69.58 -5.43 -26.61
N GLU H 561 -68.86 -6.08 -27.54
CA GLU H 561 -68.08 -5.38 -28.55
C GLU H 561 -68.99 -4.56 -29.46
N THR H 562 -70.28 -4.90 -29.53
CA THR H 562 -71.20 -4.08 -30.32
C THR H 562 -71.34 -2.68 -29.71
N ARG H 563 -71.49 -2.60 -28.38
CA ARG H 563 -71.56 -1.29 -27.73
C ARG H 563 -70.18 -0.63 -27.79
N ILE H 564 -69.14 -1.46 -27.73
CA ILE H 564 -67.78 -0.97 -27.88
C ILE H 564 -67.58 -0.46 -29.30
N THR H 565 -68.29 -1.05 -30.25
CA THR H 565 -68.23 -0.64 -31.64
C THR H 565 -68.95 0.68 -31.79
N ALA H 566 -69.97 0.92 -30.96
CA ALA H 566 -70.62 2.24 -30.99
C ALA H 566 -69.60 3.27 -30.53
N ARG H 567 -68.79 2.89 -29.53
CA ARG H 567 -67.73 3.80 -29.12
C ARG H 567 -66.61 3.82 -30.17
N LEU H 568 -66.52 2.77 -31.01
CA LEU H 568 -65.54 2.77 -32.10
C LEU H 568 -65.93 3.82 -33.12
N ARG H 569 -67.23 4.04 -33.24
CA ARG H 569 -67.71 5.10 -34.11
C ARG H 569 -67.43 6.43 -33.41
N ASP H 570 -67.55 6.42 -32.08
CA ASP H 570 -67.28 7.61 -31.28
C ASP H 570 -65.83 8.03 -31.34
N GLN H 571 -64.91 7.12 -31.72
CA GLN H 571 -63.48 7.45 -31.81
C GLN H 571 -63.27 8.66 -32.71
N LEU H 572 -63.86 8.64 -33.89
CA LEU H 572 -63.79 9.86 -34.68
C LEU H 572 -64.83 10.84 -34.17
N GLY H 573 -66.04 10.35 -33.86
CA GLY H 573 -67.13 11.18 -33.37
C GLY H 573 -66.87 12.17 -32.24
N THR H 574 -65.72 12.04 -31.58
CA THR H 574 -65.32 12.90 -30.49
C THR H 574 -64.42 14.07 -30.88
N ALA H 575 -63.25 13.82 -31.48
CA ALA H 575 -62.26 14.85 -31.74
C ALA H 575 -62.15 15.37 -33.17
N LYS H 576 -61.12 16.23 -33.35
CA LYS H 576 -60.71 16.87 -34.60
C LYS H 576 -59.20 16.83 -34.82
N ASN H 577 -58.40 16.53 -33.80
CA ASN H 577 -56.97 16.41 -33.95
C ASN H 577 -56.58 15.03 -33.43
N ALA H 578 -55.45 14.53 -33.95
CA ALA H 578 -54.92 13.24 -33.58
C ALA H 578 -54.49 13.17 -32.13
N ASN H 579 -54.36 14.32 -31.47
CA ASN H 579 -53.98 14.35 -30.08
C ASN H 579 -55.09 13.81 -29.20
N GLU H 580 -56.29 14.38 -29.32
CA GLU H 580 -57.42 13.94 -28.51
C GLU H 580 -57.90 12.57 -28.96
N MET H 581 -57.80 12.33 -30.27
CA MET H 581 -58.16 11.03 -30.81
C MET H 581 -57.21 9.99 -30.28
N PHE H 582 -55.96 10.39 -30.09
CA PHE H 582 -54.95 9.52 -29.52
C PHE H 582 -55.21 9.29 -28.05
N ARG H 583 -55.79 10.28 -27.38
CA ARG H 583 -56.13 10.12 -25.98
C ARG H 583 -57.16 9.02 -25.83
N ILE H 584 -58.19 9.07 -26.68
CA ILE H 584 -59.22 8.04 -26.62
C ILE H 584 -58.70 6.73 -27.22
N PHE H 585 -57.64 6.80 -28.03
CA PHE H 585 -57.00 5.60 -28.56
C PHE H 585 -56.32 4.87 -27.41
N SER H 586 -55.63 5.63 -26.56
CA SER H 586 -54.97 5.09 -25.38
C SER H 586 -55.97 4.66 -24.34
N ARG H 587 -57.18 5.24 -24.38
CA ARG H 587 -58.25 4.85 -23.46
C ARG H 587 -58.62 3.40 -23.60
N PHE H 588 -58.53 2.86 -24.82
CA PHE H 588 -58.90 1.49 -25.07
C PHE H 588 -57.66 0.63 -25.22
N ASN H 589 -57.02 0.36 -24.08
CA ASN H 589 -55.82 -0.46 -24.12
C ASN H 589 -56.18 -1.93 -24.20
N ALA H 590 -57.41 -2.27 -23.82
CA ALA H 590 -57.87 -3.65 -23.89
C ALA H 590 -58.11 -4.07 -25.33
N LEU H 591 -58.51 -3.13 -26.16
CA LEU H 591 -58.84 -3.43 -27.53
C LEU H 591 -57.66 -3.61 -28.46
N PHE H 592 -56.42 -3.54 -27.96
CA PHE H 592 -55.33 -3.75 -28.91
C PHE H 592 -55.02 -5.21 -29.12
N VAL H 593 -55.75 -6.09 -28.44
CA VAL H 593 -55.60 -7.53 -28.60
C VAL H 593 -56.67 -8.05 -29.56
N ARG H 594 -57.66 -7.22 -29.88
CA ARG H 594 -58.76 -7.57 -30.77
C ARG H 594 -58.63 -6.91 -32.12
N PRO H 595 -58.23 -7.63 -33.17
CA PRO H 595 -58.15 -7.03 -34.51
C PRO H 595 -59.52 -6.88 -35.17
N HIS H 596 -60.37 -6.08 -34.53
CA HIS H 596 -61.70 -5.72 -34.96
C HIS H 596 -61.87 -4.24 -34.83
N ILE H 597 -61.10 -3.65 -33.93
CA ILE H 597 -61.01 -2.24 -33.66
C ILE H 597 -60.08 -1.70 -34.70
N ARG H 598 -59.19 -2.59 -35.15
CA ARG H 598 -58.22 -2.28 -36.18
C ARG H 598 -58.88 -1.90 -37.49
N GLY H 599 -60.13 -2.32 -37.74
CA GLY H 599 -60.79 -1.92 -38.97
C GLY H 599 -61.05 -0.43 -39.02
N ALA H 600 -61.71 0.09 -37.98
CA ALA H 600 -61.94 1.54 -37.92
C ALA H 600 -60.62 2.25 -37.69
N ILE H 601 -59.65 1.56 -37.09
CA ILE H 601 -58.32 2.14 -36.94
C ILE H 601 -57.71 2.32 -38.31
N ARG H 602 -57.81 1.29 -39.17
CA ARG H 602 -57.30 1.35 -40.55
C ARG H 602 -58.01 2.44 -41.33
N GLU H 603 -59.28 2.66 -40.99
CA GLU H 603 -60.04 3.72 -41.63
C GLU H 603 -59.50 5.08 -41.20
N TYR H 604 -59.28 5.26 -39.91
CA TYR H 604 -58.76 6.53 -39.44
C TYR H 604 -57.26 6.57 -39.43
N GLN H 605 -56.59 5.58 -40.04
CA GLN H 605 -55.14 5.63 -40.16
C GLN H 605 -54.76 6.80 -41.02
N THR H 606 -55.57 7.05 -42.04
CA THR H 606 -55.41 8.16 -42.95
C THR H 606 -55.41 9.44 -42.13
N GLN H 607 -56.56 9.75 -41.52
CA GLN H 607 -56.72 10.95 -40.70
C GLN H 607 -55.69 11.08 -39.59
N LEU H 608 -55.37 9.99 -38.91
CA LEU H 608 -54.37 10.03 -37.85
C LEU H 608 -53.01 10.40 -38.39
N ILE H 609 -52.57 9.72 -39.46
CA ILE H 609 -51.26 10.01 -40.02
C ILE H 609 -51.21 11.40 -40.61
N GLN H 610 -52.28 11.85 -41.29
CA GLN H 610 -52.22 13.21 -41.83
C GLN H 610 -52.25 14.27 -40.73
N ARG H 611 -53.03 14.07 -39.66
CA ARG H 611 -53.06 15.05 -38.58
C ARG H 611 -51.72 15.09 -37.86
N VAL H 612 -51.08 13.94 -37.72
CA VAL H 612 -49.76 13.92 -37.11
C VAL H 612 -48.75 14.60 -38.06
N LYS H 613 -48.96 14.45 -39.38
CA LYS H 613 -48.09 15.13 -40.32
C LYS H 613 -48.29 16.63 -40.24
N ASP H 614 -49.52 17.07 -39.94
CA ASP H 614 -49.81 18.48 -39.77
C ASP H 614 -49.01 19.05 -38.62
N ASP H 615 -49.02 18.32 -37.52
CA ASP H 615 -48.29 18.76 -36.34
C ASP H 615 -46.78 18.73 -36.55
N ILE H 616 -46.26 17.71 -37.25
CA ILE H 616 -44.82 17.64 -37.46
C ILE H 616 -44.35 18.73 -38.43
N GLU H 617 -45.16 19.06 -39.43
CA GLU H 617 -44.76 20.15 -40.33
C GLU H 617 -44.89 21.48 -39.60
N SER H 618 -45.78 21.56 -38.62
CA SER H 618 -45.87 22.77 -37.81
C SER H 618 -44.59 22.92 -37.00
N LEU H 619 -44.05 21.79 -36.53
CA LEU H 619 -42.78 21.80 -35.83
C LEU H 619 -41.66 22.22 -36.77
N HIS H 620 -41.77 21.81 -38.04
CA HIS H 620 -40.79 22.21 -39.04
C HIS H 620 -40.79 23.72 -39.17
N ASP H 621 -41.97 24.31 -39.23
CA ASP H 621 -42.12 25.75 -39.32
C ASP H 621 -41.53 26.43 -38.09
N LYS H 622 -41.71 25.81 -36.93
CA LYS H 622 -41.17 26.40 -35.71
C LYS H 622 -39.64 26.32 -35.69
N PHE H 623 -39.06 25.21 -36.12
CA PHE H 623 -37.61 25.11 -36.11
C PHE H 623 -36.99 26.03 -37.14
N LYS H 624 -37.63 26.15 -38.30
CA LYS H 624 -37.13 27.01 -39.37
C LYS H 624 -37.06 28.45 -38.91
N VAL H 625 -37.93 28.84 -37.99
CA VAL H 625 -37.83 30.14 -37.35
C VAL H 625 -37.00 29.83 -36.11
N GLN H 626 -35.68 29.76 -36.32
CA GLN H 626 -34.75 29.35 -35.26
C GLN H 626 -34.73 30.31 -34.06
N TYR H 627 -34.09 29.80 -32.99
CA TYR H 627 -33.96 30.45 -31.68
C TYR H 627 -33.64 31.94 -31.68
N PRO H 628 -32.66 32.47 -32.42
CA PRO H 628 -32.44 33.94 -32.38
C PRO H 628 -33.59 34.76 -32.91
N GLN H 629 -34.54 34.16 -33.59
CA GLN H 629 -35.68 34.85 -34.15
C GLN H 629 -36.92 34.70 -33.28
N SER H 630 -37.20 33.47 -32.86
CA SER H 630 -38.35 33.12 -32.04
C SER H 630 -38.37 33.87 -30.71
N GLN H 631 -39.56 33.90 -30.09
CA GLN H 631 -39.73 34.56 -28.80
C GLN H 631 -39.00 33.85 -27.70
N ALA H 632 -38.55 32.63 -27.96
CA ALA H 632 -37.77 31.86 -27.00
C ALA H 632 -36.45 32.55 -26.70
N CYS H 633 -35.95 33.37 -27.63
CA CYS H 633 -34.72 34.11 -27.39
C CYS H 633 -34.91 35.13 -26.28
N LYS H 634 -35.96 35.94 -26.38
CA LYS H 634 -36.24 36.95 -25.37
C LYS H 634 -36.58 36.31 -24.04
N MET H 635 -37.47 35.31 -24.06
CA MET H 635 -37.88 34.67 -22.82
C MET H 635 -36.72 33.92 -22.16
N SER H 636 -35.92 33.23 -22.96
CA SER H 636 -34.77 32.51 -22.44
C SER H 636 -33.72 33.45 -21.92
N HIS H 637 -33.61 34.62 -22.52
CA HIS H 637 -32.63 35.57 -22.02
C HIS H 637 -33.14 36.25 -20.77
N VAL H 638 -34.46 36.38 -20.64
CA VAL H 638 -35.03 36.99 -19.44
C VAL H 638 -34.80 36.08 -18.26
N ARG H 639 -34.95 34.79 -18.44
CA ARG H 639 -34.70 33.85 -17.36
C ARG H 639 -33.22 33.52 -17.21
N ASP H 640 -32.37 34.31 -17.85
CA ASP H 640 -30.92 34.26 -17.82
C ASP H 640 -30.36 32.90 -18.25
N LEU H 641 -30.57 32.66 -19.53
CA LEU H 641 -30.04 31.51 -20.17
C LEU H 641 -29.22 32.01 -21.32
N PRO H 642 -28.00 31.49 -21.50
CA PRO H 642 -27.15 31.90 -22.61
C PRO H 642 -27.79 31.57 -23.94
N PRO H 643 -27.39 32.26 -25.02
CA PRO H 643 -27.97 31.93 -26.34
C PRO H 643 -27.64 30.52 -26.76
N VAL H 644 -26.46 30.03 -26.36
CA VAL H 644 -26.09 28.65 -26.61
C VAL H 644 -27.07 27.73 -25.92
N SER H 645 -27.26 27.94 -24.61
CA SER H 645 -28.15 27.14 -23.79
C SER H 645 -29.58 27.22 -24.26
N GLY H 646 -30.07 28.43 -24.52
CA GLY H 646 -31.45 28.59 -24.98
C GLY H 646 -31.70 27.89 -26.29
N SER H 647 -30.74 28.02 -27.21
CA SER H 647 -30.84 27.37 -28.51
C SER H 647 -30.89 25.86 -28.39
N ILE H 648 -29.93 25.28 -27.67
CA ILE H 648 -29.88 23.83 -27.55
C ILE H 648 -31.02 23.27 -26.71
N ILE H 649 -31.50 24.02 -25.71
CA ILE H 649 -32.61 23.54 -24.91
C ILE H 649 -33.86 23.52 -25.74
N TRP H 650 -34.12 24.62 -26.43
CA TRP H 650 -35.27 24.74 -27.32
C TRP H 650 -35.26 23.66 -28.39
N ALA H 651 -34.07 23.38 -28.94
CA ALA H 651 -33.91 22.34 -29.94
C ALA H 651 -34.21 20.96 -29.36
N LYS H 652 -33.72 20.68 -28.16
CA LYS H 652 -34.01 19.38 -27.60
C LYS H 652 -35.46 19.25 -27.17
N GLN H 653 -36.13 20.37 -26.88
CA GLN H 653 -37.54 20.24 -26.54
C GLN H 653 -38.32 19.90 -27.78
N ILE H 654 -37.93 20.50 -28.92
CA ILE H 654 -38.62 20.17 -30.16
C ILE H 654 -38.31 18.74 -30.56
N ASP H 655 -37.10 18.27 -30.23
CA ASP H 655 -36.72 16.87 -30.48
C ASP H 655 -37.60 15.93 -29.69
N ARG H 656 -37.85 16.27 -28.43
CA ARG H 656 -38.69 15.45 -27.58
C ARG H 656 -40.12 15.45 -28.08
N GLN H 657 -40.61 16.59 -28.54
CA GLN H 657 -41.98 16.63 -29.05
C GLN H 657 -42.10 15.87 -30.37
N LEU H 658 -41.03 15.88 -31.17
CA LEU H 658 -40.99 15.13 -32.41
C LEU H 658 -41.09 13.64 -32.14
N THR H 659 -40.21 13.14 -31.27
CA THR H 659 -40.26 11.72 -30.90
C THR H 659 -41.52 11.42 -30.13
N ALA H 660 -42.16 12.43 -29.52
CA ALA H 660 -43.41 12.20 -28.85
C ALA H 660 -44.48 11.86 -29.88
N TYR H 661 -44.50 12.62 -30.98
CA TYR H 661 -45.44 12.31 -32.05
C TYR H 661 -45.10 10.95 -32.66
N MET H 662 -43.80 10.65 -32.73
CA MET H 662 -43.39 9.35 -33.26
C MET H 662 -43.89 8.24 -32.35
N LYS H 663 -43.90 8.48 -31.04
CA LYS H 663 -44.40 7.50 -30.08
C LYS H 663 -45.90 7.31 -30.28
N ARG H 664 -46.60 8.40 -30.59
CA ARG H 664 -48.03 8.32 -30.88
C ARG H 664 -48.27 7.39 -32.06
N VAL H 665 -47.49 7.58 -33.13
CA VAL H 665 -47.65 6.75 -34.32
C VAL H 665 -47.18 5.31 -34.03
N GLU H 666 -46.22 5.14 -33.13
CA GLU H 666 -45.78 3.80 -32.74
C GLU H 666 -46.90 3.08 -32.03
N ASP H 667 -47.77 3.84 -31.38
CA ASP H 667 -48.90 3.25 -30.72
C ASP H 667 -50.02 2.95 -31.70
N VAL H 668 -50.12 3.76 -32.77
CA VAL H 668 -51.18 3.61 -33.78
C VAL H 668 -51.20 2.20 -34.37
N LEU H 669 -50.11 1.78 -35.02
CA LEU H 669 -50.09 0.44 -35.56
C LEU H 669 -49.02 -0.47 -34.98
N GLY H 670 -48.13 0.01 -34.13
CA GLY H 670 -47.15 -0.94 -33.67
C GLY H 670 -46.00 -0.89 -34.65
N LYS H 671 -46.08 -1.71 -35.68
CA LYS H 671 -45.06 -1.76 -36.71
C LYS H 671 -45.56 -1.46 -38.12
N GLY H 672 -46.86 -1.62 -38.37
CA GLY H 672 -47.38 -1.37 -39.71
C GLY H 672 -47.42 0.09 -40.10
N TRP H 673 -47.36 1.00 -39.13
CA TRP H 673 -47.37 2.42 -39.42
C TRP H 673 -46.09 2.86 -40.09
N GLU H 674 -45.03 2.07 -39.94
CA GLU H 674 -43.75 2.41 -40.55
C GLU H 674 -43.86 2.39 -42.05
N ASN H 675 -44.16 1.21 -42.60
CA ASN H 675 -44.33 0.98 -44.02
C ASN H 675 -45.80 1.09 -44.37
N HIS H 676 -46.37 2.20 -43.94
CA HIS H 676 -47.78 2.50 -44.13
C HIS H 676 -47.95 3.18 -45.49
N VAL H 677 -49.18 3.60 -45.77
CA VAL H 677 -49.46 4.30 -47.00
C VAL H 677 -48.86 5.69 -46.95
N GLU H 678 -48.86 6.30 -45.75
CA GLU H 678 -48.29 7.61 -45.53
C GLU H 678 -47.24 7.63 -44.43
N GLY H 679 -47.11 6.54 -43.65
CA GLY H 679 -46.10 6.46 -42.62
C GLY H 679 -44.70 6.40 -43.17
N GLN H 680 -44.56 5.98 -44.43
CA GLN H 680 -43.27 5.96 -45.10
C GLN H 680 -42.78 7.37 -45.33
N LYS H 681 -43.71 8.31 -45.44
CA LYS H 681 -43.40 9.72 -45.60
C LYS H 681 -43.23 10.38 -44.24
N LEU H 682 -43.98 9.89 -43.23
CA LEU H 682 -43.81 10.37 -41.87
C LEU H 682 -42.41 10.09 -41.39
N LYS H 683 -41.92 8.89 -41.70
CA LYS H 683 -40.57 8.48 -41.36
C LYS H 683 -39.54 9.40 -42.01
N GLN H 684 -39.82 9.82 -43.24
CA GLN H 684 -38.92 10.73 -43.95
C GLN H 684 -38.92 12.11 -43.32
N ASP H 685 -40.12 12.61 -42.99
CA ASP H 685 -40.26 13.91 -42.34
C ASP H 685 -39.52 13.91 -41.03
N GLY H 686 -39.65 12.81 -40.29
CA GLY H 686 -38.98 12.70 -39.02
C GLY H 686 -37.48 12.62 -39.16
N ASP H 687 -36.98 11.86 -40.14
CA ASP H 687 -35.54 11.74 -40.32
C ASP H 687 -34.89 13.07 -40.70
N SER H 688 -35.52 13.79 -41.64
CA SER H 688 -34.99 15.09 -42.03
C SER H 688 -35.10 16.07 -40.87
N PHE H 689 -36.16 15.93 -40.06
CA PHE H 689 -36.31 16.84 -38.94
C PHE H 689 -35.31 16.51 -37.84
N ARG H 690 -34.87 15.25 -37.76
CA ARG H 690 -33.84 14.91 -36.78
C ARG H 690 -32.54 15.54 -37.20
N MET H 691 -32.27 15.51 -38.51
CA MET H 691 -31.03 16.13 -38.98
C MET H 691 -31.08 17.63 -38.84
N LYS H 692 -32.28 18.20 -38.88
CA LYS H 692 -32.42 19.64 -38.65
C LYS H 692 -32.14 19.94 -37.19
N LEU H 693 -32.73 19.14 -36.30
CA LEU H 693 -32.57 19.29 -34.86
C LEU H 693 -31.31 18.59 -34.39
N ASN H 694 -30.20 19.29 -34.51
CA ASN H 694 -28.93 18.77 -34.06
C ASN H 694 -28.26 19.86 -33.25
N THR H 695 -27.66 19.47 -32.15
CA THR H 695 -27.01 20.39 -31.26
C THR H 695 -25.52 20.17 -31.13
N GLN H 696 -25.00 19.05 -31.66
CA GLN H 696 -23.56 18.77 -31.59
C GLN H 696 -22.80 19.79 -32.38
N GLU H 697 -23.43 20.33 -33.41
CA GLU H 697 -22.83 21.41 -34.19
C GLU H 697 -22.65 22.63 -33.31
N ILE H 698 -23.67 22.93 -32.51
CA ILE H 698 -23.62 24.09 -31.62
C ILE H 698 -22.65 23.84 -30.48
N PHE H 699 -22.60 22.62 -29.97
CA PHE H 699 -21.68 22.27 -28.90
C PHE H 699 -20.26 22.41 -29.39
N ASP H 700 -20.03 21.98 -30.62
CA ASP H 700 -18.73 22.06 -31.23
C ASP H 700 -18.35 23.50 -31.50
N ASP H 701 -19.31 24.31 -31.96
CA ASP H 701 -19.02 25.71 -32.20
C ASP H 701 -18.76 26.44 -30.90
N TRP H 702 -19.42 26.00 -29.83
CA TRP H 702 -19.22 26.60 -28.54
C TRP H 702 -17.81 26.30 -28.04
N ALA H 703 -17.46 25.00 -27.97
CA ALA H 703 -16.13 24.59 -27.54
C ALA H 703 -15.07 25.15 -28.46
N ARG H 704 -15.42 25.32 -29.72
CA ARG H 704 -14.59 25.90 -30.74
C ARG H 704 -14.25 27.33 -30.38
N LYS H 705 -15.24 28.24 -30.47
CA LYS H 705 -15.05 29.67 -30.16
C LYS H 705 -14.41 29.91 -28.81
N VAL H 706 -14.81 29.13 -27.81
CA VAL H 706 -14.21 29.29 -26.49
C VAL H 706 -12.76 28.82 -26.52
N GLN H 707 -12.43 27.86 -27.36
CA GLN H 707 -11.05 27.43 -27.48
C GLN H 707 -10.34 28.06 -28.64
N GLN H 708 -10.96 29.04 -29.30
CA GLN H 708 -10.32 29.74 -30.38
C GLN H 708 -9.88 31.11 -29.92
N ARG H 709 -10.72 31.77 -29.12
CA ARG H 709 -10.35 33.09 -28.63
C ARG H 709 -10.65 33.29 -27.16
N ASN H 710 -11.48 32.47 -26.52
CA ASN H 710 -11.74 32.64 -25.11
C ASN H 710 -10.72 31.91 -24.25
N LEU H 711 -9.61 31.47 -24.87
CA LEU H 711 -8.54 30.82 -24.15
C LEU H 711 -7.84 31.84 -23.27
N GLY H 712 -7.83 33.09 -23.71
CA GLY H 712 -7.21 34.16 -22.97
C GLY H 712 -8.25 35.04 -22.32
N VAL H 713 -9.52 34.91 -22.72
CA VAL H 713 -10.60 35.71 -22.14
C VAL H 713 -10.89 35.26 -20.71
N SER H 714 -10.58 34.01 -20.39
CA SER H 714 -10.85 33.43 -19.09
C SER H 714 -10.31 34.14 -17.84
N GLY H 715 -9.00 34.17 -17.66
CA GLY H 715 -8.45 34.79 -16.47
C GLY H 715 -8.13 36.27 -16.51
N ARG H 716 -8.96 37.06 -17.19
CA ARG H 716 -8.73 38.51 -17.28
C ARG H 716 -9.23 39.20 -16.02
N ILE H 717 -8.46 39.00 -14.96
CA ILE H 717 -8.76 39.53 -13.64
C ILE H 717 -7.71 40.52 -13.15
N PHE H 718 -6.50 40.46 -13.69
CA PHE H 718 -5.37 41.29 -13.30
C PHE H 718 -5.58 42.78 -13.52
N THR H 719 -5.69 43.18 -14.79
CA THR H 719 -5.92 44.57 -15.14
C THR H 719 -7.37 44.87 -14.78
N ILE H 720 -7.56 45.18 -13.50
CA ILE H 720 -8.89 45.46 -12.98
C ILE H 720 -9.48 46.70 -13.64
N GLU H 721 -8.71 47.76 -13.72
CA GLU H 721 -9.22 48.97 -14.33
C GLU H 721 -8.59 49.19 -15.69
N SER H 722 -9.40 49.74 -16.57
CA SER H 722 -8.97 50.02 -17.93
C SER H 722 -9.66 51.28 -18.39
N THR H 723 -8.86 52.23 -18.84
CA THR H 723 -9.37 53.47 -19.37
C THR H 723 -9.98 53.19 -20.75
N ARG H 724 -10.50 54.20 -21.43
CA ARG H 724 -11.15 53.91 -22.70
C ARG H 724 -10.91 55.01 -23.72
N VAL H 725 -11.83 55.02 -24.68
CA VAL H 725 -12.01 55.94 -25.79
C VAL H 725 -13.43 55.66 -26.27
N ARG H 726 -14.19 56.70 -26.60
CA ARG H 726 -15.55 56.49 -27.10
C ARG H 726 -15.77 57.56 -28.17
N GLY H 727 -15.52 57.19 -29.43
CA GLY H 727 -15.68 58.09 -30.54
C GLY H 727 -17.11 58.55 -30.66
N ARG H 728 -17.34 59.76 -30.20
CA ARG H 728 -18.62 60.43 -30.16
C ARG H 728 -18.27 61.91 -30.27
N THR H 729 -19.20 62.81 -29.93
CA THR H 729 -18.86 64.22 -29.96
C THR H 729 -17.90 64.50 -28.80
N GLY H 730 -16.69 64.93 -29.16
CA GLY H 730 -15.66 65.17 -28.19
C GLY H 730 -14.76 63.96 -27.97
N ASN H 731 -15.25 62.78 -28.36
CA ASN H 731 -14.55 61.49 -28.26
C ASN H 731 -14.08 61.21 -26.83
N VAL H 732 -15.06 61.08 -25.94
CA VAL H 732 -14.83 60.85 -24.52
C VAL H 732 -14.26 59.48 -24.23
N LEU H 733 -13.87 59.28 -22.98
CA LEU H 733 -13.31 58.03 -22.53
C LEU H 733 -13.90 57.72 -21.16
N LYS H 734 -14.23 56.45 -20.95
CA LYS H 734 -14.84 55.98 -19.71
C LYS H 734 -13.93 54.97 -19.03
N LEU H 735 -14.41 54.41 -17.93
CA LEU H 735 -13.67 53.42 -17.17
C LEU H 735 -14.34 52.07 -17.34
N LYS H 736 -13.55 51.01 -17.41
CA LYS H 736 -14.14 49.71 -17.62
C LYS H 736 -13.34 48.56 -17.03
N VAL H 737 -14.04 47.65 -16.36
CA VAL H 737 -13.46 46.45 -15.77
C VAL H 737 -13.58 45.39 -16.85
N ASN H 738 -12.67 44.42 -16.85
CA ASN H 738 -12.60 43.40 -17.90
C ASN H 738 -13.36 42.09 -17.67
N PHE H 739 -14.67 42.11 -17.39
CA PHE H 739 -15.48 40.90 -17.21
C PHE H 739 -16.77 40.92 -18.04
N LEU H 740 -16.74 41.23 -19.34
CA LEU H 740 -18.07 41.25 -19.97
C LEU H 740 -18.67 39.91 -20.40
N PRO H 741 -18.03 39.03 -21.22
CA PRO H 741 -18.75 37.82 -21.61
C PRO H 741 -18.49 36.59 -20.75
N GLU H 742 -17.39 36.68 -20.00
CA GLU H 742 -16.88 35.61 -19.16
C GLU H 742 -17.91 35.06 -18.20
N ILE H 743 -18.70 35.95 -17.60
CA ILE H 743 -19.73 35.57 -16.64
C ILE H 743 -20.80 34.72 -17.31
N ILE H 744 -21.12 35.04 -18.56
CA ILE H 744 -22.10 34.26 -19.29
C ILE H 744 -21.48 32.93 -19.65
N THR H 745 -20.17 32.90 -19.89
CA THR H 745 -19.52 31.62 -20.18
C THR H 745 -19.58 30.69 -18.98
N LEU H 746 -19.51 31.27 -17.78
CA LEU H 746 -19.61 30.48 -16.56
C LEU H 746 -20.98 29.84 -16.50
N SER H 747 -21.99 30.66 -16.80
CA SER H 747 -23.36 30.15 -16.84
C SER H 747 -23.52 29.09 -17.92
N LYS H 748 -22.83 29.28 -19.05
CA LYS H 748 -22.89 28.31 -20.16
C LYS H 748 -22.40 26.94 -19.72
N GLU H 749 -21.25 26.93 -19.06
CA GLU H 749 -20.68 25.67 -18.60
C GLU H 749 -21.57 24.98 -17.59
N VAL H 750 -22.12 25.75 -16.66
CA VAL H 750 -23.00 25.16 -15.66
C VAL H 750 -24.24 24.57 -16.33
N ARG H 751 -24.74 25.26 -17.36
CA ARG H 751 -25.93 24.78 -18.05
C ARG H 751 -25.66 23.50 -18.80
N ASN H 752 -24.53 23.43 -19.51
CA ASN H 752 -24.22 22.20 -20.25
C ASN H 752 -23.99 21.04 -19.31
N LEU H 753 -23.28 21.28 -18.20
CA LEU H 753 -22.98 20.23 -17.23
C LEU H 753 -24.24 19.68 -16.57
N LYS H 754 -25.06 20.54 -15.96
CA LYS H 754 -26.25 20.03 -15.30
C LYS H 754 -27.28 19.55 -16.31
N TRP H 755 -27.45 20.28 -17.40
CA TRP H 755 -28.40 19.96 -18.44
C TRP H 755 -28.15 18.67 -19.16
N LEU H 756 -27.06 18.62 -19.92
CA LEU H 756 -26.77 17.40 -20.65
C LEU H 756 -25.52 16.72 -20.13
N GLY H 757 -24.43 17.47 -19.97
CA GLY H 757 -23.24 16.86 -19.47
C GLY H 757 -22.50 16.27 -20.64
N PHE H 758 -21.32 16.81 -20.93
CA PHE H 758 -20.52 16.32 -22.04
C PHE H 758 -19.17 16.02 -21.45
N ARG H 759 -18.21 15.83 -22.32
CA ARG H 759 -16.83 15.73 -21.90
C ARG H 759 -16.24 17.12 -22.11
N VAL H 760 -16.91 18.05 -21.41
CA VAL H 760 -16.70 19.49 -21.38
C VAL H 760 -15.23 19.74 -21.12
N PRO H 761 -14.59 20.65 -21.85
CA PRO H 761 -13.17 20.90 -21.66
C PRO H 761 -12.86 21.40 -20.26
N LEU H 762 -12.21 20.47 -19.57
CA LEU H 762 -11.80 20.60 -18.18
C LEU H 762 -10.95 21.82 -17.93
N ALA H 763 -10.14 22.20 -18.91
CA ALA H 763 -9.36 23.40 -18.78
C ALA H 763 -10.27 24.61 -18.72
N ILE H 764 -11.30 24.63 -19.57
CA ILE H 764 -12.25 25.73 -19.56
C ILE H 764 -13.06 25.70 -18.28
N VAL H 765 -13.34 24.51 -17.76
CA VAL H 765 -14.11 24.42 -16.53
C VAL H 765 -13.32 24.99 -15.35
N ASN H 766 -12.03 24.67 -15.28
CA ASN H 766 -11.24 25.21 -14.19
C ASN H 766 -10.97 26.70 -14.37
N LYS H 767 -10.88 27.17 -15.62
CA LYS H 767 -10.72 28.61 -15.82
C LYS H 767 -11.99 29.32 -15.44
N ALA H 768 -13.13 28.65 -15.64
CA ALA H 768 -14.41 29.22 -15.24
C ALA H 768 -14.49 29.28 -13.73
N HIS H 769 -13.95 28.25 -13.07
CA HIS H 769 -13.87 28.18 -11.62
C HIS H 769 -13.07 29.35 -11.07
N GLN H 770 -11.94 29.65 -11.74
CA GLN H 770 -11.13 30.79 -11.32
C GLN H 770 -11.84 32.10 -11.60
N ALA H 771 -12.72 32.13 -12.59
CA ALA H 771 -13.44 33.37 -12.82
C ALA H 771 -14.53 33.54 -11.76
N ASN H 772 -15.13 32.42 -11.35
CA ASN H 772 -16.17 32.42 -10.32
C ASN H 772 -15.65 32.96 -9.01
N GLN H 773 -14.49 32.45 -8.58
CA GLN H 773 -13.94 32.86 -7.28
C GLN H 773 -13.51 34.32 -7.20
N LEU H 774 -13.62 35.11 -8.27
CA LEU H 774 -13.28 36.52 -8.29
C LEU H 774 -14.39 37.35 -8.89
N TYR H 775 -15.42 36.70 -9.38
CA TYR H 775 -16.57 37.34 -10.01
C TYR H 775 -17.42 38.31 -9.18
N PRO H 776 -17.84 38.00 -7.93
CA PRO H 776 -18.70 38.98 -7.21
C PRO H 776 -18.06 40.32 -6.96
N PHE H 777 -16.74 40.31 -6.76
CA PHE H 777 -15.96 41.52 -6.56
C PHE H 777 -16.14 42.42 -7.76
N ALA H 778 -15.98 41.82 -8.93
CA ALA H 778 -16.12 42.55 -10.18
C ALA H 778 -17.52 43.08 -10.37
N ILE H 779 -18.54 42.35 -9.91
CA ILE H 779 -19.92 42.82 -10.06
C ILE H 779 -20.11 44.11 -9.30
N SER H 780 -19.69 44.10 -8.04
CA SER H 780 -19.77 45.28 -7.19
C SER H 780 -19.00 46.45 -7.78
N LEU H 781 -17.82 46.17 -8.34
CA LEU H 781 -17.03 47.23 -8.95
C LEU H 781 -17.75 47.83 -10.14
N ILE H 782 -18.32 46.97 -11.00
CA ILE H 782 -19.00 47.43 -12.20
C ILE H 782 -20.23 48.26 -11.85
N GLU H 783 -20.99 47.84 -10.84
CA GLU H 783 -22.13 48.65 -10.48
C GLU H 783 -21.71 49.97 -9.87
N SER H 784 -20.59 49.97 -9.14
CA SER H 784 -20.11 51.20 -8.55
C SER H 784 -19.69 52.18 -9.64
N VAL H 785 -19.05 51.66 -10.68
CA VAL H 785 -18.64 52.47 -11.81
C VAL H 785 -19.85 53.05 -12.51
N ARG H 786 -20.86 52.21 -12.73
CA ARG H 786 -22.06 52.67 -13.42
C ARG H 786 -22.81 53.72 -12.62
N THR H 787 -22.88 53.54 -11.31
CA THR H 787 -23.54 54.54 -10.48
C THR H 787 -22.73 55.83 -10.47
N TYR H 788 -21.41 55.68 -10.50
CA TYR H 788 -20.53 56.84 -10.55
C TYR H 788 -20.76 57.65 -11.81
N GLU H 789 -20.88 56.95 -12.93
CA GLU H 789 -21.11 57.61 -14.20
C GLU H 789 -22.47 58.28 -14.22
N ARG H 790 -23.48 57.61 -13.68
CA ARG H 790 -24.82 58.18 -13.65
C ARG H 790 -24.86 59.46 -12.82
N THR H 791 -24.17 59.44 -11.69
CA THR H 791 -24.11 60.61 -10.84
C THR H 791 -23.36 61.74 -11.52
N CYS H 792 -22.27 61.43 -12.22
CA CYS H 792 -21.52 62.48 -12.92
C CYS H 792 -22.38 63.09 -14.01
N GLU H 793 -23.24 62.28 -14.64
CA GLU H 793 -24.16 62.78 -15.64
C GLU H 793 -25.12 63.78 -15.01
N LYS H 794 -25.72 63.39 -13.88
CA LYS H 794 -26.65 64.28 -13.19
C LYS H 794 -25.98 65.55 -12.69
N VAL H 795 -24.77 65.42 -12.14
CA VAL H 795 -24.03 66.54 -11.59
C VAL H 795 -23.67 67.54 -12.67
N GLU H 796 -22.99 67.08 -13.74
CA GLU H 796 -22.61 68.03 -14.77
C GLU H 796 -23.78 68.47 -15.62
N GLU H 797 -24.96 67.84 -15.51
CA GLU H 797 -26.09 68.41 -16.22
C GLU H 797 -26.59 69.65 -15.49
N ARG H 798 -26.15 69.85 -14.26
CA ARG H 798 -26.40 70.99 -13.41
C ARG H 798 -25.10 71.77 -13.30
N ASN H 799 -25.19 72.98 -12.79
CA ASN H 799 -23.95 73.74 -12.70
C ASN H 799 -23.70 74.33 -11.32
N THR H 800 -24.77 74.76 -10.62
CA THR H 800 -24.64 75.33 -9.29
C THR H 800 -24.11 74.30 -8.30
N ILE H 801 -24.66 73.10 -8.41
CA ILE H 801 -24.38 71.95 -7.58
C ILE H 801 -22.90 71.62 -7.48
N SER H 802 -22.14 71.85 -8.55
CA SER H 802 -20.71 71.54 -8.60
C SER H 802 -19.92 72.22 -7.50
N LEU H 803 -20.31 73.45 -7.15
CA LEU H 803 -19.64 74.22 -6.08
C LEU H 803 -19.68 73.49 -4.74
N LEU H 804 -20.81 72.90 -4.41
CA LEU H 804 -21.01 72.25 -3.14
C LEU H 804 -20.62 70.79 -3.15
N VAL H 805 -20.72 70.15 -4.32
CA VAL H 805 -20.40 68.74 -4.43
C VAL H 805 -18.91 68.50 -4.58
N ALA H 806 -18.18 69.53 -5.02
CA ALA H 806 -16.74 69.55 -5.26
C ALA H 806 -15.90 68.70 -4.33
N GLY H 807 -16.14 68.82 -3.03
CA GLY H 807 -15.39 68.03 -2.06
C GLY H 807 -15.65 66.54 -2.18
N LEU H 808 -16.94 66.16 -2.16
CA LEU H 808 -17.31 64.75 -2.26
C LEU H 808 -16.92 64.17 -3.61
N LYS H 809 -17.00 64.97 -4.66
CA LYS H 809 -16.63 64.51 -5.97
C LYS H 809 -15.14 64.24 -6.02
N LYS H 810 -14.35 65.08 -5.33
CA LYS H 810 -12.93 64.83 -5.25
C LYS H 810 -12.65 63.59 -4.41
N GLU H 811 -13.47 63.37 -3.38
CA GLU H 811 -13.32 62.19 -2.53
C GLU H 811 -13.51 60.92 -3.33
N VAL H 812 -14.59 60.91 -4.11
CA VAL H 812 -14.91 59.77 -4.95
C VAL H 812 -13.79 59.54 -5.93
N GLN H 813 -13.31 60.60 -6.56
CA GLN H 813 -12.22 60.44 -7.50
C GLN H 813 -10.90 60.09 -6.82
N ALA H 814 -10.77 60.40 -5.53
CA ALA H 814 -9.57 60.03 -4.81
C ALA H 814 -9.52 58.52 -4.67
N LEU H 815 -10.63 57.94 -4.22
CA LEU H 815 -10.64 56.50 -4.14
C LEU H 815 -10.64 55.86 -5.52
N ILE H 816 -11.20 56.55 -6.53
CA ILE H 816 -11.19 56.01 -7.88
C ILE H 816 -9.77 55.95 -8.39
N ALA H 817 -8.98 56.97 -8.05
CA ALA H 817 -7.58 56.99 -8.45
C ALA H 817 -6.83 55.90 -7.73
N GLU H 818 -7.13 55.70 -6.44
CA GLU H 818 -6.47 54.65 -5.70
C GLU H 818 -6.92 53.28 -6.13
N GLY H 819 -8.07 53.18 -6.77
CA GLY H 819 -8.54 51.89 -7.23
C GLY H 819 -7.97 51.57 -8.59
N ILE H 820 -7.88 52.59 -9.44
CA ILE H 820 -7.36 52.40 -10.79
C ILE H 820 -5.86 52.12 -10.76
N ALA H 821 -5.13 52.91 -9.96
CA ALA H 821 -3.67 52.82 -9.83
C ALA H 821 -3.20 51.39 -9.60
N LEU H 822 -3.93 50.66 -8.80
CA LEU H 822 -3.61 49.28 -8.57
C LEU H 822 -4.48 48.42 -9.48
N VAL H 823 -3.92 47.30 -9.90
CA VAL H 823 -4.61 46.31 -10.70
C VAL H 823 -4.16 45.00 -10.10
N TRP H 824 -5.12 44.15 -9.77
CA TRP H 824 -4.90 42.86 -9.13
C TRP H 824 -4.24 42.93 -7.76
N GLU H 825 -5.02 43.20 -6.72
CA GLU H 825 -4.47 43.19 -5.36
C GLU H 825 -5.14 42.01 -4.68
N SER H 826 -4.53 40.83 -4.85
CA SER H 826 -5.02 39.57 -4.30
C SER H 826 -5.18 39.61 -2.80
N TYR H 827 -4.39 40.43 -2.12
CA TYR H 827 -4.51 40.53 -0.68
C TYR H 827 -5.56 41.56 -0.31
N LYS H 828 -5.36 42.81 -0.67
CA LYS H 828 -6.29 43.88 -0.31
C LYS H 828 -7.27 44.12 -1.44
N LEU H 829 -8.39 43.42 -1.42
CA LEU H 829 -9.37 43.66 -2.47
C LEU H 829 -10.72 44.04 -1.87
N GLU I 201 -6.11 -14.24 28.32
CA GLU I 201 -5.15 -15.22 28.82
C GLU I 201 -5.14 -16.50 27.99
N ILE I 202 -4.54 -16.39 26.81
CA ILE I 202 -4.31 -17.44 25.82
C ILE I 202 -3.73 -18.67 26.50
N PRO I 203 -4.28 -19.86 26.27
CA PRO I 203 -3.77 -21.06 26.94
C PRO I 203 -2.39 -21.43 26.44
N GLU I 204 -1.75 -22.31 27.20
CA GLU I 204 -0.43 -22.81 26.87
C GLU I 204 -0.55 -24.30 26.68
N ILE I 205 0.35 -24.86 25.89
CA ILE I 205 0.32 -26.29 25.62
C ILE I 205 1.69 -26.89 25.89
N SER I 206 1.71 -27.90 26.75
CA SER I 206 2.91 -28.63 27.08
C SER I 206 2.96 -29.83 26.14
N LEU I 207 3.88 -29.79 25.20
CA LEU I 207 3.98 -30.85 24.21
C LEU I 207 4.60 -32.09 24.83
N PRO I 208 3.90 -33.23 24.83
CA PRO I 208 4.45 -34.44 25.41
C PRO I 208 5.59 -34.98 24.58
N ILE I 209 6.36 -35.86 25.20
CA ILE I 209 7.52 -36.50 24.59
C ILE I 209 7.40 -37.98 24.91
N HIS I 210 8.00 -38.84 24.07
CA HIS I 210 7.94 -40.27 24.35
C HIS I 210 8.77 -40.54 25.59
N PRO I 211 8.20 -41.18 26.60
CA PRO I 211 8.92 -41.40 27.87
C PRO I 211 10.19 -42.20 27.73
N MET I 212 10.24 -43.13 26.79
CA MET I 212 11.44 -43.94 26.59
C MET I 212 12.59 -43.07 26.11
N ILE I 213 12.25 -42.06 25.30
CA ILE I 213 13.25 -41.12 24.82
C ILE I 213 13.81 -40.33 25.99
N THR I 214 12.92 -39.94 26.90
CA THR I 214 13.37 -39.21 28.08
C THR I 214 14.19 -40.11 28.98
N ASN I 215 13.89 -41.41 28.99
CA ASN I 215 14.65 -42.34 29.81
C ASN I 215 16.09 -42.37 29.32
N VAL I 216 16.26 -42.60 28.02
CA VAL I 216 17.60 -42.65 27.46
C VAL I 216 18.25 -41.26 27.50
N ALA I 217 17.46 -40.19 27.45
CA ALA I 217 18.00 -38.85 27.54
C ALA I 217 18.56 -38.61 28.92
N LYS I 218 17.85 -39.05 29.95
CA LYS I 218 18.33 -38.92 31.32
C LYS I 218 19.53 -39.82 31.54
N GLN I 219 19.59 -40.95 30.85
CA GLN I 219 20.74 -41.82 30.95
C GLN I 219 21.94 -41.16 30.31
N CYS I 220 21.71 -40.39 29.25
CA CYS I 220 22.79 -39.63 28.62
C CYS I 220 23.17 -38.46 29.49
N TYR I 221 22.28 -38.05 30.38
CA TYR I 221 22.50 -36.94 31.28
C TYR I 221 23.19 -37.35 32.57
N GLU I 222 23.09 -38.62 32.98
CA GLU I 222 23.76 -39.05 34.19
C GLU I 222 25.26 -39.05 33.99
N ARG I 223 25.69 -39.23 32.75
CA ARG I 223 27.07 -39.18 32.34
C ARG I 223 27.24 -37.91 31.53
N GLY I 224 28.48 -37.53 31.25
CA GLY I 224 28.62 -36.32 30.48
C GLY I 224 28.61 -36.69 29.02
N GLU I 225 27.44 -36.64 28.38
CA GLU I 225 27.35 -37.02 26.98
C GLU I 225 26.07 -36.48 26.37
N LYS I 226 26.17 -36.05 25.13
CA LYS I 226 25.05 -35.50 24.39
C LYS I 226 24.17 -36.64 23.89
N PRO I 227 22.84 -36.50 23.95
CA PRO I 227 21.98 -37.56 23.43
C PRO I 227 22.02 -37.56 21.91
N LYS I 228 21.90 -38.76 21.33
CA LYS I 228 21.97 -38.91 19.89
C LYS I 228 21.19 -40.15 19.47
N VAL I 229 20.92 -40.22 18.16
CA VAL I 229 20.14 -41.30 17.56
C VAL I 229 20.81 -42.65 17.77
N THR I 230 22.14 -42.67 17.69
CA THR I 230 22.90 -43.90 17.86
C THR I 230 22.72 -44.56 19.22
N ASP I 231 22.28 -43.81 20.23
CA ASP I 231 22.11 -44.37 21.55
C ASP I 231 20.92 -45.31 21.66
N PHE I 232 19.96 -45.24 20.75
CA PHE I 232 18.84 -46.15 20.93
C PHE I 232 19.16 -47.56 20.46
N GLY I 233 20.26 -47.73 19.74
CA GLY I 233 20.66 -49.04 19.27
C GLY I 233 19.74 -49.59 18.21
N ASP I 234 19.14 -50.74 18.50
CA ASP I 234 18.24 -51.40 17.57
C ASP I 234 16.79 -51.12 17.89
N LYS I 235 16.53 -49.93 18.42
CA LYS I 235 15.19 -49.49 18.77
C LYS I 235 14.63 -48.52 17.75
N VAL I 236 15.51 -47.91 16.96
CA VAL I 236 15.09 -46.99 15.92
C VAL I 236 14.36 -47.75 14.84
N GLU I 237 14.78 -48.97 14.59
CA GLU I 237 14.25 -49.89 13.59
C GLU I 237 12.91 -50.49 13.94
N ASP I 238 12.36 -50.17 15.10
CA ASP I 238 11.09 -50.72 15.49
C ASP I 238 9.98 -49.93 14.83
N PRO I 239 9.17 -50.54 13.97
CA PRO I 239 8.07 -49.79 13.33
C PRO I 239 7.01 -49.38 14.32
N THR I 240 6.91 -50.10 15.42
CA THR I 240 5.95 -49.76 16.45
C THR I 240 6.38 -48.46 17.13
N PHE I 241 7.65 -48.41 17.52
CA PHE I 241 8.22 -47.24 18.18
C PHE I 241 8.16 -46.02 17.27
N LEU I 242 8.52 -46.18 16.00
CA LEU I 242 8.46 -45.05 15.09
C LEU I 242 7.03 -44.67 14.81
N ASN I 243 6.11 -45.62 14.85
CA ASN I 243 4.73 -45.28 14.60
C ASN I 243 4.17 -44.47 15.77
N GLN I 244 4.62 -44.82 16.98
CA GLN I 244 4.22 -44.07 18.17
C GLN I 244 4.74 -42.65 18.08
N LEU I 245 6.01 -42.53 17.66
CA LEU I 245 6.63 -41.23 17.51
C LEU I 245 5.91 -40.39 16.46
N GLN I 246 5.52 -41.01 15.34
CA GLN I 246 4.81 -40.29 14.30
C GLN I 246 3.49 -39.77 14.81
N SER I 247 2.80 -40.58 15.61
CA SER I 247 1.54 -40.14 16.18
C SER I 247 1.75 -38.99 17.14
N GLY I 248 2.82 -39.06 17.95
CA GLY I 248 3.10 -37.99 18.90
C GLY I 248 3.42 -36.67 18.24
N VAL I 249 4.24 -36.71 17.20
CA VAL I 249 4.59 -35.48 16.50
C VAL I 249 3.37 -34.95 15.76
N ASN I 250 2.49 -35.83 15.30
CA ASN I 250 1.27 -35.38 14.64
C ASN I 250 0.41 -34.62 15.63
N ARG I 251 0.34 -35.13 16.86
CA ARG I 251 -0.43 -34.46 17.90
C ARG I 251 0.19 -33.10 18.22
N TRP I 252 1.52 -33.03 18.18
CA TRP I 252 2.22 -31.77 18.43
C TRP I 252 1.81 -30.72 17.42
N ILE I 253 1.74 -31.13 16.16
CA ILE I 253 1.35 -30.22 15.09
C ILE I 253 -0.07 -29.73 15.30
N ARG I 254 -0.93 -30.62 15.78
CA ARG I 254 -2.30 -30.25 16.07
C ARG I 254 -2.33 -29.17 17.15
N GLU I 255 -1.60 -29.42 18.23
CA GLU I 255 -1.55 -28.49 19.36
C GLU I 255 -1.01 -27.13 18.96
N ILE I 256 0.04 -27.12 18.15
CA ILE I 256 0.62 -25.83 17.77
C ILE I 256 -0.31 -25.09 16.83
N GLN I 257 -1.04 -25.81 15.97
CA GLN I 257 -1.97 -25.14 15.08
C GLN I 257 -3.08 -24.48 15.85
N LYS I 258 -3.43 -25.07 17.00
CA LYS I 258 -4.45 -24.49 17.87
C LYS I 258 -4.06 -23.10 18.37
N VAL I 259 -2.78 -22.77 18.38
CA VAL I 259 -2.30 -21.49 18.85
C VAL I 259 -1.93 -20.57 17.69
N THR I 260 -1.32 -21.13 16.66
CA THR I 260 -0.89 -20.31 15.54
C THR I 260 -2.04 -19.82 14.68
N LYS I 261 -3.12 -20.58 14.58
CA LYS I 261 -4.19 -20.03 13.75
C LYS I 261 -5.08 -19.07 14.51
N LEU I 262 -4.79 -18.82 15.78
CA LEU I 262 -5.60 -17.94 16.60
C LEU I 262 -5.48 -16.50 16.14
N ASP I 263 -6.57 -15.77 16.32
CA ASP I 263 -6.73 -14.36 15.96
C ASP I 263 -8.00 -13.87 16.63
N ARG I 264 -8.07 -12.57 16.87
CA ARG I 264 -9.26 -11.98 17.46
C ARG I 264 -9.89 -11.01 16.48
N ASP I 265 -10.96 -10.39 16.92
CA ASP I 265 -11.69 -9.41 16.13
C ASP I 265 -11.06 -8.05 16.33
N PRO I 266 -10.47 -7.45 15.30
CA PRO I 266 -9.89 -6.12 15.48
C PRO I 266 -10.93 -5.04 15.51
N ALA I 267 -12.13 -5.31 15.01
CA ALA I 267 -13.18 -4.31 14.97
C ALA I 267 -13.77 -4.06 16.37
N SER I 268 -14.36 -5.08 16.97
CA SER I 268 -14.96 -4.91 18.28
C SER I 268 -13.94 -5.14 19.39
N GLY I 269 -14.41 -5.16 20.63
CA GLY I 269 -13.57 -5.36 21.79
C GLY I 269 -12.78 -4.11 22.14
N THR I 270 -12.26 -4.10 23.36
CA THR I 270 -11.49 -2.94 23.77
C THR I 270 -10.11 -3.01 23.14
N ALA I 271 -9.49 -1.85 22.99
CA ALA I 271 -8.17 -1.77 22.41
C ALA I 271 -7.14 -2.45 23.28
N LEU I 272 -7.35 -2.37 24.60
CA LEU I 272 -6.45 -3.00 25.55
C LEU I 272 -6.40 -4.49 25.34
N GLN I 273 -7.53 -5.08 24.97
CA GLN I 273 -7.59 -6.49 24.69
C GLN I 273 -6.70 -6.83 23.50
N GLU I 274 -6.63 -5.94 22.52
CA GLU I 274 -5.78 -6.20 21.37
C GLU I 274 -4.32 -6.07 21.73
N ILE I 275 -3.95 -5.08 22.53
CA ILE I 275 -2.55 -4.91 22.89
C ILE I 275 -2.08 -6.10 23.69
N SER I 276 -2.86 -6.47 24.70
CA SER I 276 -2.58 -7.62 25.53
C SER I 276 -2.62 -8.89 24.72
N PHE I 277 -3.48 -8.93 23.70
CA PHE I 277 -3.61 -10.08 22.82
C PHE I 277 -2.33 -10.36 22.08
N TRP I 278 -1.78 -9.36 21.43
CA TRP I 278 -0.54 -9.59 20.69
C TRP I 278 0.61 -9.90 21.62
N LEU I 279 0.64 -9.29 22.81
CA LEU I 279 1.71 -9.62 23.75
C LEU I 279 1.61 -11.07 24.22
N ASN I 280 0.39 -11.51 24.50
CA ASN I 280 0.19 -12.88 24.94
C ASN I 280 0.51 -13.86 23.84
N LEU I 281 0.29 -13.47 22.58
CA LEU I 281 0.65 -14.36 21.50
C LEU I 281 2.15 -14.48 21.41
N GLU I 282 2.86 -13.38 21.65
CA GLU I 282 4.32 -13.47 21.61
C GLU I 282 4.83 -14.36 22.72
N ARG I 283 4.20 -14.29 23.89
CA ARG I 283 4.63 -15.14 24.99
C ARG I 283 4.38 -16.60 24.69
N ALA I 284 3.20 -16.90 24.15
CA ALA I 284 2.84 -18.27 23.82
C ALA I 284 3.80 -18.85 22.80
N LEU I 285 3.99 -18.14 21.68
CA LEU I 285 4.87 -18.60 20.63
C LEU I 285 6.31 -18.65 21.08
N TYR I 286 6.70 -17.81 22.01
CA TYR I 286 8.06 -17.82 22.48
C TYR I 286 8.32 -19.07 23.29
N ARG I 287 7.39 -19.41 24.19
CA ARG I 287 7.52 -20.64 24.96
C ARG I 287 7.40 -21.86 24.07
N ILE I 288 6.56 -21.77 23.04
CA ILE I 288 6.37 -22.86 22.09
C ILE I 288 7.67 -23.15 21.36
N GLN I 289 8.33 -22.10 20.89
CA GLN I 289 9.56 -22.32 20.16
C GLN I 289 10.65 -22.81 21.08
N GLU I 290 10.61 -22.42 22.35
CA GLU I 290 11.64 -22.96 23.22
C GLU I 290 11.37 -24.43 23.54
N LYS I 291 10.11 -24.83 23.51
CA LYS I 291 9.81 -26.25 23.71
C LYS I 291 10.23 -27.03 22.48
N ARG I 292 10.05 -26.43 21.31
CA ARG I 292 10.40 -27.06 20.05
C ARG I 292 11.90 -27.22 19.91
N GLU I 293 12.65 -26.17 20.21
CA GLU I 293 14.09 -26.20 20.07
C GLU I 293 14.80 -27.00 21.14
N SER I 294 14.08 -27.66 22.04
CA SER I 294 14.72 -28.46 23.05
C SER I 294 15.37 -29.67 22.38
N PRO I 295 16.46 -30.19 22.93
CA PRO I 295 17.12 -31.34 22.29
C PRO I 295 16.29 -32.60 22.28
N GLU I 296 15.28 -32.70 23.13
CA GLU I 296 14.43 -33.89 23.13
C GLU I 296 13.52 -33.89 21.92
N VAL I 297 12.85 -32.76 21.66
CA VAL I 297 12.00 -32.63 20.49
C VAL I 297 12.83 -32.75 19.23
N LEU I 298 14.03 -32.19 19.28
CA LEU I 298 14.95 -32.30 18.16
C LEU I 298 15.29 -33.75 17.91
N LEU I 299 15.56 -34.50 18.97
CA LEU I 299 15.89 -35.91 18.79
C LEU I 299 14.69 -36.71 18.31
N THR I 300 13.48 -36.30 18.64
CA THR I 300 12.32 -37.01 18.11
C THR I 300 12.27 -36.81 16.62
N LEU I 301 12.58 -35.59 16.17
CA LEU I 301 12.63 -35.33 14.76
C LEU I 301 13.79 -36.07 14.11
N ASP I 302 14.88 -36.22 14.84
CA ASP I 302 16.03 -36.93 14.31
C ASP I 302 15.70 -38.40 14.14
N ILE I 303 14.92 -38.94 15.06
CA ILE I 303 14.50 -40.32 15.00
C ILE I 303 13.57 -40.51 13.82
N LEU I 304 12.64 -39.60 13.61
CA LEU I 304 11.74 -39.74 12.49
C LEU I 304 12.46 -39.55 11.17
N LYS I 305 13.50 -38.72 11.13
CA LYS I 305 14.22 -38.56 9.89
C LYS I 305 15.09 -39.76 9.65
N HIS I 306 15.56 -40.40 10.71
CA HIS I 306 16.36 -41.58 10.50
C HIS I 306 15.47 -42.74 10.12
N GLY I 307 14.21 -42.67 10.52
CA GLY I 307 13.21 -43.64 10.20
C GLY I 307 12.52 -43.28 8.92
N LYS I 308 12.91 -42.15 8.36
CA LYS I 308 12.45 -41.61 7.09
C LYS I 308 10.97 -41.34 7.06
N ARG I 309 10.28 -41.22 8.20
CA ARG I 309 8.85 -40.95 8.15
C ARG I 309 8.71 -39.46 7.98
N PHE I 310 8.95 -39.03 6.76
CA PHE I 310 8.98 -37.64 6.37
C PHE I 310 7.65 -36.95 6.47
N HIS I 311 6.55 -37.68 6.63
CA HIS I 311 5.26 -37.03 6.81
C HIS I 311 5.30 -36.19 8.07
N ALA I 312 5.81 -36.79 9.13
CA ALA I 312 5.91 -36.13 10.41
C ALA I 312 6.88 -34.96 10.38
N THR I 313 8.06 -35.16 9.78
CA THR I 313 9.05 -34.09 9.77
C THR I 313 8.63 -32.90 8.92
N VAL I 314 8.17 -33.16 7.70
CA VAL I 314 7.76 -32.06 6.83
C VAL I 314 6.54 -31.36 7.42
N SER I 315 5.61 -32.13 7.98
CA SER I 315 4.45 -31.51 8.57
C SER I 315 4.81 -30.75 9.83
N PHE I 316 5.88 -31.14 10.50
CA PHE I 316 6.26 -30.40 11.69
C PHE I 316 7.03 -29.16 11.35
N ASP I 317 7.68 -29.14 10.19
CA ASP I 317 8.45 -27.96 9.85
C ASP I 317 7.74 -27.03 8.89
N THR I 318 6.59 -27.39 8.34
CA THR I 318 5.94 -26.50 7.40
C THR I 318 4.46 -26.33 7.62
N ASP I 319 3.79 -27.24 8.29
CA ASP I 319 2.36 -27.06 8.41
C ASP I 319 1.98 -26.13 9.55
N THR I 320 2.76 -26.09 10.61
CA THR I 320 2.44 -25.20 11.72
C THR I 320 2.77 -23.77 11.30
N GLY I 321 1.86 -22.86 11.57
CA GLY I 321 2.11 -21.47 11.21
C GLY I 321 3.05 -20.73 12.12
N LEU I 322 3.72 -21.46 13.02
CA LEU I 322 4.66 -20.94 14.01
C LEU I 322 5.73 -20.04 13.43
N LYS I 323 6.40 -20.50 12.37
CA LYS I 323 7.46 -19.71 11.77
C LYS I 323 6.93 -18.40 11.21
N GLN I 324 5.72 -18.41 10.70
CA GLN I 324 5.14 -17.18 10.20
C GLN I 324 4.54 -16.38 11.33
N ALA I 325 4.07 -17.06 12.37
CA ALA I 325 3.46 -16.38 13.50
C ALA I 325 4.49 -15.56 14.26
N LEU I 326 5.66 -16.14 14.52
CA LEU I 326 6.73 -15.43 15.21
C LEU I 326 7.15 -14.22 14.41
N GLU I 327 7.22 -14.37 13.10
CA GLU I 327 7.57 -13.30 12.20
C GLU I 327 6.57 -12.17 12.25
N THR I 328 5.28 -12.51 12.18
CA THR I 328 4.22 -11.51 12.18
C THR I 328 4.13 -10.78 13.52
N VAL I 329 4.23 -11.52 14.62
CA VAL I 329 4.17 -10.87 15.93
C VAL I 329 5.41 -10.04 16.15
N ASN I 330 6.56 -10.44 15.63
CA ASN I 330 7.73 -9.60 15.80
C ASN I 330 7.65 -8.39 14.90
N ASP I 331 6.86 -8.45 13.83
CA ASP I 331 6.71 -7.26 13.00
C ASP I 331 5.72 -6.31 13.66
N TYR I 332 4.80 -6.83 14.44
CA TYR I 332 3.83 -5.97 15.11
C TYR I 332 4.30 -5.49 16.46
N ASN I 333 5.25 -6.18 17.06
CA ASN I 333 5.77 -5.87 18.38
C ASN I 333 6.25 -4.43 18.62
N PRO I 334 7.00 -3.75 17.72
CA PRO I 334 7.41 -2.37 18.05
C PRO I 334 6.24 -1.43 18.24
N LEU I 335 5.14 -1.65 17.52
CA LEU I 335 3.96 -0.85 17.75
C LEU I 335 3.28 -1.31 19.01
N MET I 336 3.40 -2.59 19.29
CA MET I 336 2.74 -3.17 20.43
C MET I 336 3.54 -3.06 21.70
N LYS I 337 4.84 -2.84 21.60
CA LYS I 337 5.65 -2.71 22.80
C LYS I 337 5.39 -1.38 23.46
N ASP I 338 4.93 -1.44 24.71
CA ASP I 338 4.65 -0.30 25.57
C ASP I 338 3.65 0.68 24.94
N PHE I 339 2.42 0.21 24.79
CA PHE I 339 1.39 1.09 24.26
C PHE I 339 0.77 1.82 25.45
N PRO I 340 0.87 3.09 25.54
CA PRO I 340 0.38 3.83 26.70
C PRO I 340 -1.11 4.20 26.70
N LEU I 341 -1.96 3.20 26.53
CA LEU I 341 -3.37 3.52 26.56
C LEU I 341 -3.94 3.54 27.96
N ASN I 342 -3.18 3.07 28.95
CA ASN I 342 -3.67 3.07 30.30
C ASN I 342 -3.78 4.47 30.86
N ASP I 343 -3.03 5.42 30.30
CA ASP I 343 -3.06 6.78 30.81
C ASP I 343 -4.41 7.44 30.62
N LEU I 344 -5.15 7.07 29.58
CA LEU I 344 -6.50 7.61 29.42
C LEU I 344 -7.36 7.09 30.54
N LEU I 345 -7.13 5.84 30.91
CA LEU I 345 -7.85 5.13 31.95
C LEU I 345 -7.29 5.42 33.32
N SER I 346 -6.31 6.31 33.41
CA SER I 346 -5.67 6.61 34.67
C SER I 346 -6.24 7.84 35.38
N ALA I 347 -6.17 9.01 34.77
CA ALA I 347 -6.60 10.23 35.43
C ALA I 347 -7.85 10.85 34.83
N THR I 348 -8.67 11.37 35.73
CA THR I 348 -9.92 12.03 35.40
C THR I 348 -9.73 13.45 34.91
N GLU I 349 -8.53 13.98 35.01
CA GLU I 349 -8.30 15.34 34.56
C GLU I 349 -8.37 15.36 33.05
N LEU I 350 -9.16 16.30 32.53
CA LEU I 350 -9.35 16.43 31.09
C LEU I 350 -8.05 16.76 30.40
N ASP I 351 -7.15 17.47 31.10
CA ASP I 351 -5.86 17.75 30.52
C ASP I 351 -5.04 16.48 30.47
N LYS I 352 -5.20 15.62 31.47
CA LYS I 352 -4.48 14.35 31.45
C LYS I 352 -5.01 13.48 30.33
N ILE I 353 -6.30 13.59 30.04
CA ILE I 353 -6.88 12.84 28.95
C ILE I 353 -6.33 13.36 27.63
N ARG I 354 -6.16 14.67 27.52
CA ARG I 354 -5.58 15.25 26.31
C ARG I 354 -4.14 14.82 26.12
N GLN I 355 -3.36 14.87 27.20
CA GLN I 355 -1.96 14.46 27.15
C GLN I 355 -1.86 13.00 26.81
N ALA I 356 -2.81 12.20 27.30
CA ALA I 356 -2.82 10.79 26.98
C ALA I 356 -3.13 10.59 25.52
N LEU I 357 -4.01 11.42 24.97
CA LEU I 357 -4.30 11.34 23.53
C LEU I 357 -3.07 11.67 22.73
N VAL I 358 -2.31 12.66 23.19
CA VAL I 358 -1.11 13.07 22.50
C VAL I 358 -0.07 11.97 22.51
N ALA I 359 0.19 11.40 23.69
CA ALA I 359 1.18 10.33 23.81
C ALA I 359 0.75 9.09 23.03
N ILE I 360 -0.55 8.80 23.04
CA ILE I 360 -1.05 7.64 22.31
C ILE I 360 -0.90 7.82 20.81
N PHE I 361 -1.24 8.99 20.28
CA PHE I 361 -1.09 9.13 18.83
C PHE I 361 0.37 9.22 18.44
N THR I 362 1.22 9.76 19.31
CA THR I 362 2.64 9.75 18.97
C THR I 362 3.17 8.34 19.03
N HIS I 363 2.55 7.49 19.84
CA HIS I 363 2.96 6.10 19.90
C HIS I 363 2.40 5.35 18.71
N LEU I 364 1.28 5.82 18.17
CA LEU I 364 0.68 5.23 17.00
C LEU I 364 1.40 5.66 15.75
N ARG I 365 2.26 6.66 15.87
CA ARG I 365 3.06 7.10 14.74
C ARG I 365 4.04 6.04 14.31
N LYS I 366 4.34 5.08 15.19
CA LYS I 366 5.27 4.00 14.95
C LYS I 366 4.89 2.98 13.87
N ILE I 367 3.75 3.14 13.21
CA ILE I 367 3.31 2.21 12.18
C ILE I 367 4.26 2.15 10.99
N ARG I 368 5.06 3.19 10.75
CA ARG I 368 6.01 3.23 9.64
C ARG I 368 7.02 2.08 9.64
N ASN I 369 7.26 1.44 10.78
CA ASN I 369 8.22 0.36 10.86
C ASN I 369 7.56 -0.94 11.30
N THR I 370 6.24 -1.06 11.18
CA THR I 370 5.57 -2.26 11.67
C THR I 370 4.80 -3.09 10.66
N LYS I 371 4.35 -2.51 9.53
CA LYS I 371 3.61 -3.21 8.48
C LYS I 371 2.33 -3.87 9.02
N TYR I 372 1.75 -3.28 10.06
CA TYR I 372 0.52 -3.78 10.63
C TYR I 372 -0.62 -3.45 9.67
N PRO I 373 -1.71 -4.21 9.70
CA PRO I 373 -2.84 -3.91 8.80
C PRO I 373 -3.47 -2.57 9.12
N ILE I 374 -3.51 -1.74 8.09
CA ILE I 374 -4.06 -0.39 8.19
C ILE I 374 -5.54 -0.42 8.54
N GLN I 375 -6.25 -1.43 8.05
CA GLN I 375 -7.66 -1.52 8.37
C GLN I 375 -7.84 -1.88 9.84
N ARG I 376 -7.01 -2.79 10.34
CA ARG I 376 -7.04 -3.14 11.76
C ARG I 376 -6.63 -1.94 12.58
N ALA I 377 -5.74 -1.12 12.05
CA ALA I 377 -5.30 0.07 12.75
C ALA I 377 -6.45 1.06 12.87
N LEU I 378 -7.25 1.20 11.80
CA LEU I 378 -8.39 2.10 11.86
C LEU I 378 -9.40 1.60 12.88
N ARG I 379 -9.59 0.29 12.94
CA ARG I 379 -10.52 -0.25 13.91
C ARG I 379 -9.96 -0.07 15.32
N LEU I 380 -8.65 -0.06 15.45
CA LEU I 380 -8.03 0.15 16.74
C LEU I 380 -8.27 1.57 17.19
N VAL I 381 -8.22 2.50 16.23
CA VAL I 381 -8.48 3.90 16.53
C VAL I 381 -9.91 4.07 16.98
N GLU I 382 -10.82 3.31 16.37
CA GLU I 382 -12.20 3.42 16.82
C GLU I 382 -12.38 2.82 18.20
N ALA I 383 -11.60 1.79 18.53
CA ALA I 383 -11.68 1.24 19.88
C ALA I 383 -11.16 2.25 20.87
N ILE I 384 -10.15 3.01 20.45
CA ILE I 384 -9.59 4.08 21.26
C ILE I 384 -10.65 5.13 21.48
N SER I 385 -11.43 5.42 20.45
CA SER I 385 -12.50 6.40 20.61
C SER I 385 -13.58 5.88 21.53
N ARG I 386 -13.78 4.56 21.57
CA ARG I 386 -14.74 4.01 22.50
C ARG I 386 -14.24 4.23 23.91
N ASP I 387 -12.93 4.08 24.09
CA ASP I 387 -12.33 4.35 25.38
C ASP I 387 -12.40 5.82 25.71
N LEU I 388 -12.30 6.66 24.69
CA LEU I 388 -12.38 8.10 24.85
C LEU I 388 -13.74 8.49 25.38
N SER I 389 -14.79 8.06 24.69
CA SER I 389 -16.14 8.35 25.10
C SER I 389 -16.44 7.72 26.45
N SER I 390 -15.83 6.58 26.75
CA SER I 390 -16.05 5.95 28.04
C SER I 390 -15.45 6.78 29.15
N GLN I 391 -14.19 7.17 28.98
CA GLN I 391 -13.51 7.96 29.99
C GLN I 391 -14.16 9.31 30.17
N LEU I 392 -14.58 9.94 29.08
CA LEU I 392 -15.23 11.23 29.21
C LEU I 392 -16.57 11.09 29.87
N LEU I 393 -17.29 10.01 29.57
CA LEU I 393 -18.60 9.82 30.19
C LEU I 393 -18.44 9.59 31.68
N LYS I 394 -17.37 8.90 32.04
CA LYS I 394 -17.03 8.65 33.43
C LYS I 394 -16.75 9.96 34.17
N VAL I 395 -15.77 10.72 33.64
CA VAL I 395 -15.35 11.97 34.25
C VAL I 395 -16.50 12.95 34.37
N LEU I 396 -17.18 13.22 33.26
CA LEU I 396 -18.28 14.16 33.28
C LEU I 396 -19.45 13.68 34.11
N GLY I 397 -19.60 12.37 34.32
CA GLY I 397 -20.65 11.93 35.20
C GLY I 397 -20.26 12.29 36.60
N THR I 398 -18.96 12.30 36.88
CA THR I 398 -18.51 12.70 38.21
C THR I 398 -18.47 14.21 38.39
N ARG I 399 -18.37 14.96 37.30
CA ARG I 399 -18.29 16.42 37.40
C ARG I 399 -19.62 17.08 37.72
N LYS I 400 -20.75 16.36 37.60
CA LYS I 400 -22.09 16.87 37.85
C LYS I 400 -22.36 18.09 36.96
N LEU I 401 -22.44 17.77 35.67
CA LEU I 401 -22.58 18.78 34.63
C LEU I 401 -23.84 19.63 34.75
N MET I 402 -25.01 19.01 34.68
CA MET I 402 -26.21 19.83 34.74
C MET I 402 -26.53 20.39 36.11
N HIS I 403 -25.85 19.93 37.14
CA HIS I 403 -26.09 20.45 38.47
C HIS I 403 -25.48 21.83 38.64
N VAL I 404 -24.17 21.87 38.48
CA VAL I 404 -23.26 22.97 38.69
C VAL I 404 -23.64 24.26 37.96
N ALA I 405 -23.15 25.37 38.50
CA ALA I 405 -23.39 26.69 37.94
C ALA I 405 -22.74 26.81 36.57
N TYR I 406 -23.21 27.81 35.83
CA TYR I 406 -22.79 28.05 34.46
C TYR I 406 -21.30 28.27 34.29
N GLU I 407 -20.64 28.83 35.28
CA GLU I 407 -19.21 29.11 35.13
C GLU I 407 -18.36 27.84 35.17
N GLU I 408 -18.55 27.00 36.19
CA GLU I 408 -17.78 25.76 36.30
C GLU I 408 -18.12 24.86 35.13
N PHE I 409 -19.39 24.88 34.74
CA PHE I 409 -19.86 24.14 33.59
C PHE I 409 -19.11 24.57 32.35
N GLU I 410 -18.92 25.88 32.20
CA GLU I 410 -18.21 26.42 31.05
C GLU I 410 -16.78 25.93 31.02
N LYS I 411 -16.08 25.94 32.16
CA LYS I 411 -14.70 25.47 32.19
C LYS I 411 -14.61 24.00 31.83
N VAL I 412 -15.55 23.22 32.35
CA VAL I 412 -15.61 21.80 32.05
C VAL I 412 -15.78 21.58 30.56
N MET I 413 -16.73 22.29 29.98
CA MET I 413 -17.01 22.17 28.57
C MET I 413 -15.87 22.64 27.69
N VAL I 414 -15.13 23.64 28.14
CA VAL I 414 -13.98 24.12 27.38
C VAL I 414 -12.92 23.05 27.32
N ALA I 415 -12.61 22.42 28.45
CA ALA I 415 -11.62 21.37 28.45
C ALA I 415 -12.08 20.17 27.64
N CYS I 416 -13.37 19.88 27.66
CA CYS I 416 -13.88 18.77 26.87
C CYS I 416 -13.76 19.05 25.39
N PHE I 417 -14.00 20.29 24.98
CA PHE I 417 -13.87 20.60 23.57
C PHE I 417 -12.40 20.59 23.17
N GLU I 418 -11.52 20.85 24.12
CA GLU I 418 -10.09 20.75 23.85
C GLU I 418 -9.73 19.31 23.59
N VAL I 419 -10.37 18.41 24.33
CA VAL I 419 -10.13 16.98 24.15
C VAL I 419 -10.54 16.58 22.75
N PHE I 420 -11.74 17.00 22.33
CA PHE I 420 -12.20 16.67 20.98
C PHE I 420 -11.33 17.31 19.92
N GLN I 421 -10.85 18.52 20.20
CA GLN I 421 -10.02 19.25 19.27
C GLN I 421 -8.69 18.53 19.06
N THR I 422 -8.08 18.10 20.15
CA THR I 422 -6.82 17.39 20.07
C THR I 422 -7.00 16.06 19.39
N TRP I 423 -8.16 15.44 19.62
CA TRP I 423 -8.49 14.20 18.94
C TRP I 423 -8.48 14.43 17.44
N ASP I 424 -9.20 15.46 17.03
CA ASP I 424 -9.37 15.82 15.63
C ASP I 424 -8.06 16.06 14.91
N ASP I 425 -7.30 17.07 15.34
CA ASP I 425 -6.10 17.40 14.60
C ASP I 425 -5.02 16.33 14.69
N GLU I 426 -4.87 15.69 15.85
CA GLU I 426 -3.83 14.68 15.93
C GLU I 426 -4.22 13.46 15.10
N TYR I 427 -5.52 13.17 15.04
CA TYR I 427 -5.98 12.08 14.20
C TYR I 427 -5.77 12.41 12.74
N GLU I 428 -5.91 13.68 12.36
CA GLU I 428 -5.67 14.04 10.98
C GLU I 428 -4.20 13.87 10.63
N LYS I 429 -3.32 14.11 11.61
CA LYS I 429 -1.91 13.87 11.38
C LYS I 429 -1.68 12.40 11.10
N LEU I 430 -2.38 11.54 11.85
CA LEU I 430 -2.25 10.12 11.61
C LEU I 430 -2.84 9.73 10.26
N GLN I 431 -3.86 10.44 9.80
CA GLN I 431 -4.41 10.16 8.48
C GLN I 431 -3.39 10.43 7.41
N VAL I 432 -2.69 11.55 7.55
CA VAL I 432 -1.66 11.92 6.60
C VAL I 432 -0.56 10.88 6.57
N LEU I 433 -0.10 10.47 7.75
CA LEU I 433 0.95 9.46 7.84
C LEU I 433 0.50 8.13 7.28
N LEU I 434 -0.77 7.79 7.47
CA LEU I 434 -1.28 6.55 6.94
C LEU I 434 -1.34 6.61 5.43
N ARG I 435 -1.66 7.78 4.88
CA ARG I 435 -1.66 7.89 3.42
C ARG I 435 -0.25 7.80 2.88
N ASP I 436 0.72 8.26 3.67
CA ASP I 436 2.12 8.19 3.27
C ASP I 436 2.55 6.74 3.16
N ILE I 437 2.13 5.93 4.13
CA ILE I 437 2.46 4.52 4.09
C ILE I 437 1.69 3.83 2.98
N VAL I 438 0.42 4.19 2.83
CA VAL I 438 -0.47 3.66 1.81
C VAL I 438 0.08 3.85 0.41
N LYS I 439 0.71 5.00 0.13
CA LYS I 439 1.30 5.22 -1.18
C LYS I 439 2.41 4.24 -1.49
N ARG I 440 2.98 3.62 -0.48
CA ARG I 440 3.97 2.59 -0.63
C ARG I 440 3.35 1.22 -0.42
N LYS I 441 2.12 1.19 0.10
CA LYS I 441 1.33 0.00 0.38
C LYS I 441 0.26 -0.24 -0.67
N ARG I 442 0.00 0.77 -1.54
CA ARG I 442 -1.02 0.67 -2.59
C ARG I 442 -0.76 -0.50 -3.52
N GLU I 443 0.50 -0.90 -3.64
CA GLU I 443 0.91 -2.05 -4.43
C GLU I 443 0.33 -3.35 -3.88
N GLU I 444 -0.08 -3.36 -2.61
CA GLU I 444 -0.66 -4.56 -2.02
C GLU I 444 -2.19 -4.54 -2.09
N ASN I 445 -2.82 -3.55 -1.46
CA ASN I 445 -4.27 -3.49 -1.45
C ASN I 445 -4.78 -2.07 -1.58
N LEU I 446 -6.10 -1.98 -1.71
CA LEU I 446 -6.82 -0.72 -1.79
C LEU I 446 -8.11 -0.82 -1.00
N LYS I 447 -8.23 -1.82 -0.13
CA LYS I 447 -9.39 -2.10 0.71
C LYS I 447 -9.53 -1.15 1.90
N MET I 448 -8.73 -0.10 1.88
CA MET I 448 -8.72 0.95 2.88
C MET I 448 -10.02 1.75 2.70
N VAL I 449 -11.00 1.43 3.53
CA VAL I 449 -12.30 2.05 3.43
C VAL I 449 -12.25 3.50 3.88
N TRP I 450 -11.43 3.79 4.90
CA TRP I 450 -11.22 5.10 5.50
C TRP I 450 -12.48 5.69 6.12
N ARG I 451 -13.45 4.86 6.48
CA ARG I 451 -14.67 5.33 7.11
C ARG I 451 -14.48 5.16 8.60
N ILE I 452 -14.48 6.26 9.33
CA ILE I 452 -14.27 6.23 10.76
C ILE I 452 -15.41 6.96 11.44
N ASN I 453 -16.07 6.29 12.36
CA ASN I 453 -17.11 6.90 13.18
C ASN I 453 -16.58 6.77 14.60
N PRO I 454 -15.72 7.71 15.02
CA PRO I 454 -15.17 7.63 16.36
C PRO I 454 -16.29 7.84 17.37
N ALA I 455 -16.52 6.81 18.18
CA ALA I 455 -17.59 6.66 19.18
C ALA I 455 -18.09 7.91 19.87
N HIS I 456 -17.19 8.84 20.15
CA HIS I 456 -17.57 10.08 20.81
C HIS I 456 -18.33 11.05 19.92
N ARG I 457 -18.69 10.70 18.69
CA ARG I 457 -19.36 11.63 17.77
C ARG I 457 -20.67 12.16 18.33
N LYS I 458 -21.60 11.28 18.68
CA LYS I 458 -22.85 11.81 19.18
C LYS I 458 -22.68 12.34 20.58
N LEU I 459 -21.61 11.94 21.27
CA LEU I 459 -21.36 12.55 22.56
C LEU I 459 -20.98 13.99 22.35
N GLN I 460 -20.19 14.25 21.32
CA GLN I 460 -19.78 15.60 20.97
C GLN I 460 -20.99 16.45 20.60
N ALA I 461 -21.84 15.91 19.73
CA ALA I 461 -23.05 16.62 19.30
C ALA I 461 -23.95 16.89 20.48
N ARG I 462 -24.08 15.90 21.35
CA ARG I 462 -24.89 16.01 22.55
C ARG I 462 -24.35 17.07 23.48
N LEU I 463 -23.03 17.12 23.62
CA LEU I 463 -22.43 18.12 24.50
C LEU I 463 -22.71 19.51 23.98
N ASP I 464 -22.61 19.71 22.67
CA ASP I 464 -22.91 21.03 22.14
C ASP I 464 -24.37 21.39 22.26
N GLN I 465 -25.27 20.42 22.16
CA GLN I 465 -26.66 20.78 22.33
C GLN I 465 -26.94 21.08 23.79
N MET I 466 -26.28 20.35 24.70
CA MET I 466 -26.47 20.63 26.11
C MET I 466 -25.78 21.93 26.47
N ARG I 467 -24.77 22.29 25.70
CA ARG I 467 -24.13 23.58 25.85
C ARG I 467 -25.16 24.63 25.62
N LYS I 468 -25.81 24.54 24.46
CA LYS I 468 -26.87 25.45 24.11
C LYS I 468 -27.98 25.46 25.13
N PHE I 469 -28.24 24.33 25.80
CA PHE I 469 -29.27 24.38 26.83
C PHE I 469 -28.83 25.23 27.99
N ARG I 470 -27.62 24.97 28.51
CA ARG I 470 -27.13 25.77 29.63
C ARG I 470 -26.95 27.22 29.23
N ARG I 471 -26.38 27.45 28.05
CA ARG I 471 -26.16 28.77 27.50
C ARG I 471 -27.46 29.56 27.37
N GLN I 472 -28.37 29.07 26.55
CA GLN I 472 -29.59 29.82 26.30
C GLN I 472 -30.54 29.87 27.48
N HIS I 473 -30.68 28.77 28.24
CA HIS I 473 -31.56 28.87 29.40
C HIS I 473 -30.99 29.84 30.39
N GLU I 474 -29.70 29.66 30.71
CA GLU I 474 -28.97 30.52 31.63
C GLU I 474 -29.12 31.96 31.24
N GLN I 475 -29.04 32.24 29.94
CA GLN I 475 -29.20 33.60 29.48
C GLN I 475 -30.56 34.16 29.80
N LEU I 476 -31.62 33.51 29.29
CA LEU I 476 -32.98 34.02 29.50
C LEU I 476 -33.34 34.16 30.98
N ARG I 477 -33.02 33.16 31.78
CA ARG I 477 -33.32 33.28 33.21
C ARG I 477 -32.46 34.35 33.85
N ALA I 478 -31.26 34.57 33.31
CA ALA I 478 -30.39 35.60 33.85
C ALA I 478 -30.89 36.96 33.44
N VAL I 479 -31.69 37.04 32.38
CA VAL I 479 -32.20 38.35 32.02
C VAL I 479 -33.41 38.64 32.90
N ILE I 480 -34.10 37.61 33.40
CA ILE I 480 -35.27 37.86 34.26
C ILE I 480 -34.84 38.26 35.68
N VAL I 481 -33.57 38.62 35.81
CA VAL I 481 -32.99 39.20 37.00
C VAL I 481 -33.06 40.73 36.86
N ARG I 482 -33.96 41.18 36.00
CA ARG I 482 -34.30 42.56 35.71
C ARG I 482 -35.83 42.69 35.71
N VAL I 483 -36.41 42.19 36.79
CA VAL I 483 -37.84 42.19 37.03
C VAL I 483 -38.06 42.56 38.51
N ALA I 517 -45.80 37.15 34.77
CA ALA I 517 -45.09 37.98 35.74
C ALA I 517 -44.38 37.11 36.75
N ASN I 518 -44.96 35.95 37.05
CA ASN I 518 -44.36 35.06 38.02
C ASN I 518 -44.14 33.70 37.40
N ALA I 519 -43.47 33.76 36.26
CA ALA I 519 -43.07 32.60 35.49
C ALA I 519 -41.59 32.36 35.61
N ILE I 520 -40.88 33.15 36.43
CA ILE I 520 -39.43 33.04 36.62
C ILE I 520 -39.06 31.64 37.06
N GLU I 521 -39.59 31.25 38.21
CA GLU I 521 -39.36 29.92 38.76
C GLU I 521 -39.86 28.86 37.81
N GLU I 522 -40.88 29.16 37.03
CA GLU I 522 -41.43 28.22 36.08
C GLU I 522 -40.47 27.99 34.91
N VAL I 523 -39.72 29.02 34.55
CA VAL I 523 -38.70 28.84 33.53
C VAL I 523 -37.64 27.94 34.13
N ASN I 524 -37.33 28.17 35.39
CA ASN I 524 -36.39 27.31 36.10
C ASN I 524 -36.96 25.92 36.29
N LEU I 525 -38.29 25.79 36.26
CA LEU I 525 -38.92 24.49 36.38
C LEU I 525 -38.74 23.71 35.10
N ALA I 526 -38.93 24.34 33.96
CA ALA I 526 -38.73 23.64 32.69
C ALA I 526 -37.27 23.32 32.52
N TYR I 527 -36.44 24.20 33.03
CA TYR I 527 -35.00 24.01 33.06
C TYR I 527 -34.65 22.81 33.87
N GLU I 528 -35.24 22.70 35.04
CA GLU I 528 -34.94 21.55 35.83
C GLU I 528 -35.74 20.35 35.40
N ASN I 529 -36.79 20.55 34.59
CA ASN I 529 -37.49 19.43 34.01
C ASN I 529 -36.51 18.71 33.16
N VAL I 530 -35.77 19.47 32.36
CA VAL I 530 -34.72 18.90 31.56
C VAL I 530 -33.55 18.45 32.42
N LYS I 531 -33.29 19.11 33.57
CA LYS I 531 -32.15 18.61 34.34
C LYS I 531 -32.46 17.27 35.01
N GLU I 532 -33.74 16.95 35.20
CA GLU I 532 -34.14 15.69 35.79
C GLU I 532 -34.36 14.64 34.70
N VAL I 533 -35.21 14.96 33.71
CA VAL I 533 -35.54 14.04 32.63
C VAL I 533 -34.47 14.00 31.56
N ASP I 534 -33.36 14.70 31.74
CA ASP I 534 -32.22 14.61 30.83
C ASP I 534 -31.41 13.36 31.15
N GLY I 535 -31.92 12.58 32.10
CA GLY I 535 -31.49 11.30 32.62
C GLY I 535 -30.02 11.12 32.81
N LEU I 536 -29.35 12.20 33.23
CA LEU I 536 -27.90 12.22 33.43
C LEU I 536 -27.21 11.81 32.14
N ASP I 537 -27.73 12.36 31.05
CA ASP I 537 -27.34 12.29 29.64
C ASP I 537 -26.79 10.98 29.07
N VAL I 538 -27.62 9.92 29.03
CA VAL I 538 -27.17 8.69 28.39
C VAL I 538 -27.13 8.98 26.89
N SER I 539 -26.46 8.13 26.14
CA SER I 539 -26.35 8.46 24.73
C SER I 539 -27.57 8.04 23.90
N LYS I 540 -27.85 6.74 23.81
CA LYS I 540 -28.94 6.18 23.00
C LYS I 540 -30.32 6.78 23.33
N GLU I 541 -30.76 6.53 24.57
CA GLU I 541 -32.03 7.08 25.00
C GLU I 541 -31.98 8.59 25.08
N GLY I 542 -30.77 9.14 25.21
CA GLY I 542 -30.63 10.56 25.21
C GLY I 542 -31.09 11.12 23.90
N THR I 543 -30.75 10.44 22.80
CA THR I 543 -31.25 10.88 21.51
C THR I 543 -32.76 10.73 21.47
N GLU I 544 -33.16 9.46 21.53
CA GLU I 544 -34.54 9.02 21.41
C GLU I 544 -35.52 9.54 22.47
N ALA I 545 -35.07 10.21 23.50
CA ALA I 545 -35.99 10.73 24.51
C ALA I 545 -35.70 12.19 24.84
N TRP I 546 -34.43 12.53 24.91
CA TRP I 546 -34.03 13.87 25.23
C TRP I 546 -34.42 14.86 24.14
N GLU I 547 -34.69 14.39 22.90
CA GLU I 547 -35.18 15.31 21.88
C GLU I 547 -36.49 15.94 22.35
N ALA I 548 -37.43 15.10 22.83
CA ALA I 548 -38.69 15.59 23.35
C ALA I 548 -38.49 16.33 24.66
N ALA I 549 -37.46 15.96 25.43
CA ALA I 549 -37.19 16.67 26.69
C ALA I 549 -36.84 18.14 26.44
N MET I 550 -35.88 18.36 25.54
CA MET I 550 -35.46 19.71 25.17
C MET I 550 -36.62 20.47 24.58
N LYS I 551 -37.34 19.80 23.69
CA LYS I 551 -38.46 20.42 23.02
C LYS I 551 -39.52 20.87 24.01
N ARG I 552 -39.79 20.04 25.02
CA ARG I 552 -40.75 20.34 26.07
C ARG I 552 -40.39 21.61 26.80
N TYR I 553 -39.11 21.72 27.16
CA TYR I 553 -38.61 22.94 27.78
C TYR I 553 -38.87 24.15 26.90
N ASP I 554 -38.63 24.00 25.59
CA ASP I 554 -38.85 25.11 24.66
C ASP I 554 -40.31 25.55 24.64
N GLU I 555 -41.22 24.58 24.74
CA GLU I 555 -42.65 24.90 24.74
C GLU I 555 -43.00 25.72 25.96
N ARG I 556 -42.37 25.40 27.08
CA ARG I 556 -42.62 26.21 28.25
C ARG I 556 -42.03 27.61 28.07
N ILE I 557 -40.92 27.74 27.35
CA ILE I 557 -40.40 29.09 27.13
C ILE I 557 -41.34 29.82 26.20
N ASP I 558 -42.00 29.11 25.29
CA ASP I 558 -42.91 29.74 24.35
C ASP I 558 -44.05 30.40 25.11
N ARG I 559 -44.64 29.67 26.07
CA ARG I 559 -45.69 30.24 26.90
C ARG I 559 -45.15 31.41 27.71
N VAL I 560 -43.93 31.25 28.24
CA VAL I 560 -43.28 32.29 29.01
C VAL I 560 -43.10 33.54 28.17
N GLU I 561 -42.73 33.36 26.90
CA GLU I 561 -42.58 34.46 25.98
C GLU I 561 -43.87 35.21 25.83
N THR I 562 -44.89 34.52 25.29
CA THR I 562 -46.22 35.07 25.05
C THR I 562 -46.75 35.85 26.22
N ARG I 563 -46.59 35.29 27.42
CA ARG I 563 -47.04 35.98 28.62
C ARG I 563 -46.21 37.22 28.88
N ILE I 564 -44.89 37.16 28.69
CA ILE I 564 -44.06 38.32 28.93
C ILE I 564 -44.29 39.40 27.89
N THR I 565 -44.39 39.01 26.62
CA THR I 565 -44.62 39.98 25.55
C THR I 565 -45.99 40.62 25.69
N ALA I 566 -47.03 39.82 25.92
CA ALA I 566 -48.37 40.39 26.09
C ALA I 566 -48.43 41.24 27.33
N ARG I 567 -47.73 40.82 28.38
CA ARG I 567 -47.66 41.56 29.63
C ARG I 567 -47.02 42.91 29.41
N LEU I 568 -45.82 42.92 28.84
CA LEU I 568 -45.11 44.16 28.62
C LEU I 568 -45.79 45.04 27.61
N ARG I 569 -46.47 44.47 26.62
CA ARG I 569 -47.19 45.33 25.70
C ARG I 569 -48.37 45.95 26.41
N ASP I 570 -48.88 45.28 27.42
CA ASP I 570 -49.95 45.90 28.17
C ASP I 570 -49.40 46.94 29.12
N GLN I 571 -48.20 46.73 29.70
CA GLN I 571 -47.69 47.79 30.57
C GLN I 571 -47.20 48.96 29.75
N LEU I 572 -46.91 48.71 28.48
CA LEU I 572 -46.50 49.75 27.58
C LEU I 572 -47.70 50.54 27.14
N GLY I 573 -48.75 49.83 26.74
CA GLY I 573 -49.96 50.51 26.32
C GLY I 573 -50.60 51.24 27.48
N THR I 574 -50.54 50.65 28.67
CA THR I 574 -51.08 51.33 29.82
C THR I 574 -50.14 52.39 30.37
N ALA I 575 -48.93 52.52 29.82
CA ALA I 575 -48.05 53.59 30.26
C ALA I 575 -48.61 54.87 29.71
N LYS I 576 -48.76 55.88 30.55
CA LYS I 576 -49.36 57.13 30.12
C LYS I 576 -48.37 58.16 29.63
N ASN I 577 -47.10 58.00 29.93
CA ASN I 577 -46.07 58.94 29.54
C ASN I 577 -45.09 58.26 28.62
N ALA I 578 -44.56 59.04 27.69
CA ALA I 578 -43.56 58.50 26.80
C ALA I 578 -42.26 58.29 27.55
N ASN I 579 -41.99 59.13 28.55
CA ASN I 579 -40.79 58.94 29.35
C ASN I 579 -40.91 57.68 30.18
N GLU I 580 -42.13 57.41 30.64
CA GLU I 580 -42.45 56.20 31.38
C GLU I 580 -42.22 55.01 30.48
N MET I 581 -42.61 55.17 29.22
CA MET I 581 -42.42 54.19 28.19
C MET I 581 -40.93 53.96 27.95
N PHE I 582 -40.14 55.02 28.04
CA PHE I 582 -38.70 54.85 27.93
C PHE I 582 -38.17 54.11 29.12
N ARG I 583 -38.82 54.29 30.27
CA ARG I 583 -38.35 53.60 31.44
C ARG I 583 -38.62 52.11 31.30
N ILE I 584 -39.72 51.74 30.63
CA ILE I 584 -39.95 50.31 30.43
C ILE I 584 -38.95 49.80 29.40
N PHE I 585 -38.54 50.63 28.44
CA PHE I 585 -37.54 50.11 27.50
C PHE I 585 -36.20 50.00 28.17
N SER I 586 -35.89 50.90 29.08
CA SER I 586 -34.67 50.81 29.83
C SER I 586 -34.82 49.83 30.98
N ARG I 587 -35.99 49.21 31.09
CA ARG I 587 -36.27 48.19 32.05
C ARG I 587 -36.08 46.83 31.41
N PHE I 588 -36.21 46.73 30.10
CA PHE I 588 -36.00 45.45 29.43
C PHE I 588 -35.12 45.71 28.25
N ASN I 589 -33.84 45.89 28.50
CA ASN I 589 -32.93 46.12 27.40
C ASN I 589 -32.60 44.80 26.75
N ALA I 590 -32.06 43.89 27.55
CA ALA I 590 -31.70 42.57 27.07
C ALA I 590 -32.91 41.73 26.71
N LEU I 591 -34.11 42.15 27.08
CA LEU I 591 -35.26 41.40 26.63
C LEU I 591 -35.69 41.85 25.26
N PHE I 592 -35.17 42.96 24.78
CA PHE I 592 -35.49 43.40 23.42
C PHE I 592 -34.35 42.98 22.53
N VAL I 593 -34.06 41.68 22.66
CA VAL I 593 -32.99 40.98 21.96
C VAL I 593 -33.61 39.77 21.30
N ARG I 594 -34.36 39.01 22.09
CA ARG I 594 -35.08 37.82 21.69
C ARG I 594 -36.03 38.22 20.59
N PRO I 595 -35.75 37.81 19.35
CA PRO I 595 -36.57 38.19 18.18
C PRO I 595 -38.05 37.95 18.36
N HIS I 596 -38.35 36.89 19.10
CA HIS I 596 -39.71 36.53 19.46
C HIS I 596 -40.38 37.68 20.16
N ILE I 597 -39.68 38.26 21.13
CA ILE I 597 -40.21 39.40 21.85
C ILE I 597 -40.16 40.63 20.97
N ARG I 598 -38.98 40.86 20.41
CA ARG I 598 -38.62 42.02 19.61
C ARG I 598 -39.51 42.32 18.41
N GLY I 599 -40.31 41.38 17.94
CA GLY I 599 -41.12 41.67 16.77
C GLY I 599 -42.25 42.67 16.99
N ALA I 600 -43.08 42.45 18.00
CA ALA I 600 -44.25 43.32 18.16
C ALA I 600 -44.10 44.64 18.90
N ILE I 601 -43.14 45.50 18.55
CA ILE I 601 -43.04 46.76 19.28
C ILE I 601 -42.83 47.94 18.33
N ARG I 602 -42.71 47.69 17.01
CA ARG I 602 -42.40 48.73 16.02
C ARG I 602 -43.26 50.00 16.12
N GLU I 603 -44.55 49.83 16.41
CA GLU I 603 -45.42 51.00 16.54
C GLU I 603 -44.96 51.91 17.67
N TYR I 604 -44.74 51.33 18.86
CA TYR I 604 -44.27 52.08 20.02
C TYR I 604 -42.91 52.66 19.75
N GLN I 605 -42.08 51.90 19.03
CA GLN I 605 -40.76 52.35 18.67
C GLN I 605 -40.84 53.64 17.89
N THR I 606 -41.66 53.66 16.86
CA THR I 606 -41.83 54.84 16.03
C THR I 606 -42.38 56.02 16.81
N GLN I 607 -43.22 55.76 17.81
CA GLN I 607 -43.73 56.85 18.64
C GLN I 607 -42.57 57.49 19.39
N LEU I 608 -41.70 56.64 19.91
CA LEU I 608 -40.52 57.12 20.61
C LEU I 608 -39.54 57.78 19.66
N ILE I 609 -39.48 57.32 18.42
CA ILE I 609 -38.56 57.91 17.46
C ILE I 609 -39.00 59.31 17.11
N GLN I 610 -40.31 59.52 16.97
CA GLN I 610 -40.73 60.88 16.68
C GLN I 610 -40.50 61.77 17.87
N ARG I 611 -40.53 61.20 19.09
CA ARG I 611 -40.18 62.00 20.26
C ARG I 611 -38.72 62.42 20.20
N VAL I 612 -37.83 61.44 19.99
CA VAL I 612 -36.38 61.66 19.87
C VAL I 612 -36.09 62.64 18.76
N LYS I 613 -36.78 62.44 17.64
CA LYS I 613 -36.69 63.27 16.45
C LYS I 613 -36.92 64.72 16.79
N ASP I 614 -38.09 65.00 17.35
CA ASP I 614 -38.45 66.37 17.73
C ASP I 614 -37.47 66.99 18.70
N ASP I 615 -36.98 66.21 19.66
CA ASP I 615 -36.07 66.83 20.62
C ASP I 615 -34.70 67.11 20.01
N ILE I 616 -34.21 66.24 19.13
CA ILE I 616 -32.92 66.55 18.51
C ILE I 616 -33.11 67.72 17.55
N GLU I 617 -34.30 67.84 16.99
CA GLU I 617 -34.58 68.97 16.11
C GLU I 617 -34.59 70.24 16.92
N SER I 618 -35.10 70.17 18.15
CA SER I 618 -35.08 71.33 19.02
C SER I 618 -33.64 71.68 19.35
N LEU I 619 -32.77 70.67 19.42
CA LEU I 619 -31.37 70.95 19.68
C LEU I 619 -30.72 71.64 18.50
N HIS I 620 -31.14 71.28 17.29
CA HIS I 620 -30.62 71.95 16.11
C HIS I 620 -31.03 73.41 16.14
N ASP I 621 -32.26 73.66 16.59
CA ASP I 621 -32.80 75.01 16.66
C ASP I 621 -32.06 75.84 17.68
N LYS I 622 -32.09 75.39 18.92
CA LYS I 622 -31.50 76.14 20.01
C LYS I 622 -29.99 76.26 19.84
N PHE I 623 -29.32 75.24 19.31
CA PHE I 623 -27.91 75.39 19.09
C PHE I 623 -27.64 76.23 17.85
N LYS I 624 -28.62 76.31 16.96
CA LYS I 624 -28.43 77.16 15.78
C LYS I 624 -28.46 78.60 16.20
N VAL I 625 -29.10 78.90 17.33
CA VAL I 625 -29.01 80.24 17.91
C VAL I 625 -27.66 80.17 18.60
N GLN I 626 -26.89 81.23 18.58
CA GLN I 626 -25.56 81.07 19.15
C GLN I 626 -25.43 81.49 20.58
N TYR I 627 -24.36 81.00 21.18
CA TYR I 627 -24.01 81.33 22.56
C TYR I 627 -23.93 82.83 22.82
N PRO I 628 -23.29 83.68 21.97
CA PRO I 628 -23.29 85.11 22.28
C PRO I 628 -24.67 85.71 22.39
N GLN I 629 -25.57 85.25 21.55
CA GLN I 629 -26.92 85.75 21.59
C GLN I 629 -27.78 84.88 22.46
N GLU J 201 7.44 14.42 52.17
CA GLU J 201 7.48 15.56 51.25
C GLU J 201 8.56 15.44 50.14
N ILE J 202 9.44 14.45 50.24
CA ILE J 202 10.46 14.31 49.20
C ILE J 202 10.55 12.87 48.72
N PRO J 203 10.42 12.65 47.42
CA PRO J 203 10.53 11.28 46.90
C PRO J 203 11.96 10.77 46.99
N GLU J 204 12.09 9.61 47.61
CA GLU J 204 13.37 8.92 47.78
C GLU J 204 13.19 7.63 47.00
N ILE J 205 13.71 7.59 45.79
CA ILE J 205 13.55 6.44 44.90
C ILE J 205 14.87 5.69 44.78
N SER J 206 14.81 4.38 45.03
CA SER J 206 15.97 3.50 44.96
C SER J 206 16.38 3.27 43.51
N LEU J 207 17.62 2.83 43.35
CA LEU J 207 18.18 2.58 42.04
C LEU J 207 18.14 1.09 41.73
N PRO J 208 17.31 0.64 40.81
CA PRO J 208 17.25 -0.79 40.50
C PRO J 208 18.38 -1.24 39.58
N ILE J 209 18.88 -2.44 39.88
CA ILE J 209 19.96 -3.06 39.13
C ILE J 209 19.37 -4.27 38.41
N HIS J 210 20.08 -4.74 37.37
CA HIS J 210 19.63 -5.89 36.61
C HIS J 210 19.60 -7.12 37.51
N PRO J 211 18.60 -7.97 37.38
CA PRO J 211 18.49 -9.14 38.27
C PRO J 211 19.61 -10.17 38.16
N MET J 212 20.19 -10.36 36.97
CA MET J 212 21.26 -11.35 36.84
C MET J 212 22.49 -10.92 37.61
N ILE J 213 22.74 -9.62 37.67
CA ILE J 213 23.87 -9.12 38.43
C ILE J 213 23.63 -9.36 39.91
N THR J 214 22.36 -9.28 40.32
CA THR J 214 22.04 -9.56 41.70
C THR J 214 22.21 -11.04 42.01
N ASN J 215 21.96 -11.90 41.02
CA ASN J 215 22.17 -13.33 41.24
C ASN J 215 23.66 -13.62 41.34
N VAL J 216 24.47 -12.90 40.56
CA VAL J 216 25.92 -13.09 40.62
C VAL J 216 26.47 -12.65 41.96
N ALA J 217 26.05 -11.47 42.41
CA ALA J 217 26.48 -10.99 43.72
C ALA J 217 25.91 -11.87 44.82
N LYS J 218 24.78 -12.50 44.57
CA LYS J 218 24.20 -13.43 45.54
C LYS J 218 25.07 -14.67 45.64
N GLN J 219 25.57 -15.14 44.49
CA GLN J 219 26.46 -16.30 44.46
C GLN J 219 27.76 -15.98 45.18
N CYS J 220 28.22 -14.75 45.06
CA CYS J 220 29.43 -14.38 45.78
C CYS J 220 29.13 -14.13 47.25
N TYR J 221 27.87 -13.80 47.55
CA TYR J 221 27.45 -13.58 48.93
C TYR J 221 27.34 -14.89 49.69
N GLU J 222 27.06 -15.98 48.97
CA GLU J 222 26.99 -17.29 49.59
C GLU J 222 28.35 -17.76 50.07
N ARG J 223 29.41 -17.20 49.49
CA ARG J 223 30.80 -17.52 49.80
C ARG J 223 31.48 -16.48 50.68
N GLY J 224 31.17 -15.22 50.46
CA GLY J 224 31.77 -14.13 51.21
C GLY J 224 32.77 -13.38 50.37
N GLU J 225 32.88 -13.73 49.10
CA GLU J 225 33.82 -13.11 48.19
C GLU J 225 33.23 -11.81 47.65
N LYS J 226 34.12 -10.86 47.39
CA LYS J 226 33.69 -9.59 46.81
C LYS J 226 33.37 -9.86 45.34
N PRO J 227 32.18 -9.51 44.89
CA PRO J 227 31.84 -9.77 43.48
C PRO J 227 32.67 -8.91 42.56
N LYS J 228 33.60 -9.55 41.87
CA LYS J 228 34.51 -8.88 40.97
C LYS J 228 33.80 -8.42 39.71
N VAL J 229 34.50 -7.57 38.97
CA VAL J 229 34.00 -7.01 37.73
C VAL J 229 34.05 -8.03 36.62
N THR J 230 35.14 -8.78 36.55
CA THR J 230 35.34 -9.79 35.52
C THR J 230 34.66 -11.13 35.85
N ASP J 231 33.70 -11.12 36.78
CA ASP J 231 32.97 -12.32 37.12
C ASP J 231 32.13 -12.76 35.94
N PHE J 232 31.66 -11.81 35.14
CA PHE J 232 30.87 -12.10 33.96
C PHE J 232 31.73 -12.66 32.83
N GLY J 233 33.02 -12.35 32.85
CA GLY J 233 33.96 -12.81 31.85
C GLY J 233 33.66 -12.32 30.45
N ASP J 234 33.22 -13.24 29.61
CA ASP J 234 32.87 -12.90 28.23
C ASP J 234 31.66 -12.00 28.17
N LYS J 235 30.77 -12.11 29.16
CA LYS J 235 29.55 -11.32 29.22
C LYS J 235 29.83 -9.83 29.38
N VAL J 236 31.03 -9.45 29.82
CA VAL J 236 31.38 -8.04 30.00
C VAL J 236 31.43 -7.31 28.67
N GLU J 237 32.21 -7.82 27.72
CA GLU J 237 32.38 -7.15 26.44
C GLU J 237 31.42 -7.67 25.36
N ASP J 238 30.12 -7.57 25.67
CA ASP J 238 29.03 -7.99 24.80
C ASP J 238 28.10 -6.81 24.53
N PRO J 239 27.41 -6.79 23.41
CA PRO J 239 26.54 -5.64 23.13
C PRO J 239 25.26 -5.49 23.93
N THR J 240 24.45 -6.55 24.02
CA THR J 240 23.18 -6.44 24.74
C THR J 240 23.38 -6.25 26.22
N PHE J 241 24.45 -6.83 26.77
CA PHE J 241 24.72 -6.70 28.19
C PHE J 241 24.97 -5.25 28.57
N LEU J 242 25.94 -4.62 27.90
CA LEU J 242 26.26 -3.22 28.14
C LEU J 242 25.09 -2.34 27.77
N ASN J 243 24.29 -2.76 26.80
CA ASN J 243 23.10 -2.02 26.41
C ASN J 243 22.12 -1.91 27.58
N GLN J 244 21.85 -3.05 28.22
CA GLN J 244 20.95 -3.05 29.36
C GLN J 244 21.55 -2.30 30.55
N LEU J 245 22.87 -2.37 30.70
CA LEU J 245 23.53 -1.65 31.79
C LEU J 245 23.34 -0.15 31.63
N GLN J 246 23.55 0.36 30.41
CA GLN J 246 23.36 1.78 30.20
C GLN J 246 21.90 2.17 30.33
N SER J 247 20.98 1.25 30.05
CA SER J 247 19.57 1.56 30.21
C SER J 247 19.26 1.79 31.68
N GLY J 248 19.78 0.92 32.54
CA GLY J 248 19.56 1.08 33.96
C GLY J 248 20.21 2.33 34.51
N VAL J 249 21.44 2.61 34.09
CA VAL J 249 22.13 3.80 34.59
C VAL J 249 21.44 5.06 34.09
N ASN J 250 20.89 5.01 32.89
CA ASN J 250 20.21 6.17 32.35
C ASN J 250 18.94 6.46 33.14
N ARG J 251 18.21 5.40 33.51
CA ARG J 251 17.03 5.61 34.33
C ARG J 251 17.43 6.11 35.72
N TRP J 252 18.61 5.70 36.20
CA TRP J 252 19.09 6.18 37.49
C TRP J 252 19.34 7.68 37.45
N ILE J 253 19.91 8.15 36.33
CA ILE J 253 20.17 9.57 36.17
C ILE J 253 18.87 10.34 36.17
N ARG J 254 17.85 9.77 35.54
CA ARG J 254 16.56 10.46 35.56
C ARG J 254 15.95 10.44 36.96
N GLU J 255 16.18 9.38 37.73
CA GLU J 255 15.65 9.32 39.10
C GLU J 255 16.32 10.36 39.99
N ILE J 256 17.62 10.56 39.81
CA ILE J 256 18.32 11.56 40.60
C ILE J 256 17.84 12.96 40.23
N GLN J 257 17.80 13.24 38.92
CA GLN J 257 17.37 14.54 38.44
C GLN J 257 15.91 14.81 38.75
N LYS J 258 15.13 13.77 39.04
CA LYS J 258 13.73 13.95 39.39
C LYS J 258 13.56 14.78 40.66
N VAL J 259 14.48 14.64 41.61
CA VAL J 259 14.37 15.37 42.86
C VAL J 259 15.47 16.40 43.08
N THR J 260 16.58 16.36 42.34
CA THR J 260 17.61 17.35 42.61
C THR J 260 17.22 18.73 42.13
N LYS J 261 16.67 18.83 40.95
CA LYS J 261 16.27 20.13 40.42
C LYS J 261 14.93 20.63 40.94
N LEU J 262 14.27 19.86 41.81
CA LEU J 262 12.95 20.23 42.31
C LEU J 262 12.95 21.53 43.09
N ASP J 263 11.93 22.34 42.85
CA ASP J 263 11.80 23.65 43.48
C ASP J 263 10.34 24.07 43.48
N ARG J 264 9.96 24.79 44.53
CA ARG J 264 8.61 25.31 44.71
C ARG J 264 8.70 26.80 45.07
N ASP J 265 7.55 27.44 45.11
CA ASP J 265 7.46 28.86 45.43
C ASP J 265 7.96 29.07 46.85
N PRO J 266 8.95 29.95 47.06
CA PRO J 266 9.48 30.17 48.42
C PRO J 266 8.46 30.67 49.44
N ALA J 267 7.38 31.32 49.02
CA ALA J 267 6.37 31.79 49.96
C ALA J 267 5.17 30.85 50.03
N SER J 268 5.21 29.74 49.30
CA SER J 268 4.11 28.78 49.32
C SER J 268 4.12 28.05 50.64
N GLY J 269 3.02 28.14 51.36
CA GLY J 269 2.93 27.52 52.67
C GLY J 269 3.46 28.47 53.71
N THR J 270 3.43 28.02 54.95
CA THR J 270 3.92 28.87 56.03
C THR J 270 5.44 28.89 56.06
N ALA J 271 5.97 29.66 57.02
CA ALA J 271 7.41 29.82 57.16
C ALA J 271 8.10 28.51 57.51
N LEU J 272 7.54 27.80 58.49
CA LEU J 272 8.11 26.54 58.93
C LEU J 272 8.08 25.50 57.82
N GLN J 273 7.09 25.58 56.93
CA GLN J 273 7.02 24.61 55.84
C GLN J 273 8.17 24.81 54.86
N GLU J 274 8.45 26.04 54.47
CA GLU J 274 9.54 26.30 53.53
C GLU J 274 10.90 26.00 54.15
N ILE J 275 11.09 26.40 55.42
CA ILE J 275 12.34 26.16 56.11
C ILE J 275 12.57 24.66 56.28
N SER J 276 11.53 23.95 56.66
CA SER J 276 11.61 22.51 56.80
C SER J 276 11.81 21.84 55.45
N PHE J 277 11.30 22.47 54.39
CA PHE J 277 11.48 21.94 53.04
C PHE J 277 12.92 21.96 52.62
N TRP J 278 13.62 23.06 52.93
CA TRP J 278 15.06 23.10 52.62
C TRP J 278 15.80 22.06 53.43
N LEU J 279 15.38 21.86 54.70
CA LEU J 279 16.02 20.83 55.53
C LEU J 279 15.81 19.43 54.96
N ASN J 280 14.60 19.17 54.48
CA ASN J 280 14.26 17.89 53.89
C ASN J 280 15.11 17.65 52.66
N LEU J 281 15.32 18.69 51.87
CA LEU J 281 16.14 18.55 50.68
C LEU J 281 17.58 18.22 51.04
N GLU J 282 18.07 18.79 52.14
CA GLU J 282 19.45 18.52 52.57
C GLU J 282 19.65 17.05 52.90
N ARG J 283 18.85 16.54 53.82
CA ARG J 283 19.00 15.13 54.20
C ARG J 283 18.62 14.17 53.07
N ALA J 284 17.69 14.57 52.21
CA ALA J 284 17.30 13.71 51.08
C ALA J 284 18.41 13.61 50.05
N LEU J 285 19.10 14.72 49.78
CA LEU J 285 20.19 14.65 48.83
C LEU J 285 21.34 13.84 49.41
N TYR J 286 21.47 13.86 50.75
CA TYR J 286 22.49 12.98 51.33
C TYR J 286 22.09 11.52 51.14
N ARG J 287 20.78 11.22 51.19
CA ARG J 287 20.35 9.84 50.97
C ARG J 287 20.57 9.43 49.52
N ILE J 288 20.50 10.39 48.60
CA ILE J 288 20.79 10.08 47.21
C ILE J 288 22.27 9.78 47.07
N GLN J 289 23.09 10.49 47.85
CA GLN J 289 24.53 10.18 47.83
C GLN J 289 24.76 8.81 48.41
N GLU J 290 23.94 8.42 49.38
CA GLU J 290 24.05 7.09 49.97
C GLU J 290 23.77 6.01 48.94
N LYS J 291 22.72 6.20 48.16
CA LYS J 291 22.40 5.24 47.13
C LYS J 291 23.45 5.25 46.03
N ARG J 292 24.13 6.38 45.84
CA ARG J 292 25.17 6.47 44.83
C ARG J 292 26.42 5.71 45.25
N GLU J 293 26.78 5.79 46.52
CA GLU J 293 28.00 5.18 47.01
C GLU J 293 27.90 3.72 47.35
N SER J 294 26.84 3.02 46.96
CA SER J 294 26.82 1.60 47.32
C SER J 294 27.74 0.81 46.40
N PRO J 295 28.34 -0.30 46.88
CA PRO J 295 29.24 -1.07 46.02
C PRO J 295 28.56 -1.77 44.87
N GLU J 296 27.25 -1.95 44.92
CA GLU J 296 26.56 -2.60 43.82
C GLU J 296 26.44 -1.66 42.64
N VAL J 297 26.10 -0.41 42.94
CA VAL J 297 26.01 0.61 41.90
C VAL J 297 27.40 0.87 41.35
N LEU J 298 28.41 0.86 42.23
CA LEU J 298 29.77 1.02 41.77
C LEU J 298 30.20 -0.16 40.94
N LEU J 299 29.64 -1.34 41.20
CA LEU J 299 29.96 -2.52 40.41
C LEU J 299 29.43 -2.35 39.00
N THR J 300 28.24 -1.78 38.87
CA THR J 300 27.70 -1.53 37.53
C THR J 300 28.55 -0.50 36.81
N LEU J 301 29.00 0.51 37.55
CA LEU J 301 29.87 1.52 36.96
C LEU J 301 31.20 0.90 36.53
N ASP J 302 31.69 -0.07 37.29
CA ASP J 302 32.92 -0.73 36.93
C ASP J 302 32.70 -1.57 35.69
N ILE J 303 31.49 -2.09 35.50
CA ILE J 303 31.19 -2.86 34.30
C ILE J 303 31.29 -1.95 33.10
N LEU J 304 30.66 -0.79 33.20
CA LEU J 304 30.71 0.14 32.06
C LEU J 304 32.09 0.73 31.85
N LYS J 305 32.91 0.84 32.91
CA LYS J 305 34.25 1.37 32.71
C LYS J 305 35.16 0.33 32.12
N HIS J 306 35.06 -0.91 32.61
CA HIS J 306 35.87 -2.01 32.13
C HIS J 306 35.49 -2.38 30.71
N GLY J 307 34.27 -2.05 30.30
CA GLY J 307 33.80 -2.34 28.96
C GLY J 307 34.04 -1.18 28.01
N LYS J 308 34.94 -0.27 28.41
CA LYS J 308 35.33 0.91 27.63
C LYS J 308 34.17 1.84 27.29
N ARG J 309 33.10 1.86 28.08
CA ARG J 309 31.97 2.74 27.78
C ARG J 309 31.95 3.83 28.83
N PHE J 310 32.63 4.93 28.53
CA PHE J 310 32.82 6.09 29.40
C PHE J 310 31.60 6.99 29.53
N HIS J 311 30.61 6.83 28.65
CA HIS J 311 29.43 7.71 28.63
C HIS J 311 28.64 7.70 29.92
N ALA J 312 28.10 6.54 30.29
CA ALA J 312 27.30 6.46 31.50
C ALA J 312 28.13 6.72 32.75
N THR J 313 29.42 6.39 32.70
CA THR J 313 30.27 6.60 33.86
C THR J 313 30.52 8.08 34.13
N VAL J 314 30.88 8.84 33.11
CA VAL J 314 31.11 10.25 33.33
C VAL J 314 29.79 10.98 33.55
N SER J 315 28.73 10.54 32.87
CA SER J 315 27.45 11.18 33.05
C SER J 315 26.82 10.86 34.39
N PHE J 316 27.26 9.79 35.05
CA PHE J 316 26.73 9.42 36.37
C PHE J 316 27.04 10.46 37.42
N ASP J 317 28.05 11.28 37.18
CA ASP J 317 28.44 12.32 38.10
C ASP J 317 28.28 13.71 37.49
N THR J 318 28.36 13.83 36.18
CA THR J 318 28.21 15.14 35.57
C THR J 318 26.78 15.42 35.13
N ASP J 319 26.15 14.45 34.46
CA ASP J 319 24.77 14.64 34.00
C ASP J 319 23.83 14.69 35.18
N THR J 320 24.19 14.04 36.28
CA THR J 320 23.39 14.12 37.48
C THR J 320 23.79 15.41 38.16
N GLY J 321 22.82 16.23 38.53
CA GLY J 321 23.13 17.49 39.19
C GLY J 321 23.28 17.33 40.69
N LEU J 322 23.52 16.08 41.11
CA LEU J 322 23.66 15.75 42.51
C LEU J 322 24.87 16.42 43.14
N LYS J 323 25.96 16.55 42.40
CA LYS J 323 27.16 17.15 42.97
C LYS J 323 26.95 18.61 43.32
N GLN J 324 26.41 19.37 42.37
CA GLN J 324 26.18 20.78 42.63
C GLN J 324 25.04 20.96 43.61
N ALA J 325 24.09 20.03 43.60
CA ALA J 325 22.99 20.13 44.54
C ALA J 325 23.50 19.89 45.96
N LEU J 326 24.40 18.93 46.12
CA LEU J 326 24.97 18.65 47.42
C LEU J 326 25.88 19.78 47.88
N GLU J 327 26.58 20.43 46.96
CA GLU J 327 27.46 21.51 47.44
C GLU J 327 26.63 22.73 47.87
N THR J 328 25.51 23.00 47.19
CA THR J 328 24.67 24.12 47.62
C THR J 328 23.97 23.76 48.92
N VAL J 329 23.60 22.48 49.04
CA VAL J 329 23.00 21.95 50.25
C VAL J 329 23.95 22.11 51.41
N ASN J 330 25.23 21.81 51.19
CA ASN J 330 26.21 21.94 52.24
C ASN J 330 26.47 23.40 52.55
N ASP J 331 26.26 24.28 51.56
CA ASP J 331 26.44 25.71 51.82
C ASP J 331 25.31 26.20 52.72
N TYR J 332 24.12 25.65 52.57
CA TYR J 332 22.99 26.04 53.40
C TYR J 332 22.76 25.09 54.57
N ASN J 333 23.61 24.10 54.74
CA ASN J 333 23.43 23.09 55.77
C ASN J 333 23.57 23.61 57.21
N PRO J 334 24.56 24.47 57.57
CA PRO J 334 24.57 24.93 58.95
C PRO J 334 23.49 25.97 59.18
N LEU J 335 23.14 26.67 58.10
CA LEU J 335 22.10 27.70 58.16
C LEU J 335 20.74 27.11 58.44
N MET J 336 20.52 25.86 58.08
CA MET J 336 19.23 25.25 58.30
C MET J 336 19.16 24.45 59.59
N LYS J 337 20.31 24.08 60.15
CA LYS J 337 20.29 23.34 61.39
C LYS J 337 20.29 24.34 62.55
N ASP J 338 19.53 24.01 63.59
CA ASP J 338 19.34 24.79 64.81
C ASP J 338 18.77 26.17 64.47
N PHE J 339 17.54 26.14 63.98
CA PHE J 339 16.87 27.39 63.65
C PHE J 339 15.96 27.74 64.80
N PRO J 340 16.06 28.94 65.38
CA PRO J 340 15.25 29.32 66.56
C PRO J 340 13.80 29.73 66.29
N LEU J 341 13.10 28.96 65.47
CA LEU J 341 11.71 29.29 65.21
C LEU J 341 10.82 28.89 66.39
N ASN J 342 11.28 27.95 67.22
CA ASN J 342 10.51 27.55 68.39
C ASN J 342 10.47 28.68 69.41
N ASP J 343 11.44 29.60 69.35
CA ASP J 343 11.46 30.77 70.21
C ASP J 343 10.28 31.65 69.87
N LEU J 344 9.87 31.61 68.61
CA LEU J 344 8.70 32.32 68.10
C LEU J 344 7.42 31.51 68.27
N LEU J 345 7.53 30.20 68.43
CA LEU J 345 6.34 29.38 68.56
C LEU J 345 5.59 29.61 69.86
N SER J 346 6.22 29.35 71.00
CA SER J 346 5.55 29.49 72.29
C SER J 346 5.74 30.86 72.90
N ALA J 347 5.84 31.89 72.09
CA ALA J 347 6.01 33.24 72.61
C ALA J 347 4.68 33.99 72.53
N THR J 348 4.03 34.14 73.68
CA THR J 348 2.78 34.88 73.79
C THR J 348 3.01 36.27 74.35
N GLU J 349 4.04 36.43 75.18
CA GLU J 349 4.37 37.73 75.72
C GLU J 349 5.16 38.48 74.68
N LEU J 350 4.85 39.77 74.53
CA LEU J 350 5.52 40.61 73.56
C LEU J 350 7.00 40.77 73.87
N ASP J 351 7.41 40.68 75.13
CA ASP J 351 8.83 40.78 75.45
C ASP J 351 9.58 39.54 74.96
N LYS J 352 8.92 38.38 75.06
CA LYS J 352 9.50 37.14 74.56
C LYS J 352 9.64 37.23 73.06
N ILE J 353 8.70 37.92 72.41
CA ILE J 353 8.72 38.13 70.98
C ILE J 353 9.81 39.11 70.59
N ARG J 354 10.07 40.13 71.44
CA ARG J 354 11.13 41.10 71.19
C ARG J 354 12.48 40.42 71.14
N GLN J 355 12.80 39.72 72.22
CA GLN J 355 14.06 39.01 72.32
C GLN J 355 14.14 37.87 71.31
N ALA J 356 12.99 37.26 70.98
CA ALA J 356 12.95 36.18 70.00
C ALA J 356 13.27 36.69 68.61
N LEU J 357 12.68 37.83 68.25
CA LEU J 357 12.90 38.42 66.95
C LEU J 357 14.36 38.81 66.76
N VAL J 358 14.94 39.40 67.80
CA VAL J 358 16.35 39.77 67.71
C VAL J 358 17.24 38.52 67.64
N ALA J 359 16.89 37.48 68.39
CA ALA J 359 17.66 36.25 68.38
C ALA J 359 17.64 35.57 67.02
N ILE J 360 16.45 35.45 66.42
CA ILE J 360 16.32 34.78 65.13
C ILE J 360 17.09 35.54 64.06
N PHE J 361 17.04 36.86 64.11
CA PHE J 361 17.74 37.61 63.06
C PHE J 361 19.25 37.56 63.26
N THR J 362 19.70 37.53 64.51
CA THR J 362 21.13 37.43 64.74
C THR J 362 21.63 36.04 64.35
N HIS J 363 20.78 35.02 64.42
CA HIS J 363 21.21 33.71 63.94
C HIS J 363 21.20 33.70 62.43
N LEU J 364 20.25 34.43 61.82
CA LEU J 364 20.18 34.53 60.38
C LEU J 364 21.31 35.37 59.79
N ARG J 365 22.04 36.11 60.61
CA ARG J 365 23.15 36.94 60.16
C ARG J 365 24.25 36.17 59.41
N LYS J 366 24.28 34.83 59.46
CA LYS J 366 25.28 34.05 58.74
C LYS J 366 24.98 33.87 57.27
N ILE J 367 24.10 34.69 56.67
CA ILE J 367 23.82 34.58 55.26
C ILE J 367 24.76 35.45 54.46
N ARG J 368 25.71 36.12 55.12
CA ARG J 368 26.67 36.94 54.40
C ARG J 368 27.72 36.06 53.76
N ASN J 369 27.97 34.91 54.36
CA ASN J 369 28.95 33.96 53.89
C ASN J 369 28.36 32.81 53.08
N THR J 370 27.03 32.73 52.96
CA THR J 370 26.43 31.61 52.24
C THR J 370 25.64 32.01 51.00
N LYS J 371 25.82 33.24 50.49
CA LYS J 371 25.18 33.74 49.26
C LYS J 371 23.66 33.66 49.34
N TYR J 372 23.09 34.55 50.14
CA TYR J 372 21.64 34.34 50.12
C TYR J 372 21.00 35.18 49.02
N PRO J 373 20.00 34.65 48.33
CA PRO J 373 19.35 35.40 47.26
C PRO J 373 18.53 36.56 47.79
N ILE J 374 18.21 37.49 46.90
CA ILE J 374 17.48 38.69 47.26
C ILE J 374 16.01 38.39 47.50
N GLN J 375 15.30 38.01 46.43
CA GLN J 375 13.87 37.74 46.48
C GLN J 375 13.55 36.62 47.45
N ARG J 376 14.48 35.66 47.60
CA ARG J 376 14.27 34.58 48.54
C ARG J 376 14.27 35.11 49.95
N ALA J 377 15.18 36.03 50.24
CA ALA J 377 15.23 36.64 51.56
C ALA J 377 14.02 37.50 51.82
N LEU J 378 13.49 38.16 50.78
CA LEU J 378 12.32 39.00 50.99
C LEU J 378 11.07 38.17 51.24
N ARG J 379 10.94 37.05 50.53
CA ARG J 379 9.80 36.19 50.80
C ARG J 379 9.98 35.52 52.15
N LEU J 380 11.23 35.31 52.55
CA LEU J 380 11.54 34.77 53.86
C LEU J 380 11.08 35.73 54.95
N VAL J 381 11.37 37.01 54.76
CA VAL J 381 10.98 38.04 55.70
C VAL J 381 9.47 38.11 55.80
N GLU J 382 8.78 38.01 54.66
CA GLU J 382 7.32 38.04 54.71
C GLU J 382 6.77 36.79 55.37
N ALA J 383 7.49 35.67 55.28
CA ALA J 383 7.03 34.47 55.96
C ALA J 383 7.19 34.64 57.46
N ILE J 384 8.28 35.30 57.86
CA ILE J 384 8.51 35.58 59.27
C ILE J 384 7.41 36.46 59.79
N SER J 385 7.01 37.45 58.99
CA SER J 385 5.93 38.34 59.39
C SER J 385 4.60 37.59 59.39
N ARG J 386 4.46 36.54 58.56
CA ARG J 386 3.24 35.74 58.56
C ARG J 386 3.06 35.06 59.91
N ASP J 387 4.11 34.40 60.37
CA ASP J 387 3.99 33.74 61.67
C ASP J 387 3.88 34.75 62.80
N LEU J 388 4.50 35.93 62.64
CA LEU J 388 4.35 36.99 63.63
C LEU J 388 2.91 37.41 63.75
N SER J 389 2.25 37.55 62.60
CA SER J 389 0.86 37.93 62.57
C SER J 389 -0.01 36.85 63.16
N SER J 390 0.28 35.58 62.88
CA SER J 390 -0.52 34.49 63.43
C SER J 390 -0.44 34.45 64.95
N GLN J 391 0.78 34.58 65.48
CA GLN J 391 0.99 34.61 66.91
C GLN J 391 0.24 35.78 67.54
N LEU J 392 0.34 36.97 66.92
CA LEU J 392 -0.37 38.15 67.42
C LEU J 392 -1.87 38.01 67.33
N LEU J 393 -2.38 37.27 66.34
CA LEU J 393 -3.81 37.04 66.22
C LEU J 393 -4.32 36.26 67.42
N LYS J 394 -3.63 35.16 67.76
CA LYS J 394 -4.10 34.42 68.92
C LYS J 394 -3.79 35.19 70.21
N VAL J 395 -2.74 36.03 70.21
CA VAL J 395 -2.42 36.85 71.38
C VAL J 395 -3.56 37.82 71.66
N LEU J 396 -4.10 38.45 70.61
CA LEU J 396 -5.25 39.33 70.79
C LEU J 396 -6.48 38.52 71.16
N GLY J 397 -6.52 37.24 70.76
CA GLY J 397 -7.65 36.40 71.14
C GLY J 397 -7.65 36.10 72.63
N THR J 398 -6.51 35.67 73.17
CA THR J 398 -6.37 35.35 74.59
C THR J 398 -6.12 36.56 75.48
N ARG J 399 -6.30 37.78 74.96
CA ARG J 399 -6.06 38.99 75.72
C ARG J 399 -7.31 39.59 76.34
N LYS J 400 -8.47 39.35 75.72
CA LYS J 400 -9.80 39.89 76.12
C LYS J 400 -9.74 41.41 76.22
N LEU J 401 -8.92 41.97 75.32
CA LEU J 401 -8.59 43.39 75.18
C LEU J 401 -9.77 44.34 75.09
N MET J 402 -10.96 43.88 74.73
CA MET J 402 -12.12 44.75 74.62
C MET J 402 -12.83 44.99 75.96
N HIS J 403 -12.22 44.60 77.08
CA HIS J 403 -12.86 44.82 78.35
C HIS J 403 -11.95 45.41 79.41
N VAL J 404 -10.63 45.41 79.20
CA VAL J 404 -9.67 45.93 80.15
C VAL J 404 -9.75 47.45 80.25
N ALA J 405 -9.04 48.02 81.23
CA ALA J 405 -8.97 49.45 81.43
C ALA J 405 -7.88 50.02 80.54
N TYR J 406 -7.81 51.34 80.44
CA TYR J 406 -6.78 51.93 79.59
C TYR J 406 -5.38 51.81 80.20
N GLU J 407 -5.25 51.45 81.48
CA GLU J 407 -3.94 51.28 82.07
C GLU J 407 -3.28 50.00 81.52
N GLU J 408 -3.98 48.87 81.66
CA GLU J 408 -3.46 47.61 81.14
C GLU J 408 -3.42 47.63 79.62
N PHE J 409 -4.46 48.21 78.99
CA PHE J 409 -4.47 48.29 77.54
C PHE J 409 -3.37 49.21 77.04
N GLU J 410 -3.01 50.22 77.83
CA GLU J 410 -1.95 51.12 77.44
C GLU J 410 -0.61 50.39 77.51
N LYS J 411 -0.44 49.55 78.54
CA LYS J 411 0.79 48.78 78.67
C LYS J 411 0.92 47.78 77.52
N VAL J 412 -0.18 47.13 77.17
CA VAL J 412 -0.18 46.17 76.06
C VAL J 412 0.05 46.89 74.75
N MET J 413 -0.50 48.09 74.61
CA MET J 413 -0.32 48.92 73.43
C MET J 413 1.14 49.28 73.22
N VAL J 414 1.79 49.74 74.29
CA VAL J 414 3.21 50.11 74.25
C VAL J 414 4.05 48.88 73.93
N ALA J 415 3.69 47.71 74.49
CA ALA J 415 4.43 46.48 74.20
C ALA J 415 4.30 46.08 72.73
N CYS J 416 3.12 46.32 72.14
CA CYS J 416 2.92 46.04 70.73
C CYS J 416 3.85 46.91 69.89
N PHE J 417 3.89 48.21 70.21
CA PHE J 417 4.79 49.09 69.48
C PHE J 417 6.26 48.78 69.77
N GLU J 418 6.55 48.15 70.93
CA GLU J 418 7.91 47.72 71.23
C GLU J 418 8.35 46.66 70.23
N VAL J 419 7.48 45.68 70.01
CA VAL J 419 7.75 44.60 69.06
C VAL J 419 7.89 45.17 67.66
N PHE J 420 7.00 46.10 67.28
CA PHE J 420 7.07 46.72 65.97
C PHE J 420 8.37 47.49 65.77
N GLN J 421 8.85 48.16 66.81
CA GLN J 421 10.09 48.91 66.63
C GLN J 421 11.28 47.99 66.58
N THR J 422 11.21 46.84 67.26
CA THR J 422 12.30 45.88 67.15
C THR J 422 12.36 45.39 65.71
N TRP J 423 11.17 45.19 65.12
CA TRP J 423 11.09 44.77 63.72
C TRP J 423 11.70 45.81 62.81
N ASP J 424 11.31 47.07 62.97
CA ASP J 424 11.78 48.13 62.07
C ASP J 424 13.29 48.36 62.16
N ASP J 425 13.83 48.62 63.37
CA ASP J 425 15.25 48.90 63.43
C ASP J 425 16.12 47.67 63.14
N GLU J 426 15.71 46.49 63.62
CA GLU J 426 16.53 45.33 63.32
C GLU J 426 16.37 44.94 61.85
N TYR J 427 15.22 45.24 61.26
CA TYR J 427 15.06 44.93 59.86
C TYR J 427 15.87 45.90 59.02
N GLU J 428 16.07 47.13 59.51
CA GLU J 428 16.92 48.03 58.75
C GLU J 428 18.37 47.59 58.88
N LYS J 429 18.71 46.98 60.03
CA LYS J 429 20.06 46.45 60.17
C LYS J 429 20.24 45.26 59.25
N LEU J 430 19.19 44.48 59.05
CA LEU J 430 19.27 43.38 58.09
C LEU J 430 19.29 43.90 56.66
N GLN J 431 18.65 45.06 56.45
CA GLN J 431 18.67 45.69 55.13
C GLN J 431 20.07 46.10 54.76
N VAL J 432 20.73 46.85 55.66
CA VAL J 432 22.12 47.27 55.48
C VAL J 432 23.04 46.07 55.36
N LEU J 433 22.72 44.99 56.09
CA LEU J 433 23.44 43.75 56.00
C LEU J 433 23.41 43.21 54.57
N LEU J 434 22.20 43.07 54.02
CA LEU J 434 22.08 42.59 52.64
C LEU J 434 22.63 43.59 51.63
N ARG J 435 22.62 44.88 51.95
CA ARG J 435 23.18 45.87 51.05
C ARG J 435 24.67 45.62 50.87
N ASP J 436 25.40 45.51 51.99
CA ASP J 436 26.83 45.22 51.90
C ASP J 436 27.09 43.81 51.36
N ILE J 437 26.13 42.89 51.48
CA ILE J 437 26.32 41.55 50.90
C ILE J 437 26.31 41.66 49.38
N VAL J 438 25.34 42.40 48.85
CA VAL J 438 25.25 42.58 47.40
C VAL J 438 26.46 43.36 46.91
N LYS J 439 26.99 44.26 47.74
CA LYS J 439 28.19 45.00 47.35
C LYS J 439 29.41 44.08 47.31
N ARG J 440 29.57 43.22 48.32
CA ARG J 440 30.73 42.33 48.31
C ARG J 440 30.60 41.24 47.27
N LYS J 441 29.40 40.99 46.73
CA LYS J 441 29.34 39.93 45.74
C LYS J 441 29.58 40.47 44.32
N ARG J 442 29.12 41.70 44.03
CA ARG J 442 29.34 42.39 42.74
C ARG J 442 28.81 41.57 41.57
N GLU J 443 27.48 41.50 41.47
CA GLU J 443 26.87 40.69 40.41
C GLU J 443 26.18 41.50 39.32
N GLU J 444 25.21 42.36 39.61
CA GLU J 444 24.50 43.13 38.59
C GLU J 444 23.71 44.25 39.26
N ASN J 445 22.84 44.90 38.48
CA ASN J 445 21.96 46.00 38.86
C ASN J 445 20.49 45.66 38.69
N LEU J 446 20.06 44.55 39.29
CA LEU J 446 18.68 44.10 39.21
C LEU J 446 17.73 45.11 39.85
N LYS J 447 16.44 45.00 39.50
CA LYS J 447 15.38 45.89 39.96
C LYS J 447 14.73 45.45 41.27
N MET J 448 15.52 44.85 42.17
CA MET J 448 15.18 44.29 43.49
C MET J 448 14.16 45.13 44.24
N VAL J 449 13.05 44.51 44.58
CA VAL J 449 11.95 45.20 45.26
C VAL J 449 12.15 45.17 46.76
N TRP J 450 12.25 46.34 47.36
CA TRP J 450 12.37 46.47 48.79
C TRP J 450 11.12 47.12 49.36
N ARG J 451 10.09 47.25 48.53
CA ARG J 451 8.77 47.81 48.86
C ARG J 451 7.96 46.69 49.50
N ILE J 452 8.41 46.28 50.68
CA ILE J 452 7.79 45.15 51.36
C ILE J 452 6.61 45.59 52.19
N ASN J 453 5.48 44.93 51.96
CA ASN J 453 4.26 45.14 52.74
C ASN J 453 4.07 43.84 53.51
N PRO J 454 4.62 43.73 54.69
CA PRO J 454 4.51 42.49 55.46
C PRO J 454 3.16 42.24 56.08
N ALA J 455 3.08 41.22 56.91
CA ALA J 455 1.82 40.82 57.53
C ALA J 455 1.54 41.50 58.86
N HIS J 456 2.32 42.49 59.28
CA HIS J 456 2.03 43.13 60.54
C HIS J 456 1.57 44.57 60.44
N ARG J 457 1.89 45.26 59.34
CA ARG J 457 1.41 46.62 59.18
C ARG J 457 -0.10 46.66 59.03
N LYS J 458 -0.68 45.53 58.57
CA LYS J 458 -2.11 45.38 58.40
C LYS J 458 -2.86 45.59 59.70
N LEU J 459 -2.24 45.24 60.82
CA LEU J 459 -2.86 45.45 62.10
C LEU J 459 -2.36 46.74 62.74
N GLN J 460 -1.13 47.13 62.39
CA GLN J 460 -0.53 48.34 62.94
C GLN J 460 -1.34 49.60 62.58
N ALA J 461 -1.85 49.67 61.35
CA ALA J 461 -2.63 50.85 60.94
C ALA J 461 -3.94 50.97 61.72
N ARG J 462 -4.58 49.83 61.96
CA ARG J 462 -5.82 49.80 62.73
C ARG J 462 -5.55 50.27 64.16
N LEU J 463 -4.38 49.88 64.69
CA LEU J 463 -3.98 50.32 66.02
C LEU J 463 -3.87 51.84 66.07
N ASP J 464 -3.27 52.44 65.04
CA ASP J 464 -3.11 53.89 64.98
C ASP J 464 -4.45 54.62 64.98
N GLN J 465 -5.40 54.11 64.19
CA GLN J 465 -6.72 54.72 64.19
C GLN J 465 -7.36 54.59 65.56
N MET J 466 -7.07 53.48 66.24
CA MET J 466 -7.59 53.34 67.59
C MET J 466 -6.89 54.27 68.58
N ARG J 467 -5.64 54.67 68.29
CA ARG J 467 -4.94 55.61 69.17
C ARG J 467 -5.65 56.95 69.19
N LYS J 468 -5.94 57.48 67.99
CA LYS J 468 -6.67 58.75 67.96
C LYS J 468 -8.11 58.58 68.45
N PHE J 469 -8.65 57.37 68.28
CA PHE J 469 -10.00 57.06 68.77
C PHE J 469 -10.03 57.18 70.28
N ARG J 470 -8.98 56.65 70.93
CA ARG J 470 -8.88 56.77 72.38
C ARG J 470 -8.56 58.19 72.77
N ARG J 471 -8.04 59.01 71.85
CA ARG J 471 -7.83 60.40 72.24
C ARG J 471 -9.17 61.11 72.37
N GLN J 472 -10.10 60.79 71.47
CA GLN J 472 -11.44 61.35 71.59
C GLN J 472 -12.08 60.87 72.87
N HIS J 473 -12.00 59.56 73.14
CA HIS J 473 -12.58 59.04 74.36
C HIS J 473 -11.81 59.46 75.59
N GLU J 474 -10.53 59.78 75.44
CA GLU J 474 -9.75 60.18 76.58
C GLU J 474 -10.20 61.55 77.05
N GLN J 475 -10.18 62.55 76.16
CA GLN J 475 -10.61 63.87 76.59
C GLN J 475 -12.05 63.84 77.05
N LEU J 476 -12.93 63.16 76.29
CA LEU J 476 -14.31 63.08 76.74
C LEU J 476 -14.48 62.34 78.04
N ARG J 477 -14.43 61.00 78.03
CA ARG J 477 -14.64 60.19 79.23
C ARG J 477 -13.74 60.55 80.39
N ALA J 478 -12.58 61.13 80.13
CA ALA J 478 -11.75 61.52 81.24
C ALA J 478 -12.22 62.82 81.85
N VAL J 479 -13.01 63.66 81.14
CA VAL J 479 -13.43 64.93 81.71
C VAL J 479 -14.94 65.06 81.86
N ILE J 480 -15.72 64.68 80.82
CA ILE J 480 -17.19 64.82 80.70
C ILE J 480 -17.99 64.58 81.95
N VAL J 481 -17.48 63.69 82.80
CA VAL J 481 -17.97 63.28 84.10
C VAL J 481 -18.38 64.47 84.94
N ARG J 482 -17.63 65.55 84.77
CA ARG J 482 -17.79 66.84 85.38
C ARG J 482 -19.16 67.48 85.27
N ALA J 517 -27.95 68.63 80.34
CA ALA J 517 -26.89 68.24 81.28
C ALA J 517 -26.56 66.77 81.14
N ASN J 518 -27.46 66.01 80.51
CA ASN J 518 -27.22 64.59 80.33
C ASN J 518 -26.20 64.26 79.27
N ALA J 519 -25.56 65.24 78.61
CA ALA J 519 -24.58 64.96 77.56
C ALA J 519 -23.45 64.04 78.01
N ILE J 520 -23.10 64.08 79.28
CA ILE J 520 -22.10 63.26 79.97
C ILE J 520 -22.43 61.80 79.74
N GLU J 521 -23.56 61.43 80.32
CA GLU J 521 -24.11 60.09 80.26
C GLU J 521 -24.38 59.70 78.83
N GLU J 522 -25.15 60.53 78.14
CA GLU J 522 -25.57 60.32 76.75
C GLU J 522 -24.42 60.07 75.78
N VAL J 523 -23.29 60.75 75.96
CA VAL J 523 -22.20 60.47 75.03
C VAL J 523 -21.54 59.17 75.44
N ASN J 524 -21.55 58.81 76.73
CA ASN J 524 -21.02 57.48 77.02
C ASN J 524 -21.99 56.41 76.53
N LEU J 525 -23.28 56.74 76.55
CA LEU J 525 -24.32 55.84 76.08
C LEU J 525 -24.12 55.57 74.59
N ALA J 526 -24.17 56.63 73.78
CA ALA J 526 -23.98 56.50 72.35
C ALA J 526 -22.57 56.03 72.03
N TYR J 527 -21.61 56.30 72.92
CA TYR J 527 -20.22 55.86 72.74
C TYR J 527 -20.16 54.36 72.67
N GLU J 528 -20.56 53.72 73.75
CA GLU J 528 -20.54 52.28 73.80
C GLU J 528 -21.54 51.69 72.81
N ASN J 529 -22.67 52.37 72.56
CA ASN J 529 -23.65 51.83 71.63
C ASN J 529 -23.14 51.71 70.21
N VAL J 530 -22.28 52.63 69.77
CA VAL J 530 -21.76 52.46 68.41
C VAL J 530 -20.40 51.75 68.41
N LYS J 531 -19.82 51.44 69.59
CA LYS J 531 -18.54 50.74 69.57
C LYS J 531 -18.50 49.33 70.17
N GLU J 532 -19.55 48.83 70.79
CA GLU J 532 -19.39 47.49 71.41
C GLU J 532 -19.35 46.29 70.45
N VAL J 533 -19.18 46.33 69.13
CA VAL J 533 -19.22 45.12 68.32
C VAL J 533 -18.02 44.92 67.40
N ASP J 534 -16.79 45.15 67.90
CA ASP J 534 -15.59 45.00 67.07
C ASP J 534 -15.42 43.60 66.47
N GLY J 535 -15.89 42.56 67.17
CA GLY J 535 -15.88 41.18 66.69
C GLY J 535 -14.58 40.55 66.22
N LEU J 536 -13.67 40.31 67.17
CA LEU J 536 -12.34 39.70 66.97
C LEU J 536 -11.42 40.54 66.06
N ASP J 537 -11.81 41.81 65.87
CA ASP J 537 -11.20 42.90 65.11
C ASP J 537 -10.39 42.51 63.88
N VAL J 538 -10.95 41.67 63.01
CA VAL J 538 -10.22 41.34 61.79
C VAL J 538 -10.25 42.55 60.85
N SER J 539 -9.37 42.52 59.87
CA SER J 539 -9.26 43.67 58.97
C SER J 539 -10.36 43.76 57.92
N LYS J 540 -10.70 42.63 57.29
CA LYS J 540 -11.69 42.57 56.21
C LYS J 540 -13.04 43.17 56.61
N GLU J 541 -13.67 42.65 57.66
CA GLU J 541 -14.93 43.24 58.08
C GLU J 541 -14.72 44.60 58.70
N GLY J 542 -13.49 44.87 59.18
CA GLY J 542 -13.06 46.11 59.78
C GLY J 542 -13.38 47.21 58.81
N THR J 543 -12.78 47.18 57.62
CA THR J 543 -13.13 48.20 56.66
C THR J 543 -14.56 48.03 56.17
N GLU J 544 -14.91 46.81 55.69
CA GLU J 544 -16.20 46.42 55.14
C GLU J 544 -17.43 47.04 55.81
N ALA J 545 -17.48 47.02 57.12
CA ALA J 545 -18.60 47.63 57.82
C ALA J 545 -18.17 48.66 58.82
N TRP J 546 -17.01 48.49 59.43
CA TRP J 546 -16.56 49.44 60.42
C TRP J 546 -16.10 50.76 59.81
N GLU J 547 -15.87 50.94 58.50
CA GLU J 547 -15.52 52.30 58.10
C GLU J 547 -16.77 53.18 58.22
N ALA J 548 -17.92 52.58 57.93
CA ALA J 548 -19.19 53.26 58.10
C ALA J 548 -19.54 53.36 59.58
N ALA J 549 -19.36 52.27 60.33
CA ALA J 549 -19.64 52.27 61.77
C ALA J 549 -18.65 53.15 62.54
N MET J 550 -17.45 53.29 62.02
CA MET J 550 -16.37 54.10 62.57
C MET J 550 -16.67 55.57 62.44
N LYS J 551 -16.88 56.03 61.19
CA LYS J 551 -17.24 57.44 61.00
C LYS J 551 -18.62 57.67 61.58
N ARG J 552 -19.42 56.60 61.69
CA ARG J 552 -20.70 56.67 62.32
C ARG J 552 -20.53 56.89 63.80
N TYR J 553 -19.47 56.32 64.38
CA TYR J 553 -19.29 56.61 65.78
C TYR J 553 -18.90 58.08 65.92
N ASP J 554 -18.03 58.56 65.02
CA ASP J 554 -17.62 59.95 65.06
C ASP J 554 -18.84 60.87 64.98
N GLU J 555 -19.72 60.60 64.03
CA GLU J 555 -20.96 61.34 63.83
C GLU J 555 -21.92 61.16 65.01
N ARG J 556 -21.85 60.03 65.72
CA ARG J 556 -22.75 59.90 66.86
C ARG J 556 -22.27 60.77 68.00
N ILE J 557 -20.95 60.97 68.12
CA ILE J 557 -20.39 61.86 69.14
C ILE J 557 -20.96 63.19 68.76
N ASP J 558 -20.49 63.64 67.59
CA ASP J 558 -20.82 64.92 66.97
C ASP J 558 -22.27 65.34 67.12
N ARG J 559 -23.18 64.56 66.58
CA ARG J 559 -24.59 64.90 66.67
C ARG J 559 -24.98 64.95 68.15
N VAL J 560 -24.51 63.97 68.90
CA VAL J 560 -24.77 63.90 70.33
C VAL J 560 -24.10 65.09 71.04
N GLU J 561 -22.89 65.42 70.59
CA GLU J 561 -22.11 66.52 71.16
C GLU J 561 -22.42 67.85 70.49
N THR J 562 -23.29 67.82 69.48
CA THR J 562 -23.66 69.03 68.76
C THR J 562 -24.35 70.05 69.66
N ARG J 563 -25.18 69.57 70.58
CA ARG J 563 -25.91 70.44 71.49
C ARG J 563 -25.01 71.27 72.39
N ILE J 564 -23.91 70.69 72.87
CA ILE J 564 -23.11 71.33 73.91
C ILE J 564 -22.52 72.65 73.42
N THR J 565 -22.05 72.67 72.18
CA THR J 565 -21.46 73.87 71.60
C THR J 565 -22.41 75.05 71.76
N ALA J 566 -23.54 75.00 71.05
CA ALA J 566 -24.55 76.04 71.15
C ALA J 566 -25.16 76.07 72.54
N ARG J 567 -25.16 74.91 73.24
CA ARG J 567 -25.61 74.91 74.61
C ARG J 567 -24.66 75.72 75.45
N LEU J 568 -23.35 75.56 75.24
CA LEU J 568 -22.37 76.36 75.97
C LEU J 568 -22.55 77.82 75.62
N ARG J 569 -22.97 78.08 74.37
CA ARG J 569 -23.26 79.43 73.96
C ARG J 569 -24.44 79.94 74.77
N ASP J 570 -25.37 79.06 75.15
CA ASP J 570 -26.43 79.47 76.06
C ASP J 570 -25.88 79.64 77.47
N GLN J 571 -25.36 78.54 78.05
CA GLN J 571 -24.83 78.37 79.40
C GLN J 571 -24.01 79.56 79.87
N LEU J 572 -23.26 80.19 78.96
CA LEU J 572 -22.48 81.33 79.34
C LEU J 572 -22.78 82.64 78.60
N GLY J 573 -23.39 82.60 77.40
CA GLY J 573 -23.65 83.84 76.69
C GLY J 573 -24.78 84.66 77.22
N THR J 574 -25.70 84.07 77.98
CA THR J 574 -26.83 84.82 78.50
C THR J 574 -26.37 85.87 79.50
N ALA J 575 -25.54 85.46 80.46
CA ALA J 575 -25.05 86.36 81.49
C ALA J 575 -24.03 87.33 80.93
N LYS K 238 -65.59 30.84 -20.48
CA LYS K 238 -65.78 32.28 -20.35
C LYS K 238 -64.72 32.99 -19.53
N LEU K 239 -64.12 34.02 -20.12
CA LEU K 239 -63.12 34.82 -19.43
C LEU K 239 -63.47 36.28 -19.54
N SER K 240 -63.71 36.90 -18.39
CA SER K 240 -64.11 38.29 -18.28
C SER K 240 -62.88 39.17 -18.48
N LEU K 241 -62.67 39.65 -19.71
CA LEU K 241 -61.54 40.53 -19.95
C LEU K 241 -61.93 41.92 -19.46
N ASN K 242 -61.31 42.34 -18.38
CA ASN K 242 -61.53 43.64 -17.76
C ASN K 242 -60.64 44.65 -18.46
N ARG K 243 -60.36 45.77 -17.81
CA ARG K 243 -59.49 46.79 -18.38
C ARG K 243 -58.06 46.28 -18.47
N GLN K 244 -57.16 47.13 -18.95
CA GLN K 244 -55.77 46.73 -19.00
C GLN K 244 -54.95 47.85 -18.38
N PHE K 245 -53.70 47.53 -18.07
CA PHE K 245 -52.78 48.51 -17.53
C PHE K 245 -51.57 48.52 -18.41
N PHE K 246 -51.20 49.71 -18.86
CA PHE K 246 -50.07 49.91 -19.74
C PHE K 246 -49.79 51.39 -19.85
N ASP K 247 -48.52 51.72 -19.95
CA ASP K 247 -48.10 53.10 -20.09
C ASP K 247 -46.80 53.10 -20.87
N GLU K 248 -46.79 53.78 -22.01
CA GLU K 248 -45.62 53.90 -22.85
C GLU K 248 -44.54 54.72 -22.19
N ARG K 249 -44.88 55.44 -21.13
CA ARG K 249 -43.89 56.21 -20.41
C ARG K 249 -42.90 55.32 -19.68
N TRP K 250 -43.30 54.09 -19.35
CA TRP K 250 -42.38 53.20 -18.66
C TRP K 250 -42.39 51.76 -19.14
N SER K 251 -43.25 51.38 -20.08
CA SER K 251 -43.29 50.02 -20.61
C SER K 251 -42.83 49.99 -22.05
N LYS K 252 -41.97 50.93 -22.41
CA LYS K 252 -41.46 51.10 -23.76
C LYS K 252 -40.50 49.97 -24.13
N HIS K 253 -41.05 48.95 -24.78
CA HIS K 253 -40.33 47.77 -25.27
C HIS K 253 -39.54 47.05 -24.19
N ARG K 254 -40.16 46.87 -23.05
CA ARG K 254 -39.56 46.19 -21.93
C ARG K 254 -40.21 44.82 -21.78
N VAL K 255 -39.70 44.04 -20.85
CA VAL K 255 -40.24 42.72 -20.59
C VAL K 255 -40.87 42.75 -19.22
N VAL K 256 -42.14 42.35 -19.14
CA VAL K 256 -42.80 42.34 -17.85
C VAL K 256 -42.25 41.16 -17.08
N SER K 257 -41.58 41.45 -15.97
CA SER K 257 -41.02 40.42 -15.11
C SER K 257 -42.12 39.97 -14.17
N CYS K 258 -41.78 39.34 -13.03
CA CYS K 258 -42.81 38.81 -12.13
C CYS K 258 -43.76 39.89 -11.61
N LEU K 259 -44.86 39.42 -11.05
CA LEU K 259 -45.92 40.25 -10.53
C LEU K 259 -46.30 39.76 -9.16
N ASP K 260 -47.29 40.46 -8.60
CA ASP K 260 -47.93 40.17 -7.33
C ASP K 260 -49.06 41.15 -7.09
N TRP K 261 -50.12 40.68 -6.47
CA TRP K 261 -51.23 41.55 -6.13
C TRP K 261 -50.92 42.14 -4.77
N SER K 262 -51.83 42.95 -4.27
CA SER K 262 -51.61 43.55 -2.98
C SER K 262 -51.85 42.51 -1.90
N SER K 263 -50.77 42.09 -1.25
CA SER K 263 -50.86 41.10 -0.19
C SER K 263 -51.50 41.68 1.06
N GLN K 264 -51.56 43.00 1.13
CA GLN K 264 -52.15 43.73 2.23
C GLN K 264 -53.43 44.43 1.79
N TYR K 265 -53.35 45.23 0.77
CA TYR K 265 -54.51 45.96 0.31
C TYR K 265 -55.28 45.10 -0.67
N PRO K 266 -56.42 45.54 -1.12
CA PRO K 266 -57.09 44.75 -2.14
C PRO K 266 -56.92 45.33 -3.53
N GLU K 267 -56.61 44.47 -4.48
CA GLU K 267 -56.48 44.73 -5.92
C GLU K 267 -55.71 45.98 -6.32
N LEU K 268 -54.46 46.07 -5.86
CA LEU K 268 -53.55 47.17 -6.18
C LEU K 268 -52.24 46.43 -6.38
N LEU K 269 -51.98 45.95 -7.60
CA LEU K 269 -50.83 45.08 -7.84
C LEU K 269 -49.52 45.76 -8.21
N VAL K 270 -48.43 44.97 -8.05
CA VAL K 270 -47.04 45.31 -8.32
C VAL K 270 -46.62 44.66 -9.63
N ALA K 271 -45.85 45.38 -10.45
CA ALA K 271 -45.37 44.86 -11.73
C ALA K 271 -43.88 45.08 -11.90
N SER K 272 -43.08 44.03 -11.70
CA SER K 272 -41.64 44.15 -11.89
C SER K 272 -41.38 44.11 -13.37
N TYR K 273 -40.46 44.91 -13.84
CA TYR K 273 -40.15 44.95 -15.26
C TYR K 273 -38.73 44.52 -15.54
N ASN K 274 -38.33 44.71 -16.78
CA ASN K 274 -37.00 44.38 -17.23
C ASN K 274 -36.45 45.55 -18.01
N ASN K 275 -35.14 45.58 -18.10
CA ASN K 275 -34.42 46.60 -18.82
C ASN K 275 -34.75 46.55 -20.30
N ASN K 276 -34.62 47.70 -20.94
CA ASN K 276 -34.80 47.88 -22.37
C ASN K 276 -33.45 48.42 -22.80
N GLU K 277 -32.66 47.60 -23.48
CA GLU K 277 -31.35 48.05 -23.89
C GLU K 277 -31.40 49.07 -25.01
N ASP K 278 -32.58 49.28 -25.59
CA ASP K 278 -32.79 50.28 -26.62
C ASP K 278 -32.84 51.68 -26.02
N ALA K 279 -33.00 51.78 -24.69
CA ALA K 279 -33.03 53.05 -23.97
C ALA K 279 -32.02 52.93 -22.82
N PRO K 280 -30.73 53.13 -23.10
CA PRO K 280 -29.73 53.00 -22.03
C PRO K 280 -29.78 54.09 -21.00
N HIS K 281 -30.38 55.25 -21.31
CA HIS K 281 -30.45 56.31 -20.32
C HIS K 281 -31.47 56.01 -19.25
N GLU K 282 -32.48 55.23 -19.58
CA GLU K 282 -33.50 54.88 -18.63
C GLU K 282 -32.93 53.91 -17.60
N PRO K 283 -33.56 53.80 -16.44
CA PRO K 283 -33.05 52.85 -15.44
C PRO K 283 -33.31 51.45 -15.97
N ASP K 284 -32.52 50.50 -15.48
CA ASP K 284 -32.73 49.15 -15.99
C ASP K 284 -34.01 48.55 -15.42
N GLY K 285 -34.05 48.35 -14.12
CA GLY K 285 -35.26 47.80 -13.56
C GLY K 285 -36.17 48.86 -13.04
N VAL K 286 -37.29 49.04 -13.70
CA VAL K 286 -38.24 50.07 -13.31
C VAL K 286 -39.51 49.36 -12.90
N ALA K 287 -39.77 49.26 -11.62
CA ALA K 287 -40.99 48.62 -11.21
C ALA K 287 -42.13 49.61 -11.35
N LEU K 288 -43.34 49.08 -11.36
CA LEU K 288 -44.53 49.91 -11.47
C LEU K 288 -45.67 49.20 -10.77
N VAL K 289 -46.64 49.99 -10.33
CA VAL K 289 -47.82 49.46 -9.68
C VAL K 289 -49.02 50.09 -10.35
N TRP K 290 -50.18 49.54 -10.06
CA TRP K 290 -51.44 50.05 -10.58
C TRP K 290 -52.54 49.80 -9.57
N ASN K 291 -53.65 50.49 -9.77
CA ASN K 291 -54.77 50.38 -8.85
C ASN K 291 -56.07 50.07 -9.57
N MET K 292 -56.47 48.80 -9.52
CA MET K 292 -57.72 48.41 -10.13
C MET K 292 -58.89 48.95 -9.37
N LYS K 293 -58.76 49.10 -8.06
CA LYS K 293 -59.86 49.61 -7.26
C LYS K 293 -60.07 51.10 -7.45
N TYR K 294 -59.20 51.80 -8.17
CA TYR K 294 -59.42 53.22 -8.34
C TYR K 294 -59.96 53.54 -9.71
N LYS K 295 -59.86 52.60 -10.65
CA LYS K 295 -60.39 52.69 -12.01
C LYS K 295 -59.82 53.90 -12.75
N LYS K 296 -58.54 53.79 -13.05
CA LYS K 296 -57.80 54.82 -13.77
C LYS K 296 -56.80 54.10 -14.66
N THR K 297 -55.89 54.85 -15.30
CA THR K 297 -54.91 54.23 -16.18
C THR K 297 -53.45 54.50 -15.87
N THR K 298 -53.14 55.57 -15.15
CA THR K 298 -51.75 55.90 -14.88
C THR K 298 -51.09 54.91 -13.93
N PRO K 299 -49.81 54.57 -14.17
CA PRO K 299 -49.08 53.69 -13.26
C PRO K 299 -48.88 54.52 -12.03
N GLU K 300 -49.65 54.16 -10.99
CA GLU K 300 -49.68 54.93 -9.74
C GLU K 300 -48.31 55.21 -9.14
N TYR K 301 -47.42 54.25 -9.14
CA TYR K 301 -46.11 54.54 -8.61
C TYR K 301 -45.04 54.05 -9.56
N VAL K 302 -43.99 54.83 -9.65
CA VAL K 302 -42.85 54.52 -10.48
C VAL K 302 -41.69 54.33 -9.53
N PHE K 303 -40.98 53.24 -9.67
CA PHE K 303 -39.85 53.00 -8.80
C PHE K 303 -38.77 52.37 -9.66
N HIS K 304 -37.52 52.76 -9.43
CA HIS K 304 -36.47 52.21 -10.28
C HIS K 304 -35.11 52.22 -9.63
N CYS K 305 -34.55 51.04 -9.46
CA CYS K 305 -33.22 50.88 -8.96
C CYS K 305 -32.27 51.01 -10.13
N GLN K 306 -31.01 50.68 -9.90
CA GLN K 306 -30.05 50.76 -10.98
C GLN K 306 -30.25 49.62 -11.96
N SER K 307 -30.03 48.40 -11.50
CA SER K 307 -30.11 47.19 -12.31
C SER K 307 -31.54 46.73 -12.57
N ALA K 308 -31.63 45.73 -13.44
CA ALA K 308 -32.90 45.13 -13.85
C ALA K 308 -33.52 44.37 -12.70
N VAL K 309 -34.76 44.74 -12.34
CA VAL K 309 -35.44 44.06 -11.25
C VAL K 309 -35.93 42.70 -11.74
N MET K 310 -35.32 41.65 -11.23
CA MET K 310 -35.74 40.34 -11.67
C MET K 310 -36.94 39.83 -10.90
N SER K 311 -37.27 40.48 -9.79
CA SER K 311 -38.40 40.05 -8.99
C SER K 311 -38.83 41.17 -8.08
N ALA K 312 -40.12 41.22 -7.78
CA ALA K 312 -40.66 42.24 -6.91
C ALA K 312 -42.02 41.80 -6.41
N THR K 313 -42.42 42.41 -5.31
CA THR K 313 -43.70 42.20 -4.65
C THR K 313 -43.81 43.19 -3.51
N PHE K 314 -44.95 43.16 -2.85
CA PHE K 314 -45.17 44.03 -1.73
C PHE K 314 -44.48 43.53 -0.51
N ALA K 315 -44.70 44.23 0.58
CA ALA K 315 -44.11 43.87 1.85
C ALA K 315 -45.24 43.54 2.82
N LYS K 316 -44.99 42.54 3.65
CA LYS K 316 -45.96 42.09 4.64
C LYS K 316 -46.04 43.11 5.77
N PHE K 317 -47.24 43.67 5.93
CA PHE K 317 -47.57 44.67 6.96
C PHE K 317 -46.71 45.92 6.87
N HIS K 318 -46.44 46.34 5.65
CA HIS K 318 -45.68 47.55 5.38
C HIS K 318 -46.52 48.20 4.30
N PRO K 319 -47.49 49.00 4.69
CA PRO K 319 -48.39 49.62 3.72
C PRO K 319 -47.80 50.79 2.95
N ASN K 320 -46.48 50.94 3.02
CA ASN K 320 -45.77 52.00 2.34
C ASN K 320 -44.56 51.47 1.61
N LEU K 321 -44.25 50.20 1.73
CA LEU K 321 -43.04 49.64 1.19
C LEU K 321 -43.25 48.70 0.01
N VAL K 322 -42.16 48.51 -0.73
CA VAL K 322 -42.08 47.63 -1.90
C VAL K 322 -40.71 46.98 -1.90
N VAL K 323 -40.66 45.66 -1.76
CA VAL K 323 -39.40 44.94 -1.73
C VAL K 323 -39.01 44.70 -3.17
N GLY K 324 -37.80 44.23 -3.42
CA GLY K 324 -37.41 43.95 -4.78
C GLY K 324 -36.13 43.20 -4.99
N GLY K 325 -36.13 42.32 -5.97
CA GLY K 325 -34.97 41.56 -6.35
C GLY K 325 -34.41 42.26 -7.55
N THR K 326 -33.15 41.99 -7.87
CA THR K 326 -32.53 42.62 -9.04
C THR K 326 -31.80 41.59 -9.85
N TYR K 327 -31.16 42.08 -10.90
CA TYR K 327 -30.36 41.22 -11.74
C TYR K 327 -28.96 41.12 -11.23
N SER K 328 -28.46 42.20 -10.64
CA SER K 328 -27.11 42.18 -10.09
C SER K 328 -27.03 41.27 -8.90
N GLY K 329 -27.98 41.42 -7.98
CA GLY K 329 -27.97 40.58 -6.81
C GLY K 329 -28.40 41.36 -5.60
N GLN K 330 -28.37 42.67 -5.70
CA GLN K 330 -28.77 43.46 -4.57
C GLN K 330 -30.28 43.42 -4.44
N ILE K 331 -30.74 43.52 -3.21
CA ILE K 331 -32.15 43.55 -2.88
C ILE K 331 -32.46 44.98 -2.52
N VAL K 332 -33.44 45.55 -3.18
CA VAL K 332 -33.77 46.92 -3.02
C VAL K 332 -34.98 47.06 -2.11
N LEU K 333 -35.30 48.29 -1.75
CA LEU K 333 -36.44 48.54 -0.89
C LEU K 333 -36.95 49.95 -1.17
N TRP K 334 -38.07 50.05 -1.88
CA TRP K 334 -38.64 51.35 -2.19
C TRP K 334 -39.66 51.76 -1.17
N ASP K 335 -39.96 53.05 -1.17
CA ASP K 335 -40.94 53.65 -0.30
C ASP K 335 -41.77 54.58 -1.15
N ASN K 336 -43.07 54.64 -0.86
CA ASN K 336 -43.95 55.49 -1.63
C ASN K 336 -44.10 56.88 -1.04
N ARG K 337 -44.25 56.97 0.29
CA ARG K 337 -44.45 58.25 0.95
C ARG K 337 -43.24 59.15 0.98
N SER K 338 -42.06 58.66 0.62
CA SER K 338 -40.89 59.54 0.65
C SER K 338 -40.74 60.32 -0.64
N ASN K 339 -41.34 59.82 -1.71
CA ASN K 339 -41.26 60.35 -3.07
C ASN K 339 -39.79 60.43 -3.48
N LYS K 340 -39.17 59.27 -3.44
CA LYS K 340 -37.79 59.09 -3.82
C LYS K 340 -37.81 57.94 -4.82
N ARG K 341 -37.65 58.26 -6.10
CA ARG K 341 -37.67 57.29 -7.18
C ARG K 341 -36.34 56.53 -7.26
N THR K 342 -35.99 55.91 -6.17
CA THR K 342 -34.78 55.16 -5.94
C THR K 342 -35.06 54.44 -4.65
N PRO K 343 -34.62 53.20 -4.49
CA PRO K 343 -34.87 52.51 -3.24
C PRO K 343 -34.01 53.11 -2.17
N VAL K 344 -34.53 53.10 -0.95
CA VAL K 344 -33.82 53.71 0.16
C VAL K 344 -32.98 52.74 0.95
N GLN K 345 -33.12 51.46 0.75
CA GLN K 345 -32.31 50.54 1.52
C GLN K 345 -31.94 49.41 0.58
N ARG K 346 -30.74 49.49 0.04
CA ARG K 346 -30.24 48.51 -0.91
C ARG K 346 -29.32 47.54 -0.22
N THR K 347 -29.56 46.26 -0.44
CA THR K 347 -28.73 45.22 0.12
C THR K 347 -27.36 45.32 -0.50
N PRO K 348 -26.29 45.17 0.27
CA PRO K 348 -24.95 45.28 -0.30
C PRO K 348 -24.67 44.16 -1.28
N LEU K 349 -23.53 44.29 -1.96
CA LEU K 349 -23.10 43.28 -2.91
C LEU K 349 -22.02 42.41 -2.32
N SER K 350 -22.06 42.23 -1.01
CA SER K 350 -21.10 41.41 -0.33
C SER K 350 -21.38 39.94 -0.59
N ALA K 351 -20.39 39.11 -0.24
CA ALA K 351 -20.55 37.68 -0.38
C ALA K 351 -21.63 37.19 0.56
N ALA K 352 -21.83 37.89 1.68
CA ALA K 352 -22.87 37.57 2.63
C ALA K 352 -24.24 37.82 2.04
N ALA K 353 -24.32 38.63 1.01
CA ALA K 353 -25.53 38.95 0.30
C ALA K 353 -25.52 38.25 -1.03
N HIS K 354 -26.51 38.54 -1.86
CA HIS K 354 -26.59 37.89 -3.15
C HIS K 354 -25.84 38.70 -4.20
N THR K 355 -25.03 38.00 -4.98
CA THR K 355 -24.26 38.57 -6.07
C THR K 355 -24.64 37.83 -7.34
N HIS K 356 -25.92 37.49 -7.44
CA HIS K 356 -26.55 36.78 -8.53
C HIS K 356 -28.00 37.19 -8.49
N PRO K 357 -28.69 37.23 -9.63
CA PRO K 357 -30.08 37.68 -9.64
C PRO K 357 -30.99 36.84 -8.76
N VAL K 358 -31.91 37.52 -8.09
CA VAL K 358 -32.85 36.86 -7.20
C VAL K 358 -34.19 36.83 -7.90
N TYR K 359 -34.59 35.64 -8.32
CA TYR K 359 -35.87 35.51 -8.98
C TYR K 359 -37.01 35.39 -8.00
N CYS K 360 -36.72 35.05 -6.75
CA CYS K 360 -37.80 34.92 -5.79
C CYS K 360 -37.33 35.36 -4.43
N VAL K 361 -37.78 36.54 -4.04
CA VAL K 361 -37.52 37.12 -2.75
C VAL K 361 -38.89 37.33 -2.12
N ASN K 362 -39.06 36.92 -0.87
CA ASN K 362 -40.40 37.04 -0.32
C ASN K 362 -40.40 37.15 1.19
N VAL K 363 -41.47 37.75 1.68
CA VAL K 363 -41.76 37.89 3.10
C VAL K 363 -42.31 36.53 3.49
N VAL K 364 -42.41 36.21 4.78
CA VAL K 364 -42.92 34.87 5.03
C VAL K 364 -44.18 34.76 5.90
N GLY K 365 -44.11 35.10 7.17
CA GLY K 365 -45.24 34.94 8.04
C GLY K 365 -46.00 36.21 8.32
N THR K 366 -46.58 36.26 9.50
CA THR K 366 -47.38 37.41 9.92
C THR K 366 -46.51 38.42 10.66
N GLN K 367 -47.21 39.31 11.35
CA GLN K 367 -46.72 40.44 12.13
C GLN K 367 -45.42 40.17 12.88
N ASN K 368 -45.37 39.07 13.62
CA ASN K 368 -44.16 38.70 14.33
C ASN K 368 -43.54 37.47 13.72
N ALA K 369 -44.28 36.76 12.90
CA ALA K 369 -43.78 35.56 12.25
C ALA K 369 -43.10 35.84 10.92
N HIS K 370 -42.83 37.10 10.57
CA HIS K 370 -42.23 37.33 9.28
C HIS K 370 -40.73 37.47 9.33
N ASN K 371 -40.19 37.61 8.15
CA ASN K 371 -38.80 37.79 7.74
C ASN K 371 -38.87 38.21 6.28
N LEU K 372 -37.73 38.16 5.62
CA LEU K 372 -37.63 38.45 4.20
C LEU K 372 -36.61 37.45 3.69
N ILE K 373 -37.03 36.50 2.88
CA ILE K 373 -36.10 35.51 2.39
C ILE K 373 -35.83 35.72 0.93
N SER K 374 -34.58 36.00 0.62
CA SER K 374 -34.10 36.23 -0.72
C SER K 374 -33.36 34.98 -1.13
N ILE K 375 -33.66 34.47 -2.32
CA ILE K 375 -33.04 33.24 -2.80
C ILE K 375 -32.58 33.51 -4.21
N SER K 376 -31.31 33.84 -4.38
CA SER K 376 -30.80 34.10 -5.70
C SER K 376 -30.56 32.81 -6.43
N THR K 377 -30.24 32.92 -7.70
CA THR K 377 -29.94 31.76 -8.51
C THR K 377 -28.58 31.18 -8.17
N ASP K 378 -27.79 31.88 -7.35
CA ASP K 378 -26.50 31.40 -6.92
C ASP K 378 -26.66 30.14 -6.08
N GLY K 379 -27.72 30.10 -5.28
CA GLY K 379 -27.95 28.94 -4.46
C GLY K 379 -27.86 29.26 -2.99
N LYS K 380 -28.24 30.47 -2.61
CA LYS K 380 -28.20 30.89 -1.23
C LYS K 380 -29.54 31.44 -0.83
N ILE K 381 -29.85 31.29 0.45
CA ILE K 381 -31.06 31.85 1.01
C ILE K 381 -30.55 32.81 2.06
N CYS K 382 -31.31 33.87 2.29
CA CYS K 382 -30.88 34.85 3.26
C CYS K 382 -32.13 35.43 3.90
N SER K 383 -32.26 35.30 5.21
CA SER K 383 -33.38 35.89 5.89
C SER K 383 -32.97 37.31 6.19
N TRP K 384 -33.90 38.22 6.07
CA TRP K 384 -33.58 39.61 6.32
C TRP K 384 -34.72 40.23 7.08
N SER K 385 -34.37 41.16 7.94
CA SER K 385 -35.45 41.87 8.59
C SER K 385 -35.79 42.99 7.64
N LEU K 386 -36.92 43.61 7.83
CA LEU K 386 -37.21 44.73 6.96
C LEU K 386 -36.61 46.00 7.51
N ASP K 387 -35.88 45.89 8.61
CA ASP K 387 -35.21 46.98 9.27
C ASP K 387 -33.73 46.94 8.92
N MET K 388 -33.06 45.87 9.31
CA MET K 388 -31.64 45.70 9.03
C MET K 388 -31.51 45.02 7.69
N LEU K 389 -30.70 45.57 6.83
CA LEU K 389 -30.54 44.97 5.51
C LEU K 389 -29.08 44.95 5.12
N SER K 390 -28.19 45.41 5.98
CA SER K 390 -26.78 45.42 5.70
C SER K 390 -26.14 44.08 5.99
N HIS K 391 -26.91 43.12 6.47
CA HIS K 391 -26.44 41.80 6.79
C HIS K 391 -27.64 40.90 6.90
N PRO K 392 -27.59 39.70 6.33
CA PRO K 392 -28.74 38.80 6.41
C PRO K 392 -28.92 38.27 7.82
N GLN K 393 -30.17 38.29 8.25
CA GLN K 393 -30.55 37.81 9.57
C GLN K 393 -30.17 36.35 9.74
N ASP K 394 -30.66 35.49 8.86
CA ASP K 394 -30.33 34.08 8.85
C ASP K 394 -30.00 33.72 7.41
N SER K 395 -28.86 33.08 7.18
CA SER K 395 -28.54 32.78 5.80
C SER K 395 -27.66 31.56 5.64
N MET K 396 -27.97 30.75 4.63
CA MET K 396 -27.23 29.55 4.33
C MET K 396 -27.41 29.27 2.85
N GLU K 397 -26.62 28.34 2.34
CA GLU K 397 -26.73 28.01 0.93
C GLU K 397 -27.85 26.99 0.73
N LEU K 398 -27.86 26.42 -0.46
CA LEU K 398 -28.81 25.39 -0.85
C LEU K 398 -28.08 24.43 -1.78
N VAL K 399 -27.71 23.28 -1.26
CA VAL K 399 -27.05 22.27 -2.04
C VAL K 399 -27.74 20.95 -1.77
N HIS K 400 -27.62 20.03 -2.71
CA HIS K 400 -28.21 18.72 -2.56
C HIS K 400 -27.24 17.86 -1.74
N LYS K 401 -27.38 16.54 -1.76
CA LYS K 401 -26.46 15.67 -1.04
C LYS K 401 -25.06 15.85 -1.60
N GLN K 402 -24.97 16.03 -2.91
CA GLN K 402 -23.74 16.37 -3.55
C GLN K 402 -23.54 17.86 -3.32
N SER K 403 -22.31 18.34 -3.41
CA SER K 403 -22.09 19.75 -3.15
C SER K 403 -22.35 20.64 -4.36
N LYS K 404 -23.18 20.18 -5.29
CA LYS K 404 -23.47 20.96 -6.47
C LYS K 404 -24.50 22.02 -6.16
N ALA K 405 -24.45 23.09 -6.92
CA ALA K 405 -25.36 24.20 -6.71
C ALA K 405 -26.79 23.82 -7.08
N VAL K 406 -27.70 24.63 -6.56
CA VAL K 406 -29.12 24.51 -6.82
C VAL K 406 -29.50 25.85 -7.42
N ALA K 407 -29.53 25.91 -8.75
CA ALA K 407 -29.88 27.15 -9.41
C ALA K 407 -31.38 27.29 -9.26
N VAL K 408 -31.81 27.98 -8.21
CA VAL K 408 -33.23 28.10 -7.97
C VAL K 408 -33.87 29.05 -8.99
N THR K 409 -35.18 28.95 -9.09
CA THR K 409 -35.96 29.82 -9.96
C THR K 409 -37.40 29.76 -9.47
N SER K 410 -37.86 30.84 -8.85
CA SER K 410 -39.24 31.01 -8.37
C SER K 410 -39.67 29.91 -7.38
N MET K 411 -39.11 29.98 -6.19
CA MET K 411 -39.48 29.07 -5.13
C MET K 411 -40.83 29.50 -4.56
N SER K 412 -41.38 28.73 -3.63
CA SER K 412 -42.64 29.14 -3.01
C SER K 412 -42.85 28.41 -1.71
N PHE K 413 -43.24 29.15 -0.72
CA PHE K 413 -43.54 28.52 0.53
C PHE K 413 -44.93 27.93 0.45
N PRO K 414 -45.18 26.84 1.15
CA PRO K 414 -46.52 26.28 1.12
C PRO K 414 -47.42 27.08 2.04
N VAL K 415 -48.64 26.60 2.24
CA VAL K 415 -49.56 27.29 3.12
C VAL K 415 -49.15 27.13 4.57
N GLY K 416 -49.16 28.24 5.32
CA GLY K 416 -48.85 28.23 6.73
C GLY K 416 -47.43 28.54 7.13
N ASP K 417 -46.48 28.60 6.19
CA ASP K 417 -45.05 28.85 6.45
C ASP K 417 -44.51 27.82 7.43
N VAL K 418 -44.49 26.58 6.95
CA VAL K 418 -43.99 25.45 7.72
C VAL K 418 -42.53 25.28 7.37
N ASN K 419 -41.99 26.33 6.76
CA ASN K 419 -40.63 26.54 6.27
C ASN K 419 -40.19 25.50 5.26
N ASN K 420 -41.11 24.68 4.77
CA ASN K 420 -40.82 23.63 3.81
C ASN K 420 -41.23 24.07 2.42
N PHE K 421 -40.57 25.15 2.02
CA PHE K 421 -40.79 25.76 0.74
C PHE K 421 -40.29 24.88 -0.39
N VAL K 422 -41.02 24.88 -1.44
CA VAL K 422 -40.61 24.12 -2.60
C VAL K 422 -39.79 25.06 -3.44
N VAL K 423 -38.83 24.51 -4.16
CA VAL K 423 -37.91 25.30 -4.97
C VAL K 423 -37.94 24.84 -6.40
N GLY K 424 -38.23 25.76 -7.30
CA GLY K 424 -38.17 25.42 -8.70
C GLY K 424 -36.70 25.57 -9.04
N SER K 425 -36.03 24.48 -9.36
CA SER K 425 -34.63 24.53 -9.71
C SER K 425 -34.46 25.05 -11.13
N GLU K 426 -33.27 24.91 -11.69
CA GLU K 426 -33.11 25.37 -13.06
C GLU K 426 -33.83 24.43 -14.00
N GLU K 427 -33.64 23.12 -13.85
CA GLU K 427 -34.25 22.12 -14.73
C GLU K 427 -34.38 20.80 -14.00
N GLY K 428 -35.62 20.43 -13.72
CA GLY K 428 -35.85 19.23 -13.00
C GLY K 428 -35.31 19.42 -11.61
N SER K 429 -35.19 18.30 -10.91
CA SER K 429 -34.66 18.22 -9.55
C SER K 429 -35.33 19.25 -8.66
N VAL K 430 -36.65 19.31 -8.74
CA VAL K 430 -37.35 20.28 -7.95
C VAL K 430 -37.28 19.80 -6.51
N TYR K 431 -37.07 20.72 -5.57
CA TYR K 431 -36.86 20.31 -4.20
C TYR K 431 -37.81 20.94 -3.21
N THR K 432 -37.88 20.27 -2.08
CA THR K 432 -38.58 20.73 -0.90
C THR K 432 -37.43 21.10 0.01
N ALA K 433 -37.54 22.23 0.68
CA ALA K 433 -36.41 22.59 1.51
C ALA K 433 -36.89 23.20 2.81
N CYS K 434 -36.25 22.78 3.91
CA CYS K 434 -36.58 23.25 5.24
C CYS K 434 -35.70 24.42 5.63
N ARG K 435 -36.09 25.12 6.69
CA ARG K 435 -35.32 26.27 7.18
C ARG K 435 -34.80 26.11 8.59
N HIS K 436 -35.53 25.44 9.47
CA HIS K 436 -35.10 25.29 10.85
C HIS K 436 -34.67 23.86 11.14
N GLY K 437 -33.56 23.76 11.87
CA GLY K 437 -32.94 22.50 12.20
C GLY K 437 -31.70 22.30 11.35
N SER K 438 -30.94 21.26 11.69
CA SER K 438 -29.75 20.95 10.91
C SER K 438 -30.10 20.40 9.56
N LYS K 439 -31.30 19.87 9.42
CA LYS K 439 -31.85 19.30 8.20
C LYS K 439 -32.45 20.35 7.30
N ALA K 440 -32.17 21.63 7.58
CA ALA K 440 -32.66 22.72 6.78
C ALA K 440 -32.07 22.65 5.39
N GLY K 441 -32.76 23.22 4.45
CA GLY K 441 -32.29 23.15 3.11
C GLY K 441 -32.92 21.96 2.43
N ILE K 442 -32.34 21.61 1.28
CA ILE K 442 -32.77 20.56 0.38
C ILE K 442 -33.12 19.23 1.04
N SER K 443 -34.37 18.81 0.85
CA SER K 443 -34.84 17.56 1.42
C SER K 443 -34.74 16.41 0.43
N GLU K 444 -35.38 16.52 -0.75
CA GLU K 444 -35.28 15.43 -1.72
C GLU K 444 -35.51 15.94 -3.14
N MET K 445 -35.10 15.13 -4.12
CA MET K 445 -35.25 15.47 -5.53
C MET K 445 -36.35 14.64 -6.16
N PHE K 446 -37.25 15.27 -6.84
CA PHE K 446 -38.25 14.56 -7.63
C PHE K 446 -38.17 15.15 -9.03
N GLU K 447 -38.06 14.30 -10.04
CA GLU K 447 -37.91 14.73 -11.43
C GLU K 447 -39.04 14.09 -12.23
N GLY K 448 -39.82 14.92 -12.90
CA GLY K 448 -40.93 14.45 -13.69
C GLY K 448 -41.04 15.21 -14.99
N HIS K 449 -40.01 16.00 -15.26
CA HIS K 449 -39.92 16.80 -16.47
C HIS K 449 -38.46 17.18 -16.68
N GLN K 450 -38.11 17.42 -17.95
CA GLN K 450 -36.74 17.72 -18.31
C GLN K 450 -36.51 19.14 -18.76
N GLY K 451 -37.55 19.84 -19.21
CA GLY K 451 -37.39 21.21 -19.64
C GLY K 451 -37.08 22.05 -18.43
N PRO K 452 -36.36 23.15 -18.61
CA PRO K 452 -36.03 24.00 -17.47
C PRO K 452 -37.23 24.68 -16.84
N ILE K 453 -37.29 24.57 -15.51
CA ILE K 453 -38.38 25.07 -14.68
C ILE K 453 -38.50 26.58 -14.75
N THR K 454 -39.74 27.05 -14.67
CA THR K 454 -40.06 28.47 -14.72
C THR K 454 -40.88 28.94 -13.54
N GLY K 455 -41.54 28.04 -12.82
CA GLY K 455 -42.38 28.49 -11.72
C GLY K 455 -42.92 27.34 -10.90
N ILE K 456 -43.56 27.71 -9.80
CA ILE K 456 -44.15 26.75 -8.86
C ILE K 456 -45.13 27.54 -8.02
N HIS K 457 -46.04 26.83 -7.35
CA HIS K 457 -47.05 27.48 -6.51
C HIS K 457 -47.64 26.41 -5.60
N CYS K 458 -48.28 26.85 -4.51
CA CYS K 458 -48.93 25.95 -3.55
C CYS K 458 -50.34 26.48 -3.31
N HIS K 459 -51.15 25.81 -2.48
CA HIS K 459 -52.49 26.32 -2.27
C HIS K 459 -53.06 25.89 -0.93
N ALA K 460 -54.29 26.33 -0.65
CA ALA K 460 -54.98 26.06 0.60
C ALA K 460 -56.26 25.25 0.40
N ALA K 461 -56.99 25.11 1.52
CA ALA K 461 -58.21 24.34 1.72
C ALA K 461 -59.34 24.45 0.69
N VAL K 462 -60.16 23.39 0.67
CA VAL K 462 -61.33 23.27 -0.17
C VAL K 462 -62.55 23.90 0.49
N GLY K 463 -62.37 24.41 1.69
CA GLY K 463 -63.45 24.94 2.48
C GLY K 463 -63.35 24.09 3.72
N ALA K 464 -62.09 23.87 4.12
CA ALA K 464 -61.67 23.06 5.27
C ALA K 464 -62.03 21.61 5.02
N VAL K 465 -61.74 21.14 3.83
CA VAL K 465 -62.00 19.78 3.41
C VAL K 465 -60.72 19.01 3.17
N ASP K 466 -59.79 19.57 2.44
CA ASP K 466 -58.56 18.83 2.19
C ASP K 466 -57.33 19.52 2.75
N PHE K 467 -56.30 18.70 2.88
CA PHE K 467 -54.99 19.12 3.34
C PHE K 467 -54.40 20.15 2.39
N SER K 468 -54.58 19.92 1.09
CA SER K 468 -54.14 20.76 -0.01
C SER K 468 -52.64 21.15 0.02
N HIS K 469 -51.76 20.17 0.23
CA HIS K 469 -50.33 20.44 0.17
C HIS K 469 -49.81 20.31 -1.25
N LEU K 470 -50.71 20.11 -2.20
CA LEU K 470 -50.37 19.89 -3.59
C LEU K 470 -49.69 21.10 -4.19
N PHE K 471 -48.66 20.87 -5.00
CA PHE K 471 -47.99 21.99 -5.62
C PHE K 471 -47.70 21.66 -7.07
N VAL K 472 -48.06 22.58 -7.95
CA VAL K 472 -47.88 22.36 -9.38
C VAL K 472 -46.71 23.20 -9.82
N THR K 473 -46.05 22.78 -10.89
CA THR K 473 -44.88 23.48 -11.40
C THR K 473 -45.11 23.93 -12.83
N SER K 474 -44.05 24.44 -13.43
CA SER K 474 -44.04 24.87 -14.81
C SER K 474 -42.65 24.66 -15.36
N SER K 475 -42.57 24.43 -16.65
CA SER K 475 -41.28 24.15 -17.25
C SER K 475 -41.25 24.52 -18.72
N PHE K 476 -40.11 24.27 -19.35
CA PHE K 476 -39.90 24.56 -20.75
C PHE K 476 -40.11 23.37 -21.66
N ASP K 477 -40.63 22.28 -21.13
CA ASP K 477 -40.90 21.12 -21.95
C ASP K 477 -42.34 21.09 -22.38
N TRP K 478 -43.04 22.19 -22.12
CA TRP K 478 -44.41 22.53 -22.43
C TRP K 478 -45.36 21.81 -21.50
N THR K 479 -44.87 21.10 -20.49
CA THR K 479 -45.75 20.37 -19.60
C THR K 479 -45.70 20.91 -18.18
N VAL K 480 -46.82 20.72 -17.49
CA VAL K 480 -47.05 21.18 -16.13
C VAL K 480 -47.43 19.97 -15.28
N LYS K 481 -46.59 19.63 -14.31
CA LYS K 481 -46.85 18.48 -13.48
C LYS K 481 -47.33 18.88 -12.09
N LEU K 482 -48.30 18.13 -11.58
CA LEU K 482 -48.82 18.28 -10.23
C LEU K 482 -47.95 17.40 -9.35
N TRP K 483 -47.58 17.90 -8.18
CA TRP K 483 -46.70 17.13 -7.33
C TRP K 483 -47.30 16.94 -5.94
N SER K 484 -46.61 16.11 -5.19
CA SER K 484 -46.98 15.80 -3.82
C SER K 484 -45.74 15.88 -2.95
N THR K 485 -46.01 15.98 -1.66
CA THR K 485 -44.95 16.03 -0.68
C THR K 485 -44.35 14.67 -0.39
N LYS K 486 -44.89 13.61 -0.99
CA LYS K 486 -44.38 12.27 -0.77
C LYS K 486 -44.12 11.48 -2.04
N ASN K 487 -44.46 12.02 -3.21
CA ASN K 487 -44.23 11.31 -4.45
C ASN K 487 -42.95 11.82 -5.10
N ASN K 488 -42.55 11.14 -6.15
CA ASN K 488 -41.33 11.54 -6.84
C ASN K 488 -41.58 11.81 -8.31
N LYS K 489 -42.41 11.02 -8.94
CA LYS K 489 -42.81 11.23 -10.33
C LYS K 489 -44.32 10.99 -10.33
N PRO K 490 -45.05 11.93 -9.74
CA PRO K 490 -46.49 11.82 -9.54
C PRO K 490 -47.33 12.20 -10.72
N LEU K 491 -48.53 12.61 -10.34
CA LEU K 491 -49.71 13.03 -11.07
C LEU K 491 -49.44 13.65 -12.43
N TYR K 492 -50.34 13.31 -13.37
CA TYR K 492 -50.29 13.64 -14.79
C TYR K 492 -49.77 15.02 -15.11
N SER K 493 -48.69 15.02 -15.88
CA SER K 493 -48.00 16.23 -16.28
C SER K 493 -48.78 16.85 -17.43
N PHE K 494 -49.68 17.77 -17.07
CA PHE K 494 -50.56 18.47 -17.98
C PHE K 494 -49.76 19.28 -18.97
N GLU K 495 -49.79 18.89 -20.23
CA GLU K 495 -49.02 19.55 -21.27
C GLU K 495 -49.87 20.37 -22.22
N ASP K 496 -49.42 21.60 -22.46
CA ASP K 496 -50.03 22.50 -23.42
C ASP K 496 -49.11 22.55 -24.62
N ASN K 497 -49.60 22.12 -25.76
CA ASN K 497 -48.74 22.15 -26.94
C ASN K 497 -48.80 23.54 -27.54
N ALA K 498 -47.86 23.76 -28.48
CA ALA K 498 -47.68 25.03 -29.22
C ALA K 498 -47.54 26.20 -28.25
N GLY K 499 -46.78 25.97 -27.20
CA GLY K 499 -46.59 26.97 -26.20
C GLY K 499 -45.54 26.60 -25.19
N TYR K 500 -44.71 27.57 -24.85
CA TYR K 500 -43.63 27.40 -23.90
C TYR K 500 -44.19 27.85 -22.57
N VAL K 501 -44.39 26.91 -21.65
CA VAL K 501 -45.00 27.23 -20.36
C VAL K 501 -44.07 28.12 -19.56
N TYR K 502 -44.62 29.21 -19.01
CA TYR K 502 -43.85 30.18 -18.26
C TYR K 502 -44.24 30.38 -16.81
N ASP K 503 -45.44 29.99 -16.38
CA ASP K 503 -45.84 30.20 -14.98
C ASP K 503 -47.14 29.46 -14.67
N VAL K 504 -47.34 29.19 -13.39
CA VAL K 504 -48.55 28.59 -12.83
C VAL K 504 -48.75 29.17 -11.45
N MET K 505 -50.01 29.40 -11.11
CA MET K 505 -50.39 29.95 -9.83
C MET K 505 -51.87 29.67 -9.75
N TRP K 506 -52.32 28.98 -8.72
CA TRP K 506 -53.72 28.66 -8.64
C TRP K 506 -54.29 29.16 -7.33
N SER K 507 -55.34 29.93 -7.47
CA SER K 507 -56.01 30.54 -6.35
C SER K 507 -56.53 29.50 -5.40
N PRO K 508 -56.27 29.61 -4.10
CA PRO K 508 -56.84 28.66 -3.13
C PRO K 508 -58.34 28.76 -3.08
N THR K 509 -58.88 29.90 -3.53
CA THR K 509 -60.31 30.09 -3.72
C THR K 509 -60.62 29.17 -4.88
N HIS K 510 -61.58 28.22 -4.70
CA HIS K 510 -61.91 27.18 -5.67
C HIS K 510 -60.64 26.36 -5.80
N PRO K 511 -60.42 25.41 -4.90
CA PRO K 511 -59.19 24.61 -4.77
C PRO K 511 -58.34 24.26 -5.97
N ALA K 512 -58.94 24.16 -7.13
CA ALA K 512 -58.18 23.84 -8.34
C ALA K 512 -58.66 24.73 -9.47
N LEU K 513 -57.88 25.75 -9.77
CA LEU K 513 -58.10 26.63 -10.91
C LEU K 513 -56.69 27.13 -11.22
N PHE K 514 -55.95 26.36 -11.99
CA PHE K 514 -54.59 26.74 -12.30
C PHE K 514 -54.52 27.31 -13.69
N ALA K 515 -53.67 28.30 -13.85
CA ALA K 515 -53.50 28.99 -15.11
C ALA K 515 -52.07 28.88 -15.56
N CYS K 516 -51.87 28.40 -16.77
CA CYS K 516 -50.54 28.32 -17.34
C CYS K 516 -50.49 29.34 -18.45
N VAL K 517 -49.30 29.58 -18.96
CA VAL K 517 -49.11 30.56 -20.02
C VAL K 517 -48.27 29.94 -21.13
N ASP K 518 -48.12 30.68 -22.22
CA ASP K 518 -47.38 30.19 -23.36
C ASP K 518 -46.44 31.25 -23.91
N GLY K 519 -45.79 30.87 -25.00
CA GLY K 519 -44.88 31.74 -25.72
C GLY K 519 -45.58 32.11 -27.01
N MET K 520 -46.90 32.15 -26.96
CA MET K 520 -47.71 32.49 -28.13
C MET K 520 -48.84 33.45 -27.85
N GLY K 521 -49.23 33.69 -26.61
CA GLY K 521 -50.33 34.60 -26.37
C GLY K 521 -51.61 33.88 -26.05
N ARG K 522 -51.52 32.90 -25.17
CA ARG K 522 -52.66 32.10 -24.77
C ARG K 522 -52.66 31.90 -23.27
N LEU K 523 -53.82 32.11 -22.67
CA LEU K 523 -54.01 31.88 -21.25
C LEU K 523 -54.91 30.66 -21.20
N ASP K 524 -54.30 29.49 -21.07
CA ASP K 524 -55.07 28.26 -21.05
C ASP K 524 -55.15 27.75 -19.61
N LEU K 525 -56.10 28.30 -18.87
CA LEU K 525 -56.36 27.99 -17.48
C LEU K 525 -57.46 26.96 -17.39
N TRP K 526 -57.42 26.18 -16.30
CA TRP K 526 -58.43 25.14 -16.11
C TRP K 526 -58.47 24.56 -14.72
N ASN K 527 -59.61 23.94 -14.42
CA ASN K 527 -59.89 23.27 -13.17
C ASN K 527 -59.78 21.77 -13.40
N LEU K 528 -59.17 21.08 -12.46
CA LEU K 528 -59.02 19.65 -12.67
C LEU K 528 -60.24 18.84 -12.26
N ASN K 529 -61.22 19.42 -11.59
CA ASN K 529 -62.39 18.61 -11.25
C ASN K 529 -63.32 18.52 -12.44
N ASN K 530 -63.62 19.67 -13.06
CA ASN K 530 -64.51 19.70 -14.21
C ASN K 530 -63.86 19.01 -15.39
N ASP K 531 -62.72 19.54 -15.83
CA ASP K 531 -62.04 18.93 -16.94
C ASP K 531 -61.09 17.86 -16.44
N THR K 532 -60.36 17.29 -17.37
CA THR K 532 -59.35 16.29 -17.06
C THR K 532 -57.99 16.70 -17.58
N GLU K 533 -57.91 16.98 -18.88
CA GLU K 533 -56.69 17.34 -19.59
C GLU K 533 -56.94 18.42 -20.62
N VAL K 534 -57.89 19.32 -20.37
CA VAL K 534 -58.23 20.38 -21.33
C VAL K 534 -58.46 21.69 -20.60
N PRO K 535 -58.15 22.81 -21.27
CA PRO K 535 -58.39 24.13 -20.67
C PRO K 535 -59.88 24.45 -20.63
N THR K 536 -60.42 24.62 -19.42
CA THR K 536 -61.83 24.88 -19.14
C THR K 536 -62.42 26.13 -19.74
N ALA K 537 -62.04 27.27 -19.19
CA ALA K 537 -62.52 28.56 -19.64
C ALA K 537 -61.23 29.29 -19.93
N SER K 538 -60.68 29.03 -21.10
CA SER K 538 -59.42 29.62 -21.50
C SER K 538 -59.65 30.71 -22.52
N ILE K 539 -58.56 31.38 -22.88
CA ILE K 539 -58.61 32.46 -23.85
C ILE K 539 -57.20 32.65 -24.37
N SER K 540 -57.11 33.28 -25.52
CA SER K 540 -55.84 33.63 -26.10
C SER K 540 -55.68 35.12 -25.84
N VAL K 541 -54.52 35.65 -26.17
CA VAL K 541 -54.30 37.07 -25.91
C VAL K 541 -54.12 37.76 -27.24
N GLU K 542 -54.40 39.07 -27.26
CA GLU K 542 -54.27 39.90 -28.45
C GLU K 542 -52.84 39.91 -28.97
N GLY K 543 -52.69 39.65 -30.27
CA GLY K 543 -51.36 39.58 -30.85
C GLY K 543 -50.75 38.27 -30.38
N ASN K 544 -49.43 38.26 -30.28
CA ASN K 544 -48.73 37.07 -29.81
C ASN K 544 -47.74 37.43 -28.71
N PRO K 545 -48.22 37.81 -27.52
CA PRO K 545 -47.27 38.14 -26.47
C PRO K 545 -46.83 36.90 -25.72
N ALA K 546 -45.53 36.73 -25.51
CA ALA K 546 -45.10 35.56 -24.75
C ALA K 546 -45.41 35.91 -23.31
N LEU K 547 -46.51 35.35 -22.80
CA LEU K 547 -46.97 35.64 -21.45
C LEU K 547 -46.00 35.17 -20.40
N ASN K 548 -45.30 36.13 -19.80
CA ASN K 548 -44.25 35.85 -18.83
C ASN K 548 -44.82 35.37 -17.49
N ARG K 549 -45.59 36.21 -16.80
CA ARG K 549 -46.11 35.82 -15.50
C ARG K 549 -47.58 36.17 -15.35
N VAL K 550 -48.26 35.39 -14.52
CA VAL K 550 -49.68 35.58 -14.24
C VAL K 550 -49.93 35.32 -12.77
N ARG K 551 -50.86 36.08 -12.20
CA ARG K 551 -51.20 35.94 -10.79
C ARG K 551 -52.69 36.14 -10.59
N TRP K 552 -53.32 35.22 -9.86
CA TRP K 552 -54.73 35.37 -9.55
C TRP K 552 -54.86 36.50 -8.56
N THR K 553 -55.96 37.21 -8.63
CA THR K 553 -56.17 38.25 -7.67
C THR K 553 -56.53 37.58 -6.36
N HIS K 554 -55.71 37.83 -5.36
CA HIS K 554 -55.87 37.19 -4.07
C HIS K 554 -57.20 37.47 -3.42
N SER K 555 -57.71 36.46 -2.71
CA SER K 555 -58.98 36.46 -1.99
C SER K 555 -60.15 36.80 -2.89
N GLY K 556 -60.04 36.45 -4.16
CA GLY K 556 -61.09 36.75 -5.09
C GLY K 556 -60.78 36.15 -6.43
N ARG K 557 -61.17 36.85 -7.48
CA ARG K 557 -60.95 36.31 -8.81
C ARG K 557 -60.86 37.42 -9.85
N GLU K 558 -59.76 37.34 -10.61
CA GLU K 558 -59.28 38.10 -11.74
C GLU K 558 -57.92 37.50 -12.04
N ILE K 559 -57.33 37.94 -13.13
CA ILE K 559 -56.01 37.44 -13.51
C ILE K 559 -55.14 38.57 -14.01
N ALA K 560 -53.95 38.65 -13.45
CA ALA K 560 -52.95 39.60 -13.88
C ALA K 560 -52.20 38.87 -14.96
N VAL K 561 -51.75 39.60 -15.97
CA VAL K 561 -51.07 38.98 -17.11
C VAL K 561 -49.83 39.78 -17.46
N GLY K 562 -48.67 39.12 -17.42
CA GLY K 562 -47.40 39.74 -17.76
C GLY K 562 -46.89 39.10 -19.05
N ASP K 563 -46.50 39.93 -20.00
CA ASP K 563 -46.03 39.49 -21.30
C ASP K 563 -44.54 39.65 -21.45
N SER K 564 -44.06 39.22 -22.62
CA SER K 564 -42.66 39.41 -22.96
C SER K 564 -42.42 40.84 -23.37
N GLU K 565 -43.50 41.51 -23.73
CA GLU K 565 -43.52 42.90 -24.11
C GLU K 565 -44.12 43.64 -22.92
N GLY K 566 -43.63 44.85 -22.65
CA GLY K 566 -44.18 45.59 -21.53
C GLY K 566 -45.61 46.00 -21.79
N GLN K 567 -46.54 45.26 -21.18
CA GLN K 567 -47.99 45.40 -21.23
C GLN K 567 -48.59 44.48 -20.19
N ILE K 568 -49.60 44.96 -19.48
CA ILE K 568 -50.30 44.17 -18.45
C ILE K 568 -51.75 44.04 -18.86
N VAL K 569 -52.24 42.82 -18.90
CA VAL K 569 -53.61 42.55 -19.27
C VAL K 569 -54.32 42.06 -18.03
N ILE K 570 -55.61 42.34 -17.92
CA ILE K 570 -56.39 41.93 -16.76
C ILE K 570 -57.62 41.17 -17.20
N TYR K 571 -57.65 39.88 -16.96
CA TYR K 571 -58.78 39.03 -17.26
C TYR K 571 -59.43 38.64 -15.96
N ASP K 572 -60.55 37.94 -16.07
CA ASP K 572 -61.26 37.46 -14.90
C ASP K 572 -62.07 36.27 -15.33
N VAL K 573 -62.32 35.39 -14.38
CA VAL K 573 -63.13 34.23 -14.69
C VAL K 573 -64.60 34.61 -14.71
N GLY K 574 -65.06 35.31 -13.68
CA GLY K 574 -66.44 35.74 -13.61
C GLY K 574 -67.40 34.61 -13.35
N GLU K 575 -67.59 33.76 -14.35
CA GLU K 575 -68.49 32.63 -14.24
C GLU K 575 -67.86 31.45 -13.53
N GLN K 576 -66.53 31.41 -13.42
CA GLN K 576 -65.87 30.29 -12.74
C GLN K 576 -65.74 30.62 -11.26
N ILE K 577 -66.91 30.68 -10.61
CA ILE K 577 -66.98 30.99 -9.20
C ILE K 577 -66.53 29.76 -8.41
N ALA K 578 -66.12 29.99 -7.16
CA ALA K 578 -65.67 28.93 -6.28
C ALA K 578 -66.81 27.97 -5.99
N VAL K 579 -66.68 26.74 -6.46
CA VAL K 579 -67.72 25.74 -6.28
C VAL K 579 -67.76 25.31 -4.82
N PRO K 580 -68.93 25.28 -4.19
CA PRO K 580 -68.99 24.84 -2.79
C PRO K 580 -68.92 23.33 -2.70
N ARG K 581 -68.24 22.85 -1.65
CA ARG K 581 -68.05 21.44 -1.35
C ARG K 581 -67.39 20.72 -2.51
N ASN K 582 -66.44 21.42 -3.12
CA ASN K 582 -65.72 21.00 -4.32
C ASN K 582 -64.65 19.94 -4.06
N ASP K 583 -65.06 18.80 -3.52
CA ASP K 583 -64.10 17.74 -3.26
C ASP K 583 -63.95 16.79 -4.43
N GLU K 584 -64.73 17.05 -5.50
CA GLU K 584 -64.72 16.25 -6.73
C GLU K 584 -63.31 16.15 -7.26
N TRP K 585 -62.57 17.23 -7.15
CA TRP K 585 -61.18 17.29 -7.58
C TRP K 585 -60.31 16.37 -6.76
N ALA K 586 -60.55 16.28 -5.45
CA ALA K 586 -59.72 15.39 -4.64
C ALA K 586 -59.98 13.96 -5.01
N ARG K 587 -61.26 13.62 -5.23
CA ARG K 587 -61.59 12.26 -5.65
C ARG K 587 -60.98 11.97 -7.00
N PHE K 588 -60.98 12.98 -7.87
CA PHE K 588 -60.42 12.87 -9.20
C PHE K 588 -58.92 12.62 -9.17
N GLY K 589 -58.20 13.46 -8.44
CA GLY K 589 -56.76 13.34 -8.36
C GLY K 589 -56.34 12.04 -7.69
N ARG K 590 -57.13 11.56 -6.74
CA ARG K 590 -56.79 10.30 -6.11
C ARG K 590 -57.03 9.14 -7.04
N THR K 591 -58.12 9.17 -7.81
CA THR K 591 -58.39 8.11 -8.77
C THR K 591 -57.33 8.10 -9.85
N LEU K 592 -56.84 9.28 -10.25
CA LEU K 592 -55.78 9.31 -11.24
C LEU K 592 -54.48 8.82 -10.64
N ALA K 593 -54.26 9.15 -9.37
CA ALA K 593 -53.05 8.78 -8.67
C ALA K 593 -52.91 7.27 -8.52
N GLU K 594 -54.00 6.52 -8.58
CA GLU K 594 -53.90 5.08 -8.42
C GLU K 594 -53.28 4.39 -9.63
N ILE K 595 -53.22 5.05 -10.79
CA ILE K 595 -52.61 4.43 -11.95
C ILE K 595 -51.20 4.96 -12.10
N ARG L 132 13.67 58.04 14.17
CA ARG L 132 13.59 58.07 12.71
C ARG L 132 13.76 56.68 12.13
N GLN L 133 14.88 56.03 12.47
CA GLN L 133 15.19 54.69 11.99
C GLN L 133 14.16 53.68 12.45
N TYR L 134 13.59 53.88 13.64
CA TYR L 134 12.55 52.98 14.15
C TYR L 134 11.31 53.05 13.27
N GLU L 135 10.87 54.26 12.93
CA GLU L 135 9.69 54.39 12.07
C GLU L 135 9.96 53.86 10.66
N GLN L 136 11.19 54.03 10.17
CA GLN L 136 11.54 53.48 8.86
C GLN L 136 11.49 51.96 8.91
N MET L 137 11.96 51.39 10.03
CA MET L 137 11.89 49.95 10.22
C MET L 137 10.45 49.49 10.37
N HIS L 138 9.58 50.35 10.94
CA HIS L 138 8.17 49.99 11.07
C HIS L 138 7.55 49.91 9.69
N LYS L 139 7.95 50.82 8.81
CA LYS L 139 7.48 50.79 7.43
C LYS L 139 7.91 49.50 6.77
N GLU L 140 9.18 49.13 6.97
CA GLU L 140 9.71 47.90 6.39
C GLU L 140 9.07 46.66 6.99
N LEU L 141 8.75 46.70 8.29
CA LEU L 141 8.08 45.57 8.94
C LEU L 141 6.70 45.39 8.33
N THR L 142 6.03 46.51 8.08
CA THR L 142 4.73 46.46 7.43
C THR L 142 4.87 45.99 6.01
N ASP L 143 6.00 46.30 5.36
CA ASP L 143 6.23 45.85 3.99
C ASP L 143 6.29 44.33 3.96
N LYS L 144 7.03 43.76 4.92
CA LYS L 144 7.13 42.30 5.01
C LYS L 144 5.78 41.70 5.31
N LEU L 145 5.00 42.37 6.18
CA LEU L 145 3.65 41.91 6.49
C LEU L 145 2.78 41.90 5.26
N GLU L 146 2.92 42.95 4.44
CA GLU L 146 2.19 43.09 3.19
C GLU L 146 2.47 41.93 2.27
N HIS L 147 3.76 41.71 1.99
CA HIS L 147 4.17 40.63 1.09
C HIS L 147 3.75 39.26 1.59
N LEU L 148 3.84 39.02 2.90
CA LEU L 148 3.40 37.73 3.41
C LEU L 148 1.91 37.55 3.22
N GLU L 149 1.15 38.62 3.41
CA GLU L 149 -0.28 38.53 3.19
C GLU L 149 -0.63 38.38 1.73
N GLN L 150 0.14 39.00 0.85
CA GLN L 150 -0.06 38.87 -0.60
C GLN L 150 0.10 37.43 -1.00
N GLU L 151 1.27 36.87 -0.67
CA GLU L 151 1.58 35.48 -0.97
C GLU L 151 0.61 34.52 -0.30
N LYS L 152 0.14 34.87 0.90
CA LYS L 152 -0.79 34.01 1.62
C LYS L 152 -2.11 33.93 0.88
N HIS L 153 -2.68 35.08 0.53
CA HIS L 153 -3.96 35.10 -0.18
C HIS L 153 -3.82 34.48 -1.54
N GLU L 154 -2.65 34.65 -2.15
CA GLU L 154 -2.39 34.06 -3.45
C GLU L 154 -2.32 32.54 -3.34
N LEU L 155 -1.69 32.04 -2.27
CA LEU L 155 -1.63 30.61 -2.09
C LEU L 155 -2.98 30.03 -1.80
N ARG L 156 -3.79 30.73 -1.03
CA ARG L 156 -5.15 30.27 -0.75
C ARG L 156 -5.95 30.16 -2.03
N ARG L 157 -5.94 31.23 -2.84
CA ARG L 157 -6.68 31.22 -4.09
C ARG L 157 -6.16 30.18 -5.06
N ARG L 158 -4.84 30.05 -5.18
CA ARG L 158 -4.29 29.09 -6.11
C ARG L 158 -4.54 27.67 -5.66
N PHE L 159 -4.45 27.39 -4.36
CA PHE L 159 -4.73 26.05 -3.90
C PHE L 159 -6.21 25.74 -4.05
N GLU L 160 -7.07 26.76 -3.99
CA GLU L 160 -8.49 26.53 -4.23
C GLU L 160 -8.71 26.23 -5.70
N ASN L 161 -7.89 26.82 -6.57
CA ASN L 161 -7.98 26.54 -8.00
C ASN L 161 -7.54 25.13 -8.27
N ARG L 162 -6.47 24.70 -7.59
CA ARG L 162 -5.98 23.34 -7.72
C ARG L 162 -7.04 22.37 -7.24
N GLU L 163 -7.75 22.76 -6.17
CA GLU L 163 -8.85 21.97 -5.66
C GLU L 163 -9.94 21.84 -6.71
N GLY L 164 -10.21 22.93 -7.43
CA GLY L 164 -11.20 22.89 -8.51
C GLY L 164 -10.77 21.93 -9.60
N GLU L 165 -9.46 21.88 -9.85
CA GLU L 165 -8.91 20.96 -10.84
C GLU L 165 -9.12 19.52 -10.39
N TRP L 166 -8.93 19.27 -9.09
CA TRP L 166 -9.14 17.93 -8.53
C TRP L 166 -10.59 17.52 -8.62
N GLU L 167 -11.48 18.48 -8.39
CA GLU L 167 -12.92 18.22 -8.50
C GLU L 167 -13.25 17.89 -9.95
N GLY L 168 -12.55 18.54 -10.87
CA GLY L 168 -12.76 18.26 -12.28
C GLY L 168 -12.33 16.85 -12.63
N ARG L 169 -11.14 16.46 -12.15
CA ARG L 169 -10.61 15.11 -12.40
C ARG L 169 -11.55 14.05 -11.86
N VAL L 170 -12.10 14.31 -10.66
CA VAL L 170 -13.03 13.36 -10.07
C VAL L 170 -14.30 13.30 -10.89
N SER L 171 -14.83 14.46 -11.33
CA SER L 171 -16.05 14.48 -12.15
C SER L 171 -15.86 13.70 -13.45
N GLU L 172 -14.67 13.81 -14.04
CA GLU L 172 -14.31 13.08 -15.24
C GLU L 172 -14.45 11.61 -14.98
N LEU L 173 -13.63 11.10 -14.04
CA LEU L 173 -13.62 9.68 -13.68
C LEU L 173 -14.99 9.18 -13.25
N GLU L 174 -15.81 10.03 -12.65
CA GLU L 174 -17.16 9.65 -12.26
C GLU L 174 -17.97 9.29 -13.49
N THR L 175 -18.03 10.23 -14.44
CA THR L 175 -18.75 9.98 -15.69
C THR L 175 -18.15 8.84 -16.48
N ASP L 176 -16.82 8.68 -16.40
CA ASP L 176 -16.12 7.62 -17.09
C ASP L 176 -16.54 6.27 -16.54
N VAL L 177 -16.60 6.15 -15.22
CA VAL L 177 -17.01 4.93 -14.55
C VAL L 177 -18.46 4.61 -14.92
N LYS L 178 -19.30 5.65 -14.96
CA LYS L 178 -20.71 5.45 -15.32
C LYS L 178 -20.84 4.89 -16.73
N GLN L 179 -20.19 5.55 -17.70
CA GLN L 179 -20.24 5.11 -19.09
C GLN L 179 -19.66 3.71 -19.26
N LEU L 180 -18.52 3.44 -18.62
CA LEU L 180 -17.89 2.13 -18.73
C LEU L 180 -18.78 1.04 -18.16
N GLN L 181 -19.37 1.27 -16.99
CA GLN L 181 -20.25 0.28 -16.38
C GLN L 181 -21.48 0.01 -17.23
N ASP L 182 -22.07 1.07 -17.77
CA ASP L 182 -23.28 0.92 -18.59
C ASP L 182 -22.98 0.18 -19.88
N GLU L 183 -21.99 0.65 -20.64
CA GLU L 183 -21.58 0.00 -21.89
C GLU L 183 -21.16 -1.44 -21.64
N LEU L 184 -20.48 -1.66 -20.53
CA LEU L 184 -20.03 -2.96 -20.07
C LEU L 184 -21.17 -3.94 -19.97
N GLU L 185 -22.13 -3.63 -19.08
CA GLU L 185 -23.28 -4.51 -18.85
C GLU L 185 -24.12 -4.71 -20.10
N ARG L 186 -24.31 -3.66 -20.91
CA ARG L 186 -25.12 -3.79 -22.11
C ARG L 186 -24.50 -4.76 -23.11
N GLN L 187 -23.23 -4.56 -23.44
CA GLN L 187 -22.58 -5.46 -24.39
C GLN L 187 -22.48 -6.88 -23.84
N GLN L 188 -22.23 -7.01 -22.53
CA GLN L 188 -22.17 -8.30 -21.85
C GLN L 188 -23.43 -9.10 -22.03
N LEU L 189 -24.51 -8.59 -21.45
CA LEU L 189 -25.79 -9.28 -21.44
C LEU L 189 -26.39 -9.43 -22.84
N HIS L 190 -26.24 -8.43 -23.71
CA HIS L 190 -26.87 -8.57 -25.02
C HIS L 190 -26.11 -9.55 -25.90
N LEU L 191 -24.78 -9.58 -25.86
CA LEU L 191 -24.12 -10.57 -26.68
C LEU L 191 -24.27 -11.94 -26.06
N ARG L 192 -24.46 -12.01 -24.73
CA ARG L 192 -24.70 -13.32 -24.12
C ARG L 192 -26.06 -13.86 -24.54
N GLU L 193 -27.09 -12.99 -24.55
CA GLU L 193 -28.41 -13.42 -24.98
C GLU L 193 -28.41 -13.76 -26.47
N ALA L 194 -27.55 -13.10 -27.25
CA ALA L 194 -27.44 -13.43 -28.66
C ALA L 194 -26.85 -14.82 -28.85
N ASP L 195 -25.83 -15.14 -28.06
CA ASP L 195 -25.23 -16.48 -28.10
C ASP L 195 -26.23 -17.54 -27.62
N ARG L 196 -27.06 -17.16 -26.64
CA ARG L 196 -28.09 -18.07 -26.13
C ARG L 196 -29.10 -18.35 -27.24
N GLU L 197 -29.53 -17.31 -27.97
CA GLU L 197 -30.45 -17.48 -29.08
C GLU L 197 -29.83 -18.31 -30.20
N LYS L 198 -28.50 -18.20 -30.37
CA LYS L 198 -27.80 -19.01 -31.36
C LYS L 198 -27.93 -20.47 -31.00
N THR L 199 -27.68 -20.79 -29.74
CA THR L 199 -27.81 -22.18 -29.28
C THR L 199 -29.25 -22.66 -29.35
N ARG L 200 -30.22 -21.76 -29.08
CA ARG L 200 -31.64 -22.13 -29.14
C ARG L 200 -32.04 -22.54 -30.55
N ALA L 201 -31.85 -21.62 -31.50
CA ALA L 201 -32.20 -21.89 -32.89
C ALA L 201 -31.41 -23.04 -33.49
N VAL L 202 -30.15 -23.23 -33.06
CA VAL L 202 -29.38 -24.34 -33.62
C VAL L 202 -29.77 -25.67 -32.99
N GLN L 203 -30.21 -25.68 -31.73
CA GLN L 203 -30.71 -26.92 -31.16
C GLN L 203 -31.99 -27.30 -31.90
N GLU L 204 -32.78 -26.29 -32.26
CA GLU L 204 -33.99 -26.51 -33.04
C GLU L 204 -33.66 -27.09 -34.41
N LEU L 205 -32.67 -26.49 -35.09
CA LEU L 205 -32.27 -26.96 -36.42
C LEU L 205 -31.71 -28.38 -36.37
N SER L 206 -30.78 -28.64 -35.44
CA SER L 206 -30.18 -29.95 -35.34
C SER L 206 -31.19 -31.02 -34.94
N GLU L 207 -32.07 -30.70 -33.99
CA GLU L 207 -33.06 -31.69 -33.56
C GLU L 207 -34.12 -31.94 -34.62
N GLN L 208 -34.54 -30.91 -35.34
CA GLN L 208 -35.54 -31.14 -36.39
C GLN L 208 -34.92 -31.89 -37.57
N ASN L 209 -33.64 -31.63 -37.86
CA ASN L 209 -32.97 -32.35 -38.92
C ASN L 209 -32.74 -33.80 -38.52
N GLN L 210 -32.49 -34.06 -37.24
CA GLN L 210 -32.34 -35.46 -36.86
C GLN L 210 -33.71 -36.12 -36.76
N TYR M 134 8.44 52.47 20.66
CA TYR M 134 8.75 52.12 19.28
C TYR M 134 9.17 50.68 19.20
N GLU M 135 10.06 50.23 20.10
CA GLU M 135 10.45 48.82 20.07
C GLU M 135 9.28 47.94 20.48
N GLN M 136 8.36 48.48 21.27
CA GLN M 136 7.16 47.71 21.59
C GLN M 136 6.31 47.55 20.33
N MET M 137 6.22 48.60 19.52
CA MET M 137 5.49 48.51 18.27
C MET M 137 6.20 47.57 17.31
N HIS M 138 7.53 47.59 17.35
CA HIS M 138 8.34 46.71 16.50
C HIS M 138 8.05 45.25 16.81
N LYS M 139 8.09 44.89 18.09
CA LYS M 139 7.82 43.50 18.45
C LYS M 139 6.39 43.12 18.11
N GLU M 140 5.44 44.06 18.23
CA GLU M 140 4.05 43.74 17.87
C GLU M 140 3.93 43.43 16.39
N LEU M 141 4.61 44.22 15.56
CA LEU M 141 4.58 43.98 14.12
C LEU M 141 5.21 42.64 13.80
N THR M 142 6.26 42.27 14.53
CA THR M 142 6.88 40.98 14.30
C THR M 142 5.99 39.84 14.78
N ASP M 143 5.16 40.09 15.79
CA ASP M 143 4.24 39.06 16.25
C ASP M 143 3.22 38.76 15.17
N LYS M 144 2.73 39.83 14.54
CA LYS M 144 1.79 39.66 13.42
C LYS M 144 2.48 38.94 12.27
N LEU M 145 3.75 39.29 12.03
CA LEU M 145 4.57 38.63 11.02
C LEU M 145 4.67 37.14 11.32
N GLU M 146 4.85 36.81 12.60
CA GLU M 146 4.93 35.43 13.02
C GLU M 146 3.64 34.71 12.72
N HIS M 147 2.50 35.32 13.07
CA HIS M 147 1.20 34.70 12.82
C HIS M 147 1.01 34.40 11.34
N LEU M 148 1.45 35.32 10.49
CA LEU M 148 1.34 35.12 9.05
C LEU M 148 2.21 33.95 8.59
N GLU M 149 3.45 33.90 9.08
CA GLU M 149 4.38 32.82 8.73
C GLU M 149 3.88 31.46 9.18
N GLN M 150 3.46 31.40 10.44
CA GLN M 150 2.93 30.18 11.05
C GLN M 150 1.75 29.67 10.27
N GLU M 151 0.70 30.49 10.18
CA GLU M 151 -0.50 30.15 9.43
C GLU M 151 -0.22 29.87 7.98
N LYS M 152 0.85 30.43 7.42
CA LYS M 152 1.17 30.16 6.03
C LYS M 152 1.68 28.74 5.89
N HIS M 153 2.58 28.32 6.77
CA HIS M 153 3.07 26.94 6.74
C HIS M 153 1.94 25.99 7.02
N GLU M 154 1.05 26.39 7.92
CA GLU M 154 -0.12 25.61 8.28
C GLU M 154 -1.02 25.42 7.07
N LEU M 155 -1.34 26.50 6.37
CA LEU M 155 -2.20 26.44 5.19
C LEU M 155 -1.59 25.66 4.06
N ARG M 156 -0.28 25.85 3.81
CA ARG M 156 0.42 25.11 2.76
C ARG M 156 0.27 23.64 3.03
N ARG M 157 0.58 23.26 4.27
CA ARG M 157 0.47 21.89 4.75
C ARG M 157 -0.96 21.36 4.57
N ARG M 158 -1.96 22.15 5.00
CA ARG M 158 -3.37 21.78 4.91
C ARG M 158 -3.78 21.42 3.50
N PHE M 159 -3.57 22.35 2.57
CA PHE M 159 -3.95 22.09 1.19
C PHE M 159 -3.16 20.94 0.60
N GLU M 160 -1.94 20.72 1.08
CA GLU M 160 -1.20 19.56 0.60
C GLU M 160 -1.84 18.28 1.11
N ASN M 161 -2.43 18.33 2.31
CA ASN M 161 -3.10 17.14 2.85
C ASN M 161 -4.37 16.84 2.07
N ARG M 162 -5.16 17.89 1.83
CA ARG M 162 -6.40 17.72 1.09
C ARG M 162 -6.12 17.25 -0.32
N GLU M 163 -5.07 17.80 -0.93
CA GLU M 163 -4.68 17.37 -2.27
C GLU M 163 -4.17 15.94 -2.27
N GLY M 164 -3.52 15.49 -1.18
CA GLY M 164 -3.10 14.10 -1.11
C GLY M 164 -4.32 13.19 -1.09
N GLU M 165 -5.36 13.66 -0.41
CA GLU M 165 -6.61 12.89 -0.39
C GLU M 165 -7.26 12.90 -1.77
N TRP M 166 -7.09 14.01 -2.49
CA TRP M 166 -7.62 14.08 -3.85
C TRP M 166 -6.91 13.10 -4.75
N GLU M 167 -5.59 12.99 -4.58
CA GLU M 167 -4.79 12.05 -5.33
C GLU M 167 -5.26 10.64 -5.06
N GLY M 168 -5.56 10.36 -3.79
CA GLY M 168 -6.04 9.04 -3.41
C GLY M 168 -7.36 8.71 -4.06
N ARG M 169 -8.32 9.64 -4.00
CA ARG M 169 -9.63 9.42 -4.61
C ARG M 169 -9.52 9.25 -6.11
N VAL M 170 -8.74 10.12 -6.74
CA VAL M 170 -8.54 10.09 -8.19
C VAL M 170 -7.88 8.78 -8.60
N SER M 171 -6.81 8.39 -7.89
CA SER M 171 -6.08 7.15 -8.17
C SER M 171 -6.99 5.94 -8.04
N GLU M 172 -7.86 5.95 -7.03
CA GLU M 172 -8.83 4.87 -6.86
C GLU M 172 -9.74 4.78 -8.07
N LEU M 173 -10.29 5.92 -8.47
CA LEU M 173 -11.17 5.94 -9.62
C LEU M 173 -10.42 5.63 -10.92
N GLU M 174 -9.13 5.94 -10.96
CA GLU M 174 -8.31 5.63 -12.13
C GLU M 174 -8.20 4.13 -12.29
N THR M 175 -7.90 3.45 -11.18
CA THR M 175 -7.81 2.00 -11.17
C THR M 175 -9.16 1.37 -11.48
N ASP M 176 -10.23 1.99 -11.01
CA ASP M 176 -11.57 1.47 -11.29
C ASP M 176 -11.88 1.59 -12.77
N VAL M 177 -11.47 2.70 -13.39
CA VAL M 177 -11.65 2.91 -14.82
C VAL M 177 -10.87 1.87 -15.59
N LYS M 178 -9.65 1.58 -15.13
CA LYS M 178 -8.80 0.55 -15.75
C LYS M 178 -9.47 -0.80 -15.68
N GLN M 179 -10.00 -1.14 -14.51
CA GLN M 179 -10.67 -2.40 -14.30
C GLN M 179 -11.91 -2.53 -15.17
N LEU M 180 -12.69 -1.46 -15.29
CA LEU M 180 -13.89 -1.50 -16.12
C LEU M 180 -13.54 -1.66 -17.58
N GLN M 181 -12.48 -0.98 -18.04
CA GLN M 181 -12.04 -1.11 -19.43
C GLN M 181 -11.56 -2.53 -19.70
N ASP M 182 -10.78 -3.08 -18.78
CA ASP M 182 -10.26 -4.44 -18.94
C ASP M 182 -11.37 -5.47 -18.89
N GLU M 183 -12.36 -5.26 -18.03
CA GLU M 183 -13.48 -6.18 -17.94
C GLU M 183 -14.31 -6.14 -19.21
N LEU M 184 -14.45 -4.93 -19.78
CA LEU M 184 -15.18 -4.80 -21.04
C LEU M 184 -14.46 -5.54 -22.15
N GLU M 185 -13.13 -5.37 -22.20
CA GLU M 185 -12.31 -6.03 -23.21
C GLU M 185 -12.38 -7.56 -23.09
N ARG M 186 -12.08 -8.11 -21.91
CA ARG M 186 -12.09 -9.56 -21.75
C ARG M 186 -13.48 -10.15 -21.88
N GLN M 187 -14.54 -9.43 -21.48
CA GLN M 187 -15.87 -10.01 -21.63
C GLN M 187 -16.33 -9.94 -23.08
N GLN M 188 -15.93 -8.90 -23.82
CA GLN M 188 -16.25 -8.87 -25.24
C GLN M 188 -15.50 -9.98 -25.93
N LEU M 189 -14.28 -10.27 -25.47
CA LEU M 189 -13.51 -11.36 -26.04
C LEU M 189 -14.16 -12.69 -25.72
N HIS M 190 -14.77 -12.82 -24.53
CA HIS M 190 -15.49 -14.04 -24.18
C HIS M 190 -16.69 -14.18 -25.09
N LEU M 191 -17.32 -13.06 -25.43
CA LEU M 191 -18.46 -13.08 -26.33
C LEU M 191 -18.02 -13.43 -27.73
N ARG M 192 -16.82 -13.01 -28.12
CA ARG M 192 -16.32 -13.37 -29.45
C ARG M 192 -15.94 -14.84 -29.48
N GLU M 193 -15.39 -15.36 -28.37
CA GLU M 193 -15.05 -16.78 -28.27
C GLU M 193 -16.31 -17.60 -28.30
N ALA M 194 -17.38 -17.07 -27.70
CA ALA M 194 -18.67 -17.72 -27.72
C ALA M 194 -19.21 -17.70 -29.14
N ASP M 195 -18.96 -16.60 -29.87
CA ASP M 195 -19.37 -16.52 -31.26
C ASP M 195 -18.66 -17.57 -32.09
N ARG M 196 -17.35 -17.71 -31.88
CA ARG M 196 -16.53 -18.69 -32.58
C ARG M 196 -16.99 -20.12 -32.33
N GLU M 197 -16.96 -20.54 -31.06
CA GLU M 197 -17.33 -21.90 -30.71
C GLU M 197 -18.80 -22.21 -30.98
N LYS M 198 -19.71 -21.25 -30.71
CA LYS M 198 -21.11 -21.53 -30.98
C LYS M 198 -21.39 -21.60 -32.47
N THR M 199 -20.73 -20.75 -33.28
CA THR M 199 -20.93 -20.84 -34.73
C THR M 199 -20.31 -22.12 -35.27
N ARG M 200 -19.25 -22.63 -34.65
CA ARG M 200 -18.71 -23.91 -35.10
C ARG M 200 -19.65 -25.04 -34.71
PB ADP N . 33.52 2.57 1.86
O1B ADP N . 32.68 2.48 0.63
O2B ADP N . 33.07 1.66 2.95
O3B ADP N . 33.95 3.95 2.31
PA ADP N . 34.71 0.28 1.39
O1A ADP N . 33.45 -0.03 0.67
O2A ADP N . 35.04 -0.22 2.75
O3A ADP N . 34.85 1.84 1.43
O5' ADP N . 35.88 -0.14 0.44
C5' ADP N . 35.96 -1.53 0.24
C4' ADP N . 36.09 -1.85 -1.24
O4' ADP N . 37.44 -2.14 -1.57
C3' ADP N . 35.32 -3.08 -1.63
O3' ADP N . 34.32 -2.67 -2.53
C2' ADP N . 36.26 -3.95 -2.41
O2' ADP N . 35.80 -3.96 -3.75
C1' ADP N . 37.56 -3.24 -2.43
N9 ADP N . 38.53 -4.17 -1.88
C8 ADP N . 38.38 -4.88 -0.75
N7 ADP N . 39.46 -5.63 -0.51
C5 ADP N . 40.33 -5.40 -1.48
C6 ADP N . 41.67 -5.86 -1.82
N6 ADP N . 42.30 -6.75 -1.04
N1 ADP N . 42.23 -5.38 -2.92
C2 ADP N . 41.61 -4.49 -3.68
N3 ADP N . 40.39 -4.03 -3.44
C4 ADP N . 39.72 -4.43 -2.37
PB ADP O . 7.60 -44.31 -14.41
O1B ADP O . 7.15 -43.63 -15.66
O2B ADP O . 6.49 -44.97 -13.64
O3B ADP O . 8.55 -43.55 -13.55
PA ADP O . 9.20 -46.30 -13.71
O1A ADP O . 8.38 -46.26 -12.48
O2A ADP O . 10.66 -46.04 -13.70
O3A ADP O . 8.49 -45.51 -14.87
O5' ADP O . 9.02 -47.71 -14.40
C5' ADP O . 9.90 -48.73 -14.02
C4' ADP O . 10.62 -49.17 -15.27
O4' ADP O . 11.98 -49.42 -14.95
C3' ADP O . 10.04 -50.47 -15.70
O3' ADP O . 9.13 -50.27 -16.75
C2' ADP O . 11.25 -51.20 -16.18
O2' ADP O . 11.48 -50.66 -17.47
C1' ADP O . 12.39 -50.70 -15.36
N9 ADP O . 12.68 -51.54 -14.19
C8 ADP O . 11.83 -51.97 -13.25
N7 ADP O . 12.44 -52.72 -12.30
C5 ADP O . 13.70 -52.77 -12.65
C6 ADP O . 14.89 -53.39 -12.08
N6 ADP O . 14.81 -54.11 -10.96
N1 ADP O . 16.04 -53.21 -12.72
C2 ADP O . 16.09 -52.50 -13.83
N3 ADP O . 15.06 -51.90 -14.42
C4 ADP O . 13.87 -51.99 -13.86
PB ADP P . -16.61 -89.87 -32.52
O1B ADP P . -18.02 -90.35 -32.38
O2B ADP P . -15.92 -89.80 -31.20
O3B ADP P . -16.30 -88.73 -33.44
PA ADP P . -15.50 -92.15 -32.12
O1A ADP P . -16.78 -92.45 -31.44
O2A ADP P . -14.36 -91.69 -31.32
O3A ADP P . -15.83 -91.05 -33.18
O5' ADP P . -15.03 -93.40 -32.94
C5' ADP P . -15.17 -94.65 -32.34
C4' ADP P . -13.92 -95.36 -32.76
O4' ADP P . -13.11 -95.48 -31.62
C3' ADP P . -14.12 -96.77 -33.22
O3' ADP P . -14.16 -96.77 -34.63
C2' ADP P . -12.89 -97.51 -32.78
O2' ADP P . -11.93 -97.60 -33.83
C1' ADP P . -12.30 -96.63 -31.72
N9 ADP P . -12.51 -97.36 -30.49
C8 ADP P . -13.63 -97.45 -29.80
N7 ADP P . -13.44 -98.20 -28.71
C5 ADP P . -12.18 -98.60 -28.73
C6 ADP P . -11.31 -99.42 -27.89
N6 ADP P . -11.80 -100.00 -26.77
N1 ADP P . -10.05 -99.58 -28.27
C2 ADP P . -9.58 -99.03 -29.38
N3 ADP P . -10.31 -98.25 -30.19
C4 ADP P . -11.59 -98.04 -29.90
#